data_3N75
#
_entry.id   3N75
#
_cell.length_a   271.760
_cell.length_b   181.993
_cell.length_c   170.902
_cell.angle_alpha   90.00
_cell.angle_beta   125.41
_cell.angle_gamma   90.00
#
_symmetry.space_group_name_H-M   'C 1 2 1'
#
loop_
_entity.id
_entity.type
_entity.pdbx_description
1 polymer 'Lysine decarboxylase, inducible'
2 non-polymer "GUANOSINE-5',3'-TETRAPHOSPHATE"
3 non-polymer 'HEXAETHYLENE GLYCOL'
4 non-polymer GLYCEROL
5 water water
#
_entity_poly.entity_id   1
_entity_poly.type   'polypeptide(L)'
_entity_poly.pdbx_seq_one_letter_code
;MNVIAILNHMGVYFKEEPIRELHRALERLNFQIVYPNDRDDLLKLIENNARLCGVIFDWDKYNLELCEEISKMNENLPLY
AFANTYSTLDVSLNDLRLQISFFEYALGAAEDIANKIKQTTDEYINTILPPLTKALFKYVREGKYTFCTPGHMGGTAFQK
SPVGSLFYDFFGPNTMKSDISISVSELGSLLDHSGPHKEAEQYIARVFNADRSYMVTNGTSTANKIVGMYSAPAGSTILI
DRNCHKSLTHLMMMSDVTPIYFRPTRNAYGILGGIPQSEFQHATIAKRVKETPNATWPVHAVITNSTYDGLLYNTDFIKK
TLDVKSIHFDSAWVPYTNFSPIYEGKCGMSGGRVEGKVIYETQSTH(LLP)LLAAFSQASMIHVKGDVNEETFNEAYMMH
TTTSPHYGIVASTETAAAMMKGNAGKRLINGSIERAIKFRKEIKRLRTESDGWFFDVWQPDHIDTTECWPLRSDSTWHGF
KNIDNEHMYLDPIKVTLLTPGMEKDGTMSDFGIPASIVAKYLDEHGIVVEKTGPYNLLFLFSIGIDKTKALSLLRALTDF
KRAFDLNLRVKNMLPSLYREDPEFYENMRIQELAQNIHKLIVHHNLPDLMYRAFEVLPTMVMTPYAAFQKELHGMTEEVY
LDEMVGRINANMILPYPPGVPLVMPGEMITEESRPVLEFLQMLCEIGAHYPGFETDIHGAYRQADGRYTVKVLKEESKK
;
_entity_poly.pdbx_strand_id   A,B,C,D,E
#
loop_
_chem_comp.id
_chem_comp.type
_chem_comp.name
_chem_comp.formula
G4P RNA linking GUANOSINE-5',3'-TETRAPHOSPHATE 'C10 H17 N5 O17 P4'
GOL non-polymer GLYCEROL 'C3 H8 O3'
P6G non-polymer 'HEXAETHYLENE GLYCOL' 'C12 H26 O7'
#
# COMPACT_ATOMS: atom_id res chain seq x y z
N MET A 1 -13.30 28.88 0.22
CA MET A 1 -12.06 29.35 -0.43
C MET A 1 -10.97 28.61 0.35
N ASN A 2 -10.64 27.37 -0.03
CA ASN A 2 -9.56 26.66 0.65
C ASN A 2 -8.84 25.60 -0.19
N VAL A 3 -8.96 25.69 -1.50
CA VAL A 3 -8.34 24.74 -2.39
C VAL A 3 -7.03 25.35 -2.92
N ILE A 4 -5.92 24.66 -2.71
CA ILE A 4 -4.64 25.11 -3.23
C ILE A 4 -4.18 24.08 -4.23
N ALA A 5 -3.80 24.51 -5.43
CA ALA A 5 -3.26 23.61 -6.44
C ALA A 5 -1.73 23.55 -6.32
N ILE A 6 -1.17 22.35 -6.36
CA ILE A 6 0.27 22.17 -6.55
C ILE A 6 0.52 21.57 -7.94
N LEU A 7 1.28 22.26 -8.77
CA LEU A 7 1.60 21.69 -10.05
C LEU A 7 3.03 21.11 -10.07
N ASN A 8 3.24 19.77 -9.83
CA ASN A 8 4.46 18.90 -10.22
C ASN A 8 5.50 17.64 -9.86
N HIS A 9 5.80 16.75 -10.83
CA HIS A 9 7.04 15.90 -10.82
C HIS A 9 8.31 16.63 -11.32
N MET A 10 9.31 16.85 -10.44
CA MET A 10 10.48 17.65 -10.81
C MET A 10 11.72 16.81 -10.99
N GLY A 11 11.70 15.59 -10.46
CA GLY A 11 12.83 14.67 -10.61
C GLY A 11 14.00 14.90 -9.67
N VAL A 12 13.83 15.77 -8.67
CA VAL A 12 14.91 16.04 -7.70
C VAL A 12 14.29 16.06 -6.34
N TYR A 13 14.84 15.28 -5.43
CA TYR A 13 14.37 15.25 -4.06
C TYR A 13 14.48 16.65 -3.37
N PHE A 14 15.50 17.43 -3.71
CA PHE A 14 15.68 18.71 -3.02
C PHE A 14 14.50 19.65 -3.28
N LYS A 15 13.76 19.44 -4.38
CA LYS A 15 12.49 20.20 -4.61
C LYS A 15 11.25 19.47 -4.15
N GLU A 16 11.21 18.16 -4.44
CA GLU A 16 10.04 17.35 -4.14
C GLU A 16 9.78 17.17 -2.66
N GLU A 17 10.84 16.99 -1.87
CA GLU A 17 10.58 16.78 -0.43
C GLU A 17 10.03 18.02 0.31
N PRO A 18 10.60 19.23 0.07
CA PRO A 18 9.96 20.43 0.65
C PRO A 18 8.49 20.60 0.23
N ILE A 19 8.12 20.21 -0.98
CA ILE A 19 6.72 20.36 -1.44
C ILE A 19 5.84 19.33 -0.71
N ARG A 20 6.37 18.12 -0.51
CA ARG A 20 5.67 17.14 0.35
C ARG A 20 5.44 17.69 1.74
N GLU A 21 6.48 18.29 2.33
CA GLU A 21 6.35 18.95 3.62
C GLU A 21 5.28 20.06 3.60
N LEU A 22 5.24 20.85 2.53
CA LEU A 22 4.27 21.95 2.42
C LEU A 22 2.83 21.43 2.27
N HIS A 23 2.64 20.39 1.48
CA HIS A 23 1.34 19.69 1.39
C HIS A 23 0.85 19.39 2.81
N ARG A 24 1.67 18.75 3.64
CA ARG A 24 1.24 18.42 5.00
C ARG A 24 0.95 19.64 5.87
N ALA A 25 1.82 20.65 5.81
CA ALA A 25 1.64 21.86 6.60
C ALA A 25 0.33 22.57 6.21
N LEU A 26 0.03 22.59 4.91
CA LEU A 26 -1.19 23.22 4.42
C LEU A 26 -2.45 22.43 4.81
N GLU A 27 -2.38 21.10 4.77
CA GLU A 27 -3.50 20.30 5.28
C GLU A 27 -3.78 20.55 6.76
N ARG A 28 -2.73 20.78 7.57
CA ARG A 28 -2.91 21.12 8.96
C ARG A 28 -3.64 22.45 9.17
N LEU A 29 -3.50 23.36 8.23
CA LEU A 29 -4.23 24.64 8.23
C LEU A 29 -5.58 24.54 7.52
N ASN A 30 -6.03 23.30 7.27
CA ASN A 30 -7.35 23.01 6.68
C ASN A 30 -7.54 23.45 5.22
N PHE A 31 -6.46 23.49 4.44
CA PHE A 31 -6.57 23.62 2.99
C PHE A 31 -6.74 22.23 2.31
N GLN A 32 -7.44 22.17 1.18
CA GLN A 32 -7.54 20.98 0.31
C GLN A 32 -6.43 21.23 -0.68
N ILE A 33 -5.49 20.29 -0.79
CA ILE A 33 -4.62 20.18 -1.96
C ILE A 33 -5.02 19.42 -3.18
N VAL A 34 -4.85 20.06 -4.33
CA VAL A 34 -5.17 19.41 -5.59
C VAL A 34 -3.92 19.38 -6.49
N TYR A 35 -3.82 18.34 -7.32
CA TYR A 35 -2.62 18.09 -8.13
C TYR A 35 -2.93 17.99 -9.61
N PRO A 36 -3.08 19.13 -10.29
CA PRO A 36 -3.30 19.05 -11.74
C PRO A 36 -2.13 18.29 -12.44
N ASN A 37 -2.42 17.60 -13.56
CA ASN A 37 -1.39 16.83 -14.30
C ASN A 37 -0.43 17.71 -15.09
N ASP A 38 -0.96 18.81 -15.55
CA ASP A 38 -0.21 19.70 -16.40
C ASP A 38 -0.86 21.06 -16.45
N ARG A 39 -0.29 21.92 -17.27
CA ARG A 39 -0.75 23.27 -17.43
C ARG A 39 -2.24 23.37 -17.75
N ASP A 40 -2.70 22.64 -18.77
CA ASP A 40 -4.08 22.72 -19.19
C ASP A 40 -5.04 22.19 -18.13
N ASP A 41 -4.64 21.13 -17.42
CA ASP A 41 -5.43 20.59 -16.29
C ASP A 41 -5.59 21.67 -15.18
N LEU A 42 -4.49 22.33 -14.83
CA LEU A 42 -4.55 23.45 -13.89
C LEU A 42 -5.52 24.56 -14.34
N LEU A 43 -5.39 25.02 -15.59
CA LEU A 43 -6.30 26.06 -16.07
C LEU A 43 -7.79 25.62 -16.02
N LYS A 44 -8.06 24.37 -16.36
CA LYS A 44 -9.44 23.87 -16.24
C LYS A 44 -9.87 23.83 -14.79
N LEU A 45 -8.99 23.42 -13.88
CA LEU A 45 -9.35 23.46 -12.45
C LEU A 45 -9.75 24.87 -12.04
N ILE A 46 -8.94 25.86 -12.45
CA ILE A 46 -9.23 27.28 -12.06
C ILE A 46 -10.56 27.70 -12.70
N GLU A 47 -10.73 27.40 -13.98
CA GLU A 47 -11.97 27.76 -14.66
C GLU A 47 -13.22 27.15 -13.99
N ASN A 48 -13.10 25.93 -13.49
CA ASN A 48 -14.24 25.24 -12.92
C ASN A 48 -14.45 25.37 -11.42
N ASN A 49 -13.49 25.94 -10.71
CA ASN A 49 -13.59 25.98 -9.25
C ASN A 49 -13.17 27.34 -8.72
N ALA A 50 -14.17 28.18 -8.43
CA ALA A 50 -13.96 29.53 -7.88
C ALA A 50 -13.29 29.51 -6.54
N ARG A 51 -13.37 28.38 -5.81
CA ARG A 51 -12.75 28.28 -4.47
C ARG A 51 -11.26 27.84 -4.49
N LEU A 52 -10.73 27.61 -5.69
CA LEU A 52 -9.30 27.40 -5.88
C LEU A 52 -8.66 28.78 -5.68
N CYS A 53 -7.89 28.92 -4.60
CA CYS A 53 -7.48 30.24 -4.09
C CYS A 53 -5.95 30.40 -4.03
N GLY A 54 -5.19 29.45 -4.59
CA GLY A 54 -3.73 29.56 -4.67
C GLY A 54 -3.12 28.51 -5.60
N VAL A 55 -1.97 28.84 -6.21
CA VAL A 55 -1.28 27.88 -7.07
C VAL A 55 0.18 27.88 -6.70
N ILE A 56 0.72 26.69 -6.42
CA ILE A 56 2.15 26.49 -6.13
C ILE A 56 2.82 25.84 -7.33
N PHE A 57 3.97 26.38 -7.75
CA PHE A 57 4.67 25.84 -8.92
C PHE A 57 6.13 26.25 -8.95
N ASP A 58 6.93 25.48 -9.68
CA ASP A 58 8.30 25.84 -9.96
C ASP A 58 8.31 27.01 -10.96
N TRP A 59 8.92 28.12 -10.55
CA TRP A 59 8.90 29.37 -11.38
C TRP A 59 9.49 29.14 -12.79
N ASP A 60 10.71 28.62 -12.87
CA ASP A 60 11.36 28.42 -14.16
C ASP A 60 10.57 27.48 -15.06
N LYS A 61 10.10 26.37 -14.51
CA LYS A 61 9.37 25.39 -15.34
C LYS A 61 8.09 25.95 -15.95
N TYR A 62 7.38 26.80 -15.19
CA TYR A 62 6.01 27.14 -15.57
C TYR A 62 5.66 28.61 -15.81
N ASN A 63 6.47 29.55 -15.32
CA ASN A 63 5.97 30.93 -15.35
C ASN A 63 5.55 31.43 -16.75
N LEU A 64 6.30 31.07 -17.79
CA LEU A 64 5.97 31.54 -19.14
C LEU A 64 4.76 30.79 -19.71
N GLU A 65 4.41 29.66 -19.12
CA GLU A 65 3.24 28.86 -19.56
C GLU A 65 1.96 29.20 -18.79
N LEU A 66 2.10 29.85 -17.62
CA LEU A 66 0.97 30.05 -16.71
C LEU A 66 0.55 31.47 -16.47
N CYS A 67 1.52 32.36 -16.29
CA CYS A 67 1.20 33.71 -15.77
C CYS A 67 0.21 34.48 -16.62
N GLU A 68 0.49 34.62 -17.90
CA GLU A 68 -0.49 35.28 -18.78
C GLU A 68 -1.87 34.59 -18.78
N GLU A 69 -1.91 33.27 -18.89
CA GLU A 69 -3.23 32.60 -18.93
C GLU A 69 -3.99 32.80 -17.62
N ILE A 70 -3.30 32.70 -16.49
CA ILE A 70 -3.96 32.97 -15.17
C ILE A 70 -4.47 34.40 -15.03
N SER A 71 -3.67 35.38 -15.44
CA SER A 71 -4.07 36.78 -15.37
C SER A 71 -5.35 37.08 -16.16
N LYS A 72 -5.58 36.35 -17.25
CA LYS A 72 -6.78 36.52 -18.08
C LYS A 72 -8.01 35.98 -17.36
N MET A 73 -7.81 35.06 -16.43
CA MET A 73 -8.91 34.48 -15.66
C MET A 73 -9.17 35.16 -14.33
N ASN A 74 -8.12 35.56 -13.64
CA ASN A 74 -8.27 36.08 -12.29
C ASN A 74 -7.02 36.88 -11.93
N GLU A 75 -7.19 38.18 -11.90
CA GLU A 75 -6.12 39.16 -11.69
C GLU A 75 -5.37 39.02 -10.36
N ASN A 76 -5.94 38.32 -9.38
CA ASN A 76 -5.84 38.64 -7.94
C ASN A 76 -5.38 37.28 -7.38
N LEU A 77 -5.42 36.23 -8.21
CA LEU A 77 -5.24 34.84 -7.70
C LEU A 77 -3.82 34.62 -7.20
N PRO A 78 -3.63 34.31 -5.90
CA PRO A 78 -2.27 34.14 -5.37
C PRO A 78 -1.45 33.05 -6.04
N LEU A 79 -0.24 33.43 -6.51
CA LEU A 79 0.72 32.50 -7.06
C LEU A 79 1.86 32.36 -6.08
N TYR A 80 2.28 31.11 -5.83
CA TYR A 80 3.37 30.78 -4.91
C TYR A 80 4.47 30.13 -5.71
N ALA A 81 5.46 30.95 -6.08
CA ALA A 81 6.44 30.61 -7.11
C ALA A 81 7.74 30.22 -6.44
N PHE A 82 8.23 29.02 -6.74
CA PHE A 82 9.42 28.52 -6.14
C PHE A 82 10.58 28.75 -7.09
N ALA A 83 11.59 29.48 -6.59
CA ALA A 83 12.66 30.03 -7.43
C ALA A 83 13.92 29.17 -7.39
N ASN A 84 14.62 29.12 -8.54
CA ASN A 84 15.97 28.59 -8.62
C ASN A 84 16.99 29.73 -8.45
N THR A 85 18.25 29.38 -8.19
CA THR A 85 19.32 30.37 -8.09
C THR A 85 19.25 31.43 -9.19
N TYR A 86 19.08 31.00 -10.45
CA TYR A 86 19.14 31.94 -11.58
C TYR A 86 17.80 32.40 -12.13
N SER A 87 16.73 32.11 -11.39
CA SER A 87 15.39 32.56 -11.80
C SER A 87 15.38 34.07 -11.99
N THR A 88 14.70 34.53 -13.04
CA THR A 88 14.57 35.97 -13.29
C THR A 88 13.18 36.28 -13.83
N LEU A 89 12.92 37.55 -14.12
CA LEU A 89 11.60 37.99 -14.61
C LEU A 89 11.65 38.36 -16.08
N ASP A 90 10.88 37.64 -16.89
CA ASP A 90 10.85 37.88 -18.33
C ASP A 90 10.12 39.19 -18.60
N VAL A 91 10.56 39.94 -19.60
CA VAL A 91 9.87 41.20 -19.95
C VAL A 91 8.39 41.01 -20.31
N SER A 92 7.99 39.87 -20.88
CA SER A 92 6.57 39.57 -21.14
C SER A 92 5.65 39.69 -19.90
N LEU A 93 6.23 39.61 -18.70
CA LEU A 93 5.39 39.65 -17.49
C LEU A 93 5.08 41.06 -17.05
N ASN A 94 5.79 42.04 -17.62
CA ASN A 94 5.76 43.42 -17.11
C ASN A 94 4.36 43.98 -16.94
N ASP A 95 3.49 43.78 -17.93
CA ASP A 95 2.17 44.44 -17.89
C ASP A 95 1.05 43.57 -17.33
N LEU A 96 1.37 42.33 -16.93
CA LEU A 96 0.35 41.43 -16.42
C LEU A 96 -0.01 41.78 -14.99
N ARG A 97 -1.28 41.66 -14.63
CA ARG A 97 -1.66 41.75 -13.24
C ARG A 97 -1.52 40.39 -12.61
N LEU A 98 -0.57 40.29 -11.68
CA LEU A 98 -0.25 39.01 -11.02
C LEU A 98 -0.01 39.26 -9.55
N GLN A 99 -0.39 38.29 -8.73
CA GLN A 99 -0.11 38.35 -7.30
C GLN A 99 0.86 37.22 -6.99
N ILE A 100 2.16 37.53 -6.83
CA ILE A 100 3.18 36.47 -6.73
C ILE A 100 3.93 36.60 -5.45
N SER A 101 4.09 35.48 -4.75
CA SER A 101 5.07 35.37 -3.67
C SER A 101 6.14 34.39 -4.11
N PHE A 102 7.40 34.72 -3.82
CA PHE A 102 8.53 33.87 -4.20
C PHE A 102 9.04 33.12 -2.98
N PHE A 103 9.27 31.82 -3.15
CA PHE A 103 9.76 30.97 -2.09
C PHE A 103 10.97 30.18 -2.54
N GLU A 104 11.70 29.65 -1.56
CA GLU A 104 12.86 28.78 -1.77
C GLU A 104 12.49 27.35 -1.43
N TYR A 105 13.18 26.39 -2.04
CA TYR A 105 13.06 24.98 -1.67
C TYR A 105 14.00 24.66 -0.51
N ALA A 106 13.44 24.39 0.67
CA ALA A 106 14.25 24.11 1.85
C ALA A 106 13.50 23.16 2.78
N LEU A 107 14.21 22.19 3.34
CA LEU A 107 13.61 21.31 4.35
C LEU A 107 13.32 22.12 5.57
N GLY A 108 12.18 21.86 6.23
CA GLY A 108 11.84 22.54 7.47
C GLY A 108 11.18 23.92 7.34
N ALA A 109 11.09 24.46 6.13
CA ALA A 109 10.46 25.77 5.86
C ALA A 109 8.93 25.73 5.69
N ALA A 110 8.38 24.52 5.55
CA ALA A 110 6.93 24.35 5.21
C ALA A 110 5.97 25.05 6.19
N GLU A 111 6.23 24.97 7.49
CA GLU A 111 5.31 25.57 8.45
C GLU A 111 5.22 27.10 8.22
N ASP A 112 6.38 27.74 8.07
CA ASP A 112 6.45 29.18 7.77
C ASP A 112 5.80 29.54 6.42
N ILE A 113 6.11 28.77 5.37
CA ILE A 113 5.49 28.98 4.06
C ILE A 113 3.95 28.81 4.15
N ALA A 114 3.49 27.75 4.84
CA ALA A 114 2.06 27.50 4.94
C ALA A 114 1.38 28.72 5.65
N ASN A 115 2.01 29.24 6.71
CA ASN A 115 1.49 30.42 7.42
C ASN A 115 1.42 31.67 6.54
N LYS A 116 2.43 31.87 5.69
CA LYS A 116 2.42 32.96 4.69
C LYS A 116 1.31 32.77 3.65
N ILE A 117 1.10 31.52 3.23
CA ILE A 117 0.00 31.22 2.29
C ILE A 117 -1.37 31.51 2.92
N LYS A 118 -1.55 31.12 4.18
CA LYS A 118 -2.76 31.43 4.92
C LYS A 118 -3.01 32.96 4.93
N GLN A 119 -1.96 33.72 5.27
CA GLN A 119 -2.02 35.17 5.35
C GLN A 119 -2.37 35.76 3.98
N THR A 120 -1.70 35.30 2.94
CA THR A 120 -1.97 35.77 1.57
C THR A 120 -3.38 35.39 1.08
N THR A 121 -3.88 34.24 1.53
CA THR A 121 -5.25 33.83 1.18
C THR A 121 -6.26 34.82 1.82
N ASP A 122 -6.04 35.16 3.08
CA ASP A 122 -6.86 36.15 3.77
C ASP A 122 -6.77 37.53 3.10
N GLU A 123 -5.59 37.92 2.63
CA GLU A 123 -5.48 39.17 1.85
C GLU A 123 -6.26 39.12 0.52
N TYR A 124 -6.23 37.97 -0.14
CA TYR A 124 -6.98 37.79 -1.39
C TYR A 124 -8.47 37.96 -1.13
N ILE A 125 -8.97 37.26 -0.11
CA ILE A 125 -10.36 37.33 0.31
C ILE A 125 -10.75 38.80 0.61
N ASN A 126 -9.91 39.49 1.36
CA ASN A 126 -10.14 40.90 1.68
C ASN A 126 -10.07 41.85 0.48
N THR A 127 -9.25 41.51 -0.50
CA THR A 127 -9.19 42.24 -1.79
C THR A 127 -10.47 42.09 -2.62
N ILE A 128 -11.05 40.89 -2.66
CA ILE A 128 -12.16 40.68 -3.59
C ILE A 128 -13.50 41.01 -2.96
N LEU A 129 -13.61 40.92 -1.63
CA LEU A 129 -14.85 41.31 -0.96
C LEU A 129 -15.05 42.82 -1.05
N PRO A 130 -16.29 43.27 -1.33
CA PRO A 130 -16.56 44.73 -1.31
C PRO A 130 -16.72 45.24 0.15
N PRO A 131 -16.64 46.56 0.37
CA PRO A 131 -16.47 47.13 1.73
C PRO A 131 -17.58 46.83 2.74
N LEU A 132 -18.84 46.93 2.32
CA LEU A 132 -19.92 46.76 3.28
C LEU A 132 -20.07 45.29 3.67
N THR A 133 -20.06 44.41 2.66
CA THR A 133 -20.14 42.94 2.88
C THR A 133 -18.98 42.45 3.76
N LYS A 134 -17.77 42.93 3.47
CA LYS A 134 -16.61 42.65 4.30
C LYS A 134 -16.83 43.06 5.76
N ALA A 135 -17.30 44.30 5.99
CA ALA A 135 -17.59 44.76 7.34
C ALA A 135 -18.68 43.93 8.02
N LEU A 136 -19.71 43.55 7.27
CA LEU A 136 -20.77 42.69 7.79
C LEU A 136 -20.23 41.33 8.24
N PHE A 137 -19.43 40.68 7.39
CA PHE A 137 -18.87 39.35 7.72
C PHE A 137 -17.94 39.45 8.94
N LYS A 138 -17.18 40.54 9.00
CA LYS A 138 -16.24 40.76 10.10
C LYS A 138 -17.00 40.97 11.41
N TYR A 139 -18.08 41.76 11.37
CA TYR A 139 -18.95 41.94 12.55
C TYR A 139 -19.49 40.61 13.07
N VAL A 140 -20.00 39.78 12.17
CA VAL A 140 -20.52 38.46 12.52
C VAL A 140 -19.47 37.58 13.25
N ARG A 141 -18.25 37.56 12.73
CA ARG A 141 -17.14 36.88 13.39
C ARG A 141 -16.77 37.49 14.74
N GLU A 142 -16.74 38.82 14.83
CA GLU A 142 -16.08 39.47 15.97
C GLU A 142 -16.95 40.27 16.94
N GLY A 143 -18.10 40.78 16.47
CA GLY A 143 -18.92 41.69 17.27
C GLY A 143 -19.58 41.07 18.50
N LYS A 144 -20.02 41.93 19.42
CA LYS A 144 -20.60 41.47 20.70
C LYS A 144 -21.62 42.42 21.33
N TYR A 145 -22.37 43.14 20.51
CA TYR A 145 -23.35 44.07 21.07
C TYR A 145 -24.55 43.32 21.66
N THR A 146 -24.98 43.73 22.85
CA THR A 146 -26.21 43.22 23.45
C THR A 146 -27.18 44.40 23.64
N PHE A 147 -28.44 44.09 23.92
CA PHE A 147 -29.51 45.09 24.17
C PHE A 147 -29.82 45.87 22.90
N CYS A 148 -29.98 45.06 21.86
CA CYS A 148 -29.90 45.42 20.50
C CYS A 148 -31.18 44.96 19.76
N THR A 149 -31.68 45.72 18.78
CA THR A 149 -32.63 45.16 17.79
C THR A 149 -31.84 44.72 16.53
N PRO A 150 -32.35 43.75 15.75
CA PRO A 150 -33.57 42.93 15.84
C PRO A 150 -33.70 42.26 17.21
N GLY A 151 -34.93 42.15 17.72
CA GLY A 151 -35.14 41.49 18.99
C GLY A 151 -34.68 40.05 19.12
N HIS A 152 -34.44 39.39 17.99
CA HIS A 152 -33.94 38.02 18.03
C HIS A 152 -32.48 37.93 18.47
N MET A 153 -31.72 39.01 18.31
CA MET A 153 -30.37 39.09 18.85
C MET A 153 -29.44 37.99 18.33
N GLY A 154 -29.09 38.11 17.07
CA GLY A 154 -28.29 37.09 16.37
C GLY A 154 -28.92 35.71 16.42
N GLY A 155 -30.25 35.64 16.39
CA GLY A 155 -30.95 34.35 16.45
C GLY A 155 -31.15 33.76 17.85
N THR A 156 -30.55 34.38 18.87
CA THR A 156 -30.74 34.01 20.29
C THR A 156 -32.18 33.69 20.69
N ALA A 157 -33.09 34.58 20.33
CA ALA A 157 -34.48 34.44 20.74
C ALA A 157 -35.12 33.17 20.12
N PHE A 158 -34.69 32.81 18.92
CA PHE A 158 -35.24 31.62 18.24
C PHE A 158 -34.90 30.33 19.03
N GLN A 159 -33.73 30.29 19.66
CA GLN A 159 -33.23 29.05 20.29
C GLN A 159 -33.94 28.67 21.59
N LYS A 160 -34.73 29.56 22.15
CA LYS A 160 -35.50 29.26 23.36
C LYS A 160 -36.87 28.69 23.06
N SER A 161 -37.20 28.53 21.78
CA SER A 161 -38.51 28.06 21.37
C SER A 161 -38.31 26.77 20.59
N PRO A 162 -39.14 25.74 20.86
CA PRO A 162 -39.05 24.53 19.99
C PRO A 162 -39.14 24.82 18.47
N VAL A 163 -40.21 25.50 18.04
CA VAL A 163 -40.34 25.83 16.61
C VAL A 163 -39.29 26.84 16.16
N GLY A 164 -38.93 27.76 17.05
CA GLY A 164 -37.86 28.72 16.74
C GLY A 164 -36.53 28.04 16.46
N SER A 165 -36.23 27.01 17.22
CA SER A 165 -34.98 26.27 17.06
C SER A 165 -34.89 25.61 15.70
N LEU A 166 -36.02 25.15 15.17
CA LEU A 166 -36.02 24.57 13.82
C LEU A 166 -35.72 25.65 12.76
N PHE A 167 -36.28 26.84 12.96
CA PHE A 167 -36.08 27.96 12.03
C PHE A 167 -34.59 28.37 12.10
N TYR A 168 -34.08 28.53 13.32
CA TYR A 168 -32.65 28.87 13.52
C TYR A 168 -31.76 27.80 12.85
N ASP A 169 -32.08 26.53 13.07
CA ASP A 169 -31.23 25.46 12.56
C ASP A 169 -31.27 25.40 11.05
N PHE A 170 -32.42 25.70 10.45
CA PHE A 170 -32.54 25.74 9.01
C PHE A 170 -31.67 26.84 8.39
N PHE A 171 -31.82 28.08 8.87
CA PHE A 171 -31.08 29.21 8.25
C PHE A 171 -29.61 29.25 8.67
N GLY A 172 -29.33 28.91 9.91
CA GLY A 172 -27.96 28.79 10.36
C GLY A 172 -27.49 30.06 11.05
N PRO A 173 -26.41 29.95 11.86
CA PRO A 173 -25.92 31.05 12.69
C PRO A 173 -25.52 32.28 11.87
N ASN A 174 -24.83 32.11 10.75
CA ASN A 174 -24.35 33.30 10.00
C ASN A 174 -25.52 34.18 9.50
N THR A 175 -26.55 33.54 8.93
CA THR A 175 -27.74 34.22 8.44
C THR A 175 -28.45 34.99 9.56
N MET A 176 -28.54 34.34 10.73
CA MET A 176 -29.17 34.94 11.89
C MET A 176 -28.34 36.10 12.49
N LYS A 177 -27.04 35.91 12.63
CA LYS A 177 -26.19 36.96 13.19
C LYS A 177 -25.99 38.15 12.26
N SER A 178 -26.15 37.94 10.96
CA SER A 178 -25.93 39.00 9.99
C SER A 178 -27.18 39.89 9.85
N ASP A 179 -28.24 39.53 10.55
CA ASP A 179 -29.47 40.32 10.54
C ASP A 179 -29.37 41.32 11.68
N ILE A 180 -28.87 42.51 11.36
CA ILE A 180 -28.47 43.50 12.36
C ILE A 180 -29.22 44.83 12.11
N SER A 181 -28.88 45.86 12.87
CA SER A 181 -29.49 47.20 12.73
C SER A 181 -28.41 48.26 12.82
N ILE A 182 -28.83 49.54 12.72
CA ILE A 182 -27.89 50.68 12.86
C ILE A 182 -27.20 50.75 14.22
N SER A 183 -27.66 49.94 15.18
CA SER A 183 -26.96 49.82 16.47
C SER A 183 -25.51 49.36 16.26
N VAL A 184 -25.29 48.62 15.17
CA VAL A 184 -23.93 48.24 14.79
C VAL A 184 -23.31 49.44 14.05
N SER A 185 -22.71 50.32 14.82
CA SER A 185 -22.36 51.63 14.30
C SER A 185 -21.24 51.56 13.28
N GLU A 186 -20.37 50.55 13.37
CA GLU A 186 -19.26 50.43 12.42
C GLU A 186 -19.70 50.10 10.98
N LEU A 187 -20.95 49.72 10.79
CA LEU A 187 -21.47 49.52 9.44
C LEU A 187 -22.13 50.77 8.85
N GLY A 188 -22.21 51.84 9.65
CA GLY A 188 -22.81 53.10 9.15
C GLY A 188 -24.32 52.90 8.96
N SER A 189 -24.89 53.56 7.97
CA SER A 189 -26.33 53.57 7.82
C SER A 189 -26.71 53.73 6.38
N LEU A 190 -27.66 52.90 5.94
CA LEU A 190 -28.22 52.97 4.61
C LEU A 190 -28.94 54.33 4.38
N LEU A 191 -29.84 54.67 5.31
CA LEU A 191 -30.62 55.91 5.19
C LEU A 191 -29.77 57.18 5.26
N ASP A 192 -28.73 57.17 6.08
CA ASP A 192 -27.78 58.32 6.14
C ASP A 192 -26.71 58.27 5.07
N HIS A 193 -26.67 57.18 4.30
CA HIS A 193 -25.61 56.97 3.29
C HIS A 193 -24.22 57.20 3.89
N SER A 194 -23.93 56.52 4.99
CA SER A 194 -22.72 56.78 5.76
C SER A 194 -21.85 55.53 5.95
N GLY A 195 -20.58 55.75 6.28
CA GLY A 195 -19.66 54.65 6.52
C GLY A 195 -19.60 53.67 5.36
N PRO A 196 -19.50 52.37 5.66
CA PRO A 196 -19.46 51.34 4.60
C PRO A 196 -20.65 51.41 3.66
N HIS A 197 -21.80 51.97 4.07
CA HIS A 197 -22.90 52.13 3.10
C HIS A 197 -22.57 53.12 2.00
N LYS A 198 -21.91 54.21 2.36
CA LYS A 198 -21.45 55.17 1.38
C LYS A 198 -20.38 54.49 0.51
N GLU A 199 -19.46 53.76 1.13
CA GLU A 199 -18.49 53.04 0.31
C GLU A 199 -19.18 52.06 -0.66
N ALA A 200 -20.22 51.36 -0.19
CA ALA A 200 -20.96 50.47 -1.06
C ALA A 200 -21.60 51.21 -2.24
N GLU A 201 -22.23 52.35 -1.98
CA GLU A 201 -22.88 53.08 -3.07
C GLU A 201 -21.90 53.57 -4.12
N GLN A 202 -20.73 54.05 -3.69
CA GLN A 202 -19.73 54.52 -4.63
C GLN A 202 -19.13 53.35 -5.43
N TYR A 203 -18.94 52.22 -4.75
CA TYR A 203 -18.40 51.02 -5.38
C TYR A 203 -19.36 50.57 -6.49
N ILE A 204 -20.65 50.54 -6.18
CA ILE A 204 -21.66 50.12 -7.12
C ILE A 204 -21.71 51.06 -8.33
N ALA A 205 -21.68 52.39 -8.08
CA ALA A 205 -21.81 53.36 -9.16
C ALA A 205 -20.66 53.19 -10.13
N ARG A 206 -19.46 52.96 -9.59
CA ARG A 206 -18.27 52.72 -10.40
C ARG A 206 -18.44 51.45 -11.29
N VAL A 207 -18.89 50.35 -10.68
CA VAL A 207 -19.11 49.10 -11.41
C VAL A 207 -20.18 49.23 -12.48
N PHE A 208 -21.23 49.99 -12.17
CA PHE A 208 -22.40 50.05 -13.06
C PHE A 208 -22.46 51.24 -14.03
N ASN A 209 -21.41 52.06 -14.03
CA ASN A 209 -21.32 53.23 -14.93
C ASN A 209 -22.31 54.35 -14.59
N ALA A 210 -22.59 54.57 -13.30
CA ALA A 210 -23.50 55.62 -12.86
C ALA A 210 -22.70 56.76 -12.19
N ASP A 211 -23.26 57.99 -12.20
CA ASP A 211 -22.72 59.05 -11.34
C ASP A 211 -23.00 58.78 -9.88
N ARG A 212 -24.18 58.21 -9.64
CA ARG A 212 -24.69 57.95 -8.28
CA ARG A 212 -24.72 57.98 -8.31
C ARG A 212 -25.55 56.69 -8.36
N SER A 213 -25.47 55.86 -7.33
CA SER A 213 -26.31 54.67 -7.23
C SER A 213 -26.90 54.57 -5.84
N TYR A 214 -28.15 54.07 -5.76
CA TYR A 214 -28.86 53.87 -4.52
C TYR A 214 -29.23 52.38 -4.41
N MET A 215 -29.15 51.83 -3.20
CA MET A 215 -29.51 50.43 -2.94
C MET A 215 -30.93 50.44 -2.38
N VAL A 216 -31.83 49.73 -3.05
CA VAL A 216 -33.24 49.72 -2.66
C VAL A 216 -33.55 48.31 -2.12
N THR A 217 -34.30 48.21 -1.03
CA THR A 217 -34.54 46.88 -0.43
C THR A 217 -36.00 46.44 -0.54
N ASN A 218 -36.75 47.09 -1.42
CA ASN A 218 -38.12 46.71 -1.71
C ASN A 218 -38.40 46.61 -3.22
N GLY A 219 -37.38 46.15 -3.97
CA GLY A 219 -37.55 45.78 -5.37
C GLY A 219 -37.58 46.99 -6.28
N THR A 220 -37.55 46.74 -7.58
CA THR A 220 -37.68 47.80 -8.59
C THR A 220 -39.10 48.39 -8.57
N SER A 221 -40.07 47.64 -8.04
CA SER A 221 -41.41 48.19 -7.78
C SER A 221 -41.28 49.48 -6.99
N THR A 222 -40.37 49.47 -6.03
CA THR A 222 -40.12 50.64 -5.18
C THR A 222 -39.15 51.63 -5.83
N ALA A 223 -38.07 51.13 -6.42
CA ALA A 223 -37.12 52.00 -7.12
C ALA A 223 -37.82 52.88 -8.18
N ASN A 224 -38.77 52.31 -8.93
CA ASN A 224 -39.56 53.03 -9.90
C ASN A 224 -40.33 54.21 -9.27
N LYS A 225 -40.87 54.01 -8.06
CA LYS A 225 -41.66 55.05 -7.38
C LYS A 225 -40.78 56.12 -6.78
N ILE A 226 -39.62 55.75 -6.27
CA ILE A 226 -38.69 56.75 -5.79
C ILE A 226 -38.31 57.71 -6.93
N VAL A 227 -37.92 57.17 -8.09
CA VAL A 227 -37.55 58.02 -9.24
C VAL A 227 -38.76 58.85 -9.67
N GLY A 228 -39.92 58.20 -9.77
CA GLY A 228 -41.11 58.87 -10.29
C GLY A 228 -41.55 60.03 -9.41
N MET A 229 -41.58 59.79 -8.10
CA MET A 229 -42.04 60.79 -7.14
C MET A 229 -41.11 61.99 -7.03
N TYR A 230 -39.80 61.78 -7.07
CA TYR A 230 -38.84 62.88 -7.25
C TYR A 230 -39.11 63.69 -8.52
N SER A 231 -39.48 63.00 -9.60
CA SER A 231 -39.41 63.57 -10.95
C SER A 231 -40.69 64.23 -11.43
N ALA A 232 -41.82 63.92 -10.79
CA ALA A 232 -43.11 64.27 -11.37
C ALA A 232 -44.06 64.83 -10.31
N PRO A 233 -43.95 66.14 -10.07
CA PRO A 233 -44.79 66.81 -9.04
C PRO A 233 -46.26 66.82 -9.43
N ALA A 234 -47.14 67.01 -8.46
CA ALA A 234 -48.58 67.11 -8.74
C ALA A 234 -48.82 68.20 -9.78
N GLY A 235 -49.78 67.96 -10.66
CA GLY A 235 -50.09 68.92 -11.72
C GLY A 235 -49.31 68.68 -12.99
N SER A 236 -48.26 67.86 -12.93
CA SER A 236 -47.38 67.69 -14.09
C SER A 236 -47.85 66.62 -15.07
N THR A 237 -47.25 66.62 -16.26
CA THR A 237 -47.50 65.61 -17.25
C THR A 237 -46.27 64.71 -17.36
N ILE A 238 -46.52 63.42 -17.56
CA ILE A 238 -45.44 62.45 -17.80
C ILE A 238 -45.72 61.63 -19.05
N LEU A 239 -44.65 61.29 -19.73
CA LEU A 239 -44.72 60.38 -20.85
C LEU A 239 -44.38 59.00 -20.32
N ILE A 240 -45.27 58.05 -20.58
CA ILE A 240 -45.08 56.71 -20.02
C ILE A 240 -45.30 55.63 -21.05
N ASP A 241 -44.37 54.67 -21.08
CA ASP A 241 -44.47 53.51 -21.94
C ASP A 241 -45.81 52.81 -21.64
N ARG A 242 -46.65 52.62 -22.65
CA ARG A 242 -47.86 51.80 -22.48
C ARG A 242 -47.53 50.36 -22.04
N ASN A 243 -46.36 49.88 -22.46
CA ASN A 243 -45.78 48.61 -21.97
C ASN A 243 -45.05 48.93 -20.64
N CYS A 244 -45.81 49.09 -19.56
CA CYS A 244 -45.22 49.53 -18.30
C CYS A 244 -45.59 48.50 -17.28
N HIS A 245 -44.65 48.26 -16.37
CA HIS A 245 -44.87 47.37 -15.25
C HIS A 245 -45.93 47.95 -14.33
N LYS A 246 -46.65 47.08 -13.64
CA LYS A 246 -47.73 47.47 -12.72
C LYS A 246 -47.28 48.50 -11.69
N SER A 247 -46.01 48.44 -11.25
CA SER A 247 -45.49 49.44 -10.32
C SER A 247 -45.59 50.87 -10.85
N LEU A 248 -45.58 51.03 -12.17
CA LEU A 248 -45.69 52.35 -12.76
C LEU A 248 -47.15 52.81 -12.84
N THR A 249 -48.07 51.86 -13.02
CA THR A 249 -49.50 52.12 -12.84
C THR A 249 -49.75 52.59 -11.41
N HIS A 250 -49.17 51.87 -10.44
CA HIS A 250 -49.27 52.30 -9.03
C HIS A 250 -48.72 53.69 -8.81
N LEU A 251 -47.55 53.99 -9.40
CA LEU A 251 -47.01 55.34 -9.34
C LEU A 251 -48.07 56.37 -9.80
N MET A 252 -48.71 56.13 -10.95
CA MET A 252 -49.76 57.05 -11.45
C MET A 252 -50.97 57.13 -10.53
N MET A 253 -51.31 56.02 -9.88
CA MET A 253 -52.43 55.99 -8.93
C MET A 253 -52.15 56.75 -7.64
N MET A 254 -50.87 56.90 -7.32
CA MET A 254 -50.43 57.53 -6.08
C MET A 254 -50.00 58.97 -6.23
N SER A 255 -49.70 59.38 -7.48
CA SER A 255 -49.20 60.73 -7.79
C SER A 255 -50.19 61.45 -8.70
N ASP A 256 -50.50 62.69 -8.35
CA ASP A 256 -51.50 63.46 -9.11
C ASP A 256 -50.87 63.96 -10.42
N VAL A 257 -50.68 63.06 -11.37
CA VAL A 257 -50.04 63.39 -12.64
C VAL A 257 -50.93 62.98 -13.80
N THR A 258 -50.65 63.55 -14.97
CA THR A 258 -51.40 63.27 -16.18
C THR A 258 -50.55 62.48 -17.14
N PRO A 259 -50.93 61.23 -17.43
CA PRO A 259 -50.06 60.50 -18.35
C PRO A 259 -50.37 60.76 -19.84
N ILE A 260 -49.32 60.82 -20.63
CA ILE A 260 -49.42 60.64 -22.09
C ILE A 260 -48.61 59.38 -22.44
N TYR A 261 -49.19 58.47 -23.21
CA TYR A 261 -48.57 57.15 -23.40
C TYR A 261 -47.73 57.06 -24.67
N PHE A 262 -46.51 56.55 -24.52
CA PHE A 262 -45.70 56.13 -25.68
C PHE A 262 -46.38 54.87 -26.19
N ARG A 263 -46.48 54.69 -27.50
CA ARG A 263 -47.21 53.51 -28.03
C ARG A 263 -46.28 52.49 -28.66
N PRO A 264 -46.09 51.33 -28.00
CA PRO A 264 -45.20 50.32 -28.58
C PRO A 264 -45.81 49.70 -29.82
N THR A 265 -45.00 49.03 -30.63
CA THR A 265 -45.54 48.20 -31.70
C THR A 265 -45.73 46.77 -31.18
N ARG A 266 -46.15 45.86 -32.07
CA ARG A 266 -46.27 44.45 -31.74
C ARG A 266 -46.31 43.60 -33.02
N ASN A 267 -46.04 42.31 -32.90
CA ASN A 267 -46.15 41.42 -34.03
C ASN A 267 -47.32 40.46 -33.89
N ALA A 268 -47.54 39.62 -34.91
CA ALA A 268 -48.73 38.75 -34.91
C ALA A 268 -48.69 37.69 -33.82
N TYR A 269 -47.49 37.31 -33.39
CA TYR A 269 -47.30 36.42 -32.25
C TYR A 269 -47.79 37.07 -30.93
N GLY A 270 -47.94 38.40 -30.93
CA GLY A 270 -48.31 39.10 -29.69
C GLY A 270 -47.10 39.56 -28.88
N ILE A 271 -45.90 39.42 -29.45
CA ILE A 271 -44.66 39.92 -28.87
C ILE A 271 -44.58 41.44 -29.06
N LEU A 272 -44.28 42.17 -27.98
CA LEU A 272 -44.18 43.64 -28.07
C LEU A 272 -42.95 44.09 -28.82
N GLY A 273 -43.11 45.15 -29.59
CA GLY A 273 -41.97 45.75 -30.26
C GLY A 273 -41.69 47.07 -29.59
N GLY A 274 -40.72 47.79 -30.09
CA GLY A 274 -40.36 49.05 -29.51
C GLY A 274 -41.33 50.16 -29.88
N ILE A 275 -41.35 51.17 -29.02
CA ILE A 275 -41.92 52.47 -29.35
C ILE A 275 -41.19 53.01 -30.61
N PRO A 276 -41.96 53.34 -31.67
CA PRO A 276 -41.33 53.89 -32.89
C PRO A 276 -40.63 55.21 -32.63
N GLN A 277 -39.63 55.52 -33.46
CA GLN A 277 -38.86 56.73 -33.29
C GLN A 277 -39.70 58.00 -33.35
N SER A 278 -40.84 57.94 -34.04
CA SER A 278 -41.74 59.11 -34.21
C SER A 278 -42.37 59.53 -32.89
N GLU A 279 -42.53 58.56 -31.98
CA GLU A 279 -43.10 58.81 -30.64
C GLU A 279 -42.25 59.70 -29.74
N PHE A 280 -40.97 59.79 -30.05
CA PHE A 280 -40.03 60.59 -29.26
C PHE A 280 -39.80 62.01 -29.78
N GLN A 281 -40.37 62.33 -30.93
CA GLN A 281 -40.06 63.60 -31.61
C GLN A 281 -40.97 64.68 -31.13
N HIS A 282 -40.42 65.88 -31.10
CA HIS A 282 -41.08 67.03 -30.51
C HIS A 282 -42.49 67.30 -31.07
N ALA A 283 -42.66 67.24 -32.39
CA ALA A 283 -43.96 67.56 -32.98
C ALA A 283 -45.04 66.57 -32.55
N THR A 284 -44.66 65.30 -32.41
CA THR A 284 -45.61 64.27 -31.93
C THR A 284 -46.08 64.52 -30.49
N ILE A 285 -45.12 64.83 -29.63
CA ILE A 285 -45.43 65.11 -28.23
C ILE A 285 -46.29 66.38 -28.08
N ALA A 286 -45.88 67.45 -28.77
CA ALA A 286 -46.60 68.73 -28.71
C ALA A 286 -48.06 68.58 -29.09
N LYS A 287 -48.33 67.81 -30.15
CA LYS A 287 -49.68 67.53 -30.56
C LYS A 287 -50.45 66.76 -29.50
N ARG A 288 -49.82 65.76 -28.88
CA ARG A 288 -50.50 65.00 -27.83
C ARG A 288 -50.79 65.83 -26.58
N VAL A 289 -49.84 66.68 -26.20
CA VAL A 289 -50.07 67.63 -25.10
C VAL A 289 -51.32 68.49 -25.40
N LYS A 290 -51.40 69.01 -26.61
CA LYS A 290 -52.51 69.85 -27.05
C LYS A 290 -53.85 69.11 -26.96
N GLU A 291 -53.85 67.82 -27.28
CA GLU A 291 -55.09 67.02 -27.28
C GLU A 291 -55.48 66.41 -25.95
N THR A 292 -54.62 66.54 -24.94
CA THR A 292 -54.85 65.91 -23.63
C THR A 292 -55.22 66.95 -22.56
N PRO A 293 -56.43 66.83 -22.00
CA PRO A 293 -56.91 67.79 -21.00
C PRO A 293 -55.94 67.88 -19.84
N ASN A 294 -55.61 69.12 -19.47
CA ASN A 294 -54.75 69.46 -18.33
C ASN A 294 -53.27 69.17 -18.58
N ALA A 295 -52.93 68.65 -19.76
CA ALA A 295 -51.56 68.31 -20.10
C ALA A 295 -50.73 69.57 -20.32
N THR A 296 -49.45 69.48 -19.95
CA THR A 296 -48.47 70.51 -20.22
C THR A 296 -47.23 69.76 -20.74
N TRP A 297 -46.17 70.44 -21.12
CA TRP A 297 -44.99 69.72 -21.64
C TRP A 297 -44.45 68.72 -20.59
N PRO A 298 -44.25 67.43 -20.98
CA PRO A 298 -43.84 66.41 -19.97
C PRO A 298 -42.54 66.76 -19.25
N VAL A 299 -42.54 66.56 -17.94
CA VAL A 299 -41.34 66.83 -17.13
C VAL A 299 -40.48 65.55 -16.96
N HIS A 300 -41.03 64.40 -17.36
CA HIS A 300 -40.47 63.08 -17.00
C HIS A 300 -40.99 62.06 -18.00
N ALA A 301 -40.09 61.17 -18.43
CA ALA A 301 -40.46 60.11 -19.36
C ALA A 301 -39.94 58.77 -18.84
N VAL A 302 -40.79 57.76 -18.94
CA VAL A 302 -40.46 56.40 -18.52
C VAL A 302 -40.59 55.45 -19.70
N ILE A 303 -39.50 54.73 -19.98
CA ILE A 303 -39.42 53.74 -21.05
C ILE A 303 -38.94 52.39 -20.49
N THR A 304 -39.61 51.31 -20.85
CA THR A 304 -39.17 49.97 -20.47
C THR A 304 -38.13 49.49 -21.47
N ASN A 305 -36.90 49.31 -20.99
CA ASN A 305 -35.82 48.87 -21.85
C ASN A 305 -35.03 47.81 -21.09
N SER A 306 -34.86 46.60 -21.62
CA SER A 306 -35.45 46.08 -22.85
C SER A 306 -36.91 45.72 -22.62
N THR A 307 -37.62 45.34 -23.69
CA THR A 307 -38.86 44.61 -23.51
C THR A 307 -38.58 43.25 -22.81
N TYR A 308 -39.64 42.60 -22.38
CA TYR A 308 -39.58 41.32 -21.69
C TYR A 308 -38.89 40.32 -22.63
N ASP A 309 -39.27 40.32 -23.91
CA ASP A 309 -38.68 39.38 -24.88
C ASP A 309 -37.32 39.80 -25.47
N GLY A 310 -36.66 40.75 -24.84
CA GLY A 310 -35.24 41.04 -25.17
C GLY A 310 -35.00 42.12 -26.21
N LEU A 311 -36.00 42.95 -26.54
CA LEU A 311 -35.74 44.05 -27.53
C LEU A 311 -35.24 45.29 -26.82
N LEU A 312 -34.04 45.70 -27.19
CA LEU A 312 -33.39 46.85 -26.62
C LEU A 312 -33.50 48.02 -27.60
N TYR A 313 -33.61 49.24 -27.06
CA TYR A 313 -33.60 50.49 -27.84
C TYR A 313 -32.25 51.04 -28.13
N ASN A 314 -32.17 51.78 -29.23
CA ASN A 314 -31.05 52.67 -29.45
C ASN A 314 -31.26 53.85 -28.49
N THR A 315 -30.58 53.80 -27.34
CA THR A 315 -30.81 54.83 -26.31
C THR A 315 -30.04 56.10 -26.64
N ASP A 316 -29.01 55.99 -27.48
CA ASP A 316 -28.34 57.20 -28.02
C ASP A 316 -29.36 58.08 -28.79
N PHE A 317 -30.15 57.47 -29.66
CA PHE A 317 -31.25 58.15 -30.35
C PHE A 317 -32.28 58.78 -29.39
N ILE A 318 -32.74 58.00 -28.42
CA ILE A 318 -33.70 58.51 -27.44
C ILE A 318 -33.15 59.73 -26.69
N LYS A 319 -31.92 59.64 -26.21
CA LYS A 319 -31.30 60.71 -25.42
C LYS A 319 -31.13 62.01 -26.24
N LYS A 320 -30.85 61.86 -27.54
CA LYS A 320 -30.68 62.99 -28.46
C LYS A 320 -32.02 63.61 -28.86
N THR A 321 -33.04 62.78 -29.02
CA THR A 321 -34.29 63.18 -29.62
C THR A 321 -35.39 63.64 -28.66
N LEU A 322 -35.45 63.00 -27.50
CA LEU A 322 -36.55 63.16 -26.58
C LEU A 322 -36.30 64.40 -25.73
N ASP A 323 -37.13 65.44 -25.92
CA ASP A 323 -36.86 66.77 -25.35
C ASP A 323 -37.53 66.87 -23.98
N VAL A 324 -37.11 66.00 -23.08
CA VAL A 324 -37.71 65.90 -21.73
C VAL A 324 -36.50 65.88 -20.81
N LYS A 325 -36.55 66.67 -19.72
CA LYS A 325 -35.36 66.85 -18.90
C LYS A 325 -34.99 65.64 -18.01
N SER A 326 -35.89 64.68 -17.89
CA SER A 326 -35.72 63.52 -16.98
C SER A 326 -36.21 62.30 -17.72
N ILE A 327 -35.31 61.35 -17.98
CA ILE A 327 -35.68 60.17 -18.75
C ILE A 327 -35.28 58.90 -17.94
N HIS A 328 -36.27 58.09 -17.61
CA HIS A 328 -36.09 56.94 -16.76
C HIS A 328 -36.31 55.69 -17.58
N PHE A 329 -35.25 54.90 -17.71
CA PHE A 329 -35.33 53.56 -18.29
C PHE A 329 -35.62 52.54 -17.20
N ASP A 330 -36.82 51.94 -17.22
CA ASP A 330 -37.09 50.79 -16.35
C ASP A 330 -36.34 49.58 -16.95
N SER A 331 -35.17 49.29 -16.35
CA SER A 331 -34.24 48.30 -16.85
C SER A 331 -34.20 47.05 -15.97
N ALA A 332 -35.33 46.71 -15.38
CA ALA A 332 -35.44 45.56 -14.49
C ALA A 332 -34.90 44.27 -15.11
N TRP A 333 -35.14 44.06 -16.42
CA TRP A 333 -34.74 42.84 -17.11
C TRP A 333 -33.31 42.80 -17.59
N VAL A 334 -32.61 43.93 -17.51
CA VAL A 334 -31.28 44.05 -18.13
C VAL A 334 -30.28 44.71 -17.18
N PRO A 335 -30.07 44.11 -15.97
CA PRO A 335 -29.10 44.74 -15.06
C PRO A 335 -27.64 44.54 -15.44
N TYR A 336 -27.36 43.79 -16.50
CA TYR A 336 -25.99 43.34 -16.85
C TYR A 336 -25.39 44.09 -18.03
N THR A 337 -26.12 45.09 -18.52
CA THR A 337 -25.72 45.77 -19.75
C THR A 337 -24.36 46.47 -19.69
N ASN A 338 -23.91 46.88 -18.50
CA ASN A 338 -22.61 47.55 -18.43
C ASN A 338 -21.43 46.59 -18.57
N PHE A 339 -21.69 45.29 -18.57
CA PHE A 339 -20.60 44.32 -18.52
C PHE A 339 -20.22 43.65 -19.85
N SER A 340 -20.91 43.98 -20.93
CA SER A 340 -20.44 43.57 -22.25
C SER A 340 -20.59 44.73 -23.22
N PRO A 341 -19.57 44.92 -24.10
CA PRO A 341 -19.68 45.96 -25.13
C PRO A 341 -20.81 45.79 -26.11
N ILE A 342 -21.41 44.61 -26.20
CA ILE A 342 -22.56 44.43 -27.11
C ILE A 342 -23.76 45.31 -26.68
N TYR A 343 -23.79 45.76 -25.42
CA TYR A 343 -24.90 46.61 -24.98
C TYR A 343 -24.69 48.15 -25.06
N GLU A 344 -23.52 48.58 -25.55
CA GLU A 344 -23.20 50.00 -25.69
C GLU A 344 -24.20 50.64 -26.63
N GLY A 345 -24.68 51.82 -26.23
CA GLY A 345 -25.69 52.54 -26.98
C GLY A 345 -27.07 51.94 -26.86
N LYS A 346 -27.23 50.94 -25.99
CA LYS A 346 -28.51 50.23 -25.87
C LYS A 346 -29.05 50.18 -24.43
N CYS A 347 -28.49 51.00 -23.54
CA CYS A 347 -28.95 51.04 -22.16
C CYS A 347 -28.87 52.46 -21.66
N GLY A 348 -29.57 52.74 -20.56
CA GLY A 348 -29.66 54.05 -19.97
C GLY A 348 -28.32 54.66 -19.59
N MET A 349 -27.45 53.89 -18.93
CA MET A 349 -26.18 54.42 -18.44
C MET A 349 -25.08 54.50 -19.47
N SER A 350 -25.36 53.99 -20.67
CA SER A 350 -24.35 53.96 -21.73
C SER A 350 -23.83 55.38 -22.01
N GLY A 351 -22.52 55.49 -22.12
CA GLY A 351 -21.94 56.78 -22.50
C GLY A 351 -21.78 57.74 -21.34
N GLY A 352 -21.84 59.03 -21.68
CA GLY A 352 -21.56 60.08 -20.70
C GLY A 352 -22.82 60.84 -20.39
N ARG A 353 -22.69 61.95 -19.68
CA ARG A 353 -23.83 62.81 -19.38
C ARG A 353 -24.48 63.39 -20.60
N VAL A 354 -25.79 63.60 -20.49
CA VAL A 354 -26.56 64.28 -21.51
C VAL A 354 -26.86 65.70 -21.02
N GLU A 355 -26.36 66.70 -21.75
CA GLU A 355 -26.56 68.10 -21.38
C GLU A 355 -28.01 68.44 -21.07
N GLY A 356 -28.28 68.98 -19.89
CA GLY A 356 -29.63 69.39 -19.55
C GLY A 356 -30.62 68.30 -19.22
N LYS A 357 -30.15 67.05 -19.13
CA LYS A 357 -31.05 65.94 -18.78
C LYS A 357 -30.44 65.12 -17.65
N VAL A 358 -31.32 64.50 -16.86
CA VAL A 358 -30.89 63.43 -15.95
C VAL A 358 -31.47 62.11 -16.50
N ILE A 359 -30.65 61.06 -16.49
CA ILE A 359 -31.07 59.77 -17.02
C ILE A 359 -31.04 58.79 -15.85
N TYR A 360 -32.03 57.92 -15.77
CA TYR A 360 -32.03 56.84 -14.77
C TYR A 360 -32.09 55.45 -15.38
N GLU A 361 -31.52 54.48 -14.67
CA GLU A 361 -31.91 53.10 -14.83
C GLU A 361 -32.37 52.60 -13.47
N THR A 362 -33.46 51.86 -13.48
CA THR A 362 -33.78 51.06 -12.31
C THR A 362 -33.57 49.60 -12.72
N GLN A 363 -32.98 48.81 -11.83
CA GLN A 363 -32.63 47.44 -12.15
C GLN A 363 -33.00 46.49 -11.00
N SER A 364 -33.54 45.32 -11.33
CA SER A 364 -33.85 44.28 -10.34
C SER A 364 -32.63 43.36 -10.27
N THR A 365 -31.73 43.69 -9.37
CA THR A 365 -30.47 42.96 -9.24
C THR A 365 -30.75 41.45 -9.02
N HIS A 366 -31.84 41.16 -8.33
CA HIS A 366 -32.22 39.77 -8.01
C HIS A 366 -32.75 38.97 -9.21
N1 LLP A 367 -40.28 46.70 -13.84
C2 LLP A 367 -40.16 45.62 -14.69
C2' LLP A 367 -40.03 45.84 -16.18
C3 LLP A 367 -40.10 44.33 -14.14
O3 LLP A 367 -39.99 43.35 -14.89
C4 LLP A 367 -40.21 44.12 -12.75
C4' LLP A 367 -40.19 42.71 -12.18
C5 LLP A 367 -40.36 45.24 -11.92
C6 LLP A 367 -40.40 46.53 -12.47
C5' LLP A 367 -40.52 45.09 -10.42
OP4 LLP A 367 -39.37 44.65 -9.68
P LLP A 367 -39.39 43.87 -8.27
OP1 LLP A 367 -37.95 43.80 -8.07
OP2 LLP A 367 -40.08 42.61 -8.61
OP3 LLP A 367 -40.21 44.75 -7.37
N LLP A 367 -33.19 39.65 -10.27
CA LLP A 367 -33.77 38.93 -11.42
CB LLP A 367 -34.70 39.83 -12.28
CG LLP A 367 -36.02 40.22 -11.58
CD LLP A 367 -36.96 40.92 -12.54
CE LLP A 367 -38.25 41.39 -11.85
NZ LLP A 367 -39.24 41.96 -12.81
C LLP A 367 -32.70 38.32 -12.31
O LLP A 367 -32.72 37.10 -12.58
N LEU A 368 -31.78 39.15 -12.80
CA LEU A 368 -30.79 38.63 -13.71
C LEU A 368 -29.35 38.92 -13.31
N LEU A 369 -29.10 39.30 -12.07
CA LEU A 369 -27.76 39.15 -11.54
C LEU A 369 -27.95 38.18 -10.37
N ALA A 370 -27.06 38.22 -9.40
CA ALA A 370 -27.11 37.30 -8.27
C ALA A 370 -27.24 38.13 -7.03
N ALA A 371 -28.46 38.22 -6.51
CA ALA A 371 -28.71 38.94 -5.28
C ALA A 371 -30.01 38.41 -4.69
N PHE A 372 -30.24 38.71 -3.41
CA PHE A 372 -31.46 38.26 -2.74
C PHE A 372 -32.69 39.01 -3.27
N SER A 373 -33.82 38.32 -3.29
CA SER A 373 -35.10 38.91 -3.64
C SER A 373 -35.30 40.23 -2.87
N GLN A 374 -35.82 41.20 -3.60
CA GLN A 374 -36.05 42.58 -3.14
C GLN A 374 -34.87 43.52 -3.38
N ALA A 375 -33.70 42.99 -3.74
CA ALA A 375 -32.55 43.84 -4.07
C ALA A 375 -32.74 44.53 -5.42
N SER A 376 -32.62 45.88 -5.41
CA SER A 376 -32.82 46.72 -6.58
C SER A 376 -31.82 47.86 -6.49
N MET A 377 -31.46 48.41 -7.65
CA MET A 377 -30.57 49.58 -7.73
C MET A 377 -31.23 50.71 -8.52
N ILE A 378 -30.96 51.94 -8.09
CA ILE A 378 -31.26 53.12 -8.90
C ILE A 378 -29.91 53.67 -9.34
N HIS A 379 -29.77 53.84 -10.64
CA HIS A 379 -28.56 54.42 -11.18
C HIS A 379 -28.90 55.76 -11.79
N VAL A 380 -28.11 56.78 -11.48
CA VAL A 380 -28.35 58.16 -11.95
C VAL A 380 -27.17 58.66 -12.80
N LYS A 381 -27.48 59.28 -13.93
CA LYS A 381 -26.46 59.92 -14.75
C LYS A 381 -26.94 61.37 -15.01
N GLY A 382 -26.24 62.35 -14.46
CA GLY A 382 -26.78 63.72 -14.47
C GLY A 382 -27.05 64.21 -13.07
N ASP A 383 -27.43 65.48 -12.93
CA ASP A 383 -27.53 66.11 -11.62
C ASP A 383 -28.90 65.90 -11.04
N VAL A 384 -28.95 65.58 -9.76
CA VAL A 384 -30.19 65.66 -9.00
C VAL A 384 -29.94 66.57 -7.80
N ASN A 385 -31.02 67.11 -7.25
CA ASN A 385 -30.94 67.73 -5.96
C ASN A 385 -30.85 66.57 -4.97
N GLU A 386 -29.68 66.42 -4.38
CA GLU A 386 -29.35 65.19 -3.66
C GLU A 386 -30.21 65.04 -2.42
N GLU A 387 -30.50 66.20 -1.85
CA GLU A 387 -31.27 66.21 -0.63
C GLU A 387 -32.73 65.95 -0.90
N THR A 388 -33.28 66.52 -1.96
CA THR A 388 -34.69 66.23 -2.31
C THR A 388 -34.81 64.77 -2.79
N PHE A 389 -33.80 64.33 -3.54
CA PHE A 389 -33.83 62.92 -4.01
C PHE A 389 -33.81 61.96 -2.80
N ASN A 390 -32.95 62.23 -1.81
CA ASN A 390 -32.98 61.45 -0.56
C ASN A 390 -34.31 61.46 0.19
N GLU A 391 -35.05 62.56 0.17
CA GLU A 391 -36.38 62.53 0.78
C GLU A 391 -37.29 61.52 0.08
N ALA A 392 -37.30 61.54 -1.25
CA ALA A 392 -38.12 60.61 -2.02
C ALA A 392 -37.63 59.15 -1.75
N TYR A 393 -36.31 58.98 -1.66
CA TYR A 393 -35.76 57.66 -1.32
C TYR A 393 -36.24 57.17 0.07
N MET A 394 -36.08 58.03 1.07
CA MET A 394 -36.51 57.71 2.42
C MET A 394 -37.98 57.48 2.55
N MET A 395 -38.77 58.13 1.70
CA MET A 395 -40.23 57.97 1.77
C MET A 395 -40.68 56.57 1.45
N HIS A 396 -39.83 55.84 0.73
CA HIS A 396 -40.19 54.47 0.31
C HIS A 396 -39.28 53.40 0.93
N THR A 397 -38.34 53.80 1.78
CA THR A 397 -37.33 52.90 2.35
C THR A 397 -37.64 52.69 3.84
N THR A 398 -37.56 51.44 4.31
CA THR A 398 -37.80 51.16 5.72
C THR A 398 -36.68 51.74 6.59
N THR A 399 -37.01 52.04 7.83
CA THR A 399 -36.00 52.42 8.82
C THR A 399 -35.25 51.22 9.38
N SER A 400 -35.68 50.01 9.06
CA SER A 400 -34.95 48.81 9.51
C SER A 400 -34.58 47.91 8.34
N PRO A 401 -33.65 48.35 7.47
CA PRO A 401 -33.37 47.56 6.29
C PRO A 401 -32.70 46.22 6.62
N HIS A 402 -32.96 45.25 5.77
CA HIS A 402 -32.39 43.90 5.89
C HIS A 402 -30.97 43.95 5.33
N TYR A 403 -29.98 43.75 6.20
CA TYR A 403 -28.58 43.91 5.77
C TYR A 403 -28.10 42.85 4.81
N GLY A 404 -28.73 41.66 4.86
CA GLY A 404 -28.44 40.60 3.87
C GLY A 404 -28.80 41.03 2.46
N ILE A 405 -29.99 41.60 2.31
CA ILE A 405 -30.43 42.11 1.02
C ILE A 405 -29.45 43.24 0.58
N VAL A 406 -29.12 44.15 1.49
CA VAL A 406 -28.18 45.23 1.16
C VAL A 406 -26.81 44.66 0.75
N ALA A 407 -26.25 43.77 1.57
CA ALA A 407 -24.95 43.16 1.23
C ALA A 407 -24.98 42.43 -0.12
N SER A 408 -26.10 41.75 -0.43
CA SER A 408 -26.22 41.06 -1.70
C SER A 408 -26.20 42.00 -2.92
N THR A 409 -26.71 43.23 -2.74
CA THR A 409 -26.70 44.25 -3.79
C THR A 409 -25.26 44.67 -4.08
N GLU A 410 -24.48 44.90 -3.02
CA GLU A 410 -23.11 45.30 -3.20
C GLU A 410 -22.28 44.12 -3.74
N THR A 411 -22.55 42.92 -3.25
CA THR A 411 -21.80 41.74 -3.74
C THR A 411 -22.13 41.42 -5.20
N ALA A 412 -23.36 41.71 -5.63
CA ALA A 412 -23.68 41.55 -7.04
C ALA A 412 -22.74 42.42 -7.90
N ALA A 413 -22.41 43.61 -7.41
CA ALA A 413 -21.46 44.51 -8.05
C ALA A 413 -20.05 43.92 -8.06
N ALA A 414 -19.62 43.45 -6.90
CA ALA A 414 -18.29 42.82 -6.74
C ALA A 414 -18.13 41.64 -7.69
N MET A 415 -19.19 40.85 -7.86
CA MET A 415 -19.16 39.72 -8.82
C MET A 415 -18.97 40.15 -10.27
N MET A 416 -19.51 41.31 -10.63
CA MET A 416 -19.52 41.79 -12.02
C MET A 416 -18.31 42.62 -12.39
N LYS A 417 -17.48 42.89 -11.39
CA LYS A 417 -16.31 43.74 -11.51
C LYS A 417 -15.20 43.06 -12.34
N GLY A 418 -14.52 43.83 -13.20
CA GLY A 418 -13.29 43.35 -13.85
C GLY A 418 -13.48 42.21 -14.83
N ASN A 419 -12.49 41.29 -14.85
CA ASN A 419 -12.37 40.13 -15.75
C ASN A 419 -13.25 38.98 -15.36
N ALA A 420 -13.40 38.79 -14.05
CA ALA A 420 -14.32 37.81 -13.52
C ALA A 420 -15.71 38.13 -14.02
N GLY A 421 -16.06 39.41 -13.99
CA GLY A 421 -17.38 39.88 -14.35
C GLY A 421 -17.67 39.86 -15.84
N LYS A 422 -16.68 40.27 -16.63
CA LYS A 422 -16.78 40.14 -18.08
C LYS A 422 -16.94 38.68 -18.50
N ARG A 423 -16.20 37.78 -17.85
CA ARG A 423 -16.28 36.36 -18.13
C ARG A 423 -17.64 35.75 -17.80
N LEU A 424 -18.21 36.13 -16.65
CA LEU A 424 -19.56 35.71 -16.28
C LEU A 424 -20.57 36.07 -17.33
N ILE A 425 -20.60 37.34 -17.75
CA ILE A 425 -21.63 37.78 -18.70
C ILE A 425 -21.32 37.22 -20.10
N ASN A 426 -20.04 37.18 -20.46
CA ASN A 426 -19.64 36.57 -21.75
C ASN A 426 -20.11 35.14 -21.81
N GLY A 427 -19.92 34.40 -20.71
CA GLY A 427 -20.33 33.00 -20.59
C GLY A 427 -21.81 32.88 -20.90
N SER A 428 -22.64 33.70 -20.24
CA SER A 428 -24.08 33.60 -20.44
C SER A 428 -24.50 33.95 -21.88
N ILE A 429 -23.80 34.90 -22.49
CA ILE A 429 -24.06 35.22 -23.91
C ILE A 429 -23.66 34.06 -24.82
N GLU A 430 -22.47 33.50 -24.58
CA GLU A 430 -22.00 32.35 -25.33
C GLU A 430 -22.96 31.15 -25.22
N ARG A 431 -23.40 30.84 -24.00
CA ARG A 431 -24.36 29.74 -23.84
C ARG A 431 -25.70 29.99 -24.52
N ALA A 432 -26.21 31.22 -24.47
CA ALA A 432 -27.49 31.54 -25.13
C ALA A 432 -27.34 31.31 -26.64
N ILE A 433 -26.22 31.79 -27.18
CA ILE A 433 -25.97 31.65 -28.62
C ILE A 433 -25.77 30.19 -29.03
N LYS A 434 -25.06 29.41 -28.20
CA LYS A 434 -24.89 27.98 -28.44
C LYS A 434 -26.25 27.30 -28.53
N PHE A 435 -27.14 27.68 -27.62
CA PHE A 435 -28.44 27.01 -27.52
C PHE A 435 -29.31 27.41 -28.73
N ARG A 436 -29.27 28.69 -29.09
CA ARG A 436 -29.99 29.19 -30.30
C ARG A 436 -29.57 28.40 -31.55
N LYS A 437 -28.26 28.24 -31.72
CA LYS A 437 -27.73 27.46 -32.85
C LYS A 437 -28.14 25.98 -32.80
N GLU A 438 -28.20 25.41 -31.59
CA GLU A 438 -28.67 24.02 -31.40
C GLU A 438 -30.13 23.83 -31.83
N ILE A 439 -30.98 24.79 -31.53
CA ILE A 439 -32.37 24.71 -32.00
C ILE A 439 -32.44 24.74 -33.54
N LYS A 440 -31.70 25.66 -34.15
CA LYS A 440 -31.66 25.76 -35.61
C LYS A 440 -31.13 24.44 -36.24
N ARG A 441 -30.05 23.89 -35.69
CA ARG A 441 -29.51 22.61 -36.15
C ARG A 441 -30.51 21.47 -36.01
N LEU A 442 -31.12 21.31 -34.83
CA LEU A 442 -32.11 20.23 -34.65
C LEU A 442 -33.35 20.39 -35.53
N ARG A 443 -33.74 21.64 -35.74
CA ARG A 443 -34.82 21.94 -36.69
C ARG A 443 -34.51 21.35 -38.09
N THR A 444 -33.29 21.53 -38.59
CA THR A 444 -32.81 20.96 -39.86
C THR A 444 -32.70 19.41 -39.85
N GLU A 445 -32.16 18.86 -38.76
CA GLU A 445 -31.82 17.44 -38.68
C GLU A 445 -32.98 16.53 -38.31
N SER A 446 -34.00 17.10 -37.70
CA SER A 446 -35.06 16.27 -37.15
C SER A 446 -36.10 15.93 -38.22
N ASP A 447 -36.86 14.88 -37.95
CA ASP A 447 -37.85 14.39 -38.88
C ASP A 447 -39.17 15.13 -38.65
N GLY A 448 -39.55 15.96 -39.61
CA GLY A 448 -40.83 16.66 -39.54
C GLY A 448 -40.70 17.94 -38.74
N TRP A 449 -41.78 18.34 -38.07
CA TRP A 449 -41.86 19.66 -37.41
C TRP A 449 -40.79 19.75 -36.30
N PHE A 450 -40.35 20.98 -36.00
CA PHE A 450 -39.60 21.23 -34.78
C PHE A 450 -39.87 22.65 -34.29
N PHE A 451 -39.36 22.96 -33.10
CA PHE A 451 -39.32 24.34 -32.61
C PHE A 451 -38.49 25.21 -33.55
N ASP A 452 -38.76 26.51 -33.53
CA ASP A 452 -37.88 27.46 -34.17
C ASP A 452 -37.43 28.48 -33.13
N VAL A 453 -36.45 29.31 -33.47
CA VAL A 453 -36.05 30.43 -32.64
C VAL A 453 -36.43 31.74 -33.35
N TRP A 454 -37.06 32.64 -32.61
CA TRP A 454 -37.35 34.00 -33.09
C TRP A 454 -36.06 34.84 -33.06
N GLN A 455 -35.40 34.94 -34.21
CA GLN A 455 -34.10 35.60 -34.33
C GLN A 455 -33.78 35.77 -35.82
N PRO A 456 -32.70 36.51 -36.17
CA PRO A 456 -32.27 36.63 -37.56
C PRO A 456 -31.91 35.29 -38.20
N ASP A 457 -31.97 35.28 -39.53
CA ASP A 457 -31.60 34.10 -40.29
C ASP A 457 -30.17 33.67 -40.03
N HIS A 458 -29.27 34.63 -39.83
CA HIS A 458 -27.90 34.29 -39.44
C HIS A 458 -27.50 35.01 -38.16
N ILE A 459 -27.00 34.22 -37.22
CA ILE A 459 -26.52 34.78 -35.95
C ILE A 459 -25.03 34.43 -35.74
N ASP A 460 -24.25 34.61 -36.81
CA ASP A 460 -22.84 34.23 -36.84
C ASP A 460 -21.92 35.31 -36.23
N THR A 461 -22.54 36.25 -35.55
CA THR A 461 -21.81 37.32 -34.91
C THR A 461 -22.34 37.44 -33.47
N THR A 462 -21.48 37.83 -32.53
CA THR A 462 -21.93 38.05 -31.17
C THR A 462 -22.23 39.53 -30.96
N GLU A 463 -23.51 39.85 -31.00
CA GLU A 463 -23.92 41.22 -30.79
C GLU A 463 -25.40 41.19 -30.45
N CYS A 464 -25.98 42.36 -30.17
CA CYS A 464 -27.42 42.43 -30.10
C CYS A 464 -27.86 42.71 -31.52
N TRP A 465 -28.40 41.68 -32.16
CA TRP A 465 -28.61 41.74 -33.62
C TRP A 465 -29.69 42.78 -33.92
N PRO A 466 -29.36 43.71 -34.85
CA PRO A 466 -30.32 44.75 -35.25
C PRO A 466 -31.55 44.16 -35.93
N LEU A 467 -32.72 44.70 -35.62
CA LEU A 467 -33.92 44.39 -36.36
C LEU A 467 -33.98 45.35 -37.57
N ARG A 468 -34.09 44.79 -38.78
CA ARG A 468 -33.96 45.57 -40.01
C ARG A 468 -35.26 45.57 -40.78
N SER A 469 -35.57 46.69 -41.43
CA SER A 469 -36.83 46.77 -42.20
C SER A 469 -36.82 45.82 -43.39
N ASP A 470 -35.63 45.46 -43.87
CA ASP A 470 -35.53 44.50 -45.00
C ASP A 470 -35.57 43.03 -44.58
N SER A 471 -35.83 42.77 -43.30
CA SER A 471 -35.89 41.40 -42.78
C SER A 471 -37.26 41.09 -42.18
N THR A 472 -37.72 39.88 -42.36
CA THR A 472 -39.09 39.60 -41.96
C THR A 472 -39.17 38.81 -40.66
N TRP A 473 -38.02 38.38 -40.12
CA TRP A 473 -38.01 37.43 -38.99
C TRP A 473 -38.77 37.95 -37.77
N HIS A 474 -38.61 39.25 -37.49
CA HIS A 474 -39.13 39.83 -36.23
C HIS A 474 -40.63 40.11 -36.27
N GLY A 475 -41.19 40.17 -37.49
CA GLY A 475 -42.64 40.32 -37.70
C GLY A 475 -43.21 41.73 -37.53
N PHE A 476 -42.35 42.72 -37.28
CA PHE A 476 -42.80 44.11 -37.11
C PHE A 476 -42.86 44.81 -38.48
N LYS A 477 -43.98 45.47 -38.73
CA LYS A 477 -44.17 46.12 -40.03
C LYS A 477 -43.57 47.51 -40.04
N ASN A 478 -42.85 47.81 -41.11
CA ASN A 478 -42.23 49.12 -41.35
C ASN A 478 -41.43 49.66 -40.16
N ILE A 479 -40.58 48.81 -39.60
CA ILE A 479 -39.80 49.18 -38.43
C ILE A 479 -38.77 50.22 -38.82
N ASP A 480 -38.50 51.14 -37.90
CA ASP A 480 -37.37 52.04 -38.04
C ASP A 480 -36.09 51.25 -37.92
N ASN A 481 -35.06 51.66 -38.68
CA ASN A 481 -33.75 51.01 -38.66
C ASN A 481 -32.83 51.68 -37.64
N GLU A 482 -31.79 50.95 -37.22
CA GLU A 482 -30.87 51.41 -36.18
C GLU A 482 -31.66 51.88 -34.94
N HIS A 483 -32.67 51.11 -34.60
CA HIS A 483 -33.60 51.43 -33.54
C HIS A 483 -33.74 50.34 -32.45
N MET A 484 -34.10 49.11 -32.85
CA MET A 484 -34.29 47.98 -31.94
C MET A 484 -33.24 46.90 -32.20
N TYR A 485 -32.84 46.19 -31.14
CA TYR A 485 -31.81 45.15 -31.21
C TYR A 485 -32.29 43.98 -30.34
N LEU A 486 -31.92 42.75 -30.73
CA LEU A 486 -32.30 41.57 -29.93
C LEU A 486 -31.13 41.16 -29.01
N ASP A 487 -31.44 41.12 -27.72
CA ASP A 487 -30.50 40.67 -26.70
C ASP A 487 -30.28 39.14 -26.84
N PRO A 488 -29.04 38.68 -27.11
CA PRO A 488 -28.80 37.23 -27.22
C PRO A 488 -29.35 36.38 -26.07
N ILE A 489 -29.36 36.90 -24.84
CA ILE A 489 -29.72 36.01 -23.74
C ILE A 489 -31.21 35.77 -23.54
N LYS A 490 -32.04 36.51 -24.27
CA LYS A 490 -33.50 36.33 -24.13
C LYS A 490 -33.96 35.49 -25.28
N VAL A 491 -34.09 34.19 -25.06
CA VAL A 491 -34.29 33.26 -26.17
C VAL A 491 -35.76 32.95 -26.32
N THR A 492 -36.34 33.34 -27.45
CA THR A 492 -37.73 33.04 -27.73
C THR A 492 -37.85 31.87 -28.70
N LEU A 493 -38.52 30.81 -28.23
CA LEU A 493 -38.82 29.65 -29.08
C LEU A 493 -40.24 29.78 -29.61
N LEU A 494 -40.40 29.35 -30.85
CA LEU A 494 -41.67 29.39 -31.55
C LEU A 494 -42.16 27.97 -31.78
N THR A 495 -43.44 27.75 -31.55
CA THR A 495 -44.05 26.46 -31.81
C THR A 495 -44.83 26.56 -33.14
N PRO A 496 -45.08 25.40 -33.79
CA PRO A 496 -45.80 25.48 -35.07
C PRO A 496 -47.19 26.04 -34.89
N GLY A 497 -47.68 26.80 -35.87
CA GLY A 497 -49.06 27.28 -35.82
C GLY A 497 -49.37 28.54 -36.62
N MET A 498 -48.33 29.31 -36.92
CA MET A 498 -48.45 30.53 -37.71
C MET A 498 -47.50 30.56 -38.90
N GLU A 499 -47.98 31.14 -40.01
CA GLU A 499 -47.18 31.22 -41.24
C GLU A 499 -46.35 32.48 -41.17
N LYS A 500 -45.38 32.61 -42.06
CA LYS A 500 -44.54 33.82 -42.09
C LYS A 500 -45.35 35.09 -42.36
N ASP A 501 -46.45 34.93 -43.11
CA ASP A 501 -47.44 36.00 -43.38
C ASP A 501 -48.14 36.56 -42.15
N GLY A 502 -48.07 35.86 -41.02
CA GLY A 502 -48.90 36.21 -39.85
C GLY A 502 -50.27 35.54 -39.95
N THR A 503 -50.43 34.72 -40.98
CA THR A 503 -51.63 33.89 -41.16
C THR A 503 -51.52 32.58 -40.35
N MET A 504 -52.63 31.86 -40.22
CA MET A 504 -52.65 30.63 -39.42
C MET A 504 -52.28 29.40 -40.25
N SER A 505 -51.55 28.48 -39.62
CA SER A 505 -51.19 27.20 -40.21
C SER A 505 -52.29 26.18 -39.96
N ASP A 506 -52.36 25.17 -40.80
CA ASP A 506 -53.28 24.06 -40.57
C ASP A 506 -52.87 23.25 -39.31
N PHE A 507 -51.57 23.02 -39.18
CA PHE A 507 -51.02 22.25 -38.06
C PHE A 507 -50.45 23.24 -37.05
N GLY A 508 -50.87 23.12 -35.80
CA GLY A 508 -50.33 23.96 -34.74
C GLY A 508 -50.16 23.23 -33.43
N ILE A 509 -49.13 23.61 -32.67
CA ILE A 509 -49.02 23.18 -31.28
C ILE A 509 -48.96 24.42 -30.38
N PRO A 510 -50.08 24.80 -29.76
CA PRO A 510 -50.09 25.97 -28.86
C PRO A 510 -48.98 25.83 -27.80
N ALA A 511 -48.25 26.91 -27.59
CA ALA A 511 -47.11 26.91 -26.68
C ALA A 511 -47.51 26.52 -25.25
N SER A 512 -48.77 26.76 -24.89
CA SER A 512 -49.25 26.39 -23.53
C SER A 512 -49.07 24.90 -23.23
N ILE A 513 -49.28 24.06 -24.23
CA ILE A 513 -49.07 22.62 -24.09
C ILE A 513 -47.60 22.26 -23.86
N VAL A 514 -46.69 22.92 -24.57
CA VAL A 514 -45.26 22.71 -24.35
C VAL A 514 -44.87 23.16 -22.91
N ALA A 515 -45.40 24.30 -22.47
CA ALA A 515 -45.16 24.82 -21.11
C ALA A 515 -45.60 23.81 -20.06
N LYS A 516 -46.78 23.24 -20.23
CA LYS A 516 -47.25 22.20 -19.30
C LYS A 516 -46.31 20.99 -19.31
N TYR A 517 -45.84 20.58 -20.48
CA TYR A 517 -44.85 19.48 -20.56
C TYR A 517 -43.57 19.84 -19.78
N LEU A 518 -43.04 21.04 -20.02
CA LEU A 518 -41.79 21.45 -19.38
C LEU A 518 -41.95 21.51 -17.85
N ASP A 519 -43.10 21.99 -17.41
CA ASP A 519 -43.36 22.07 -15.99
C ASP A 519 -43.37 20.68 -15.34
N GLU A 520 -43.91 19.66 -16.02
CA GLU A 520 -43.77 18.27 -15.55
C GLU A 520 -42.33 17.90 -15.27
N HIS A 521 -41.40 18.44 -16.05
CA HIS A 521 -39.99 18.10 -15.92
C HIS A 521 -39.22 19.16 -15.14
N GLY A 522 -39.94 19.98 -14.39
CA GLY A 522 -39.33 21.00 -13.52
C GLY A 522 -38.67 22.17 -14.24
N ILE A 523 -39.10 22.44 -15.47
CA ILE A 523 -38.55 23.55 -16.22
C ILE A 523 -39.61 24.64 -16.31
N VAL A 524 -39.30 25.79 -15.73
CA VAL A 524 -40.23 26.92 -15.69
C VAL A 524 -40.14 27.74 -16.99
N VAL A 525 -41.28 28.03 -17.58
CA VAL A 525 -41.31 28.94 -18.73
C VAL A 525 -41.59 30.33 -18.21
N GLU A 526 -40.63 31.23 -18.42
CA GLU A 526 -40.76 32.62 -17.96
C GLU A 526 -42.02 33.30 -18.47
N LYS A 527 -42.23 33.24 -19.78
CA LYS A 527 -43.35 33.92 -20.41
C LYS A 527 -43.78 33.04 -21.57
N THR A 528 -45.08 32.97 -21.77
CA THR A 528 -45.61 32.27 -22.93
C THR A 528 -46.69 33.09 -23.66
N GLY A 529 -46.72 32.94 -24.99
CA GLY A 529 -47.79 33.50 -25.82
C GLY A 529 -48.43 32.33 -26.57
N PRO A 530 -49.42 32.62 -27.44
CA PRO A 530 -50.08 31.55 -28.21
C PRO A 530 -49.09 30.53 -28.84
N TYR A 531 -48.03 31.02 -29.48
CA TYR A 531 -47.05 30.14 -30.15
C TYR A 531 -45.60 30.46 -29.81
N ASN A 532 -45.37 31.06 -28.65
CA ASN A 532 -44.00 31.43 -28.26
C ASN A 532 -43.71 31.11 -26.79
N LEU A 533 -42.42 30.87 -26.49
CA LEU A 533 -41.95 30.51 -25.15
C LEU A 533 -40.66 31.27 -24.92
N LEU A 534 -40.53 31.92 -23.78
CA LEU A 534 -39.32 32.69 -23.49
C LEU A 534 -38.45 32.01 -22.44
N PHE A 535 -37.14 31.94 -22.71
CA PHE A 535 -36.15 31.39 -21.76
C PHE A 535 -35.05 32.40 -21.52
N LEU A 536 -34.75 32.64 -20.24
CA LEU A 536 -33.71 33.62 -19.87
C LEU A 536 -32.40 32.88 -19.62
N PHE A 537 -31.38 33.13 -20.45
CA PHE A 537 -30.08 32.48 -20.29
C PHE A 537 -29.19 33.34 -19.42
N SER A 538 -29.57 33.43 -18.16
CA SER A 538 -28.88 34.24 -17.16
C SER A 538 -27.60 33.58 -16.67
N ILE A 539 -26.88 34.28 -15.83
CA ILE A 539 -25.64 33.75 -15.28
C ILE A 539 -25.84 32.65 -14.22
N GLY A 540 -27.02 32.59 -13.58
CA GLY A 540 -27.67 31.24 -13.24
C GLY A 540 -27.73 29.98 -14.00
N ILE A 541 -27.91 30.11 -15.31
CA ILE A 541 -28.17 28.98 -16.17
C ILE A 541 -26.84 28.43 -16.69
N ASP A 542 -26.46 27.24 -16.24
CA ASP A 542 -25.18 26.68 -16.66
C ASP A 542 -25.39 25.68 -17.81
N LYS A 543 -24.30 25.09 -18.32
CA LYS A 543 -24.42 24.17 -19.47
C LYS A 543 -25.33 22.97 -19.22
N THR A 544 -25.43 22.61 -17.95
CA THR A 544 -26.16 21.46 -17.48
C THR A 544 -27.67 21.75 -17.63
N LYS A 545 -28.09 22.95 -17.22
CA LYS A 545 -29.49 23.38 -17.34
C LYS A 545 -29.87 23.59 -18.81
N ALA A 546 -28.93 24.08 -19.60
CA ALA A 546 -29.16 24.26 -21.05
C ALA A 546 -29.37 22.92 -21.78
N LEU A 547 -28.55 21.92 -21.43
CA LEU A 547 -28.69 20.60 -22.03
C LEU A 547 -29.99 19.94 -21.59
N SER A 548 -30.38 20.16 -20.33
CA SER A 548 -31.60 19.59 -19.79
C SER A 548 -32.80 20.16 -20.53
N LEU A 549 -32.77 21.46 -20.79
CA LEU A 549 -33.85 22.08 -21.59
C LEU A 549 -33.86 21.55 -23.05
N LEU A 550 -32.71 21.55 -23.70
CA LEU A 550 -32.67 21.01 -25.06
C LEU A 550 -33.23 19.56 -25.12
N ARG A 551 -32.83 18.73 -24.16
CA ARG A 551 -33.33 17.36 -24.12
C ARG A 551 -34.82 17.26 -23.87
N ALA A 552 -35.32 18.13 -23.00
CA ALA A 552 -36.75 18.17 -22.74
C ALA A 552 -37.54 18.55 -24.00
N LEU A 553 -37.01 19.50 -24.77
CA LEU A 553 -37.66 19.89 -26.02
C LEU A 553 -37.63 18.76 -27.06
N THR A 554 -36.49 18.06 -27.20
CA THR A 554 -36.48 16.88 -28.12
C THR A 554 -37.43 15.81 -27.61
N ASP A 555 -37.49 15.61 -26.29
CA ASP A 555 -38.44 14.65 -25.71
C ASP A 555 -39.90 15.05 -25.93
N PHE A 556 -40.18 16.35 -25.86
CA PHE A 556 -41.53 16.79 -26.16
C PHE A 556 -41.91 16.36 -27.58
N LYS A 557 -41.04 16.63 -28.55
CA LYS A 557 -41.31 16.25 -29.94
C LYS A 557 -41.49 14.72 -30.06
N ARG A 558 -40.58 13.98 -29.45
CA ARG A 558 -40.62 12.52 -29.48
C ARG A 558 -41.96 12.01 -28.95
N ALA A 559 -42.38 12.50 -27.78
CA ALA A 559 -43.60 12.01 -27.15
C ALA A 559 -44.84 12.53 -27.89
N PHE A 560 -44.75 13.74 -28.45
CA PHE A 560 -45.88 14.30 -29.21
C PHE A 560 -46.14 13.44 -30.44
N ASP A 561 -45.07 13.11 -31.16
CA ASP A 561 -45.16 12.33 -32.37
C ASP A 561 -45.65 10.90 -32.12
N LEU A 562 -45.37 10.37 -30.93
CA LEU A 562 -45.93 9.08 -30.53
C LEU A 562 -47.39 9.17 -30.17
N ASN A 563 -47.91 10.38 -30.04
CA ASN A 563 -49.31 10.61 -29.64
C ASN A 563 -49.70 9.94 -28.33
N LEU A 564 -48.87 10.09 -27.30
CA LEU A 564 -49.18 9.54 -25.98
C LEU A 564 -50.46 10.07 -25.40
N ARG A 565 -51.06 9.31 -24.49
CA ARG A 565 -52.22 9.77 -23.75
C ARG A 565 -51.83 10.99 -22.91
N VAL A 566 -52.73 11.96 -22.82
CA VAL A 566 -52.52 13.10 -21.92
C VAL A 566 -52.21 12.57 -20.52
N LYS A 567 -52.95 11.54 -20.12
CA LYS A 567 -52.81 10.87 -18.82
C LYS A 567 -51.35 10.50 -18.53
N ASN A 568 -50.64 10.11 -19.58
CA ASN A 568 -49.27 9.62 -19.41
C ASN A 568 -48.24 10.73 -19.65
N MET A 569 -48.53 11.62 -20.58
CA MET A 569 -47.58 12.65 -20.98
C MET A 569 -47.66 13.91 -20.10
N LEU A 570 -48.89 14.25 -19.67
CA LEU A 570 -49.13 15.41 -18.80
C LEU A 570 -49.91 15.01 -17.56
N PRO A 571 -49.32 14.17 -16.68
CA PRO A 571 -50.10 13.65 -15.56
C PRO A 571 -50.66 14.72 -14.65
N SER A 572 -49.92 15.82 -14.45
CA SER A 572 -50.44 16.93 -13.63
C SER A 572 -51.67 17.58 -14.29
N LEU A 573 -51.66 17.72 -15.62
CA LEU A 573 -52.86 18.22 -16.33
C LEU A 573 -54.02 17.25 -16.17
N TYR A 574 -53.72 15.95 -16.34
CA TYR A 574 -54.72 14.89 -16.21
C TYR A 574 -55.42 14.96 -14.85
N ARG A 575 -54.64 15.13 -13.79
CA ARG A 575 -55.21 15.14 -12.44
C ARG A 575 -55.95 16.41 -12.04
N GLU A 576 -55.63 17.59 -12.65
CA GLU A 576 -56.90 18.51 -12.94
C GLU A 576 -58.30 18.06 -13.18
N ASP A 577 -58.49 17.17 -14.13
CA ASP A 577 -59.80 16.67 -14.45
C ASP A 577 -59.64 15.29 -15.09
N PRO A 578 -59.48 14.25 -14.26
CA PRO A 578 -59.22 12.91 -14.79
C PRO A 578 -60.32 12.48 -15.75
N GLU A 579 -61.58 12.72 -15.39
CA GLU A 579 -62.67 12.26 -16.23
C GLU A 579 -62.67 12.96 -17.59
N PHE A 580 -62.38 14.25 -17.63
CA PHE A 580 -62.25 15.00 -18.90
C PHE A 580 -61.08 14.47 -19.76
N TYR A 581 -59.95 14.17 -19.13
CA TYR A 581 -58.73 13.80 -19.86
C TYR A 581 -58.45 12.30 -20.01
N GLU A 582 -59.35 11.47 -19.47
CA GLU A 582 -59.14 10.00 -19.42
C GLU A 582 -58.67 9.35 -20.72
N ASN A 583 -59.32 9.67 -21.83
CA ASN A 583 -58.97 9.02 -23.08
C ASN A 583 -58.27 9.91 -24.11
N MET A 584 -58.11 11.18 -23.80
CA MET A 584 -57.55 12.11 -24.78
C MET A 584 -56.06 11.88 -24.96
N ARG A 585 -55.61 12.03 -26.20
CA ARG A 585 -54.22 11.97 -26.54
C ARG A 585 -53.69 13.35 -26.84
N ILE A 586 -52.37 13.47 -26.74
CA ILE A 586 -51.70 14.78 -26.89
C ILE A 586 -51.96 15.51 -28.23
N GLN A 587 -51.94 14.81 -29.37
CA GLN A 587 -52.16 15.47 -30.67
C GLN A 587 -53.57 16.01 -30.77
N GLU A 588 -54.51 15.32 -30.13
CA GLU A 588 -55.91 15.74 -30.16
C GLU A 588 -56.07 17.03 -29.33
N LEU A 589 -55.42 17.07 -28.18
CA LEU A 589 -55.41 18.28 -27.33
C LEU A 589 -54.85 19.48 -28.11
N ALA A 590 -53.64 19.30 -28.65
CA ALA A 590 -52.99 20.34 -29.45
C ALA A 590 -53.88 20.78 -30.62
N GLN A 591 -54.47 19.81 -31.32
CA GLN A 591 -55.36 20.13 -32.46
C GLN A 591 -56.56 20.94 -32.00
N ASN A 592 -57.20 20.47 -30.94
CA ASN A 592 -58.41 21.11 -30.52
C ASN A 592 -58.16 22.54 -30.04
N ILE A 593 -57.04 22.76 -29.34
CA ILE A 593 -56.75 24.09 -28.85
C ILE A 593 -56.36 25.01 -29.99
N HIS A 594 -55.55 24.49 -30.91
CA HIS A 594 -55.16 25.24 -32.09
C HIS A 594 -56.37 25.67 -32.93
N LYS A 595 -57.30 24.75 -33.15
CA LYS A 595 -58.54 25.04 -33.86
C LYS A 595 -59.35 26.14 -33.18
N LEU A 596 -59.37 26.13 -31.86
CA LEU A 596 -60.04 27.18 -31.09
C LEU A 596 -59.43 28.56 -31.32
N ILE A 597 -58.10 28.64 -31.19
CA ILE A 597 -57.35 29.85 -31.49
C ILE A 597 -57.66 30.34 -32.93
N VAL A 598 -57.67 29.40 -33.88
CA VAL A 598 -57.98 29.72 -35.29
C VAL A 598 -59.43 30.21 -35.47
N HIS A 599 -60.38 29.44 -34.91
CA HIS A 599 -61.80 29.76 -35.02
C HIS A 599 -62.12 31.13 -34.43
N HIS A 600 -61.54 31.40 -33.26
CA HIS A 600 -61.79 32.67 -32.57
C HIS A 600 -60.98 33.84 -33.11
N ASN A 601 -60.08 33.57 -34.04
CA ASN A 601 -59.33 34.63 -34.70
C ASN A 601 -58.42 35.36 -33.69
N LEU A 602 -57.89 34.61 -32.73
CA LEU A 602 -57.20 35.22 -31.57
C LEU A 602 -56.06 36.15 -31.98
N PRO A 603 -55.14 35.70 -32.85
CA PRO A 603 -54.07 36.63 -33.20
C PRO A 603 -54.49 37.97 -33.81
N ASP A 604 -55.49 37.95 -34.69
CA ASP A 604 -55.96 39.20 -35.28
C ASP A 604 -56.64 40.10 -34.24
N LEU A 605 -57.49 39.49 -33.40
CA LEU A 605 -58.18 40.25 -32.36
C LEU A 605 -57.21 40.83 -31.33
N MET A 606 -56.15 40.07 -31.03
CA MET A 606 -55.17 40.51 -30.03
C MET A 606 -54.38 41.68 -30.60
N TYR A 607 -54.00 41.59 -31.88
CA TYR A 607 -53.29 42.67 -32.50
C TYR A 607 -54.09 43.97 -32.46
N ARG A 608 -55.37 43.88 -32.84
CA ARG A 608 -56.26 45.05 -33.00
C ARG A 608 -56.67 45.66 -31.65
N ALA A 609 -56.86 44.81 -30.65
CA ALA A 609 -57.13 45.24 -29.27
C ALA A 609 -56.13 46.27 -28.74
N PHE A 610 -54.87 46.10 -29.12
CA PHE A 610 -53.74 46.85 -28.54
C PHE A 610 -53.31 47.96 -29.43
N GLU A 611 -53.95 48.09 -30.58
CA GLU A 611 -53.55 49.10 -31.53
C GLU A 611 -54.33 50.39 -31.30
N VAL A 612 -55.55 50.28 -30.81
CA VAL A 612 -56.30 51.43 -30.32
C VAL A 612 -56.11 51.63 -28.82
N LEU A 613 -56.39 52.82 -28.33
CA LEU A 613 -56.28 53.09 -26.90
C LEU A 613 -57.63 53.44 -26.34
N PRO A 614 -58.00 52.86 -25.19
CA PRO A 614 -59.19 53.35 -24.51
C PRO A 614 -59.05 54.86 -24.24
N THR A 615 -60.18 55.54 -24.05
CA THR A 615 -60.17 56.98 -23.85
C THR A 615 -59.90 57.27 -22.38
N MET A 616 -58.93 58.14 -22.12
CA MET A 616 -58.66 58.53 -20.75
C MET A 616 -59.70 59.55 -20.29
N VAL A 617 -60.68 59.09 -19.54
CA VAL A 617 -61.71 59.98 -18.99
C VAL A 617 -61.19 60.77 -17.79
N MET A 618 -60.46 60.09 -16.92
CA MET A 618 -59.78 60.77 -15.81
C MET A 618 -58.43 60.07 -15.62
N THR A 619 -57.53 60.68 -14.87
CA THR A 619 -56.23 60.08 -14.65
C THR A 619 -56.35 58.86 -13.71
N PRO A 620 -55.35 57.97 -13.72
CA PRO A 620 -55.39 56.87 -12.73
C PRO A 620 -55.49 57.36 -11.31
N TYR A 621 -54.81 58.47 -11.00
CA TYR A 621 -54.90 59.05 -9.65
C TYR A 621 -56.36 59.43 -9.31
N ALA A 622 -57.02 60.13 -10.24
CA ALA A 622 -58.41 60.54 -10.01
C ALA A 622 -59.34 59.32 -9.88
N ALA A 623 -59.07 58.26 -10.65
CA ALA A 623 -59.88 57.05 -10.60
C ALA A 623 -59.71 56.37 -9.25
N PHE A 624 -58.47 56.30 -8.76
CA PHE A 624 -58.23 55.65 -7.47
C PHE A 624 -58.87 56.45 -6.34
N GLN A 625 -58.84 57.78 -6.47
CA GLN A 625 -59.53 58.62 -5.46
C GLN A 625 -61.01 58.28 -5.38
N LYS A 626 -61.63 58.05 -6.53
CA LYS A 626 -63.03 57.62 -6.55
C LYS A 626 -63.22 56.27 -5.87
N GLU A 627 -62.33 55.32 -6.17
CA GLU A 627 -62.39 54.01 -5.50
C GLU A 627 -62.21 54.15 -3.99
N LEU A 628 -61.30 55.01 -3.56
CA LEU A 628 -61.10 55.25 -2.12
C LEU A 628 -62.33 55.81 -1.43
N HIS A 629 -63.23 56.42 -2.21
CA HIS A 629 -64.51 56.94 -1.69
C HIS A 629 -65.65 55.96 -1.80
N GLY A 630 -65.34 54.73 -2.17
CA GLY A 630 -66.31 53.67 -2.28
C GLY A 630 -67.15 53.76 -3.51
N MET A 631 -66.67 54.42 -4.55
CA MET A 631 -67.54 54.69 -5.68
C MET A 631 -67.36 53.79 -6.87
N THR A 632 -67.20 52.51 -6.58
CA THR A 632 -67.07 51.51 -7.64
C THR A 632 -68.24 50.54 -7.54
N GLU A 633 -68.51 49.87 -8.65
CA GLU A 633 -69.45 48.77 -8.69
C GLU A 633 -68.95 47.77 -9.76
N GLU A 634 -69.51 46.57 -9.74
CA GLU A 634 -69.22 45.55 -10.74
C GLU A 634 -70.31 45.49 -11.78
N VAL A 635 -69.89 45.43 -13.05
CA VAL A 635 -70.80 45.17 -14.18
C VAL A 635 -70.27 43.97 -14.94
N TYR A 636 -71.11 43.32 -15.72
CA TYR A 636 -70.64 42.29 -16.64
C TYR A 636 -69.72 42.89 -17.69
N LEU A 637 -68.66 42.17 -18.03
CA LEU A 637 -67.73 42.54 -19.08
C LEU A 637 -68.44 43.09 -20.34
N ASP A 638 -69.53 42.43 -20.71
CA ASP A 638 -70.31 42.79 -21.90
C ASP A 638 -70.93 44.19 -21.86
N GLU A 639 -71.09 44.76 -20.66
CA GLU A 639 -71.72 46.06 -20.51
C GLU A 639 -70.71 47.18 -20.20
N MET A 640 -69.43 46.95 -20.46
CA MET A 640 -68.42 47.92 -20.04
C MET A 640 -68.17 49.08 -20.99
N VAL A 641 -68.68 49.02 -22.21
CA VAL A 641 -68.51 50.15 -23.13
C VAL A 641 -69.19 51.37 -22.50
N GLY A 642 -68.49 52.51 -22.53
CA GLY A 642 -69.00 53.74 -21.94
C GLY A 642 -68.92 53.82 -20.41
N ARG A 643 -68.23 52.84 -19.79
CA ARG A 643 -68.03 52.88 -18.34
C ARG A 643 -66.55 53.18 -18.04
N ILE A 644 -66.28 53.85 -16.92
CA ILE A 644 -64.93 54.19 -16.50
C ILE A 644 -64.36 53.06 -15.66
N ASN A 645 -63.29 52.46 -16.15
CA ASN A 645 -62.64 51.35 -15.45
C ASN A 645 -61.98 51.77 -14.17
N ALA A 646 -62.22 50.99 -13.12
CA ALA A 646 -61.58 51.22 -11.83
C ALA A 646 -60.21 50.55 -11.74
N ASN A 647 -60.07 49.37 -12.35
CA ASN A 647 -58.85 48.54 -12.25
C ASN A 647 -58.07 48.50 -13.55
N MET A 648 -56.77 48.22 -13.44
CA MET A 648 -56.01 47.88 -14.65
C MET A 648 -56.52 46.53 -15.17
N ILE A 649 -56.72 46.45 -16.48
CA ILE A 649 -57.03 45.18 -17.08
C ILE A 649 -55.79 44.70 -17.83
N LEU A 650 -55.31 43.53 -17.42
CA LEU A 650 -54.06 42.97 -17.92
C LEU A 650 -54.34 41.55 -18.40
N PRO A 651 -54.57 41.36 -19.70
CA PRO A 651 -54.90 40.01 -20.14
C PRO A 651 -53.63 39.19 -20.47
N TYR A 652 -53.69 37.87 -20.27
CA TYR A 652 -52.65 36.92 -20.75
C TYR A 652 -53.32 35.96 -21.70
N PRO A 653 -52.93 35.97 -23.00
CA PRO A 653 -51.92 36.84 -23.60
C PRO A 653 -52.50 38.23 -23.87
N PRO A 654 -51.65 39.21 -24.21
CA PRO A 654 -50.20 39.10 -24.32
C PRO A 654 -49.42 39.60 -23.08
N GLY A 655 -50.10 39.77 -21.95
CA GLY A 655 -49.40 40.08 -20.71
C GLY A 655 -48.93 41.51 -20.55
N VAL A 656 -49.59 42.45 -21.23
CA VAL A 656 -49.27 43.87 -21.05
C VAL A 656 -50.55 44.66 -20.83
N PRO A 657 -50.46 45.84 -20.19
CA PRO A 657 -51.70 46.55 -19.84
C PRO A 657 -52.61 46.85 -21.06
N LEU A 658 -53.90 46.58 -20.88
CA LEU A 658 -54.88 46.78 -21.94
C LEU A 658 -55.74 48.04 -21.63
N VAL A 659 -56.21 48.14 -20.39
CA VAL A 659 -57.00 49.28 -19.93
C VAL A 659 -56.44 49.78 -18.59
N MET A 660 -56.28 51.10 -18.45
CA MET A 660 -55.83 51.67 -17.16
C MET A 660 -57.00 52.13 -16.30
N PRO A 661 -56.81 52.22 -14.96
CA PRO A 661 -57.84 52.91 -14.18
C PRO A 661 -58.08 54.30 -14.76
N GLY A 662 -59.35 54.67 -14.88
CA GLY A 662 -59.74 55.99 -15.41
C GLY A 662 -60.04 56.00 -16.88
N GLU A 663 -59.77 54.88 -17.58
CA GLU A 663 -60.03 54.77 -19.01
C GLU A 663 -61.40 54.12 -19.33
N MET A 664 -61.90 54.43 -20.51
CA MET A 664 -63.22 53.96 -20.88
C MET A 664 -63.14 53.37 -22.31
N ILE A 665 -63.71 52.18 -22.50
CA ILE A 665 -63.82 51.63 -23.85
C ILE A 665 -65.00 52.35 -24.53
N THR A 666 -64.74 52.86 -25.73
CA THR A 666 -65.77 53.54 -26.55
C THR A 666 -66.01 52.72 -27.84
N GLU A 667 -66.79 53.27 -28.78
CA GLU A 667 -66.96 52.61 -30.09
C GLU A 667 -65.64 52.54 -30.84
N GLU A 668 -64.88 53.63 -30.78
CA GLU A 668 -63.53 53.74 -31.34
C GLU A 668 -62.58 52.63 -30.83
N SER A 669 -62.79 52.17 -29.58
CA SER A 669 -61.91 51.17 -28.97
C SER A 669 -62.61 49.85 -28.65
N ARG A 670 -63.76 49.60 -29.29
CA ARG A 670 -64.49 48.33 -29.14
C ARG A 670 -63.63 47.05 -29.31
N PRO A 671 -62.61 47.05 -30.19
CA PRO A 671 -61.72 45.89 -30.30
C PRO A 671 -61.09 45.41 -28.97
N VAL A 672 -60.85 46.32 -28.04
CA VAL A 672 -60.47 45.96 -26.69
C VAL A 672 -61.49 45.01 -26.09
N LEU A 673 -62.77 45.37 -26.16
CA LEU A 673 -63.81 44.52 -25.58
C LEU A 673 -63.94 43.17 -26.32
N GLU A 674 -63.86 43.23 -27.64
CA GLU A 674 -64.00 42.04 -28.47
C GLU A 674 -62.94 40.99 -28.13
N PHE A 675 -61.71 41.46 -27.96
CA PHE A 675 -60.58 40.61 -27.57
C PHE A 675 -60.81 39.98 -26.20
N LEU A 676 -61.14 40.80 -25.20
CA LEU A 676 -61.48 40.31 -23.88
C LEU A 676 -62.63 39.32 -23.87
N GLN A 677 -63.70 39.60 -24.62
CA GLN A 677 -64.85 38.64 -24.71
C GLN A 677 -64.40 37.30 -25.28
N MET A 678 -63.60 37.37 -26.34
CA MET A 678 -63.04 36.19 -26.95
C MET A 678 -62.19 35.36 -25.96
N LEU A 679 -61.31 36.01 -25.20
CA LEU A 679 -60.49 35.28 -24.20
C LEU A 679 -61.32 34.53 -23.19
N CYS A 680 -62.44 35.12 -22.82
CA CYS A 680 -63.39 34.49 -21.90
C CYS A 680 -64.03 33.23 -22.51
N GLU A 681 -64.44 33.35 -23.77
CA GLU A 681 -65.06 32.24 -24.51
C GLU A 681 -64.07 31.10 -24.74
N ILE A 682 -62.95 31.41 -25.40
CA ILE A 682 -61.89 30.42 -25.66
C ILE A 682 -61.44 29.66 -24.39
N GLY A 683 -61.44 30.34 -23.24
CA GLY A 683 -60.93 29.78 -21.99
C GLY A 683 -61.88 28.85 -21.25
N ALA A 684 -63.12 28.77 -21.74
CA ALA A 684 -64.15 27.95 -21.09
C ALA A 684 -64.08 26.45 -21.42
N HIS A 685 -63.25 26.09 -22.40
CA HIS A 685 -63.27 24.74 -23.00
C HIS A 685 -62.43 23.66 -22.35
N TYR A 686 -61.16 23.95 -22.03
CA TYR A 686 -60.25 22.91 -21.53
C TYR A 686 -59.74 23.16 -20.12
N PRO A 687 -60.05 22.26 -19.18
CA PRO A 687 -59.50 22.36 -17.82
C PRO A 687 -57.98 22.53 -17.89
N GLY A 688 -57.46 23.52 -17.18
CA GLY A 688 -56.03 23.82 -17.16
C GLY A 688 -55.62 24.87 -18.19
N PHE A 689 -56.56 25.30 -19.02
CA PHE A 689 -56.28 26.32 -20.03
C PHE A 689 -57.32 27.43 -19.89
N GLU A 690 -57.53 27.84 -18.64
CA GLU A 690 -58.54 28.83 -18.27
C GLU A 690 -58.16 30.24 -18.68
N THR A 691 -59.18 31.06 -18.90
CA THR A 691 -59.03 32.51 -19.09
C THR A 691 -58.16 33.10 -17.97
N ASP A 692 -57.27 34.00 -18.33
CA ASP A 692 -56.41 34.66 -17.34
C ASP A 692 -56.35 36.17 -17.64
N ILE A 693 -57.33 36.89 -17.11
CA ILE A 693 -57.39 38.35 -17.28
C ILE A 693 -57.38 38.98 -15.89
N HIS A 694 -56.30 39.65 -15.54
CA HIS A 694 -56.27 40.43 -14.29
C HIS A 694 -57.22 41.61 -14.45
N GLY A 695 -58.11 41.80 -13.48
CA GLY A 695 -59.15 42.83 -13.58
C GLY A 695 -60.51 42.30 -14.05
N ALA A 696 -60.58 41.01 -14.39
CA ALA A 696 -61.87 40.39 -14.72
C ALA A 696 -62.14 39.23 -13.76
N TYR A 697 -63.38 39.08 -13.32
CA TYR A 697 -63.75 38.11 -12.29
C TYR A 697 -64.76 37.11 -12.85
N ARG A 698 -64.38 35.84 -12.85
CA ARG A 698 -65.25 34.77 -13.31
C ARG A 698 -66.33 34.50 -12.29
N GLN A 699 -67.58 34.65 -12.71
CA GLN A 699 -68.72 34.37 -11.84
C GLN A 699 -69.07 32.88 -11.88
N ALA A 700 -69.87 32.43 -10.91
CA ALA A 700 -70.21 31.01 -10.77
C ALA A 700 -70.90 30.44 -12.02
N ASP A 701 -71.66 31.30 -12.71
CA ASP A 701 -72.27 30.93 -13.98
C ASP A 701 -71.32 31.04 -15.20
N GLY A 702 -70.06 31.40 -14.95
CA GLY A 702 -69.05 31.45 -16.01
C GLY A 702 -69.00 32.76 -16.78
N ARG A 703 -69.86 33.70 -16.42
CA ARG A 703 -69.81 35.05 -16.97
C ARG A 703 -68.75 35.86 -16.18
N TYR A 704 -68.19 36.88 -16.83
CA TYR A 704 -67.15 37.69 -16.18
C TYR A 704 -67.62 39.10 -15.85
N THR A 705 -67.15 39.62 -14.72
CA THR A 705 -67.43 41.01 -14.36
C THR A 705 -66.14 41.81 -14.22
N VAL A 706 -66.30 43.13 -14.34
CA VAL A 706 -65.19 44.09 -14.18
C VAL A 706 -65.67 45.20 -13.24
N LYS A 707 -64.74 45.88 -12.61
CA LYS A 707 -65.02 46.94 -11.68
C LYS A 707 -64.98 48.29 -12.41
N VAL A 708 -66.07 49.05 -12.29
CA VAL A 708 -66.17 50.35 -12.93
C VAL A 708 -66.63 51.40 -11.90
N LEU A 709 -66.44 52.66 -12.23
CA LEU A 709 -66.91 53.73 -11.36
C LEU A 709 -68.41 53.89 -11.54
N LYS A 710 -69.10 54.09 -10.42
CA LYS A 710 -70.53 54.42 -10.39
C LYS A 710 -70.85 55.66 -11.23
N GLU A 711 -72.01 55.64 -11.88
CA GLU A 711 -72.50 56.81 -12.59
C GLU A 711 -73.29 57.71 -11.63
N MET B 1 22.89 -15.86 16.22
CA MET B 1 22.77 -16.86 15.15
C MET B 1 21.26 -16.96 14.85
N ASN B 2 20.74 -16.06 14.02
CA ASN B 2 19.31 -16.11 13.69
C ASN B 2 18.89 -15.57 12.30
N VAL B 3 19.85 -15.39 11.42
CA VAL B 3 19.55 -14.89 10.11
C VAL B 3 19.42 -16.06 9.10
N ILE B 4 18.28 -16.16 8.45
CA ILE B 4 18.05 -17.17 7.41
C ILE B 4 17.85 -16.44 6.08
N ALA B 5 18.61 -16.85 5.08
CA ALA B 5 18.47 -16.31 3.76
C ALA B 5 17.49 -17.15 2.92
N ILE B 6 16.57 -16.47 2.24
CA ILE B 6 15.77 -17.13 1.21
C ILE B 6 16.19 -16.58 -0.14
N LEU B 7 16.63 -17.45 -1.04
CA LEU B 7 16.94 -17.02 -2.38
C LEU B 7 15.80 -17.40 -3.38
N ASN B 8 14.86 -16.44 -3.70
CA ASN B 8 13.88 -16.34 -4.95
C ASN B 8 12.38 -15.93 -5.61
N HIS B 9 12.33 -15.18 -6.74
CA HIS B 9 11.15 -15.23 -7.71
C HIS B 9 11.14 -16.49 -8.61
N MET B 10 10.12 -17.34 -8.45
CA MET B 10 10.05 -18.62 -9.16
C MET B 10 9.01 -18.63 -10.25
N GLY B 11 8.07 -17.67 -10.23
CA GLY B 11 7.06 -17.59 -11.28
C GLY B 11 5.89 -18.55 -11.13
N VAL B 12 5.84 -19.28 -10.01
CA VAL B 12 4.74 -20.22 -9.75
C VAL B 12 4.26 -20.11 -8.32
N TYR B 13 2.97 -19.95 -8.17
CA TYR B 13 2.35 -19.85 -6.87
C TYR B 13 2.58 -21.11 -6.04
N PHE B 14 2.59 -22.29 -6.67
CA PHE B 14 2.72 -23.55 -5.89
C PHE B 14 4.06 -23.61 -5.14
N LYS B 15 5.03 -22.84 -5.60
CA LYS B 15 6.33 -22.73 -4.88
C LYS B 15 6.39 -21.48 -4.02
N GLU B 16 5.89 -20.38 -4.56
CA GLU B 16 6.03 -19.07 -3.90
C GLU B 16 5.19 -18.95 -2.64
N GLU B 17 3.99 -19.52 -2.66
CA GLU B 17 3.12 -19.40 -1.49
C GLU B 17 3.63 -20.22 -0.28
N PRO B 18 4.05 -21.49 -0.50
CA PRO B 18 4.64 -22.13 0.67
C PRO B 18 5.87 -21.39 1.24
N ILE B 19 6.65 -20.75 0.39
CA ILE B 19 7.82 -20.01 0.90
C ILE B 19 7.37 -18.76 1.71
N ARG B 20 6.33 -18.08 1.23
CA ARG B 20 5.69 -17.03 2.05
C ARG B 20 5.26 -17.57 3.41
N GLU B 21 4.60 -18.74 3.43
CA GLU B 21 4.15 -19.30 4.69
C GLU B 21 5.33 -19.62 5.59
N LEU B 22 6.42 -20.07 4.99
CA LEU B 22 7.64 -20.41 5.76
C LEU B 22 8.32 -19.17 6.34
N HIS B 23 8.42 -18.10 5.57
CA HIS B 23 8.85 -16.77 6.10
C HIS B 23 8.14 -16.47 7.41
N ARG B 24 6.81 -16.51 7.37
CA ARG B 24 6.00 -16.21 8.57
C ARG B 24 6.22 -17.17 9.73
N ALA B 25 6.30 -18.47 9.43
CA ALA B 25 6.58 -19.47 10.45
C ALA B 25 7.95 -19.23 11.09
N LEU B 26 8.95 -18.90 10.27
CA LEU B 26 10.28 -18.65 10.81
C LEU B 26 10.37 -17.36 11.63
N GLU B 27 9.71 -16.31 11.16
CA GLU B 27 9.60 -15.08 11.98
C GLU B 27 8.96 -15.35 13.36
N ARG B 28 7.96 -16.23 13.41
CA ARG B 28 7.37 -16.61 14.70
C ARG B 28 8.36 -17.27 15.64
N LEU B 29 9.37 -17.95 15.08
CA LEU B 29 10.44 -18.54 15.88
C LEU B 29 11.62 -17.60 16.11
N ASN B 30 11.43 -16.33 15.78
CA ASN B 30 12.40 -15.27 16.01
C ASN B 30 13.64 -15.27 15.13
N PHE B 31 13.52 -15.81 13.92
CA PHE B 31 14.55 -15.64 12.90
C PHE B 31 14.32 -14.34 12.13
N GLN B 32 15.41 -13.71 11.69
CA GLN B 32 15.37 -12.58 10.71
C GLN B 32 15.49 -13.30 9.38
N ILE B 33 14.53 -13.09 8.47
CA ILE B 33 14.73 -13.33 7.04
C ILE B 33 15.30 -12.31 6.09
N VAL B 34 16.24 -12.73 5.27
CA VAL B 34 16.85 -11.88 4.26
C VAL B 34 16.66 -12.48 2.87
N TYR B 35 16.64 -11.62 1.86
CA TYR B 35 16.29 -12.00 0.48
C TYR B 35 17.35 -11.54 -0.52
N PRO B 36 18.47 -12.30 -0.65
CA PRO B 36 19.45 -11.92 -1.69
C PRO B 36 18.81 -11.89 -3.07
N ASN B 37 19.31 -11.01 -3.93
CA ASN B 37 18.79 -10.89 -5.29
C ASN B 37 19.21 -12.04 -6.20
N ASP B 38 20.39 -12.57 -5.94
CA ASP B 38 20.95 -13.58 -6.79
C ASP B 38 22.05 -14.27 -6.03
N ARG B 39 22.69 -15.19 -6.73
CA ARG B 39 23.73 -16.03 -6.16
C ARG B 39 24.86 -15.19 -5.56
N ASP B 40 25.37 -14.23 -6.33
CA ASP B 40 26.50 -13.43 -5.83
C ASP B 40 26.13 -12.62 -4.59
N ASP B 41 24.92 -12.07 -4.59
CA ASP B 41 24.38 -11.32 -3.42
C ASP B 41 24.34 -12.23 -2.19
N LEU B 42 23.86 -13.46 -2.37
CA LEU B 42 23.83 -14.41 -1.23
C LEU B 42 25.25 -14.67 -0.70
N LEU B 43 26.20 -14.89 -1.59
CA LEU B 43 27.57 -15.20 -1.15
C LEU B 43 28.18 -14.04 -0.36
N LYS B 44 27.85 -12.81 -0.78
CA LYS B 44 28.27 -11.61 -0.04
C LYS B 44 27.62 -11.52 1.31
N LEU B 45 26.32 -11.83 1.39
CA LEU B 45 25.66 -11.89 2.71
C LEU B 45 26.36 -12.85 3.65
N ILE B 46 26.66 -14.06 3.15
CA ILE B 46 27.33 -15.09 3.97
C ILE B 46 28.70 -14.56 4.39
N GLU B 47 29.46 -14.07 3.41
CA GLU B 47 30.78 -13.53 3.65
C GLU B 47 30.78 -12.42 4.73
N ASN B 48 29.78 -11.55 4.71
CA ASN B 48 29.73 -10.40 5.61
C ASN B 48 28.99 -10.61 6.92
N ASN B 49 28.24 -11.70 7.03
CA ASN B 49 27.40 -11.92 8.20
C ASN B 49 27.54 -13.33 8.76
N ALA B 50 28.40 -13.47 9.76
CA ALA B 50 28.65 -14.73 10.47
C ALA B 50 27.42 -15.28 11.16
N ARG B 51 26.41 -14.42 11.37
CA ARG B 51 25.17 -14.88 12.03
C ARG B 51 24.12 -15.41 11.07
N LEU B 52 24.41 -15.36 9.77
CA LEU B 52 23.56 -16.00 8.80
C LEU B 52 23.80 -17.53 8.95
N CYS B 53 22.75 -18.23 9.38
CA CYS B 53 22.89 -19.61 9.83
C CYS B 53 22.05 -20.64 9.01
N GLY B 54 21.50 -20.24 7.87
CA GLY B 54 20.79 -21.17 6.98
C GLY B 54 20.40 -20.50 5.68
N VAL B 55 20.28 -21.31 4.60
CA VAL B 55 19.93 -20.82 3.28
C VAL B 55 18.83 -21.70 2.73
N ILE B 56 17.72 -21.07 2.35
CA ILE B 56 16.60 -21.74 1.71
C ILE B 56 16.65 -21.44 0.22
N PHE B 57 16.53 -22.48 -0.62
CA PHE B 57 16.55 -22.26 -2.07
C PHE B 57 15.93 -23.43 -2.84
N ASP B 58 15.51 -23.14 -4.07
CA ASP B 58 15.08 -24.16 -5.01
C ASP B 58 16.29 -24.97 -5.47
N TRP B 59 16.26 -26.26 -5.18
CA TRP B 59 17.39 -27.15 -5.49
C TRP B 59 17.83 -27.10 -6.97
N ASP B 60 16.90 -27.33 -7.91
CA ASP B 60 17.25 -27.41 -9.31
C ASP B 60 17.82 -26.08 -9.84
N LYS B 61 17.21 -24.98 -9.41
CA LYS B 61 17.59 -23.65 -9.89
C LYS B 61 19.02 -23.24 -9.51
N TYR B 62 19.45 -23.66 -8.31
CA TYR B 62 20.65 -23.11 -7.70
C TYR B 62 21.72 -24.10 -7.25
N ASN B 63 21.40 -25.38 -7.09
CA ASN B 63 22.45 -26.24 -6.46
C ASN B 63 23.83 -26.20 -7.17
N LEU B 64 23.85 -26.24 -8.50
CA LEU B 64 25.12 -26.21 -9.23
C LEU B 64 25.82 -24.85 -9.15
N GLU B 65 25.06 -23.81 -8.82
CA GLU B 65 25.61 -22.46 -8.65
C GLU B 65 26.04 -22.14 -7.20
N LEU B 66 25.52 -22.87 -6.22
CA LEU B 66 25.75 -22.53 -4.80
C LEU B 66 26.58 -23.50 -3.98
N CYS B 67 26.38 -24.80 -4.18
CA CYS B 67 26.92 -25.77 -3.22
C CYS B 67 28.43 -25.67 -3.08
N GLU B 68 29.13 -25.70 -4.19
CA GLU B 68 30.59 -25.61 -4.12
C GLU B 68 31.07 -24.30 -3.47
N GLU B 69 30.50 -23.18 -3.88
CA GLU B 69 30.93 -21.88 -3.30
C GLU B 69 30.67 -21.80 -1.79
N ILE B 70 29.53 -22.31 -1.34
CA ILE B 70 29.23 -22.33 0.08
C ILE B 70 30.18 -23.25 0.86
N SER B 71 30.42 -24.45 0.35
CA SER B 71 31.36 -25.39 0.98
C SER B 71 32.76 -24.78 1.18
N LYS B 72 33.21 -23.92 0.25
CA LYS B 72 34.48 -23.18 0.42
C LYS B 72 34.44 -22.18 1.59
N MET B 73 33.27 -21.61 1.84
CA MET B 73 33.12 -20.60 2.91
C MET B 73 32.82 -21.16 4.28
N ASN B 74 31.99 -22.21 4.32
CA ASN B 74 31.52 -22.74 5.58
C ASN B 74 30.95 -24.13 5.37
N GLU B 75 31.67 -25.13 5.84
CA GLU B 75 31.30 -26.49 5.48
C GLU B 75 30.27 -27.08 6.40
N ASN B 76 29.90 -26.37 7.45
CA ASN B 76 28.65 -26.72 8.11
C ASN B 76 27.37 -25.95 7.96
N LEU B 77 27.36 -24.97 7.10
CA LEU B 77 26.23 -24.04 7.04
C LEU B 77 24.99 -24.81 6.57
N PRO B 78 23.93 -24.83 7.40
CA PRO B 78 22.70 -25.50 6.96
C PRO B 78 22.07 -25.01 5.63
N LEU B 79 21.86 -25.95 4.74
CA LEU B 79 21.13 -25.73 3.51
C LEU B 79 19.76 -26.41 3.53
N TYR B 80 18.75 -25.67 3.11
CA TYR B 80 17.38 -26.14 3.10
C TYR B 80 16.92 -26.08 1.66
N ALA B 81 17.03 -27.24 1.00
CA ALA B 81 16.85 -27.38 -0.44
C ALA B 81 15.44 -27.87 -0.74
N PHE B 82 14.75 -27.12 -1.59
CA PHE B 82 13.40 -27.46 -1.99
C PHE B 82 13.44 -28.17 -3.33
N ALA B 83 12.97 -29.42 -3.30
CA ALA B 83 13.11 -30.37 -4.41
C ALA B 83 11.89 -30.38 -5.30
N ASN B 84 12.12 -30.62 -6.60
CA ASN B 84 11.10 -30.92 -7.60
C ASN B 84 11.04 -32.45 -7.79
N THR B 85 10.01 -32.90 -8.49
CA THR B 85 9.78 -34.34 -8.75
C THR B 85 11.05 -35.00 -9.30
N TYR B 86 11.68 -34.36 -10.29
CA TYR B 86 12.84 -34.95 -10.95
C TYR B 86 14.21 -34.46 -10.43
N SER B 87 14.23 -33.80 -9.28
CA SER B 87 15.49 -33.35 -8.70
C SER B 87 16.43 -34.53 -8.46
N THR B 88 17.71 -34.32 -8.74
CA THR B 88 18.71 -35.35 -8.47
C THR B 88 20.03 -34.77 -8.02
N LEU B 89 21.01 -35.63 -7.73
CA LEU B 89 22.33 -35.22 -7.24
C LEU B 89 23.40 -35.37 -8.31
N ASP B 90 24.00 -34.26 -8.68
CA ASP B 90 25.04 -34.23 -9.70
C ASP B 90 26.33 -34.80 -9.13
N VAL B 91 27.09 -35.51 -9.96
CA VAL B 91 28.35 -36.13 -9.49
C VAL B 91 29.33 -35.11 -8.93
N SER B 92 29.31 -33.88 -9.44
CA SER B 92 30.17 -32.81 -8.89
C SER B 92 29.98 -32.55 -7.37
N LEU B 93 28.85 -32.98 -6.82
CA LEU B 93 28.60 -32.73 -5.41
C LEU B 93 29.24 -33.75 -4.50
N ASN B 94 29.67 -34.89 -5.10
CA ASN B 94 30.11 -36.07 -4.32
C ASN B 94 31.07 -35.76 -3.21
N ASP B 95 32.08 -34.93 -3.49
CA ASP B 95 33.14 -34.72 -2.53
C ASP B 95 33.02 -33.46 -1.70
N LEU B 96 31.95 -32.70 -1.89
CA LEU B 96 31.74 -31.46 -1.12
C LEU B 96 31.22 -31.77 0.28
N ARG B 97 31.70 -31.01 1.27
CA ARG B 97 31.16 -31.10 2.60
C ARG B 97 29.96 -30.15 2.65
N LEU B 98 28.77 -30.74 2.74
CA LEU B 98 27.54 -29.96 2.76
C LEU B 98 26.62 -30.50 3.83
N GLN B 99 25.86 -29.60 4.41
CA GLN B 99 24.81 -29.93 5.36
C GLN B 99 23.45 -29.62 4.72
N ILE B 100 22.80 -30.61 4.13
CA ILE B 100 21.59 -30.39 3.34
C ILE B 100 20.38 -31.11 3.91
N SER B 101 19.26 -30.39 4.00
CA SER B 101 17.95 -30.97 4.29
C SER B 101 17.10 -30.70 3.07
N PHE B 102 16.37 -31.73 2.63
CA PHE B 102 15.50 -31.59 1.46
C PHE B 102 14.05 -31.44 1.89
N PHE B 103 13.34 -30.53 1.22
CA PHE B 103 11.95 -30.22 1.59
C PHE B 103 11.10 -30.21 0.33
N GLU B 104 9.79 -30.35 0.48
CA GLU B 104 8.84 -30.25 -0.63
C GLU B 104 8.07 -28.94 -0.52
N TYR B 105 7.57 -28.44 -1.65
CA TYR B 105 6.67 -27.28 -1.66
C TYR B 105 5.24 -27.72 -1.37
N ALA B 106 4.74 -27.42 -0.19
CA ALA B 106 3.37 -27.77 0.18
C ALA B 106 2.75 -26.72 1.08
N LEU B 107 1.49 -26.38 0.80
CA LEU B 107 0.73 -25.53 1.70
C LEU B 107 0.53 -26.17 3.06
N GLY B 108 0.68 -25.38 4.11
CA GLY B 108 0.46 -25.88 5.45
C GLY B 108 1.62 -26.62 6.06
N ALA B 109 2.71 -26.84 5.34
CA ALA B 109 3.90 -27.53 5.91
C ALA B 109 4.85 -26.58 6.62
N ALA B 110 4.60 -25.26 6.53
CA ALA B 110 5.57 -24.25 7.06
C ALA B 110 5.92 -24.43 8.54
N GLU B 111 4.92 -24.71 9.36
CA GLU B 111 5.16 -24.81 10.79
C GLU B 111 6.14 -25.95 11.06
N ASP B 112 5.89 -27.08 10.41
CA ASP B 112 6.78 -28.24 10.56
C ASP B 112 8.19 -27.98 9.99
N ILE B 113 8.28 -27.35 8.81
CA ILE B 113 9.58 -27.04 8.24
C ILE B 113 10.33 -26.06 9.13
N ALA B 114 9.64 -25.02 9.65
CA ALA B 114 10.28 -24.05 10.57
C ALA B 114 10.88 -24.74 11.82
N ASN B 115 10.12 -25.68 12.39
CA ASN B 115 10.58 -26.45 13.52
C ASN B 115 11.82 -27.26 13.22
N LYS B 116 11.86 -27.87 12.03
CA LYS B 116 13.06 -28.63 11.61
C LYS B 116 14.26 -27.70 11.42
N ILE B 117 14.01 -26.53 10.84
CA ILE B 117 15.07 -25.53 10.69
C ILE B 117 15.63 -25.08 12.04
N LYS B 118 14.75 -24.78 12.99
CA LYS B 118 15.15 -24.49 14.38
C LYS B 118 16.07 -25.59 14.93
N GLN B 119 15.63 -26.83 14.81
CA GLN B 119 16.41 -28.00 15.26
C GLN B 119 17.76 -28.10 14.57
N THR B 120 17.79 -27.90 13.26
CA THR B 120 19.04 -27.98 12.51
C THR B 120 19.99 -26.81 12.88
N THR B 121 19.41 -25.66 13.18
CA THR B 121 20.19 -24.49 13.64
C THR B 121 20.85 -24.81 14.97
N ASP B 122 20.11 -25.35 15.93
CA ASP B 122 20.69 -25.80 17.20
C ASP B 122 21.80 -26.86 16.98
N GLU B 123 21.57 -27.78 16.05
CA GLU B 123 22.60 -28.77 15.71
C GLU B 123 23.87 -28.12 15.14
N TYR B 124 23.68 -27.12 14.29
CA TYR B 124 24.79 -26.34 13.76
C TYR B 124 25.58 -25.62 14.85
N ILE B 125 24.88 -24.91 15.74
CA ILE B 125 25.47 -24.27 16.91
C ILE B 125 26.26 -25.31 17.74
N ASN B 126 25.66 -26.47 17.95
CA ASN B 126 26.31 -27.50 18.74
C ASN B 126 27.56 -28.12 18.10
N THR B 127 27.60 -28.13 16.77
CA THR B 127 28.75 -28.59 16.02
C THR B 127 29.93 -27.63 16.13
N ILE B 128 29.66 -26.33 16.08
CA ILE B 128 30.74 -25.36 15.95
C ILE B 128 31.29 -24.95 17.31
N LEU B 129 30.50 -25.07 18.38
CA LEU B 129 30.96 -24.72 19.70
C LEU B 129 31.93 -25.80 20.20
N PRO B 130 33.05 -25.38 20.83
CA PRO B 130 33.97 -26.40 21.39
C PRO B 130 33.41 -26.94 22.73
N PRO B 131 33.93 -28.10 23.21
CA PRO B 131 33.28 -28.78 24.34
C PRO B 131 33.15 -28.07 25.69
N LEU B 132 34.19 -27.39 26.18
CA LEU B 132 34.07 -26.75 27.48
C LEU B 132 33.15 -25.54 27.43
N THR B 133 33.32 -24.72 26.38
CA THR B 133 32.49 -23.52 26.17
C THR B 133 31.01 -23.91 26.07
N LYS B 134 30.76 -24.97 25.31
CA LYS B 134 29.39 -25.51 25.17
C LYS B 134 28.82 -25.90 26.54
N ALA B 135 29.61 -26.61 27.36
CA ALA B 135 29.18 -27.05 28.69
C ALA B 135 28.93 -25.88 29.64
N LEU B 136 29.77 -24.86 29.55
CA LEU B 136 29.67 -23.63 30.31
C LEU B 136 28.35 -22.90 29.96
N PHE B 137 28.09 -22.70 28.67
CA PHE B 137 26.84 -22.01 28.25
C PHE B 137 25.61 -22.78 28.70
N LYS B 138 25.66 -24.09 28.58
CA LYS B 138 24.57 -24.96 28.99
C LYS B 138 24.36 -24.87 30.49
N TYR B 139 25.46 -24.87 31.26
CA TYR B 139 25.31 -24.69 32.72
C TYR B 139 24.60 -23.38 33.03
N VAL B 140 25.02 -22.30 32.38
CA VAL B 140 24.44 -20.98 32.67
C VAL B 140 22.91 -20.98 32.36
N ARG B 141 22.52 -21.62 31.27
CA ARG B 141 21.09 -21.81 30.96
C ARG B 141 20.31 -22.71 31.92
N GLU B 142 20.90 -23.80 32.41
CA GLU B 142 20.15 -24.85 33.10
C GLU B 142 20.50 -25.07 34.58
N GLY B 143 21.74 -24.78 34.95
CA GLY B 143 22.27 -25.15 36.28
C GLY B 143 21.58 -24.47 37.44
N LYS B 144 21.73 -25.02 38.64
CA LYS B 144 21.05 -24.48 39.84
C LYS B 144 21.74 -24.72 41.19
N TYR B 145 23.08 -24.68 41.19
CA TYR B 145 23.81 -24.93 42.43
C TYR B 145 23.78 -23.75 43.42
N THR B 146 23.49 -24.04 44.68
CA THR B 146 23.52 -23.03 45.74
C THR B 146 24.51 -23.43 46.85
N PHE B 147 24.97 -22.45 47.64
CA PHE B 147 25.98 -22.67 48.69
C PHE B 147 27.36 -22.95 48.12
N CYS B 148 27.68 -22.08 47.18
CA CYS B 148 28.76 -22.19 46.24
C CYS B 148 29.72 -21.03 46.36
N THR B 149 30.97 -21.22 45.97
CA THR B 149 31.81 -20.08 45.61
C THR B 149 31.89 -20.07 44.05
N PRO B 150 32.17 -18.90 43.44
CA PRO B 150 32.35 -17.52 43.95
C PRO B 150 31.21 -17.06 44.87
N GLY B 151 31.56 -16.33 45.91
CA GLY B 151 30.57 -15.85 46.85
C GLY B 151 29.45 -15.01 46.24
N HIS B 152 29.68 -14.49 45.04
CA HIS B 152 28.63 -13.66 44.45
C HIS B 152 27.44 -14.49 43.94
N MET B 153 27.68 -15.77 43.69
CA MET B 153 26.60 -16.71 43.33
C MET B 153 25.81 -16.29 42.11
N GLY B 154 26.48 -16.34 40.97
CA GLY B 154 25.92 -15.96 39.69
C GLY B 154 25.45 -14.50 39.65
N GLY B 155 26.17 -13.63 40.36
CA GLY B 155 25.83 -12.21 40.40
C GLY B 155 24.84 -11.80 41.48
N THR B 156 24.22 -12.77 42.15
CA THR B 156 23.23 -12.53 43.21
C THR B 156 23.65 -11.51 44.29
N ALA B 157 24.88 -11.64 44.77
CA ALA B 157 25.36 -10.76 45.83
C ALA B 157 25.44 -9.31 45.36
N PHE B 158 25.76 -9.09 44.10
CA PHE B 158 25.82 -7.74 43.55
C PHE B 158 24.45 -7.00 43.60
N GLN B 159 23.36 -7.74 43.45
CA GLN B 159 22.01 -7.14 43.32
C GLN B 159 21.41 -6.62 44.61
N LYS B 160 22.04 -6.95 45.71
CA LYS B 160 21.63 -6.46 47.02
C LYS B 160 22.31 -5.13 47.40
N SER B 161 23.14 -4.61 46.51
CA SER B 161 23.92 -3.41 46.78
C SER B 161 23.65 -2.40 45.66
N PRO B 162 23.42 -1.12 46.03
CA PRO B 162 23.27 -0.11 44.97
C PRO B 162 24.43 -0.10 43.99
N VAL B 163 25.69 -0.01 44.46
CA VAL B 163 26.80 0.03 43.53
C VAL B 163 26.99 -1.34 42.85
N GLY B 164 26.75 -2.42 43.58
CA GLY B 164 26.83 -3.78 43.02
C GLY B 164 25.84 -3.97 41.88
N SER B 165 24.65 -3.37 42.02
CA SER B 165 23.61 -3.51 40.99
C SER B 165 24.06 -2.85 39.69
N LEU B 166 24.79 -1.74 39.80
CA LEU B 166 25.36 -1.10 38.63
C LEU B 166 26.40 -1.99 37.94
N PHE B 167 27.23 -2.64 38.75
CA PHE B 167 28.31 -3.51 38.21
C PHE B 167 27.62 -4.73 37.52
N TYR B 168 26.64 -5.32 38.20
CA TYR B 168 25.88 -6.45 37.62
C TYR B 168 25.22 -6.07 36.31
N ASP B 169 24.54 -4.94 36.30
CA ASP B 169 23.81 -4.48 35.14
C ASP B 169 24.74 -4.16 34.00
N PHE B 170 25.95 -3.68 34.31
CA PHE B 170 26.89 -3.37 33.23
C PHE B 170 27.36 -4.67 32.55
N PHE B 171 27.85 -5.64 33.33
CA PHE B 171 28.37 -6.89 32.73
C PHE B 171 27.27 -7.83 32.23
N GLY B 172 26.16 -7.90 32.97
CA GLY B 172 24.96 -8.63 32.52
C GLY B 172 24.90 -10.02 33.10
N PRO B 173 23.70 -10.66 33.05
CA PRO B 173 23.49 -11.98 33.68
C PRO B 173 24.45 -13.08 33.23
N ASN B 174 24.68 -13.21 31.92
CA ASN B 174 25.48 -14.34 31.41
C ASN B 174 26.91 -14.26 31.93
N THR B 175 27.49 -13.07 31.89
CA THR B 175 28.86 -12.86 32.39
C THR B 175 28.97 -13.23 33.86
N MET B 176 28.00 -12.77 34.64
CA MET B 176 27.96 -13.01 36.08
C MET B 176 27.74 -14.50 36.40
N LYS B 177 26.78 -15.12 35.71
CA LYS B 177 26.48 -16.54 35.96
C LYS B 177 27.57 -17.51 35.49
N SER B 178 28.34 -17.13 34.49
CA SER B 178 29.39 -18.00 33.99
C SER B 178 30.67 -17.93 34.83
N ASP B 179 30.67 -17.11 35.87
CA ASP B 179 31.79 -17.05 36.79
C ASP B 179 31.57 -18.09 37.90
N ILE B 180 32.11 -19.29 37.67
CA ILE B 180 31.83 -20.45 38.50
C ILE B 180 33.13 -21.05 39.07
N SER B 181 32.99 -22.10 39.88
CA SER B 181 34.11 -22.83 40.46
C SER B 181 33.95 -24.32 40.17
N ILE B 182 34.92 -25.11 40.63
CA ILE B 182 34.87 -26.59 40.49
C ILE B 182 33.67 -27.27 41.17
N SER B 183 32.93 -26.54 42.02
CA SER B 183 31.65 -27.03 42.54
C SER B 183 30.68 -27.45 41.44
N VAL B 184 30.89 -26.90 40.23
CA VAL B 184 30.08 -27.26 39.06
C VAL B 184 30.80 -28.44 38.44
N SER B 185 30.49 -29.62 38.97
CA SER B 185 31.30 -30.80 38.75
C SER B 185 31.24 -31.20 37.30
N GLU B 186 30.11 -30.92 36.65
CA GLU B 186 30.08 -31.34 35.28
C GLU B 186 30.98 -30.54 34.34
N LEU B 187 31.66 -29.48 34.76
CA LEU B 187 32.65 -28.90 33.87
C LEU B 187 34.05 -29.44 34.10
N GLY B 188 34.20 -30.32 35.09
CA GLY B 188 35.52 -30.92 35.36
C GLY B 188 36.41 -29.92 36.07
N SER B 189 37.71 -29.99 35.87
CA SER B 189 38.61 -29.10 36.59
C SER B 189 39.82 -28.79 35.73
N LEU B 190 40.21 -27.52 35.73
CA LEU B 190 41.41 -27.08 35.03
C LEU B 190 42.65 -27.76 35.62
N LEU B 191 42.76 -27.72 36.94
CA LEU B 191 43.98 -28.18 37.63
C LEU B 191 44.15 -29.70 37.59
N ASP B 192 43.03 -30.43 37.52
CA ASP B 192 43.03 -31.88 37.38
C ASP B 192 43.03 -32.31 35.93
N HIS B 193 42.88 -31.33 35.03
CA HIS B 193 42.76 -31.58 33.60
C HIS B 193 41.73 -32.67 33.32
N SER B 194 40.53 -32.47 33.85
CA SER B 194 39.49 -33.51 33.85
C SER B 194 38.20 -33.04 33.16
N GLY B 195 37.42 -33.99 32.64
CA GLY B 195 36.13 -33.69 32.01
C GLY B 195 36.24 -32.82 30.79
N PRO B 196 35.30 -31.86 30.62
CA PRO B 196 35.42 -30.90 29.50
C PRO B 196 36.75 -30.14 29.44
N HIS B 197 37.41 -29.91 30.57
CA HIS B 197 38.75 -29.29 30.52
C HIS B 197 39.77 -30.15 29.77
N LYS B 198 39.71 -31.47 29.97
CA LYS B 198 40.55 -32.40 29.23
C LYS B 198 40.21 -32.31 27.75
N GLU B 199 38.91 -32.35 27.46
CA GLU B 199 38.45 -32.22 26.11
C GLU B 199 38.91 -30.93 25.48
N ALA B 200 38.84 -29.82 26.22
CA ALA B 200 39.33 -28.53 25.71
C ALA B 200 40.80 -28.56 25.35
N GLU B 201 41.62 -29.11 26.26
CA GLU B 201 43.06 -29.25 26.00
C GLU B 201 43.40 -30.07 24.78
N GLN B 202 42.70 -31.20 24.58
CA GLN B 202 42.90 -32.04 23.40
C GLN B 202 42.44 -31.35 22.14
N TYR B 203 41.31 -30.67 22.25
CA TYR B 203 40.78 -29.86 21.15
C TYR B 203 41.83 -28.81 20.71
N ILE B 204 42.37 -28.07 21.68
CA ILE B 204 43.33 -26.99 21.40
C ILE B 204 44.60 -27.55 20.78
N ALA B 205 45.07 -28.67 21.33
CA ALA B 205 46.31 -29.29 20.88
C ALA B 205 46.18 -29.68 19.43
N ARG B 206 45.04 -30.26 19.06
CA ARG B 206 44.79 -30.61 17.65
C ARG B 206 44.78 -29.39 16.71
N VAL B 207 44.07 -28.32 17.12
CA VAL B 207 43.99 -27.12 16.27
C VAL B 207 45.36 -26.46 16.12
N PHE B 208 46.13 -26.45 17.21
CA PHE B 208 47.41 -25.72 17.23
C PHE B 208 48.67 -26.54 16.88
N ASN B 209 48.47 -27.81 16.52
CA ASN B 209 49.54 -28.72 16.07
C ASN B 209 50.52 -29.06 17.19
N ALA B 210 50.00 -29.26 18.40
CA ALA B 210 50.83 -29.65 19.54
C ALA B 210 50.56 -31.11 19.90
N ASP B 211 51.53 -31.77 20.59
CA ASP B 211 51.24 -33.07 21.22
C ASP B 211 50.33 -32.89 22.44
N ARG B 212 50.57 -31.80 23.17
CA ARG B 212 49.88 -31.48 24.41
CA ARG B 212 49.90 -31.49 24.42
C ARG B 212 49.79 -29.96 24.53
N SER B 213 48.65 -29.45 25.02
CA SER B 213 48.47 -27.99 25.23
C SER B 213 47.96 -27.71 26.61
N TYR B 214 48.42 -26.62 27.25
CA TYR B 214 47.91 -26.22 28.55
C TYR B 214 47.26 -24.86 28.42
N MET B 215 46.17 -24.64 29.15
CA MET B 215 45.50 -23.32 29.20
C MET B 215 46.00 -22.56 30.44
N VAL B 216 46.54 -21.37 30.21
CA VAL B 216 47.11 -20.58 31.31
C VAL B 216 46.20 -19.35 31.50
N THR B 217 45.88 -19.00 32.74
CA THR B 217 44.96 -17.88 32.95
C THR B 217 45.67 -16.70 33.60
N ASN B 218 46.99 -16.69 33.54
CA ASN B 218 47.75 -15.53 34.01
C ASN B 218 48.76 -15.06 32.99
N GLY B 219 48.38 -15.16 31.71
CA GLY B 219 49.18 -14.59 30.61
C GLY B 219 50.43 -15.41 30.27
N THR B 220 51.07 -15.05 29.16
CA THR B 220 52.30 -15.69 28.75
C THR B 220 53.43 -15.34 29.74
N SER B 221 53.28 -14.25 30.49
CA SER B 221 54.20 -13.93 31.61
C SER B 221 54.34 -15.17 32.51
N THR B 222 53.20 -15.83 32.77
CA THR B 222 53.15 -17.01 33.60
C THR B 222 53.47 -18.31 32.84
N ALA B 223 52.97 -18.42 31.61
CA ALA B 223 53.30 -19.55 30.76
C ALA B 223 54.84 -19.71 30.64
N ASN B 224 55.55 -18.60 30.42
CA ASN B 224 57.02 -18.62 30.29
C ASN B 224 57.66 -19.23 31.53
N LYS B 225 57.14 -18.90 32.72
CA LYS B 225 57.71 -19.36 33.99
C LYS B 225 57.40 -20.80 34.31
N ILE B 226 56.20 -21.27 33.95
CA ILE B 226 55.89 -22.69 34.01
C ILE B 226 56.88 -23.52 33.16
N VAL B 227 57.08 -23.13 31.91
CA VAL B 227 58.00 -23.86 31.07
C VAL B 227 59.42 -23.78 31.67
N GLY B 228 59.83 -22.57 32.03
CA GLY B 228 61.15 -22.33 32.63
C GLY B 228 61.45 -23.15 33.86
N MET B 229 60.54 -23.13 34.84
CA MET B 229 60.76 -23.78 36.12
C MET B 229 60.85 -25.30 36.02
N TYR B 230 60.04 -25.88 35.12
CA TYR B 230 60.14 -27.29 34.80
C TYR B 230 61.48 -27.66 34.13
N SER B 231 61.98 -26.76 33.29
CA SER B 231 63.06 -27.03 32.37
C SER B 231 64.48 -26.74 32.90
N ALA B 232 64.57 -25.90 33.92
CA ALA B 232 65.86 -25.38 34.39
C ALA B 232 66.01 -25.46 35.91
N PRO B 233 66.42 -26.63 36.41
CA PRO B 233 66.64 -26.81 37.85
C PRO B 233 67.75 -25.88 38.38
N ALA B 234 67.74 -25.63 39.70
CA ALA B 234 68.78 -24.85 40.36
C ALA B 234 70.17 -25.38 40.05
N GLY B 235 71.08 -24.45 39.76
CA GLY B 235 72.46 -24.79 39.43
C GLY B 235 72.67 -25.02 37.96
N SER B 236 71.59 -25.05 37.18
CA SER B 236 71.74 -25.26 35.75
C SER B 236 72.06 -23.97 35.03
N THR B 237 72.49 -24.12 33.78
CA THR B 237 72.73 -23.03 32.86
C THR B 237 71.62 -23.09 31.76
N ILE B 238 71.17 -21.91 31.33
CA ILE B 238 70.18 -21.77 30.24
C ILE B 238 70.69 -20.82 29.16
N LEU B 239 70.39 -21.11 27.91
CA LEU B 239 70.60 -20.13 26.85
C LEU B 239 69.36 -19.25 26.72
N ILE B 240 69.55 -17.94 26.74
CA ILE B 240 68.40 -17.04 26.66
C ILE B 240 68.61 -15.86 25.73
N ASP B 241 67.66 -15.70 24.82
CA ASP B 241 67.60 -14.58 23.91
C ASP B 241 67.82 -13.31 24.71
N ARG B 242 68.80 -12.50 24.33
CA ARG B 242 69.01 -11.20 24.97
C ARG B 242 67.79 -10.30 24.71
N ASN B 243 67.16 -10.50 23.56
CA ASN B 243 65.88 -9.85 23.27
C ASN B 243 64.79 -10.66 23.96
N CYS B 244 64.65 -10.48 25.27
CA CYS B 244 63.69 -11.29 25.99
C CYS B 244 62.68 -10.44 26.77
N HIS B 245 61.45 -10.95 26.87
CA HIS B 245 60.38 -10.31 27.64
C HIS B 245 60.77 -10.28 29.11
N LYS B 246 60.36 -9.20 29.77
CA LYS B 246 60.57 -9.03 31.20
C LYS B 246 60.24 -10.27 32.04
N SER B 247 59.23 -11.05 31.62
CA SER B 247 58.84 -12.23 32.39
C SER B 247 59.96 -13.28 32.44
N LEU B 248 60.83 -13.29 31.42
CA LEU B 248 61.98 -14.19 31.39
C LEU B 248 63.13 -13.71 32.29
N THR B 249 63.28 -12.41 32.42
CA THR B 249 64.10 -11.80 33.47
C THR B 249 63.55 -12.18 34.85
N HIS B 250 62.23 -12.10 35.02
CA HIS B 250 61.63 -12.48 36.30
C HIS B 250 61.85 -13.96 36.63
N LEU B 251 61.86 -14.80 35.60
CA LEU B 251 62.20 -16.23 35.76
C LEU B 251 63.64 -16.39 36.31
N MET B 252 64.62 -15.75 35.66
CA MET B 252 66.02 -15.75 36.11
C MET B 252 66.17 -15.21 37.52
N MET B 253 65.38 -14.20 37.89
CA MET B 253 65.44 -13.66 39.24
C MET B 253 64.83 -14.61 40.27
N MET B 254 63.98 -15.52 39.80
CA MET B 254 63.29 -16.45 40.69
C MET B 254 63.94 -17.84 40.76
N SER B 255 64.70 -18.19 39.73
CA SER B 255 65.33 -19.50 39.63
C SER B 255 66.84 -19.35 39.71
N ASP B 256 67.46 -20.19 40.51
CA ASP B 256 68.91 -20.18 40.73
C ASP B 256 69.61 -20.79 39.53
N VAL B 257 69.60 -20.06 38.42
CA VAL B 257 70.19 -20.52 37.17
C VAL B 257 71.22 -19.51 36.71
N THR B 258 72.05 -19.94 35.76
CA THR B 258 73.08 -19.10 35.16
C THR B 258 72.78 -18.88 33.69
N PRO B 259 72.56 -17.62 33.29
CA PRO B 259 72.29 -17.40 31.88
C PRO B 259 73.51 -17.16 30.99
N ILE B 260 73.46 -17.72 29.79
CA ILE B 260 74.31 -17.31 28.68
C ILE B 260 73.37 -16.77 27.60
N TYR B 261 73.69 -15.61 27.03
CA TYR B 261 72.77 -14.95 26.09
C TYR B 261 73.04 -15.19 24.63
N PHE B 262 72.02 -15.64 23.92
CA PHE B 262 71.98 -15.52 22.48
C PHE B 262 72.06 -14.01 22.18
N ARG B 263 72.79 -13.63 21.13
CA ARG B 263 73.01 -12.20 20.83
C ARG B 263 72.32 -11.83 19.52
N PRO B 264 71.16 -11.13 19.62
CA PRO B 264 70.51 -10.73 18.38
C PRO B 264 71.35 -9.70 17.62
N THR B 265 71.08 -9.52 16.33
CA THR B 265 71.59 -8.37 15.59
C THR B 265 70.57 -7.22 15.63
N ARG B 266 70.87 -6.11 14.95
CA ARG B 266 70.00 -4.91 14.91
C ARG B 266 70.39 -4.08 13.70
N ASN B 267 69.52 -3.18 13.28
CA ASN B 267 69.86 -2.27 12.19
C ASN B 267 69.94 -0.81 12.67
N ALA B 268 70.27 0.10 11.76
CA ALA B 268 70.44 1.53 12.10
C ALA B 268 69.16 2.19 12.65
N TYR B 269 67.99 1.71 12.19
CA TYR B 269 66.71 2.18 12.76
C TYR B 269 66.53 1.81 14.22
N GLY B 270 67.28 0.81 14.68
CA GLY B 270 67.11 0.29 16.04
C GLY B 270 66.20 -0.92 16.11
N ILE B 271 65.81 -1.42 14.93
CA ILE B 271 64.97 -2.61 14.84
C ILE B 271 65.81 -3.85 15.07
N LEU B 272 65.40 -4.71 16.02
CA LEU B 272 66.15 -5.93 16.30
C LEU B 272 66.13 -6.88 15.14
N GLY B 273 67.22 -7.63 15.01
CA GLY B 273 67.29 -8.64 13.97
C GLY B 273 67.44 -9.97 14.64
N GLY B 274 67.60 -11.02 13.85
CA GLY B 274 67.68 -12.34 14.44
C GLY B 274 69.03 -12.68 15.03
N ILE B 275 69.02 -13.48 16.08
CA ILE B 275 70.22 -14.18 16.53
C ILE B 275 70.83 -14.88 15.30
N PRO B 276 72.11 -14.58 14.99
CA PRO B 276 72.76 -15.24 13.85
C PRO B 276 72.90 -16.78 14.01
N GLN B 277 72.99 -17.47 12.87
CA GLN B 277 73.11 -18.94 12.86
C GLN B 277 74.30 -19.47 13.67
N SER B 278 75.36 -18.66 13.78
CA SER B 278 76.57 -19.00 14.55
C SER B 278 76.29 -19.20 16.03
N GLU B 279 75.31 -18.45 16.57
CA GLU B 279 74.98 -18.53 18.00
C GLU B 279 74.36 -19.85 18.42
N PHE B 280 73.91 -20.65 17.46
CA PHE B 280 73.25 -21.93 17.78
C PHE B 280 74.21 -23.11 17.72
N GLN B 281 75.37 -22.88 17.12
CA GLN B 281 76.36 -23.94 16.89
C GLN B 281 77.13 -24.38 18.12
N HIS B 282 77.37 -25.68 18.16
CA HIS B 282 77.99 -26.33 19.31
C HIS B 282 79.27 -25.64 19.78
N ALA B 283 80.12 -25.24 18.84
CA ALA B 283 81.44 -24.69 19.19
C ALA B 283 81.29 -23.36 19.90
N THR B 284 80.35 -22.55 19.41
CA THR B 284 80.07 -21.23 20.01
C THR B 284 79.58 -21.35 21.43
N ILE B 285 78.66 -22.28 21.67
CA ILE B 285 78.09 -22.47 23.00
C ILE B 285 79.14 -23.01 23.96
N ALA B 286 79.90 -24.01 23.49
CA ALA B 286 80.96 -24.63 24.31
C ALA B 286 81.95 -23.56 24.82
N LYS B 287 82.38 -22.68 23.92
CA LYS B 287 83.29 -21.60 24.29
C LYS B 287 82.71 -20.65 25.37
N ARG B 288 81.42 -20.31 25.26
CA ARG B 288 80.77 -19.47 26.27
C ARG B 288 80.56 -20.20 27.58
N VAL B 289 80.30 -21.50 27.52
CA VAL B 289 80.22 -22.32 28.73
C VAL B 289 81.57 -22.31 29.48
N LYS B 290 82.65 -22.45 28.71
CA LYS B 290 84.04 -22.40 29.23
C LYS B 290 84.33 -21.07 29.96
N GLU B 291 83.91 -19.96 29.34
CA GLU B 291 84.19 -18.60 29.80
C GLU B 291 83.21 -18.08 30.84
N THR B 292 82.15 -18.83 31.12
CA THR B 292 81.13 -18.37 32.07
C THR B 292 81.26 -19.11 33.38
N PRO B 293 81.44 -18.36 34.47
CA PRO B 293 81.63 -18.94 35.80
C PRO B 293 80.43 -19.76 36.27
N ASN B 294 80.67 -21.02 36.65
CA ASN B 294 79.64 -21.93 37.14
C ASN B 294 78.72 -22.49 36.06
N ALA B 295 78.98 -22.11 34.82
CA ALA B 295 78.19 -22.61 33.69
C ALA B 295 78.54 -24.04 33.36
N THR B 296 77.52 -24.79 33.01
CA THR B 296 77.62 -26.14 32.50
C THR B 296 76.91 -26.15 31.14
N TRP B 297 76.84 -27.29 30.46
CA TRP B 297 76.15 -27.31 29.19
C TRP B 297 74.68 -26.91 29.42
N PRO B 298 74.12 -26.03 28.54
CA PRO B 298 72.74 -25.55 28.76
C PRO B 298 71.71 -26.67 28.67
N VAL B 299 70.83 -26.72 29.67
CA VAL B 299 69.74 -27.69 29.70
C VAL B 299 68.44 -27.18 29.06
N HIS B 300 68.39 -25.89 28.75
CA HIS B 300 67.18 -25.20 28.25
C HIS B 300 67.59 -23.95 27.47
N ALA B 301 66.95 -23.71 26.33
CA ALA B 301 67.14 -22.49 25.53
C ALA B 301 65.78 -21.81 25.32
N VAL B 302 65.80 -20.47 25.32
CA VAL B 302 64.59 -19.66 25.07
C VAL B 302 64.90 -18.66 23.96
N ILE B 303 64.06 -18.65 22.92
CA ILE B 303 64.22 -17.78 21.76
C ILE B 303 62.89 -17.03 21.55
N THR B 304 62.97 -15.72 21.34
CA THR B 304 61.76 -14.94 21.07
C THR B 304 61.50 -15.05 19.60
N ASN B 305 60.42 -15.72 19.24
CA ASN B 305 60.06 -15.87 17.84
C ASN B 305 58.58 -15.58 17.67
N SER B 306 58.17 -14.61 16.84
CA SER B 306 59.00 -13.70 16.08
C SER B 306 59.52 -12.60 16.98
N THR B 307 60.34 -11.71 16.43
CA THR B 307 60.62 -10.45 17.10
C THR B 307 59.33 -9.59 16.99
N TYR B 308 59.28 -8.52 17.78
CA TYR B 308 58.17 -7.59 17.83
C TYR B 308 57.79 -7.07 16.43
N ASP B 309 58.81 -6.70 15.66
CA ASP B 309 58.63 -6.16 14.29
C ASP B 309 58.45 -7.23 13.21
N GLY B 310 58.24 -8.48 13.62
CA GLY B 310 57.80 -9.53 12.71
C GLY B 310 58.84 -10.34 12.00
N LEU B 311 60.06 -10.40 12.54
CA LEU B 311 61.08 -11.32 11.98
C LEU B 311 60.97 -12.68 12.64
N LEU B 312 60.71 -13.65 11.79
CA LEU B 312 60.59 -15.03 12.21
C LEU B 312 61.90 -15.74 11.85
N TYR B 313 62.26 -16.72 12.66
CA TYR B 313 63.40 -17.60 12.43
C TYR B 313 63.07 -18.80 11.55
N ASN B 314 64.08 -19.29 10.83
CA ASN B 314 64.01 -20.63 10.28
C ASN B 314 64.15 -21.60 11.46
N THR B 315 63.03 -22.10 11.96
CA THR B 315 63.04 -22.94 13.16
C THR B 315 63.50 -24.38 12.86
N ASP B 316 63.44 -24.76 11.58
CA ASP B 316 63.97 -26.06 11.14
C ASP B 316 65.47 -26.10 11.38
N PHE B 317 66.15 -25.02 11.01
CA PHE B 317 67.57 -24.87 11.26
C PHE B 317 67.87 -24.92 12.75
N ILE B 318 67.11 -24.17 13.55
CA ILE B 318 67.36 -24.13 14.99
C ILE B 318 67.21 -25.49 15.69
N LYS B 319 66.18 -26.23 15.30
CA LYS B 319 65.89 -27.53 15.90
C LYS B 319 66.97 -28.56 15.52
N LYS B 320 67.49 -28.43 14.31
CA LYS B 320 68.53 -29.32 13.78
C LYS B 320 69.91 -28.97 14.37
N THR B 321 70.13 -27.71 14.67
CA THR B 321 71.46 -27.19 15.00
C THR B 321 71.74 -27.02 16.48
N LEU B 322 70.70 -26.62 17.23
CA LEU B 322 70.90 -26.27 18.62
C LEU B 322 70.89 -27.55 19.46
N ASP B 323 72.07 -27.88 20.02
CA ASP B 323 72.25 -29.15 20.75
C ASP B 323 71.80 -28.98 22.20
N VAL B 324 70.52 -28.66 22.37
CA VAL B 324 69.94 -28.46 23.71
C VAL B 324 68.67 -29.30 23.76
N LYS B 325 68.43 -29.99 24.87
CA LYS B 325 67.36 -30.98 24.90
C LYS B 325 65.96 -30.36 24.98
N SER B 326 65.92 -29.06 25.25
CA SER B 326 64.67 -28.35 25.59
C SER B 326 64.76 -26.96 24.99
N ILE B 327 63.91 -26.71 24.01
CA ILE B 327 63.93 -25.44 23.28
C ILE B 327 62.53 -24.78 23.37
N HIS B 328 62.50 -23.57 23.95
CA HIS B 328 61.27 -22.82 24.17
C HIS B 328 61.24 -21.59 23.27
N PHE B 329 60.29 -21.58 22.33
CA PHE B 329 60.03 -20.38 21.52
C PHE B 329 58.97 -19.50 22.22
N ASP B 330 59.37 -18.36 22.76
CA ASP B 330 58.38 -17.39 23.29
C ASP B 330 57.68 -16.81 22.07
N SER B 331 56.51 -17.37 21.76
CA SER B 331 55.80 -17.02 20.54
C SER B 331 54.55 -16.16 20.81
N ALA B 332 54.67 -15.28 21.81
CA ALA B 332 53.56 -14.41 22.25
C ALA B 332 52.94 -13.61 21.10
N TRP B 333 53.78 -13.17 20.16
CA TRP B 333 53.35 -12.33 19.04
C TRP B 333 52.81 -13.06 17.84
N VAL B 334 52.92 -14.39 17.82
CA VAL B 334 52.60 -15.17 16.62
C VAL B 334 51.79 -16.42 16.98
N PRO B 335 50.61 -16.23 17.63
CA PRO B 335 49.76 -17.37 18.01
C PRO B 335 49.05 -18.03 16.81
N TYR B 336 49.18 -17.46 15.62
CA TYR B 336 48.37 -17.83 14.46
C TYR B 336 49.16 -18.59 13.41
N THR B 337 50.42 -18.93 13.72
CA THR B 337 51.32 -19.54 12.73
C THR B 337 50.82 -20.87 12.19
N ASN B 338 50.14 -21.67 13.00
CA ASN B 338 49.62 -22.93 12.47
C ASN B 338 48.55 -22.79 11.37
N PHE B 339 48.02 -21.59 11.15
CA PHE B 339 46.80 -21.46 10.31
C PHE B 339 47.00 -20.96 8.90
N SER B 340 48.25 -20.72 8.53
CA SER B 340 48.61 -20.46 7.14
C SER B 340 49.88 -21.21 6.82
N PRO B 341 49.94 -21.84 5.63
CA PRO B 341 51.19 -22.48 5.18
C PRO B 341 52.41 -21.54 5.08
N ILE B 342 52.20 -20.22 5.03
CA ILE B 342 53.35 -19.30 4.92
C ILE B 342 54.25 -19.32 6.16
N TYR B 343 53.74 -19.82 7.27
CA TYR B 343 54.54 -19.90 8.48
C TYR B 343 55.25 -21.24 8.71
N GLU B 344 55.05 -22.22 7.81
CA GLU B 344 55.70 -23.53 7.97
C GLU B 344 57.21 -23.36 7.99
N GLY B 345 57.86 -24.03 8.95
CA GLY B 345 59.32 -23.98 9.10
C GLY B 345 59.80 -22.75 9.83
N LYS B 346 58.85 -22.01 10.45
CA LYS B 346 59.11 -20.67 11.00
C LYS B 346 58.47 -20.49 12.36
N CYS B 347 57.97 -21.59 12.93
CA CYS B 347 57.37 -21.55 14.26
C CYS B 347 57.80 -22.80 15.02
N GLY B 348 57.65 -22.76 16.34
CA GLY B 348 58.01 -23.85 17.25
C GLY B 348 57.35 -25.17 16.93
N MET B 349 56.04 -25.14 16.68
CA MET B 349 55.26 -26.36 16.45
C MET B 349 55.37 -26.95 15.05
N SER B 350 55.94 -26.20 14.10
CA SER B 350 56.04 -26.65 12.71
C SER B 350 56.67 -28.04 12.65
N GLY B 351 56.18 -28.88 11.73
CA GLY B 351 56.75 -30.22 11.53
C GLY B 351 56.41 -31.19 12.64
N GLY B 352 57.24 -32.21 12.81
CA GLY B 352 56.97 -33.28 13.76
C GLY B 352 57.94 -33.22 14.93
N ARG B 353 58.00 -34.31 15.67
CA ARG B 353 58.90 -34.38 16.82
C ARG B 353 60.36 -34.26 16.39
N VAL B 354 61.16 -33.77 17.31
CA VAL B 354 62.60 -33.73 17.15
C VAL B 354 63.18 -34.73 18.11
N GLU B 355 63.83 -35.78 17.60
CA GLU B 355 64.35 -36.86 18.45
C GLU B 355 65.21 -36.26 19.55
N GLY B 356 64.97 -36.65 20.79
CA GLY B 356 65.81 -36.24 21.90
C GLY B 356 65.59 -34.85 22.49
N LYS B 357 64.63 -34.10 21.92
CA LYS B 357 64.34 -32.74 22.35
C LYS B 357 62.85 -32.54 22.62
N VAL B 358 62.52 -31.70 23.61
CA VAL B 358 61.16 -31.17 23.72
C VAL B 358 61.16 -29.71 23.22
N ILE B 359 60.11 -29.35 22.48
CA ILE B 359 59.96 -28.02 21.90
C ILE B 359 58.70 -27.41 22.52
N TYR B 360 58.75 -26.13 22.89
CA TYR B 360 57.60 -25.41 23.40
C TYR B 360 57.30 -24.18 22.54
N GLU B 361 56.01 -23.83 22.46
CA GLU B 361 55.60 -22.47 22.14
C GLU B 361 54.83 -21.98 23.35
N THR B 362 55.06 -20.73 23.74
CA THR B 362 54.11 -20.06 24.64
C THR B 362 53.46 -18.94 23.80
N GLN B 363 52.15 -18.76 23.97
CA GLN B 363 51.39 -17.90 23.06
C GLN B 363 50.41 -17.05 23.86
N SER B 364 50.34 -15.77 23.51
CA SER B 364 49.41 -14.86 24.17
C SER B 364 48.16 -14.82 23.30
N THR B 365 47.22 -15.70 23.63
CA THR B 365 46.01 -15.85 22.81
C THR B 365 45.25 -14.51 22.67
N HIS B 366 45.29 -13.72 23.74
CA HIS B 366 44.61 -12.43 23.79
C HIS B 366 45.27 -11.34 22.96
N1 LLP B 367 56.50 -12.61 25.88
C2 LLP B 367 56.39 -11.72 24.85
C2' LLP B 367 57.35 -11.78 23.69
C3 LLP B 367 55.36 -10.78 24.89
O3 LLP B 367 55.24 -9.97 23.97
C4 LLP B 367 54.46 -10.72 25.97
C4' LLP B 367 53.35 -9.68 25.96
C5 LLP B 367 54.63 -11.63 27.01
C6 LLP B 367 55.65 -12.58 26.96
C5' LLP B 367 53.72 -11.65 28.19
OP4 LLP B 367 52.33 -11.96 27.90
P LLP B 367 51.12 -11.58 28.89
OP1 LLP B 367 50.07 -12.38 28.24
OP2 LLP B 367 51.03 -10.11 28.65
OP3 LLP B 367 51.58 -12.00 30.25
N LLP B 367 46.57 -11.49 22.63
CA LLP B 367 47.26 -10.45 21.85
CB LLP B 367 48.78 -10.55 21.96
CG LLP B 367 49.31 -9.99 23.28
CD LLP B 367 50.85 -10.08 23.34
CE LLP B 367 51.36 -9.71 24.73
NZ LLP B 367 52.83 -9.56 24.71
C LLP B 367 46.85 -10.42 20.39
O LLP B 367 46.38 -9.37 19.89
N LEU B 368 47.04 -11.54 19.70
CA LEU B 368 46.78 -11.54 18.25
C LEU B 368 45.83 -12.62 17.77
N LEU B 369 45.14 -13.27 18.71
CA LEU B 369 43.91 -14.00 18.38
C LEU B 369 42.75 -13.32 19.13
N ALA B 370 41.61 -13.99 19.23
CA ALA B 370 40.48 -13.43 19.97
C ALA B 370 40.27 -14.20 21.26
N ALA B 371 40.67 -13.59 22.39
CA ALA B 371 40.49 -14.20 23.69
C ALA B 371 40.59 -13.12 24.76
N PHE B 372 40.09 -13.39 25.97
CA PHE B 372 40.11 -12.40 27.02
C PHE B 372 41.56 -12.22 27.51
N SER B 373 41.86 -11.00 27.98
CA SER B 373 43.16 -10.72 28.62
C SER B 373 43.50 -11.78 29.66
N GLN B 374 44.78 -12.13 29.72
CA GLN B 374 45.29 -13.20 30.60
C GLN B 374 45.22 -14.61 29.99
N ALA B 375 44.46 -14.80 28.90
CA ALA B 375 44.46 -16.10 28.19
C ALA B 375 45.80 -16.40 27.50
N SER B 376 46.40 -17.54 27.81
CA SER B 376 47.67 -17.92 27.20
C SER B 376 47.68 -19.44 26.98
N MET B 377 48.52 -19.91 26.05
CA MET B 377 48.65 -21.36 25.85
C MET B 377 50.11 -21.80 25.93
N ILE B 378 50.34 -23.01 26.45
CA ILE B 378 51.64 -23.68 26.32
C ILE B 378 51.41 -24.83 25.40
N HIS B 379 52.18 -24.89 24.32
CA HIS B 379 52.12 -25.98 23.38
C HIS B 379 53.39 -26.79 23.50
N VAL B 380 53.26 -28.11 23.58
CA VAL B 380 54.42 -29.02 23.78
C VAL B 380 54.55 -29.94 22.59
N LYS B 381 55.77 -30.10 22.11
CA LYS B 381 56.02 -31.04 21.04
C LYS B 381 57.19 -31.93 21.51
N GLY B 382 56.87 -33.16 21.89
CA GLY B 382 57.86 -34.06 22.51
C GLY B 382 57.43 -34.45 23.90
N ASP B 383 58.26 -35.21 24.59
CA ASP B 383 57.87 -35.80 25.87
C ASP B 383 58.20 -34.91 27.06
N VAL B 384 57.27 -34.84 27.98
CA VAL B 384 57.55 -34.27 29.29
C VAL B 384 57.17 -35.31 30.33
N ASN B 385 57.69 -35.16 31.54
CA ASN B 385 57.17 -35.89 32.68
C ASN B 385 55.91 -35.16 33.04
N GLU B 386 54.82 -35.78 32.64
CA GLU B 386 53.51 -35.19 32.82
C GLU B 386 53.19 -34.78 34.27
N GLU B 387 53.51 -35.61 35.27
CA GLU B 387 53.24 -35.22 36.66
C GLU B 387 54.12 -34.08 37.15
N THR B 388 55.40 -34.09 36.79
CA THR B 388 56.31 -33.04 37.23
C THR B 388 55.96 -31.74 36.50
N PHE B 389 55.61 -31.84 35.22
CA PHE B 389 55.17 -30.66 34.47
C PHE B 389 53.92 -30.06 35.14
N ASN B 390 52.95 -30.90 35.50
CA ASN B 390 51.76 -30.44 36.22
C ASN B 390 52.06 -29.76 37.56
N GLU B 391 53.07 -30.22 38.31
CA GLU B 391 53.46 -29.50 39.52
C GLU B 391 53.89 -28.08 39.17
N ALA B 392 54.70 -27.94 38.12
CA ALA B 392 55.20 -26.62 37.68
C ALA B 392 54.02 -25.73 37.24
N TYR B 393 53.07 -26.32 36.52
CA TYR B 393 51.85 -25.66 36.07
C TYR B 393 51.03 -25.20 37.27
N MET B 394 50.83 -26.09 38.23
CA MET B 394 50.03 -25.77 39.39
C MET B 394 50.64 -24.76 40.34
N MET B 395 51.98 -24.68 40.34
CA MET B 395 52.69 -23.71 41.19
C MET B 395 52.41 -22.26 40.81
N HIS B 396 52.00 -22.06 39.57
CA HIS B 396 51.76 -20.73 39.02
C HIS B 396 50.29 -20.48 38.62
N THR B 397 49.47 -21.52 38.73
CA THR B 397 48.04 -21.44 38.41
C THR B 397 47.21 -21.35 39.68
N THR B 398 46.25 -20.44 39.70
CA THR B 398 45.35 -20.29 40.84
C THR B 398 44.45 -21.51 41.06
N THR B 399 43.99 -21.70 42.30
CA THR B 399 42.97 -22.73 42.57
C THR B 399 41.53 -22.31 42.21
N SER B 400 41.36 -21.04 41.86
CA SER B 400 40.03 -20.53 41.48
C SER B 400 40.07 -19.85 40.11
N PRO B 401 40.33 -20.63 39.03
CA PRO B 401 40.44 -20.00 37.72
C PRO B 401 39.14 -19.37 37.25
N HIS B 402 39.30 -18.35 36.45
CA HIS B 402 38.19 -17.64 35.85
C HIS B 402 37.77 -18.41 34.59
N TYR B 403 36.54 -18.92 34.61
CA TYR B 403 36.08 -19.82 33.57
C TYR B 403 35.85 -19.10 32.24
N GLY B 404 35.55 -17.79 32.31
CA GLY B 404 35.46 -16.97 31.09
C GLY B 404 36.78 -16.91 30.32
N ILE B 405 37.87 -16.65 31.03
CA ILE B 405 39.20 -16.61 30.40
C ILE B 405 39.52 -18.00 29.78
N VAL B 406 39.29 -19.07 30.56
CA VAL B 406 39.50 -20.45 30.08
C VAL B 406 38.64 -20.71 28.83
N ALA B 407 37.34 -20.39 28.89
CA ALA B 407 36.45 -20.66 27.73
C ALA B 407 36.91 -19.90 26.50
N SER B 408 37.37 -18.67 26.69
CA SER B 408 37.87 -17.86 25.57
C SER B 408 39.12 -18.48 24.94
N THR B 409 39.90 -19.20 25.73
CA THR B 409 41.12 -19.81 25.20
C THR B 409 40.71 -20.96 24.27
N GLU B 410 39.76 -21.78 24.74
CA GLU B 410 39.20 -22.84 23.91
C GLU B 410 38.43 -22.30 22.68
N THR B 411 37.67 -21.22 22.86
CA THR B 411 36.94 -20.64 21.74
C THR B 411 37.86 -20.02 20.69
N ALA B 412 39.02 -19.52 21.12
CA ALA B 412 39.99 -19.04 20.15
C ALA B 412 40.40 -20.16 19.21
N ALA B 413 40.54 -21.37 19.75
CA ALA B 413 40.86 -22.54 18.92
C ALA B 413 39.71 -22.85 17.99
N ALA B 414 38.49 -22.85 18.54
CA ALA B 414 37.29 -23.17 17.74
C ALA B 414 37.18 -22.23 16.55
N MET B 415 37.53 -20.96 16.78
CA MET B 415 37.51 -19.94 15.74
C MET B 415 38.50 -20.21 14.63
N MET B 416 39.66 -20.78 14.99
CA MET B 416 40.78 -20.92 14.03
C MET B 416 40.75 -22.25 13.30
N LYS B 417 39.75 -23.03 13.62
CA LYS B 417 39.71 -24.42 13.24
C LYS B 417 39.34 -24.55 11.78
N GLY B 418 40.04 -25.44 11.09
CA GLY B 418 39.69 -25.82 9.73
C GLY B 418 39.77 -24.70 8.73
N ASN B 419 38.76 -24.68 7.86
CA ASN B 419 38.57 -23.73 6.77
C ASN B 419 38.44 -22.32 7.25
N ALA B 420 37.41 -22.10 8.07
CA ALA B 420 37.01 -20.74 8.45
C ALA B 420 38.12 -20.02 9.21
N GLY B 421 38.96 -20.78 9.89
CA GLY B 421 40.14 -20.26 10.55
C GLY B 421 41.25 -19.94 9.57
N LYS B 422 41.31 -20.69 8.48
CA LYS B 422 42.22 -20.38 7.39
C LYS B 422 41.79 -19.10 6.69
N ARG B 423 40.47 -18.93 6.51
CA ARG B 423 39.95 -17.73 5.90
C ARG B 423 40.18 -16.46 6.74
N LEU B 424 40.06 -16.58 8.06
CA LEU B 424 40.36 -15.45 8.98
C LEU B 424 41.80 -15.00 8.89
N ILE B 425 42.74 -15.95 8.98
CA ILE B 425 44.17 -15.60 8.91
C ILE B 425 44.53 -15.13 7.50
N ASN B 426 43.99 -15.78 6.48
CA ASN B 426 44.24 -15.37 5.10
C ASN B 426 43.81 -13.94 4.89
N GLY B 427 42.66 -13.59 5.49
CA GLY B 427 42.07 -12.25 5.38
C GLY B 427 43.01 -11.22 5.96
N SER B 428 43.53 -11.49 7.17
CA SER B 428 44.45 -10.55 7.80
C SER B 428 45.75 -10.39 7.01
N ILE B 429 46.25 -11.48 6.41
CA ILE B 429 47.45 -11.39 5.58
C ILE B 429 47.20 -10.56 4.31
N GLU B 430 46.08 -10.83 3.65
CA GLU B 430 45.68 -10.11 2.45
C GLU B 430 45.53 -8.63 2.72
N ARG B 431 44.90 -8.28 3.84
CA ARG B 431 44.72 -6.87 4.16
C ARG B 431 46.06 -6.20 4.50
N ALA B 432 46.95 -6.92 5.19
CA ALA B 432 48.27 -6.37 5.52
C ALA B 432 49.01 -6.03 4.25
N ILE B 433 48.99 -6.96 3.29
CA ILE B 433 49.64 -6.79 1.98
C ILE B 433 49.02 -5.66 1.12
N LYS B 434 47.69 -5.58 1.14
CA LYS B 434 46.97 -4.51 0.47
C LYS B 434 47.45 -3.15 0.99
N PHE B 435 47.54 -3.01 2.30
CA PHE B 435 47.95 -1.77 2.93
C PHE B 435 49.42 -1.46 2.59
N ARG B 436 50.27 -2.48 2.70
CA ARG B 436 51.70 -2.36 2.32
C ARG B 436 51.85 -1.82 0.89
N LYS B 437 51.11 -2.38 -0.04
CA LYS B 437 51.15 -1.88 -1.42
C LYS B 437 50.56 -0.47 -1.58
N GLU B 438 49.56 -0.13 -0.76
CA GLU B 438 48.96 1.21 -0.78
C GLU B 438 49.99 2.27 -0.36
N ILE B 439 50.80 1.98 0.67
CA ILE B 439 51.86 2.92 1.09
C ILE B 439 52.85 3.13 -0.06
N LYS B 440 53.34 2.03 -0.64
CA LYS B 440 54.23 2.12 -1.78
C LYS B 440 53.62 2.92 -2.94
N ARG B 441 52.36 2.63 -3.28
CA ARG B 441 51.67 3.38 -4.33
C ARG B 441 51.62 4.89 -4.04
N LEU B 442 51.18 5.25 -2.84
CA LEU B 442 51.04 6.67 -2.49
C LEU B 442 52.40 7.36 -2.37
N ARG B 443 53.41 6.59 -2.01
CA ARG B 443 54.78 7.09 -2.02
C ARG B 443 55.18 7.61 -3.42
N THR B 444 54.87 6.85 -4.46
CA THR B 444 55.12 7.22 -5.85
C THR B 444 54.24 8.37 -6.30
N GLU B 445 52.95 8.29 -5.95
CA GLU B 445 51.94 9.20 -6.49
C GLU B 445 51.90 10.57 -5.83
N SER B 446 52.34 10.65 -4.58
CA SER B 446 52.26 11.89 -3.82
C SER B 446 53.37 12.92 -4.17
N ASP B 447 53.07 14.19 -3.94
CA ASP B 447 54.02 15.28 -4.20
C ASP B 447 54.98 15.45 -3.02
N GLY B 448 56.22 15.06 -3.22
CA GLY B 448 57.24 15.25 -2.20
C GLY B 448 57.38 14.01 -1.33
N TRP B 449 57.79 14.22 -0.08
CA TRP B 449 58.10 13.13 0.83
C TRP B 449 56.84 12.30 1.11
N PHE B 450 57.04 11.03 1.46
CA PHE B 450 55.96 10.23 2.02
C PHE B 450 56.55 9.19 2.98
N PHE B 451 55.66 8.48 3.68
CA PHE B 451 56.06 7.32 4.49
C PHE B 451 56.64 6.27 3.54
N ASP B 452 57.39 5.34 4.10
CA ASP B 452 57.81 4.16 3.37
C ASP B 452 57.44 2.95 4.22
N VAL B 453 57.46 1.76 3.62
CA VAL B 453 57.27 0.51 4.34
C VAL B 453 58.62 -0.20 4.36
N TRP B 454 58.95 -0.76 5.51
CA TRP B 454 60.17 -1.53 5.71
C TRP B 454 59.90 -2.96 5.23
N GLN B 455 60.26 -3.23 3.98
CA GLN B 455 59.95 -4.51 3.35
C GLN B 455 60.78 -4.63 2.09
N PRO B 456 60.81 -5.83 1.48
CA PRO B 456 61.41 -5.98 0.14
C PRO B 456 60.90 -5.01 -0.91
N ASP B 457 61.73 -4.73 -1.92
CA ASP B 457 61.35 -3.85 -3.01
C ASP B 457 60.19 -4.38 -3.83
N HIS B 458 60.05 -5.70 -3.92
CA HIS B 458 58.86 -6.29 -4.54
C HIS B 458 58.22 -7.30 -3.60
N ILE B 459 56.92 -7.16 -3.42
CA ILE B 459 56.18 -8.10 -2.59
C ILE B 459 55.02 -8.67 -3.39
N ASP B 460 55.32 -9.08 -4.62
CA ASP B 460 54.30 -9.63 -5.52
C ASP B 460 53.86 -11.04 -5.13
N THR B 461 54.42 -11.52 -4.03
CA THR B 461 54.19 -12.85 -3.58
C THR B 461 53.63 -12.83 -2.15
N THR B 462 52.73 -13.77 -1.84
CA THR B 462 52.21 -13.94 -0.47
C THR B 462 53.00 -15.02 0.27
N GLU B 463 53.87 -14.57 1.18
CA GLU B 463 54.75 -15.46 1.93
C GLU B 463 55.41 -14.61 3.00
N CYS B 464 56.16 -15.22 3.90
CA CYS B 464 56.98 -14.45 4.81
C CYS B 464 58.25 -14.20 4.04
N TRP B 465 58.42 -12.97 3.54
CA TRP B 465 59.52 -12.70 2.60
C TRP B 465 60.89 -12.93 3.25
N PRO B 466 61.76 -13.72 2.58
CA PRO B 466 63.10 -13.97 3.13
C PRO B 466 63.98 -12.73 3.11
N LEU B 467 64.71 -12.51 4.21
CA LEU B 467 65.73 -11.45 4.24
C LEU B 467 67.02 -12.03 3.62
N ARG B 468 67.50 -11.40 2.55
CA ARG B 468 68.61 -11.89 1.76
C ARG B 468 69.87 -11.02 1.89
N SER B 469 71.03 -11.67 1.96
CA SER B 469 72.31 -10.95 2.08
C SER B 469 72.56 -9.98 0.92
N ASP B 470 71.94 -10.25 -0.24
CA ASP B 470 72.07 -9.40 -1.42
C ASP B 470 71.03 -8.25 -1.51
N SER B 471 70.24 -8.07 -0.45
CA SER B 471 69.22 -7.01 -0.38
C SER B 471 69.52 -6.03 0.74
N THR B 472 69.21 -4.77 0.52
CA THR B 472 69.62 -3.73 1.44
C THR B 472 68.46 -3.25 2.33
N TRP B 473 67.23 -3.61 1.93
CA TRP B 473 66.02 -3.04 2.54
C TRP B 473 65.96 -3.25 4.04
N HIS B 474 66.43 -4.40 4.53
CA HIS B 474 66.31 -4.75 5.94
C HIS B 474 67.37 -4.12 6.84
N GLY B 475 68.44 -3.60 6.22
CA GLY B 475 69.52 -2.92 6.96
C GLY B 475 70.43 -3.77 7.86
N PHE B 476 70.34 -5.09 7.76
CA PHE B 476 71.21 -5.96 8.56
C PHE B 476 72.47 -6.31 7.75
N LYS B 477 73.60 -6.28 8.43
CA LYS B 477 74.87 -6.48 7.74
C LYS B 477 75.29 -7.94 7.78
N ASN B 478 75.64 -8.48 6.61
CA ASN B 478 76.10 -9.87 6.42
C ASN B 478 75.18 -10.87 7.09
N ILE B 479 73.90 -10.76 6.76
CA ILE B 479 72.91 -11.64 7.32
C ILE B 479 73.08 -13.04 6.74
N ASP B 480 72.87 -14.05 7.59
CA ASP B 480 72.69 -15.41 7.15
C ASP B 480 71.46 -15.50 6.26
N ASN B 481 71.60 -16.25 5.16
CA ASN B 481 70.50 -16.53 4.26
C ASN B 481 69.66 -17.72 4.73
N GLU B 482 68.40 -17.75 4.29
CA GLU B 482 67.43 -18.79 4.68
C GLU B 482 67.41 -18.97 6.18
N HIS B 483 67.42 -17.82 6.85
CA HIS B 483 67.48 -17.75 8.29
C HIS B 483 66.31 -16.91 8.89
N MET B 484 66.09 -15.71 8.35
CA MET B 484 65.07 -14.74 8.83
C MET B 484 64.03 -14.44 7.75
N TYR B 485 62.79 -14.21 8.19
CA TYR B 485 61.68 -13.93 7.28
C TYR B 485 60.75 -12.85 7.86
N LEU B 486 60.19 -12.02 7.00
CA LEU B 486 59.24 -10.98 7.44
C LEU B 486 57.79 -11.46 7.44
N ASP B 487 57.14 -11.37 8.58
CA ASP B 487 55.71 -11.68 8.71
C ASP B 487 54.90 -10.55 8.06
N PRO B 488 54.13 -10.85 7.00
CA PRO B 488 53.32 -9.81 6.34
C PRO B 488 52.46 -8.95 7.27
N ILE B 489 51.97 -9.52 8.37
CA ILE B 489 50.99 -8.78 9.17
C ILE B 489 51.59 -7.75 10.14
N LYS B 490 52.92 -7.77 10.29
CA LYS B 490 53.59 -6.81 11.14
C LYS B 490 54.15 -5.71 10.26
N VAL B 491 53.41 -4.60 10.15
CA VAL B 491 53.75 -3.55 9.18
C VAL B 491 54.49 -2.41 9.83
N THR B 492 55.75 -2.22 9.40
CA THR B 492 56.59 -1.16 9.93
C THR B 492 56.63 -0.07 8.89
N LEU B 493 56.20 1.11 9.29
CA LEU B 493 56.26 2.29 8.43
C LEU B 493 57.50 3.09 8.82
N LEU B 494 58.14 3.68 7.83
CA LEU B 494 59.34 4.45 8.05
C LEU B 494 59.11 5.92 7.75
N THR B 495 59.56 6.79 8.65
CA THR B 495 59.41 8.24 8.46
C THR B 495 60.73 8.80 7.87
N PRO B 496 60.66 9.95 7.18
CA PRO B 496 61.91 10.50 6.63
C PRO B 496 62.92 10.79 7.72
N GLY B 497 64.20 10.56 7.45
CA GLY B 497 65.23 11.00 8.40
C GLY B 497 66.56 10.27 8.31
N MET B 498 66.53 9.05 7.77
CA MET B 498 67.76 8.29 7.58
C MET B 498 67.96 7.92 6.12
N GLU B 499 69.23 7.91 5.71
CA GLU B 499 69.61 7.49 4.36
C GLU B 499 69.74 5.97 4.26
N LYS B 500 69.83 5.45 3.04
CA LYS B 500 69.99 4.01 2.84
C LYS B 500 71.28 3.47 3.46
N ASP B 501 72.23 4.38 3.74
CA ASP B 501 73.48 4.09 4.44
C ASP B 501 73.38 3.80 5.91
N GLY B 502 72.30 4.26 6.55
CA GLY B 502 72.26 4.32 8.02
C GLY B 502 72.80 5.67 8.53
N THR B 503 73.18 6.53 7.60
CA THR B 503 73.56 7.91 7.90
C THR B 503 72.28 8.79 7.89
N MET B 504 72.42 10.02 8.37
CA MET B 504 71.27 10.91 8.59
C MET B 504 70.95 11.82 7.42
N SER B 505 69.66 12.00 7.15
CA SER B 505 69.20 12.93 6.13
C SER B 505 69.15 14.34 6.70
N ASP B 506 69.20 15.34 5.82
CA ASP B 506 69.00 16.73 6.23
C ASP B 506 67.53 16.97 6.66
N PHE B 507 66.60 16.43 5.87
CA PHE B 507 65.17 16.48 6.21
C PHE B 507 64.76 15.20 6.96
N GLY B 508 64.11 15.39 8.11
CA GLY B 508 63.59 14.26 8.88
C GLY B 508 62.30 14.59 9.60
N ILE B 509 61.45 13.58 9.77
CA ILE B 509 60.30 13.69 10.65
C ILE B 509 60.34 12.56 11.67
N PRO B 510 60.75 12.84 12.91
CA PRO B 510 60.80 11.76 13.91
C PRO B 510 59.43 11.09 14.07
N ALA B 511 59.42 9.76 14.19
CA ALA B 511 58.18 8.97 14.26
C ALA B 511 57.29 9.34 15.43
N SER B 512 57.90 9.78 16.54
CA SER B 512 57.18 10.20 17.74
C SER B 512 56.14 11.29 17.42
N ILE B 513 56.46 12.14 16.44
CA ILE B 513 55.54 13.19 16.00
C ILE B 513 54.34 12.61 15.24
N VAL B 514 54.58 11.64 14.37
CA VAL B 514 53.50 10.95 13.67
C VAL B 514 52.63 10.20 14.67
N ALA B 515 53.27 9.57 15.66
CA ALA B 515 52.54 8.88 16.75
C ALA B 515 51.61 9.81 17.53
N LYS B 516 52.11 10.99 17.87
CA LYS B 516 51.25 11.98 18.52
C LYS B 516 50.05 12.38 17.68
N TYR B 517 50.26 12.58 16.39
CA TYR B 517 49.16 12.88 15.47
C TYR B 517 48.13 11.74 15.43
N LEU B 518 48.62 10.51 15.27
CA LEU B 518 47.73 9.35 15.23
C LEU B 518 46.92 9.21 16.51
N ASP B 519 47.53 9.51 17.65
CA ASP B 519 46.82 9.43 18.91
C ASP B 519 45.67 10.46 19.00
N GLU B 520 45.83 11.63 18.37
CA GLU B 520 44.72 12.59 18.22
C GLU B 520 43.52 12.00 17.51
N HIS B 521 43.77 11.03 16.62
CA HIS B 521 42.69 10.42 15.87
C HIS B 521 42.35 9.01 16.35
N GLY B 522 42.74 8.73 17.59
CA GLY B 522 42.41 7.48 18.27
C GLY B 522 43.19 6.25 17.80
N ILE B 523 44.17 6.44 16.93
CA ILE B 523 44.94 5.32 16.40
C ILE B 523 46.18 5.13 17.25
N VAL B 524 46.27 3.95 17.85
CA VAL B 524 47.36 3.57 18.73
C VAL B 524 48.56 3.03 17.93
N VAL B 525 49.75 3.53 18.21
CA VAL B 525 50.93 2.95 17.58
C VAL B 525 51.49 1.92 18.56
N GLU B 526 51.53 0.66 18.10
CA GLU B 526 52.00 -0.45 18.92
C GLU B 526 53.40 -0.16 19.47
N LYS B 527 54.31 0.21 18.57
CA LYS B 527 55.70 0.39 18.94
C LYS B 527 56.24 1.47 18.02
N THR B 528 57.09 2.33 18.57
CA THR B 528 57.75 3.38 17.81
C THR B 528 59.27 3.39 18.12
N GLY B 529 60.05 3.77 17.14
CA GLY B 529 61.49 4.03 17.29
C GLY B 529 61.71 5.40 16.66
N PRO B 530 62.97 5.86 16.60
CA PRO B 530 63.26 7.19 16.07
C PRO B 530 62.56 7.51 14.77
N TYR B 531 62.64 6.62 13.78
CA TYR B 531 62.01 6.84 12.47
C TYR B 531 61.12 5.68 12.03
N ASN B 532 60.61 4.89 12.96
CA ASN B 532 59.80 3.70 12.58
C ASN B 532 58.53 3.61 13.41
N LEU B 533 57.47 3.03 12.83
CA LEU B 533 56.20 2.86 13.54
C LEU B 533 55.66 1.50 13.17
N LEU B 534 55.17 0.76 14.14
CA LEU B 534 54.72 -0.61 13.89
C LEU B 534 53.18 -0.70 14.00
N PHE B 535 52.56 -1.37 13.03
CA PHE B 535 51.11 -1.64 13.03
C PHE B 535 50.83 -3.11 12.89
N LEU B 536 50.01 -3.64 13.80
CA LEU B 536 49.66 -5.05 13.78
C LEU B 536 48.34 -5.25 13.01
N PHE B 537 48.42 -5.90 11.86
CA PHE B 537 47.24 -6.16 11.04
C PHE B 537 46.59 -7.49 11.43
N SER B 538 46.08 -7.53 12.63
CA SER B 538 45.54 -8.74 13.20
C SER B 538 44.15 -9.06 12.62
N ILE B 539 43.54 -10.09 13.16
CA ILE B 539 42.23 -10.47 12.69
C ILE B 539 41.13 -9.56 13.25
N GLY B 540 41.35 -8.93 14.45
CA GLY B 540 40.83 -7.49 14.61
C GLY B 540 40.74 -6.34 13.71
N ILE B 541 41.74 -6.18 12.87
CA ILE B 541 41.81 -5.02 12.02
C ILE B 541 41.10 -5.28 10.71
N ASP B 542 39.91 -4.69 10.54
CA ASP B 542 39.15 -4.89 9.32
C ASP B 542 39.46 -3.80 8.28
N LYS B 543 38.77 -3.82 7.15
CA LYS B 543 39.08 -2.91 6.04
C LYS B 543 38.82 -1.43 6.37
N THR B 544 37.93 -1.25 7.32
CA THR B 544 37.44 0.03 7.80
C THR B 544 38.59 0.69 8.62
N LYS B 545 39.22 -0.10 9.47
CA LYS B 545 40.32 0.39 10.29
C LYS B 545 41.55 0.67 9.46
N ALA B 546 41.78 -0.16 8.45
CA ALA B 546 42.93 0.02 7.54
C ALA B 546 42.80 1.29 6.72
N LEU B 547 41.59 1.53 6.21
CA LEU B 547 41.31 2.74 5.50
C LEU B 547 41.45 3.98 6.36
N SER B 548 41.02 3.89 7.62
CA SER B 548 41.11 5.00 8.54
C SER B 548 42.58 5.33 8.78
N LEU B 549 43.40 4.30 8.98
CA LEU B 549 44.86 4.51 9.17
C LEU B 549 45.46 5.15 7.92
N LEU B 550 45.19 4.57 6.75
CA LEU B 550 45.70 5.12 5.49
C LEU B 550 45.35 6.61 5.33
N ARG B 551 44.09 6.95 5.62
CA ARG B 551 43.64 8.34 5.50
C ARG B 551 44.30 9.23 6.52
N ALA B 552 44.52 8.68 7.72
CA ALA B 552 45.17 9.46 8.76
C ALA B 552 46.61 9.79 8.35
N LEU B 553 47.26 8.85 7.67
CA LEU B 553 48.63 9.04 7.22
C LEU B 553 48.70 10.07 6.11
N THR B 554 47.77 10.03 5.15
CA THR B 554 47.76 11.04 4.10
C THR B 554 47.43 12.42 4.69
N ASP B 555 46.58 12.46 5.73
CA ASP B 555 46.23 13.70 6.42
C ASP B 555 47.42 14.25 7.22
N PHE B 556 48.22 13.36 7.81
CA PHE B 556 49.42 13.85 8.49
C PHE B 556 50.30 14.62 7.49
N LYS B 557 50.57 14.00 6.35
CA LYS B 557 51.37 14.66 5.30
C LYS B 557 50.75 16.01 4.89
N ARG B 558 49.45 16.01 4.58
CA ARG B 558 48.73 17.20 4.15
C ARG B 558 48.92 18.34 5.15
N ALA B 559 48.69 18.04 6.43
CA ALA B 559 48.76 19.02 7.53
C ALA B 559 50.19 19.43 7.83
N PHE B 560 51.11 18.46 7.76
CA PHE B 560 52.54 18.76 7.90
C PHE B 560 53.00 19.76 6.85
N ASP B 561 52.62 19.53 5.60
CA ASP B 561 53.07 20.37 4.50
C ASP B 561 52.45 21.78 4.50
N LEU B 562 51.28 21.93 5.12
CA LEU B 562 50.69 23.26 5.38
C LEU B 562 51.37 24.01 6.52
N ASN B 563 52.19 23.29 7.30
CA ASN B 563 52.87 23.86 8.45
C ASN B 563 51.96 24.44 9.50
N LEU B 564 50.94 23.66 9.87
CA LEU B 564 49.98 24.07 10.86
C LEU B 564 50.64 24.28 12.20
N ARG B 565 50.02 25.13 13.01
CA ARG B 565 50.43 25.35 14.36
C ARG B 565 50.30 24.04 15.15
N VAL B 566 51.28 23.76 15.99
CA VAL B 566 51.22 22.61 16.91
C VAL B 566 49.93 22.67 17.71
N LYS B 567 49.55 23.89 18.10
CA LYS B 567 48.27 24.16 18.78
C LYS B 567 47.04 23.55 18.06
N ASN B 568 47.07 23.58 16.74
CA ASN B 568 45.92 23.19 15.92
C ASN B 568 45.99 21.73 15.45
N MET B 569 47.20 21.31 15.10
CA MET B 569 47.43 19.96 14.61
C MET B 569 47.62 18.93 15.74
N LEU B 570 48.26 19.34 16.83
CA LEU B 570 48.49 18.43 17.94
C LEU B 570 47.96 19.01 19.25
N PRO B 571 46.62 19.17 19.35
CA PRO B 571 46.07 19.85 20.53
C PRO B 571 46.42 19.23 21.88
N SER B 572 46.50 17.89 21.96
CA SER B 572 46.87 17.22 23.23
C SER B 572 48.30 17.52 23.64
N LEU B 573 49.21 17.58 22.68
CA LEU B 573 50.60 17.97 22.93
C LEU B 573 50.66 19.41 23.42
N TYR B 574 49.88 20.29 22.77
CA TYR B 574 49.78 21.69 23.15
C TYR B 574 49.35 21.82 24.62
N ARG B 575 48.28 21.12 25.00
CA ARG B 575 47.77 21.14 26.37
C ARG B 575 48.78 20.73 27.45
N GLU B 576 49.83 20.01 27.06
CA GLU B 576 50.87 19.62 28.02
C GLU B 576 51.75 20.80 28.44
N ASP B 577 51.96 21.73 27.54
CA ASP B 577 52.66 22.97 27.84
C ASP B 577 52.24 24.07 26.86
N PRO B 578 51.07 24.70 27.11
CA PRO B 578 50.55 25.68 26.16
C PRO B 578 51.53 26.82 25.88
N GLU B 579 52.15 27.33 26.93
CA GLU B 579 53.13 28.42 26.81
C GLU B 579 54.30 28.04 25.91
N PHE B 580 54.88 26.86 26.13
CA PHE B 580 55.96 26.33 25.30
C PHE B 580 55.57 26.21 23.82
N TYR B 581 54.34 25.72 23.58
CA TYR B 581 53.87 25.38 22.24
C TYR B 581 52.99 26.44 21.55
N GLU B 582 52.79 27.57 22.22
CA GLU B 582 51.82 28.58 21.75
C GLU B 582 52.02 29.02 20.30
N ASN B 583 53.28 29.21 19.90
CA ASN B 583 53.59 29.77 18.59
C ASN B 583 54.32 28.83 17.63
N MET B 584 54.70 27.65 18.12
CA MET B 584 55.43 26.69 17.30
C MET B 584 54.54 26.02 16.24
N ARG B 585 55.13 25.79 15.07
CA ARG B 585 54.48 25.11 13.99
C ARG B 585 55.07 23.71 13.84
N ILE B 586 54.30 22.83 13.20
CA ILE B 586 54.65 21.42 13.15
C ILE B 586 56.03 21.18 12.48
N GLN B 587 56.34 21.90 11.41
CA GLN B 587 57.59 21.65 10.68
C GLN B 587 58.81 22.04 11.53
N GLU B 588 58.60 22.98 12.42
CA GLU B 588 59.66 23.47 13.32
C GLU B 588 59.91 22.44 14.44
N LEU B 589 58.83 21.93 15.03
CA LEU B 589 58.92 20.81 15.97
C LEU B 589 59.68 19.63 15.35
N ALA B 590 59.28 19.25 14.14
CA ALA B 590 59.92 18.15 13.46
C ALA B 590 61.42 18.42 13.27
N GLN B 591 61.75 19.59 12.76
CA GLN B 591 63.15 19.99 12.50
C GLN B 591 64.02 19.99 13.73
N ASN B 592 63.49 20.59 14.79
CA ASN B 592 64.23 20.71 16.01
C ASN B 592 64.53 19.35 16.63
N ILE B 593 63.53 18.47 16.68
CA ILE B 593 63.71 17.15 17.31
C ILE B 593 64.67 16.29 16.49
N HIS B 594 64.54 16.38 15.17
CA HIS B 594 65.42 15.71 14.21
C HIS B 594 66.88 16.16 14.32
N LYS B 595 67.07 17.48 14.44
CA LYS B 595 68.40 18.06 14.66
C LYS B 595 68.98 17.58 15.97
N LEU B 596 68.16 17.53 17.02
CA LEU B 596 68.62 16.92 18.28
C LEU B 596 69.13 15.49 18.07
N ILE B 597 68.38 14.68 17.32
CA ILE B 597 68.76 13.29 17.06
C ILE B 597 70.10 13.20 16.31
N VAL B 598 70.22 14.05 15.29
CA VAL B 598 71.43 14.13 14.48
C VAL B 598 72.60 14.60 15.34
N HIS B 599 72.38 15.66 16.10
CA HIS B 599 73.41 16.25 16.96
C HIS B 599 73.92 15.27 18.02
N HIS B 600 72.99 14.60 18.70
CA HIS B 600 73.37 13.68 19.78
C HIS B 600 73.85 12.34 19.24
N ASN B 601 73.95 12.25 17.91
CA ASN B 601 74.36 11.02 17.23
C ASN B 601 73.57 9.78 17.71
N LEU B 602 72.27 9.95 17.93
CA LEU B 602 71.47 8.92 18.60
C LEU B 602 71.55 7.54 17.95
N PRO B 603 71.36 7.46 16.62
CA PRO B 603 71.38 6.12 16.04
C PRO B 603 72.69 5.35 16.23
N ASP B 604 73.83 6.03 16.03
CA ASP B 604 75.12 5.36 16.15
C ASP B 604 75.34 4.88 17.57
N LEU B 605 75.01 5.73 18.53
CA LEU B 605 75.14 5.40 19.95
C LEU B 605 74.21 4.28 20.40
N MET B 606 73.04 4.20 19.76
CA MET B 606 72.07 3.17 20.10
C MET B 606 72.58 1.82 19.64
N TYR B 607 73.01 1.78 18.39
CA TYR B 607 73.63 0.59 17.81
C TYR B 607 74.77 0.07 18.69
N ARG B 608 75.73 0.94 19.00
CA ARG B 608 76.93 0.55 19.76
C ARG B 608 76.62 0.12 21.20
N ALA B 609 75.64 0.75 21.83
CA ALA B 609 75.25 0.37 23.20
C ALA B 609 74.82 -1.10 23.33
N PHE B 610 74.30 -1.66 22.25
CA PHE B 610 73.68 -2.99 22.26
C PHE B 610 74.55 -4.03 21.61
N GLU B 611 75.65 -3.58 21.01
CA GLU B 611 76.59 -4.50 20.39
C GLU B 611 77.58 -5.11 21.38
N VAL B 612 77.83 -4.43 22.50
CA VAL B 612 78.58 -4.99 23.62
C VAL B 612 77.66 -5.39 24.78
N LEU B 613 78.12 -6.33 25.60
CA LEU B 613 77.32 -6.76 26.74
C LEU B 613 77.91 -6.32 28.07
N PRO B 614 77.09 -5.76 28.96
CA PRO B 614 77.59 -5.54 30.30
C PRO B 614 78.15 -6.85 30.86
N THR B 615 79.06 -6.74 31.83
CA THR B 615 79.71 -7.90 32.42
C THR B 615 78.81 -8.53 33.47
N MET B 616 78.56 -9.83 33.36
CA MET B 616 77.81 -10.52 34.41
C MET B 616 78.64 -10.80 35.65
N VAL B 617 78.50 -9.94 36.65
CA VAL B 617 79.22 -10.10 37.90
C VAL B 617 78.56 -11.18 38.73
N MET B 618 77.24 -11.08 38.92
CA MET B 618 76.45 -12.16 39.48
C MET B 618 75.22 -12.46 38.62
N THR B 619 74.54 -13.56 38.89
CA THR B 619 73.32 -13.90 38.15
C THR B 619 72.17 -13.00 38.59
N PRO B 620 71.10 -12.90 37.75
CA PRO B 620 69.95 -12.12 38.17
C PRO B 620 69.39 -12.60 39.50
N TYR B 621 69.43 -13.92 39.72
CA TYR B 621 68.92 -14.51 40.96
C TYR B 621 69.71 -14.05 42.18
N ALA B 622 71.03 -14.13 42.05
CA ALA B 622 71.96 -13.69 43.11
C ALA B 622 71.76 -12.19 43.37
N ALA B 623 71.65 -11.39 42.31
CA ALA B 623 71.38 -9.95 42.50
C ALA B 623 70.08 -9.69 43.26
N PHE B 624 69.02 -10.43 42.93
CA PHE B 624 67.73 -10.20 43.59
C PHE B 624 67.77 -10.61 45.06
N GLN B 625 68.51 -11.68 45.38
CA GLN B 625 68.74 -12.05 46.79
C GLN B 625 69.34 -10.92 47.61
N LYS B 626 70.31 -10.22 47.01
CA LYS B 626 70.93 -9.04 47.62
C LYS B 626 69.90 -7.95 47.87
N GLU B 627 69.06 -7.73 46.87
CA GLU B 627 67.98 -6.76 47.01
C GLU B 627 67.06 -7.15 48.15
N LEU B 628 66.71 -8.43 48.22
CA LEU B 628 65.86 -8.92 49.30
C LEU B 628 66.42 -8.69 50.69
N HIS B 629 67.75 -8.57 50.77
CA HIS B 629 68.47 -8.30 52.02
C HIS B 629 68.70 -6.81 52.24
N GLY B 630 68.17 -5.98 51.35
CA GLY B 630 68.28 -4.53 51.47
C GLY B 630 69.63 -3.97 51.05
N MET B 631 70.36 -4.72 50.25
CA MET B 631 71.74 -4.35 49.91
C MET B 631 71.80 -3.51 48.65
N THR B 632 70.89 -2.54 48.54
CA THR B 632 70.85 -1.67 47.37
C THR B 632 70.94 -0.21 47.80
N GLU B 633 71.42 0.63 46.90
CA GLU B 633 71.42 2.08 47.07
C GLU B 633 71.23 2.70 45.68
N GLU B 634 70.85 3.99 45.64
CA GLU B 634 70.83 4.73 44.38
C GLU B 634 72.09 5.55 44.22
N VAL B 635 72.66 5.53 43.03
CA VAL B 635 73.72 6.45 42.65
C VAL B 635 73.28 7.13 41.36
N TYR B 636 73.89 8.27 41.04
CA TYR B 636 73.63 8.94 39.77
C TYR B 636 74.08 8.07 38.62
N LEU B 637 73.37 8.19 37.49
CA LEU B 637 73.66 7.41 36.29
C LEU B 637 75.13 7.57 35.87
N ASP B 638 75.65 8.79 35.99
CA ASP B 638 77.05 9.09 35.64
C ASP B 638 78.08 8.26 36.41
N GLU B 639 77.71 7.82 37.60
CA GLU B 639 78.59 7.15 38.55
C GLU B 639 78.50 5.61 38.51
N MET B 640 77.87 5.07 37.48
CA MET B 640 77.49 3.65 37.52
C MET B 640 78.53 2.65 36.98
N VAL B 641 79.50 3.14 36.20
CA VAL B 641 80.62 2.28 35.77
C VAL B 641 81.21 1.57 37.00
N GLY B 642 81.50 0.28 36.86
CA GLY B 642 82.03 -0.52 37.95
C GLY B 642 81.06 -0.85 39.09
N ARG B 643 79.78 -0.53 38.92
CA ARG B 643 78.74 -0.87 39.91
C ARG B 643 77.81 -1.99 39.44
N ILE B 644 77.38 -2.84 40.37
CA ILE B 644 76.50 -3.97 40.05
C ILE B 644 75.04 -3.47 40.00
N ASN B 645 74.44 -3.57 38.83
CA ASN B 645 73.06 -3.12 38.66
C ASN B 645 72.04 -3.96 39.39
N ALA B 646 71.13 -3.30 40.07
CA ALA B 646 70.08 -3.98 40.81
C ALA B 646 68.85 -4.31 39.91
N ASN B 647 68.43 -3.35 39.07
CA ASN B 647 67.24 -3.50 38.19
C ASN B 647 67.60 -3.72 36.72
N MET B 648 66.67 -4.33 35.97
CA MET B 648 66.78 -4.30 34.51
C MET B 648 66.75 -2.85 34.08
N ILE B 649 67.56 -2.51 33.09
CA ILE B 649 67.51 -1.17 32.52
C ILE B 649 66.99 -1.35 31.12
N LEU B 650 65.86 -0.72 30.86
CA LEU B 650 65.11 -0.95 29.62
C LEU B 650 64.81 0.39 29.01
N PRO B 651 65.64 0.83 28.05
CA PRO B 651 65.43 2.17 27.52
C PRO B 651 64.49 2.17 26.30
N TYR B 652 63.73 3.26 26.12
CA TYR B 652 62.93 3.45 24.90
C TYR B 652 63.40 4.72 24.25
N PRO B 653 63.98 4.62 23.06
CA PRO B 653 64.24 3.42 22.26
C PRO B 653 65.49 2.65 22.77
N PRO B 654 65.73 1.42 22.24
CA PRO B 654 64.91 0.70 21.24
C PRO B 654 63.93 -0.30 21.86
N GLY B 655 63.68 -0.19 23.17
CA GLY B 655 62.68 -1.01 23.84
C GLY B 655 63.04 -2.44 24.20
N VAL B 656 64.34 -2.75 24.20
CA VAL B 656 64.82 -4.09 24.59
C VAL B 656 65.84 -3.99 25.73
N PRO B 657 65.98 -5.04 26.56
CA PRO B 657 66.84 -4.95 27.77
C PRO B 657 68.27 -4.50 27.44
N LEU B 658 68.79 -3.56 28.24
CA LEU B 658 70.15 -3.07 28.03
C LEU B 658 71.10 -3.63 29.10
N VAL B 659 70.69 -3.54 30.38
CA VAL B 659 71.44 -4.11 31.50
C VAL B 659 70.53 -4.98 32.35
N MET B 660 71.00 -6.16 32.76
CA MET B 660 70.23 -7.06 33.63
C MET B 660 70.59 -6.85 35.08
N PRO B 661 69.70 -7.23 36.01
CA PRO B 661 70.17 -7.28 37.40
C PRO B 661 71.42 -8.18 37.51
N GLY B 662 72.43 -7.73 38.25
CA GLY B 662 73.68 -8.50 38.41
C GLY B 662 74.78 -8.19 37.41
N GLU B 663 74.49 -7.33 36.44
CA GLU B 663 75.47 -6.95 35.45
C GLU B 663 76.09 -5.61 35.83
N MET B 664 77.23 -5.32 35.23
CA MET B 664 78.02 -4.14 35.57
C MET B 664 78.56 -3.52 34.28
N ILE B 665 78.38 -2.21 34.13
CA ILE B 665 79.04 -1.51 33.02
C ILE B 665 80.54 -1.33 33.36
N THR B 666 81.41 -1.72 32.44
CA THR B 666 82.85 -1.51 32.58
C THR B 666 83.31 -0.56 31.48
N GLU B 667 84.62 -0.49 31.25
CA GLU B 667 85.21 0.31 30.18
C GLU B 667 84.99 -0.34 28.83
N GLU B 668 85.02 -1.66 28.83
CA GLU B 668 84.70 -2.45 27.66
C GLU B 668 83.26 -2.12 27.17
N SER B 669 82.35 -1.86 28.11
CA SER B 669 80.93 -1.63 27.78
C SER B 669 80.45 -0.20 28.08
N ARG B 670 81.37 0.76 28.06
CA ARG B 670 81.05 2.19 28.23
C ARG B 670 79.97 2.75 27.27
N PRO B 671 79.93 2.32 25.99
CA PRO B 671 78.82 2.76 25.11
C PRO B 671 77.41 2.62 25.68
N VAL B 672 77.19 1.58 26.50
CA VAL B 672 75.95 1.41 27.26
C VAL B 672 75.64 2.67 28.06
N LEU B 673 76.60 3.12 28.87
CA LEU B 673 76.39 4.32 29.68
C LEU B 673 76.23 5.58 28.80
N GLU B 674 76.99 5.66 27.71
CA GLU B 674 76.98 6.85 26.87
C GLU B 674 75.61 7.02 26.19
N PHE B 675 75.07 5.91 25.70
CA PHE B 675 73.72 5.87 25.13
C PHE B 675 72.70 6.35 26.17
N LEU B 676 72.73 5.78 27.36
CA LEU B 676 71.83 6.19 28.44
C LEU B 676 71.90 7.70 28.79
N GLN B 677 73.13 8.24 28.92
CA GLN B 677 73.33 9.65 29.26
C GLN B 677 72.76 10.52 28.15
N MET B 678 73.02 10.14 26.91
CA MET B 678 72.49 10.83 25.74
C MET B 678 70.94 10.88 25.75
N LEU B 679 70.28 9.76 26.09
CA LEU B 679 68.82 9.70 26.11
C LEU B 679 68.28 10.65 27.16
N CYS B 680 69.02 10.77 28.27
CA CYS B 680 68.64 11.65 29.34
C CYS B 680 68.71 13.12 28.90
N GLU B 681 69.73 13.44 28.11
CA GLU B 681 69.98 14.82 27.68
C GLU B 681 68.97 15.22 26.58
N ILE B 682 68.86 14.41 25.54
CA ILE B 682 67.94 14.66 24.42
C ILE B 682 66.48 14.83 24.89
N GLY B 683 66.10 14.13 25.97
CA GLY B 683 64.72 14.11 26.42
C GLY B 683 64.33 15.27 27.31
N ALA B 684 65.29 16.13 27.63
CA ALA B 684 65.05 17.28 28.50
C ALA B 684 64.48 18.49 27.75
N HIS B 685 64.49 18.47 26.43
CA HIS B 685 64.21 19.66 25.62
C HIS B 685 62.73 19.94 25.35
N TYR B 686 61.99 18.91 24.93
CA TYR B 686 60.61 19.09 24.49
C TYR B 686 59.59 18.44 25.39
N PRO B 687 58.65 19.22 25.94
CA PRO B 687 57.57 18.63 26.71
C PRO B 687 56.82 17.64 25.81
N GLY B 688 56.47 16.47 26.37
CA GLY B 688 55.80 15.40 25.62
C GLY B 688 56.74 14.42 24.97
N PHE B 689 58.04 14.75 24.99
CA PHE B 689 59.08 13.92 24.40
C PHE B 689 60.16 13.62 25.46
N GLU B 690 59.68 13.24 26.65
CA GLU B 690 60.52 13.00 27.82
C GLU B 690 61.38 11.77 27.63
N THR B 691 62.50 11.72 28.33
CA THR B 691 63.29 10.49 28.50
C THR B 691 62.40 9.34 29.03
N ASP B 692 62.58 8.15 28.45
CA ASP B 692 61.83 6.96 28.90
C ASP B 692 62.77 5.76 29.09
N ILE B 693 63.35 5.67 30.28
CA ILE B 693 64.24 4.56 30.61
C ILE B 693 63.72 3.89 31.88
N HIS B 694 63.23 2.67 31.74
CA HIS B 694 62.81 1.92 32.91
C HIS B 694 64.04 1.53 33.73
N GLY B 695 63.98 1.78 35.04
CA GLY B 695 65.14 1.57 35.92
C GLY B 695 66.01 2.80 36.13
N ALA B 696 65.67 3.90 35.46
CA ALA B 696 66.31 5.20 35.72
C ALA B 696 65.26 6.12 36.31
N TYR B 697 65.67 6.93 37.27
CA TYR B 697 64.74 7.77 37.99
C TYR B 697 65.15 9.22 37.87
N ARG B 698 64.28 10.02 37.24
CA ARG B 698 64.44 11.47 37.14
C ARG B 698 64.30 12.12 38.50
N GLN B 699 65.34 12.82 38.92
CA GLN B 699 65.31 13.58 40.17
C GLN B 699 64.77 14.97 39.91
N ALA B 700 64.33 15.65 40.98
CA ALA B 700 63.73 16.98 40.85
C ALA B 700 64.65 18.00 40.16
N ASP B 701 65.95 17.75 40.20
CA ASP B 701 66.93 18.63 39.55
C ASP B 701 67.26 18.26 38.09
N GLY B 702 66.55 17.27 37.54
CA GLY B 702 66.75 16.86 36.15
C GLY B 702 67.82 15.81 35.91
N ARG B 703 68.52 15.40 36.98
CA ARG B 703 69.51 14.32 36.88
C ARG B 703 68.83 12.96 37.10
N TYR B 704 69.43 11.89 36.56
CA TYR B 704 68.90 10.52 36.73
C TYR B 704 69.72 9.63 37.67
N THR B 705 69.02 8.85 38.48
CA THR B 705 69.65 7.83 39.32
C THR B 705 69.29 6.41 38.85
N VAL B 706 70.11 5.46 39.31
CA VAL B 706 69.89 4.02 39.12
C VAL B 706 70.15 3.31 40.45
N LYS B 707 69.48 2.17 40.62
CA LYS B 707 69.64 1.38 41.82
C LYS B 707 70.79 0.39 41.58
N VAL B 708 71.74 0.37 42.51
CA VAL B 708 72.89 -0.54 42.42
C VAL B 708 73.08 -1.31 43.72
N LEU B 709 73.85 -2.38 43.66
CA LEU B 709 74.19 -3.08 44.89
C LEU B 709 75.22 -2.31 45.72
N LYS B 710 75.05 -2.31 47.04
CA LYS B 710 76.01 -1.70 47.98
C LYS B 710 77.41 -2.30 47.80
N GLU B 711 78.44 -1.52 48.10
CA GLU B 711 79.80 -2.08 48.11
C GLU B 711 80.11 -2.69 49.45
N MET C 1 -31.68 -2.47 -4.65
CA MET C 1 -31.44 -1.48 -5.72
C MET C 1 -30.38 -0.47 -5.17
N ASN C 2 -29.10 -0.78 -5.24
CA ASN C 2 -28.08 0.18 -4.73
C ASN C 2 -26.72 0.19 -5.45
N VAL C 3 -26.66 -0.35 -6.65
CA VAL C 3 -25.38 -0.47 -7.34
C VAL C 3 -25.28 0.66 -8.39
N ILE C 4 -24.24 1.49 -8.27
CA ILE C 4 -24.03 2.55 -9.25
C ILE C 4 -22.74 2.27 -10.01
N ALA C 5 -22.79 2.30 -11.34
CA ALA C 5 -21.60 2.14 -12.14
C ALA C 5 -20.96 3.49 -12.46
N ILE C 6 -19.65 3.54 -12.30
CA ILE C 6 -18.90 4.66 -12.82
C ILE C 6 -18.00 4.17 -13.93
N LEU C 7 -18.16 4.73 -15.11
CA LEU C 7 -17.28 4.38 -16.21
C LEU C 7 -16.16 5.45 -16.47
N ASN C 8 -14.92 5.31 -15.90
CA ASN C 8 -13.57 5.98 -16.35
C ASN C 8 -12.09 6.61 -15.94
N HIS C 9 -10.98 6.14 -16.58
CA HIS C 9 -9.71 6.94 -16.75
C HIS C 9 -9.81 8.08 -17.80
N MET C 10 -9.75 9.33 -17.33
CA MET C 10 -9.96 10.48 -18.20
C MET C 10 -8.67 11.23 -18.49
N GLY C 11 -7.65 11.03 -17.64
CA GLY C 11 -6.36 11.68 -17.86
C GLY C 11 -6.25 13.13 -17.38
N VAL C 12 -7.28 13.62 -16.68
CA VAL C 12 -7.32 14.99 -16.14
C VAL C 12 -7.87 14.97 -14.75
N TYR C 13 -7.08 15.52 -13.85
CA TYR C 13 -7.43 15.64 -12.44
C TYR C 13 -8.73 16.45 -12.25
N PHE C 14 -8.97 17.48 -13.07
CA PHE C 14 -10.17 18.31 -12.92
C PHE C 14 -11.49 17.51 -13.12
N LYS C 15 -11.39 16.38 -13.80
CA LYS C 15 -12.54 15.44 -13.94
C LYS C 15 -12.39 14.28 -12.96
N GLU C 16 -11.19 13.72 -12.85
CA GLU C 16 -11.01 12.55 -11.99
C GLU C 16 -11.25 12.79 -10.49
N GLU C 17 -10.78 13.93 -9.97
CA GLU C 17 -10.94 14.19 -8.53
C GLU C 17 -12.42 14.38 -8.11
N PRO C 18 -13.22 15.21 -8.84
CA PRO C 18 -14.64 15.28 -8.48
C PRO C 18 -15.32 13.89 -8.53
N ILE C 19 -14.86 13.01 -9.40
CA ILE C 19 -15.46 11.66 -9.47
C ILE C 19 -15.06 10.83 -8.26
N ARG C 20 -13.80 10.97 -7.81
CA ARG C 20 -13.42 10.34 -6.53
C ARG C 20 -14.27 10.85 -5.36
N GLU C 21 -14.48 12.18 -5.29
CA GLU C 21 -15.33 12.77 -4.29
C GLU C 21 -16.75 12.20 -4.36
N LEU C 22 -17.24 12.03 -5.57
CA LEU C 22 -18.61 11.49 -5.75
C LEU C 22 -18.71 10.03 -5.29
N HIS C 23 -17.70 9.23 -5.63
CA HIS C 23 -17.58 7.87 -5.06
C HIS C 23 -17.79 7.86 -3.57
N ARG C 24 -17.02 8.68 -2.85
CA ARG C 24 -17.13 8.71 -1.37
C ARG C 24 -18.50 9.17 -0.89
N ALA C 25 -19.05 10.18 -1.55
CA ALA C 25 -20.36 10.72 -1.19
C ALA C 25 -21.46 9.66 -1.38
N LEU C 26 -21.37 8.93 -2.48
CA LEU C 26 -22.34 7.85 -2.76
C LEU C 26 -22.20 6.71 -1.77
N GLU C 27 -20.99 6.32 -1.44
CA GLU C 27 -20.85 5.29 -0.40
C GLU C 27 -21.45 5.68 0.94
N ARG C 28 -21.32 6.95 1.33
CA ARG C 28 -21.95 7.46 2.54
C ARG C 28 -23.48 7.30 2.54
N LEU C 29 -24.09 7.35 1.36
CA LEU C 29 -25.51 7.08 1.17
C LEU C 29 -25.84 5.59 0.97
N ASN C 30 -24.85 4.73 1.20
CA ASN C 30 -25.02 3.28 1.15
C ASN C 30 -25.23 2.70 -0.25
N PHE C 31 -24.72 3.40 -1.26
CA PHE C 31 -24.57 2.81 -2.59
C PHE C 31 -23.28 2.01 -2.71
N GLN C 32 -23.34 0.97 -3.52
CA GLN C 32 -22.13 0.31 -3.90
C GLN C 32 -21.67 0.61 -5.32
N ILE C 33 -20.39 0.85 -5.53
CA ILE C 33 -19.89 1.71 -6.57
C ILE C 33 -19.11 0.61 -7.40
N VAL C 34 -19.37 0.50 -8.71
CA VAL C 34 -18.69 -0.48 -9.52
C VAL C 34 -18.03 0.22 -10.70
N TYR C 35 -16.92 -0.33 -11.20
CA TYR C 35 -16.04 0.33 -12.22
C TYR C 35 -15.82 -0.49 -13.48
N PRO C 36 -16.78 -0.48 -14.41
CA PRO C 36 -16.51 -1.25 -15.64
C PRO C 36 -15.30 -0.72 -16.40
N ASN C 37 -14.60 -1.60 -17.11
CA ASN C 37 -13.40 -1.22 -17.83
C ASN C 37 -13.70 -0.47 -19.11
N ASP C 38 -14.85 -0.73 -19.70
CA ASP C 38 -15.17 -0.17 -20.99
C ASP C 38 -16.64 -0.34 -21.24
N ARG C 39 -17.05 0.10 -22.42
CA ARG C 39 -18.45 0.08 -22.78
C ARG C 39 -19.06 -1.33 -22.68
N ASP C 40 -18.37 -2.34 -23.22
CA ASP C 40 -18.96 -3.69 -23.21
C ASP C 40 -19.02 -4.28 -21.80
N ASP C 41 -18.04 -3.94 -20.97
CA ASP C 41 -18.00 -4.38 -19.57
C ASP C 41 -19.24 -3.81 -18.83
N LEU C 42 -19.53 -2.53 -19.02
CA LEU C 42 -20.70 -1.89 -18.44
C LEU C 42 -22.01 -2.56 -18.88
N LEU C 43 -22.16 -2.77 -20.19
CA LEU C 43 -23.39 -3.46 -20.68
C LEU C 43 -23.57 -4.86 -20.10
N LYS C 44 -22.48 -5.62 -19.94
CA LYS C 44 -22.56 -6.90 -19.20
C LYS C 44 -22.95 -6.74 -17.73
N LEU C 45 -22.38 -5.72 -17.07
CA LEU C 45 -22.82 -5.42 -15.72
C LEU C 45 -24.33 -5.17 -15.66
N ILE C 46 -24.85 -4.35 -16.56
CA ILE C 46 -26.31 -4.04 -16.56
C ILE C 46 -27.11 -5.32 -16.79
N GLU C 47 -26.72 -6.05 -17.82
CA GLU C 47 -27.38 -7.30 -18.17
C GLU C 47 -27.37 -8.32 -17.02
N ASN C 48 -26.28 -8.43 -16.26
CA ASN C 48 -26.21 -9.42 -15.18
C ASN C 48 -26.71 -9.01 -13.81
N ASN C 49 -26.97 -7.70 -13.61
CA ASN C 49 -27.29 -7.15 -12.29
C ASN C 49 -28.50 -6.18 -12.34
N ALA C 50 -29.69 -6.71 -12.03
CA ALA C 50 -30.93 -5.92 -12.02
C ALA C 50 -30.91 -4.82 -10.94
N ARG C 51 -30.02 -4.96 -9.97
CA ARG C 51 -29.89 -3.94 -8.91
C ARG C 51 -28.95 -2.79 -9.23
N LEU C 52 -28.31 -2.87 -10.39
CA LEU C 52 -27.53 -1.74 -10.92
C LEU C 52 -28.56 -0.67 -11.37
N CYS C 53 -28.56 0.46 -10.66
CA CYS C 53 -29.64 1.43 -10.80
C CYS C 53 -29.20 2.82 -11.28
N GLY C 54 -27.95 2.94 -11.73
CA GLY C 54 -27.44 4.23 -12.22
C GLY C 54 -26.10 4.11 -12.87
N VAL C 55 -25.86 4.98 -13.89
CA VAL C 55 -24.59 4.96 -14.62
C VAL C 55 -24.06 6.40 -14.71
N ILE C 56 -22.86 6.60 -14.18
CA ILE C 56 -22.10 7.85 -14.24
C ILE C 56 -21.07 7.76 -15.34
N PHE C 57 -21.07 8.75 -16.25
CA PHE C 57 -20.08 8.78 -17.31
C PHE C 57 -19.84 10.16 -17.92
N ASP C 58 -18.68 10.33 -18.53
CA ASP C 58 -18.39 11.53 -19.31
C ASP C 58 -19.25 11.52 -20.56
N TRP C 59 -20.08 12.55 -20.71
CA TRP C 59 -21.02 12.62 -21.86
C TRP C 59 -20.35 12.52 -23.25
N ASP C 60 -19.37 13.38 -23.53
CA ASP C 60 -18.74 13.42 -24.87
C ASP C 60 -18.06 12.09 -25.19
N LYS C 61 -17.38 11.52 -24.20
CA LYS C 61 -16.63 10.27 -24.39
C LYS C 61 -17.52 9.08 -24.76
N TYR C 62 -18.73 9.02 -24.19
CA TYR C 62 -19.49 7.78 -24.22
C TYR C 62 -20.92 7.82 -24.77
N ASN C 63 -21.54 9.01 -24.91
CA ASN C 63 -22.98 9.03 -25.15
C ASN C 63 -23.40 8.28 -26.44
N LEU C 64 -22.58 8.47 -27.48
CA LEU C 64 -22.82 7.80 -28.76
C LEU C 64 -22.55 6.29 -28.73
N GLU C 65 -21.73 5.85 -27.78
CA GLU C 65 -21.47 4.42 -27.56
C GLU C 65 -22.43 3.74 -26.57
N LEU C 66 -23.13 4.51 -25.75
CA LEU C 66 -23.93 3.92 -24.66
C LEU C 66 -25.43 4.09 -24.76
N CYS C 67 -25.88 5.27 -25.17
CA CYS C 67 -27.27 5.62 -24.96
C CYS C 67 -28.23 4.65 -25.66
N GLU C 68 -27.98 4.37 -26.93
CA GLU C 68 -28.85 3.46 -27.66
C GLU C 68 -28.83 2.05 -27.08
N GLU C 69 -27.65 1.52 -26.76
CA GLU C 69 -27.55 0.19 -26.13
C GLU C 69 -28.28 0.13 -24.82
N ILE C 70 -28.16 1.19 -24.01
CA ILE C 70 -28.83 1.16 -22.72
C ILE C 70 -30.35 1.20 -22.89
N SER C 71 -30.85 2.07 -23.76
CA SER C 71 -32.29 2.19 -23.99
C SER C 71 -32.96 0.86 -24.38
N LYS C 72 -32.23 0.02 -25.14
CA LYS C 72 -32.74 -1.31 -25.51
C LYS C 72 -32.85 -2.27 -24.33
N MET C 73 -32.02 -2.08 -23.30
CA MET C 73 -32.05 -2.90 -22.10
C MET C 73 -33.04 -2.42 -21.03
N ASN C 74 -33.15 -1.11 -20.90
CA ASN C 74 -33.88 -0.55 -19.79
C ASN C 74 -34.20 0.91 -20.06
N GLU C 75 -35.45 1.19 -20.39
CA GLU C 75 -35.93 2.54 -20.75
C GLU C 75 -35.68 3.64 -19.70
N ASN C 76 -35.45 3.27 -18.44
CA ASN C 76 -35.97 3.98 -17.28
C ASN C 76 -34.63 4.17 -16.50
N LEU C 77 -33.56 3.49 -16.93
CA LEU C 77 -32.33 3.40 -16.11
C LEU C 77 -31.65 4.79 -15.97
N PRO C 78 -31.51 5.32 -14.74
CA PRO C 78 -30.89 6.65 -14.59
C PRO C 78 -29.48 6.78 -15.16
N LEU C 79 -29.29 7.78 -16.03
CA LEU C 79 -27.96 8.13 -16.52
C LEU C 79 -27.53 9.46 -15.94
N TYR C 80 -26.28 9.50 -15.49
CA TYR C 80 -25.73 10.70 -14.81
C TYR C 80 -24.55 11.11 -15.65
N ALA C 81 -24.80 12.08 -16.54
CA ALA C 81 -23.88 12.42 -17.63
C ALA C 81 -23.13 13.70 -17.28
N PHE C 82 -21.82 13.64 -17.32
CA PHE C 82 -20.98 14.80 -16.99
C PHE C 82 -20.56 15.52 -18.28
N ALA C 83 -20.93 16.81 -18.33
CA ALA C 83 -20.83 17.62 -19.55
C ALA C 83 -19.55 18.44 -19.59
N ASN C 84 -19.07 18.65 -20.83
CA ASN C 84 -17.99 19.57 -21.16
C ASN C 84 -18.63 20.86 -21.66
N THR C 85 -17.86 21.94 -21.72
CA THR C 85 -18.38 23.22 -22.22
C THR C 85 -19.16 23.06 -23.53
N TYR C 86 -18.59 22.31 -24.46
CA TYR C 86 -19.20 22.22 -25.77
C TYR C 86 -20.04 21.00 -25.99
N SER C 87 -20.38 20.27 -24.92
CA SER C 87 -21.24 19.08 -25.07
C SER C 87 -22.54 19.46 -25.76
N THR C 88 -23.02 18.57 -26.63
CA THR C 88 -24.30 18.77 -27.27
C THR C 88 -25.08 17.47 -27.44
N LEU C 89 -26.28 17.56 -28.01
CA LEU C 89 -27.13 16.39 -28.23
C LEU C 89 -27.17 16.03 -29.71
N ASP C 90 -26.71 14.82 -30.01
CA ASP C 90 -26.73 14.29 -31.37
C ASP C 90 -28.15 13.95 -31.76
N VAL C 91 -28.50 14.20 -33.02
CA VAL C 91 -29.82 13.88 -33.54
C VAL C 91 -30.19 12.41 -33.38
N SER C 92 -29.20 11.52 -33.38
CA SER C 92 -29.46 10.08 -33.18
C SER C 92 -30.16 9.73 -31.83
N LEU C 93 -30.12 10.67 -30.88
CA LEU C 93 -30.70 10.44 -29.56
C LEU C 93 -32.20 10.77 -29.49
N ASN C 94 -32.68 11.49 -30.50
CA ASN C 94 -34.03 12.08 -30.46
C ASN C 94 -35.13 11.11 -30.08
N ASP C 95 -35.12 9.93 -30.67
CA ASP C 95 -36.22 9.00 -30.44
C ASP C 95 -35.95 7.97 -29.37
N LEU C 96 -34.79 8.05 -28.71
CA LEU C 96 -34.50 7.07 -27.63
C LEU C 96 -35.20 7.43 -26.35
N ARG C 97 -35.63 6.43 -25.59
CA ARG C 97 -36.15 6.66 -24.27
C ARG C 97 -34.99 6.57 -23.29
N LEU C 98 -34.68 7.72 -22.71
CA LEU C 98 -33.53 7.85 -21.80
C LEU C 98 -33.91 8.70 -20.62
N GLN C 99 -33.36 8.37 -19.46
CA GLN C 99 -33.53 9.14 -18.23
C GLN C 99 -32.14 9.74 -17.91
N ILE C 100 -31.94 11.01 -18.26
CA ILE C 100 -30.62 11.59 -18.14
C ILE C 100 -30.62 12.80 -17.25
N SER C 101 -29.64 12.88 -16.37
CA SER C 101 -29.39 14.10 -15.57
C SER C 101 -27.99 14.53 -15.96
N PHE C 102 -27.81 15.83 -16.17
CA PHE C 102 -26.52 16.38 -16.60
C PHE C 102 -25.82 17.06 -15.45
N PHE C 103 -24.53 16.78 -15.28
CA PHE C 103 -23.75 17.37 -14.18
C PHE C 103 -22.47 18.01 -14.69
N GLU C 104 -21.87 18.86 -13.85
CA GLU C 104 -20.59 19.47 -14.14
C GLU C 104 -19.51 18.86 -13.27
N TYR C 105 -18.26 18.98 -13.71
CA TYR C 105 -17.14 18.49 -12.89
C TYR C 105 -16.68 19.61 -11.98
N ALA C 106 -16.90 19.46 -10.68
CA ALA C 106 -16.51 20.53 -9.73
C ALA C 106 -16.13 19.94 -8.42
N LEU C 107 -15.07 20.48 -7.82
CA LEU C 107 -14.70 20.08 -6.47
C LEU C 107 -15.75 20.56 -5.49
N GLY C 108 -16.06 19.75 -4.49
CA GLY C 108 -17.01 20.14 -3.47
C GLY C 108 -18.48 19.94 -3.86
N ALA C 109 -18.76 19.56 -5.11
CA ALA C 109 -20.15 19.34 -5.56
C ALA C 109 -20.72 17.94 -5.22
N ALA C 110 -19.86 17.02 -4.78
CA ALA C 110 -20.22 15.60 -4.65
C ALA C 110 -21.41 15.31 -3.76
N GLU C 111 -21.50 15.99 -2.62
CA GLU C 111 -22.57 15.75 -1.68
C GLU C 111 -23.91 16.11 -2.30
N ASP C 112 -23.96 17.26 -2.98
CA ASP C 112 -25.17 17.66 -3.69
C ASP C 112 -25.51 16.71 -4.82
N ILE C 113 -24.51 16.35 -5.62
CA ILE C 113 -24.75 15.37 -6.69
C ILE C 113 -25.23 14.01 -6.13
N ALA C 114 -24.55 13.49 -5.12
CA ALA C 114 -25.00 12.24 -4.46
C ALA C 114 -26.48 12.30 -4.02
N ASN C 115 -26.89 13.43 -3.42
CA ASN C 115 -28.29 13.61 -3.00
C ASN C 115 -29.27 13.59 -4.18
N LYS C 116 -28.86 14.18 -5.31
CA LYS C 116 -29.70 14.16 -6.50
C LYS C 116 -29.82 12.75 -7.06
N ILE C 117 -28.71 12.02 -7.03
CA ILE C 117 -28.70 10.61 -7.45
C ILE C 117 -29.63 9.76 -6.57
N LYS C 118 -29.55 9.95 -5.27
CA LYS C 118 -30.45 9.28 -4.33
C LYS C 118 -31.91 9.57 -4.67
N GLN C 119 -32.21 10.85 -4.86
CA GLN C 119 -33.57 11.25 -5.25
C GLN C 119 -34.00 10.63 -6.61
N THR C 120 -33.10 10.63 -7.59
CA THR C 120 -33.43 10.06 -8.87
C THR C 120 -33.59 8.51 -8.82
N THR C 121 -32.79 7.87 -7.98
CA THR C 121 -32.98 6.43 -7.69
C THR C 121 -34.37 6.14 -7.11
N ASP C 122 -34.80 6.93 -6.13
CA ASP C 122 -36.16 6.76 -5.59
C ASP C 122 -37.24 6.99 -6.65
N GLU C 123 -37.03 7.95 -7.55
CA GLU C 123 -37.98 8.18 -8.64
C GLU C 123 -38.05 6.97 -9.59
N TYR C 124 -36.90 6.38 -9.89
CA TYR C 124 -36.81 5.15 -10.69
C TYR C 124 -37.58 4.00 -10.04
N ILE C 125 -37.27 3.72 -8.77
CA ILE C 125 -38.03 2.76 -7.97
C ILE C 125 -39.55 3.03 -8.01
N ASN C 126 -39.95 4.29 -7.83
CA ASN C 126 -41.37 4.60 -7.88
C ASN C 126 -41.98 4.48 -9.28
N THR C 127 -41.17 4.62 -10.32
CA THR C 127 -41.62 4.45 -11.68
C THR C 127 -41.91 2.99 -12.04
N ILE C 128 -41.04 2.09 -11.58
CA ILE C 128 -41.12 0.67 -11.98
C ILE C 128 -42.05 -0.18 -11.11
N LEU C 129 -42.32 0.26 -9.88
CA LEU C 129 -43.26 -0.45 -9.01
C LEU C 129 -44.67 -0.19 -9.50
N PRO C 130 -45.50 -1.25 -9.52
CA PRO C 130 -46.91 -1.03 -9.88
C PRO C 130 -47.68 -0.49 -8.64
N PRO C 131 -48.90 0.05 -8.86
CA PRO C 131 -49.59 0.85 -7.86
C PRO C 131 -49.95 0.20 -6.53
N LEU C 132 -50.51 -1.02 -6.55
CA LEU C 132 -50.92 -1.65 -5.31
C LEU C 132 -49.71 -2.10 -4.47
N THR C 133 -48.74 -2.73 -5.12
CA THR C 133 -47.53 -3.16 -4.44
C THR C 133 -46.79 -1.97 -3.80
N LYS C 134 -46.64 -0.90 -4.57
CA LYS C 134 -46.07 0.36 -4.05
C LYS C 134 -46.82 0.82 -2.80
N ALA C 135 -48.15 0.85 -2.87
CA ALA C 135 -48.97 1.21 -1.72
C ALA C 135 -48.78 0.27 -0.55
N LEU C 136 -48.67 -1.04 -0.83
CA LEU C 136 -48.44 -2.01 0.24
C LEU C 136 -47.08 -1.78 0.94
N PHE C 137 -46.02 -1.59 0.16
CA PHE C 137 -44.67 -1.40 0.73
C PHE C 137 -44.65 -0.12 1.58
N LYS C 138 -45.32 0.92 1.09
CA LYS C 138 -45.38 2.21 1.81
C LYS C 138 -46.12 2.04 3.13
N TYR C 139 -47.23 1.30 3.10
CA TYR C 139 -47.96 1.01 4.33
C TYR C 139 -47.08 0.31 5.36
N VAL C 140 -46.37 -0.71 4.92
CA VAL C 140 -45.50 -1.46 5.83
C VAL C 140 -44.42 -0.53 6.42
N ARG C 141 -43.88 0.35 5.61
CA ARG C 141 -42.89 1.33 6.11
C ARG C 141 -43.47 2.37 7.09
N GLU C 142 -44.65 2.89 6.77
CA GLU C 142 -45.20 4.08 7.43
C GLU C 142 -46.44 3.88 8.30
N GLY C 143 -47.25 2.87 7.98
CA GLY C 143 -48.59 2.73 8.59
C GLY C 143 -48.56 2.31 10.05
N LYS C 144 -49.69 2.51 10.74
CA LYS C 144 -49.77 2.25 12.18
C LYS C 144 -51.14 1.86 12.75
N TYR C 145 -51.98 1.16 12.00
CA TYR C 145 -53.32 0.82 12.51
C TYR C 145 -53.23 -0.23 13.62
N THR C 146 -54.03 -0.06 14.66
CA THR C 146 -54.17 -1.07 15.73
C THR C 146 -55.63 -1.50 15.87
N PHE C 147 -55.86 -2.64 16.55
CA PHE C 147 -57.22 -3.19 16.78
C PHE C 147 -57.83 -3.71 15.47
N CYS C 148 -56.95 -4.38 14.75
CA CYS C 148 -57.08 -4.82 13.39
C CYS C 148 -57.00 -6.33 13.30
N THR C 149 -57.65 -6.91 12.29
CA THR C 149 -57.32 -8.26 11.82
C THR C 149 -56.40 -8.10 10.60
N PRO C 150 -55.54 -9.10 10.32
CA PRO C 150 -55.21 -10.35 11.04
C PRO C 150 -54.94 -10.18 12.54
N GLY C 151 -55.42 -11.11 13.34
CA GLY C 151 -55.19 -11.03 14.80
C GLY C 151 -53.72 -10.99 15.20
N HIS C 152 -52.81 -11.34 14.28
CA HIS C 152 -51.40 -11.37 14.63
C HIS C 152 -50.81 -9.95 14.68
N MET C 153 -51.53 -8.98 14.10
CA MET C 153 -51.14 -7.56 14.02
C MET C 153 -49.69 -7.33 13.64
N GLY C 154 -49.40 -7.51 12.35
CA GLY C 154 -48.05 -7.34 11.82
C GLY C 154 -47.05 -8.21 12.56
N GLY C 155 -47.49 -9.39 13.00
CA GLY C 155 -46.58 -10.37 13.58
C GLY C 155 -46.43 -10.29 15.09
N THR C 156 -47.01 -9.26 15.68
CA THR C 156 -46.96 -9.00 17.14
C THR C 156 -47.39 -10.19 18.00
N ALA C 157 -48.49 -10.85 17.64
CA ALA C 157 -48.94 -12.01 18.41
C ALA C 157 -47.90 -13.15 18.37
N PHE C 158 -47.19 -13.29 17.27
CA PHE C 158 -46.15 -14.32 17.17
C PHE C 158 -45.03 -14.15 18.18
N GLN C 159 -44.68 -12.91 18.51
CA GLN C 159 -43.43 -12.64 19.23
C GLN C 159 -43.56 -12.93 20.72
N LYS C 160 -44.79 -13.13 21.16
CA LYS C 160 -45.05 -13.46 22.54
C LYS C 160 -45.03 -14.97 22.83
N SER C 161 -44.63 -15.78 21.86
CA SER C 161 -44.69 -17.23 21.99
C SER C 161 -43.34 -17.77 21.57
N PRO C 162 -42.76 -18.74 22.29
CA PRO C 162 -41.49 -19.32 21.82
C PRO C 162 -41.53 -19.87 20.37
N VAL C 163 -42.49 -20.74 20.07
CA VAL C 163 -42.58 -21.25 18.71
C VAL C 163 -42.99 -20.13 17.71
N GLY C 164 -43.89 -19.27 18.13
CA GLY C 164 -44.30 -18.11 17.30
C GLY C 164 -43.12 -17.23 16.93
N SER C 165 -42.17 -17.06 17.86
CA SER C 165 -40.95 -16.26 17.60
C SER C 165 -40.06 -16.84 16.49
N LEU C 166 -39.96 -18.17 16.45
CA LEU C 166 -39.26 -18.86 15.40
C LEU C 166 -39.94 -18.61 14.05
N PHE C 167 -41.26 -18.76 14.04
CA PHE C 167 -42.05 -18.48 12.82
C PHE C 167 -41.86 -17.02 12.35
N TYR C 168 -42.11 -16.07 13.24
CA TYR C 168 -41.84 -14.64 12.94
C TYR C 168 -40.43 -14.41 12.38
N ASP C 169 -39.42 -14.95 13.08
CA ASP C 169 -38.03 -14.72 12.69
C ASP C 169 -37.69 -15.33 11.34
N PHE C 170 -38.28 -16.49 11.05
CA PHE C 170 -38.10 -17.14 9.76
C PHE C 170 -38.62 -16.23 8.64
N PHE C 171 -39.89 -15.83 8.68
CA PHE C 171 -40.45 -15.04 7.56
C PHE C 171 -39.98 -13.60 7.56
N GLY C 172 -39.75 -13.03 8.75
CA GLY C 172 -39.21 -11.68 8.85
C GLY C 172 -40.26 -10.60 8.93
N PRO C 173 -39.88 -9.40 9.40
CA PRO C 173 -40.88 -8.36 9.67
C PRO C 173 -41.73 -7.94 8.45
N ASN C 174 -41.10 -7.67 7.32
CA ASN C 174 -41.88 -7.18 6.14
C ASN C 174 -42.99 -8.16 5.76
N THR C 175 -42.67 -9.45 5.81
CA THR C 175 -43.65 -10.47 5.40
C THR C 175 -44.82 -10.48 6.38
N MET C 176 -44.51 -10.35 7.65
CA MET C 176 -45.51 -10.37 8.71
C MET C 176 -46.38 -9.09 8.67
N LYS C 177 -45.74 -7.95 8.46
CA LYS C 177 -46.45 -6.67 8.45
C LYS C 177 -47.28 -6.49 7.19
N SER C 178 -46.91 -7.16 6.11
CA SER C 178 -47.66 -6.98 4.86
C SER C 178 -48.88 -7.88 4.77
N ASP C 179 -49.08 -8.71 5.80
CA ASP C 179 -50.30 -9.49 5.91
C ASP C 179 -51.36 -8.66 6.62
N ILE C 180 -52.16 -7.96 5.82
CA ILE C 180 -53.13 -6.98 6.31
C ILE C 180 -54.54 -7.32 5.82
N SER C 181 -55.50 -6.42 6.09
CA SER C 181 -56.91 -6.58 5.73
C SER C 181 -57.48 -5.26 5.22
N ILE C 182 -58.75 -5.30 4.80
CA ILE C 182 -59.45 -4.07 4.36
C ILE C 182 -59.52 -2.95 5.42
N SER C 183 -59.15 -3.25 6.65
CA SER C 183 -58.96 -2.22 7.68
C SER C 183 -57.95 -1.15 7.25
N VAL C 184 -56.98 -1.53 6.41
CA VAL C 184 -56.04 -0.58 5.84
C VAL C 184 -56.74 0.07 4.65
N SER C 185 -57.44 1.16 4.93
CA SER C 185 -58.39 1.69 3.98
C SER C 185 -57.71 2.22 2.75
N GLU C 186 -56.48 2.72 2.88
CA GLU C 186 -55.77 3.30 1.73
C GLU C 186 -55.36 2.28 0.65
N LEU C 187 -55.46 0.99 0.95
CA LEU C 187 -55.22 -0.01 -0.10
C LEU C 187 -56.48 -0.43 -0.88
N GLY C 188 -57.63 0.09 -0.48
CA GLY C 188 -58.88 -0.26 -1.16
C GLY C 188 -59.27 -1.69 -0.85
N SER C 189 -59.99 -2.33 -1.77
CA SER C 189 -60.50 -3.67 -1.49
C SER C 189 -60.52 -4.50 -2.77
N LEU C 190 -60.05 -5.75 -2.64
CA LEU C 190 -60.06 -6.71 -3.73
C LEU C 190 -61.50 -6.99 -4.15
N LEU C 191 -62.36 -7.31 -3.19
CA LEU C 191 -63.72 -7.73 -3.50
C LEU C 191 -64.56 -6.57 -4.06
N ASP C 192 -64.29 -5.36 -3.60
CA ASP C 192 -64.95 -4.15 -4.13
C ASP C 192 -64.27 -3.60 -5.39
N HIS C 193 -63.10 -4.14 -5.75
CA HIS C 193 -62.34 -3.65 -6.90
C HIS C 193 -62.13 -2.14 -6.80
N SER C 194 -61.60 -1.69 -5.66
CA SER C 194 -61.55 -0.26 -5.34
C SER C 194 -60.13 0.19 -5.00
N GLY C 195 -59.91 1.49 -5.16
CA GLY C 195 -58.63 2.10 -4.78
C GLY C 195 -57.50 1.48 -5.55
N PRO C 196 -56.36 1.28 -4.89
CA PRO C 196 -55.24 0.64 -5.56
C PRO C 196 -55.54 -0.75 -6.14
N HIS C 197 -56.54 -1.47 -5.66
CA HIS C 197 -56.90 -2.75 -6.30
C HIS C 197 -57.46 -2.56 -7.68
N LYS C 198 -58.25 -1.50 -7.88
CA LYS C 198 -58.76 -1.18 -9.20
C LYS C 198 -57.61 -0.80 -10.12
N GLU C 199 -56.67 0.01 -9.59
CA GLU C 199 -55.52 0.41 -10.36
C GLU C 199 -54.69 -0.83 -10.76
N ALA C 200 -54.56 -1.78 -9.85
CA ALA C 200 -53.81 -3.05 -10.12
C ALA C 200 -54.49 -3.86 -11.25
N GLU C 201 -55.79 -4.05 -11.15
CA GLU C 201 -56.56 -4.72 -12.21
C GLU C 201 -56.43 -4.03 -13.57
N GLN C 202 -56.52 -2.70 -13.61
CA GLN C 202 -56.36 -1.99 -14.90
C GLN C 202 -54.95 -2.10 -15.44
N TYR C 203 -53.98 -2.01 -14.55
CA TYR C 203 -52.57 -2.16 -14.89
C TYR C 203 -52.35 -3.56 -15.48
N ILE C 204 -52.87 -4.56 -14.80
CA ILE C 204 -52.71 -5.95 -15.29
C ILE C 204 -53.40 -6.17 -16.65
N ALA C 205 -54.60 -5.64 -16.82
CA ALA C 205 -55.32 -5.83 -18.09
C ALA C 205 -54.54 -5.22 -19.24
N ARG C 206 -53.91 -4.05 -19.01
CA ARG C 206 -53.08 -3.45 -20.06
C ARG C 206 -51.86 -4.32 -20.42
N VAL C 207 -51.17 -4.81 -19.40
CA VAL C 207 -49.97 -5.60 -19.62
C VAL C 207 -50.30 -6.94 -20.33
N PHE C 208 -51.45 -7.52 -19.99
CA PHE C 208 -51.81 -8.87 -20.46
C PHE C 208 -52.78 -8.88 -21.66
N ASN C 209 -53.05 -7.71 -22.22
CA ASN C 209 -53.90 -7.56 -23.42
C ASN C 209 -55.35 -8.00 -23.17
N ALA C 210 -55.93 -7.62 -22.02
CA ALA C 210 -57.31 -8.00 -21.69
C ALA C 210 -58.17 -6.77 -21.67
N ASP C 211 -59.49 -6.90 -21.88
CA ASP C 211 -60.42 -5.81 -21.61
C ASP C 211 -60.53 -5.59 -20.10
N ARG C 212 -60.57 -6.70 -19.36
CA ARG C 212 -60.72 -6.69 -17.91
CA ARG C 212 -60.54 -6.61 -17.92
C ARG C 212 -59.92 -7.87 -17.32
N SER C 213 -59.31 -7.67 -16.14
CA SER C 213 -58.60 -8.77 -15.46
C SER C 213 -59.00 -8.81 -14.01
N TYR C 214 -59.02 -10.01 -13.47
CA TYR C 214 -59.41 -10.26 -12.09
C TYR C 214 -58.25 -10.95 -11.44
N MET C 215 -57.92 -10.60 -10.20
CA MET C 215 -56.87 -11.28 -9.44
C MET C 215 -57.54 -12.33 -8.56
N VAL C 216 -57.07 -13.57 -8.65
CA VAL C 216 -57.70 -14.69 -7.96
C VAL C 216 -56.64 -15.18 -6.97
N THR C 217 -57.02 -15.47 -5.72
CA THR C 217 -56.01 -15.88 -4.71
C THR C 217 -56.19 -17.31 -4.24
N ASN C 218 -56.94 -18.08 -5.03
CA ASN C 218 -57.03 -19.50 -4.81
C ASN C 218 -56.75 -20.33 -6.07
N GLY C 219 -55.80 -19.87 -6.90
CA GLY C 219 -55.27 -20.67 -8.00
C GLY C 219 -56.20 -20.67 -9.23
N THR C 220 -55.69 -21.17 -10.35
CA THR C 220 -56.52 -21.33 -11.55
C THR C 220 -57.62 -22.37 -11.34
N SER C 221 -57.41 -23.27 -10.39
CA SER C 221 -58.49 -24.20 -9.93
C SER C 221 -59.77 -23.42 -9.67
N THR C 222 -59.60 -22.28 -9.01
CA THR C 222 -60.71 -21.42 -8.63
C THR C 222 -61.10 -20.49 -9.76
N ALA C 223 -60.12 -19.91 -10.45
CA ALA C 223 -60.43 -19.05 -11.59
C ALA C 223 -61.29 -19.83 -12.61
N ASN C 224 -60.96 -21.10 -12.85
CA ASN C 224 -61.78 -21.95 -13.77
C ASN C 224 -63.25 -22.03 -13.36
N LYS C 225 -63.50 -22.17 -12.05
CA LYS C 225 -64.86 -22.27 -11.50
C LYS C 225 -65.62 -20.96 -11.51
N ILE C 226 -64.94 -19.86 -11.25
CA ILE C 226 -65.57 -18.54 -11.40
C ILE C 226 -66.09 -18.33 -12.84
N VAL C 227 -65.20 -18.54 -13.78
CA VAL C 227 -65.60 -18.39 -15.19
C VAL C 227 -66.74 -19.38 -15.52
N GLY C 228 -66.55 -20.64 -15.16
CA GLY C 228 -67.57 -21.66 -15.48
C GLY C 228 -68.93 -21.36 -14.85
N MET C 229 -68.96 -20.95 -13.58
CA MET C 229 -70.25 -20.73 -12.88
C MET C 229 -71.03 -19.57 -13.43
N TYR C 230 -70.33 -18.51 -13.79
CA TYR C 230 -70.95 -17.40 -14.49
C TYR C 230 -71.54 -17.84 -15.83
N SER C 231 -70.85 -18.76 -16.50
CA SER C 231 -71.06 -19.05 -17.90
C SER C 231 -72.09 -20.16 -18.21
N ALA C 232 -72.35 -21.01 -17.23
CA ALA C 232 -73.07 -22.25 -17.46
C ALA C 232 -74.12 -22.50 -16.41
N PRO C 233 -75.32 -21.91 -16.61
CA PRO C 233 -76.45 -22.11 -15.69
C PRO C 233 -76.89 -23.58 -15.61
N ALA C 234 -77.55 -23.94 -14.52
CA ALA C 234 -78.21 -25.25 -14.40
C ALA C 234 -79.08 -25.54 -15.62
N GLY C 235 -78.97 -26.77 -16.13
CA GLY C 235 -79.78 -27.18 -17.27
C GLY C 235 -79.07 -26.97 -18.59
N SER C 236 -77.92 -26.30 -18.57
CA SER C 236 -77.23 -26.03 -19.82
C SER C 236 -76.23 -27.14 -20.20
N THR C 237 -75.76 -27.04 -21.43
CA THR C 237 -74.76 -27.92 -21.98
C THR C 237 -73.48 -27.12 -22.20
N ILE C 238 -72.35 -27.75 -21.87
CA ILE C 238 -71.05 -27.14 -22.10
C ILE C 238 -70.18 -28.08 -22.87
N LEU C 239 -69.31 -27.50 -23.69
CA LEU C 239 -68.30 -28.26 -24.40
C LEU C 239 -67.05 -28.18 -23.55
N ILE C 240 -66.48 -29.35 -23.25
CA ILE C 240 -65.27 -29.39 -22.42
C ILE C 240 -64.21 -30.30 -23.03
N ASP C 241 -62.98 -29.80 -23.05
CA ASP C 241 -61.80 -30.52 -23.51
C ASP C 241 -61.71 -31.79 -22.68
N ARG C 242 -61.62 -32.96 -23.32
CA ARG C 242 -61.40 -34.22 -22.58
C ARG C 242 -60.07 -34.15 -21.82
N ASN C 243 -59.13 -33.39 -22.36
CA ASN C 243 -57.87 -33.10 -21.68
C ASN C 243 -58.16 -31.88 -20.76
N CYS C 244 -58.82 -32.10 -19.64
CA CYS C 244 -59.21 -30.98 -18.79
C CYS C 244 -58.61 -31.20 -17.42
N HIS C 245 -58.19 -30.11 -16.77
CA HIS C 245 -57.65 -30.16 -15.42
C HIS C 245 -58.76 -30.62 -14.46
N LYS C 246 -58.39 -31.24 -13.35
CA LYS C 246 -59.37 -31.77 -12.39
C LYS C 246 -60.34 -30.70 -11.89
N SER C 247 -59.91 -29.42 -11.89
CA SER C 247 -60.80 -28.36 -11.43
C SER C 247 -62.05 -28.22 -12.30
N LEU C 248 -61.93 -28.56 -13.58
CA LEU C 248 -63.07 -28.55 -14.47
C LEU C 248 -64.01 -29.75 -14.24
N THR C 249 -63.46 -30.91 -13.83
CA THR C 249 -64.30 -31.99 -13.30
C THR C 249 -65.05 -31.54 -12.05
N HIS C 250 -64.37 -30.80 -11.17
CA HIS C 250 -65.00 -30.29 -9.96
C HIS C 250 -66.11 -29.32 -10.29
N LEU C 251 -65.88 -28.44 -11.26
CA LEU C 251 -66.93 -27.55 -11.73
C LEU C 251 -68.15 -28.38 -12.18
N MET C 252 -67.91 -29.42 -12.98
CA MET C 252 -69.04 -30.26 -13.46
C MET C 252 -69.76 -30.99 -12.33
N MET C 253 -69.02 -31.32 -11.27
CA MET C 253 -69.59 -31.96 -10.09
C MET C 253 -70.43 -31.02 -9.24
N MET C 254 -70.16 -29.72 -9.37
CA MET C 254 -70.77 -28.69 -8.55
C MET C 254 -71.91 -27.97 -9.27
N SER C 255 -71.91 -28.04 -10.61
CA SER C 255 -72.88 -27.32 -11.44
C SER C 255 -73.70 -28.33 -12.23
N ASP C 256 -75.01 -28.12 -12.27
CA ASP C 256 -75.95 -29.06 -12.86
C ASP C 256 -75.96 -28.88 -14.38
N VAL C 257 -74.88 -29.31 -15.01
CA VAL C 257 -74.68 -29.08 -16.47
C VAL C 257 -74.42 -30.43 -17.16
N THR C 258 -74.63 -30.45 -18.47
CA THR C 258 -74.34 -31.63 -19.28
C THR C 258 -73.13 -31.38 -20.14
N PRO C 259 -72.07 -32.19 -19.95
CA PRO C 259 -70.90 -32.02 -20.80
C PRO C 259 -70.99 -32.78 -22.13
N ILE C 260 -70.47 -32.15 -23.17
CA ILE C 260 -70.13 -32.82 -24.42
C ILE C 260 -68.62 -32.60 -24.57
N TYR C 261 -67.88 -33.69 -24.79
CA TYR C 261 -66.41 -33.57 -24.77
C TYR C 261 -65.80 -33.30 -26.14
N PHE C 262 -64.92 -32.30 -26.20
CA PHE C 262 -63.98 -32.17 -27.35
C PHE C 262 -63.00 -33.33 -27.23
N ARG C 263 -62.61 -33.92 -28.36
CA ARG C 263 -61.76 -35.09 -28.34
C ARG C 263 -60.35 -34.80 -28.87
N PRO C 264 -59.35 -34.67 -27.95
CA PRO C 264 -58.02 -34.39 -28.43
C PRO C 264 -57.45 -35.60 -29.16
N THR C 265 -56.40 -35.41 -29.93
CA THR C 265 -55.66 -36.55 -30.50
C THR C 265 -54.52 -36.94 -29.56
N ARG C 266 -53.71 -37.92 -29.95
CA ARG C 266 -52.56 -38.34 -29.16
C ARG C 266 -51.58 -39.06 -30.06
N ASN C 267 -50.30 -39.13 -29.69
CA ASN C 267 -49.36 -39.91 -30.44
C ASN C 267 -49.02 -41.21 -29.70
N ALA C 268 -48.10 -41.99 -30.26
CA ALA C 268 -47.76 -43.32 -29.72
C ALA C 268 -47.01 -43.26 -28.40
N TYR C 269 -46.31 -42.13 -28.17
CA TYR C 269 -45.67 -41.84 -26.89
C TYR C 269 -46.66 -41.62 -25.76
N GLY C 270 -47.91 -41.33 -26.09
CA GLY C 270 -48.90 -41.01 -25.07
C GLY C 270 -49.06 -39.50 -24.88
N ILE C 271 -48.34 -38.72 -25.67
CA ILE C 271 -48.44 -37.26 -25.65
C ILE C 271 -49.73 -36.79 -26.31
N LEU C 272 -50.49 -35.93 -25.61
CA LEU C 272 -51.72 -35.37 -26.12
C LEU C 272 -51.48 -34.42 -27.26
N GLY C 273 -52.38 -34.48 -28.24
CA GLY C 273 -52.32 -33.54 -29.32
C GLY C 273 -53.53 -32.65 -29.24
N GLY C 274 -53.69 -31.80 -30.25
CA GLY C 274 -54.80 -30.88 -30.24
C GLY C 274 -56.11 -31.55 -30.59
N ILE C 275 -57.20 -31.01 -30.05
CA ILE C 275 -58.55 -31.26 -30.56
C ILE C 275 -58.53 -30.94 -32.09
N PRO C 276 -58.92 -31.92 -32.94
CA PRO C 276 -58.94 -31.64 -34.39
C PRO C 276 -59.91 -30.53 -34.78
N GLN C 277 -59.66 -29.88 -35.91
CA GLN C 277 -60.50 -28.77 -36.35
C GLN C 277 -61.99 -29.14 -36.52
N SER C 278 -62.25 -30.37 -36.97
CA SER C 278 -63.66 -30.79 -37.23
C SER C 278 -64.49 -30.74 -35.94
N GLU C 279 -63.82 -30.88 -34.80
CA GLU C 279 -64.50 -30.85 -33.46
C GLU C 279 -65.15 -29.50 -33.14
N PHE C 280 -64.70 -28.45 -33.82
CA PHE C 280 -65.18 -27.07 -33.55
C PHE C 280 -66.31 -26.67 -34.49
N GLN C 281 -66.57 -27.52 -35.49
CA GLN C 281 -67.57 -27.21 -36.55
C GLN C 281 -68.98 -27.44 -36.07
N HIS C 282 -69.87 -26.58 -36.52
CA HIS C 282 -71.26 -26.59 -36.15
C HIS C 282 -71.92 -27.98 -36.37
N ALA C 283 -71.71 -28.58 -37.54
CA ALA C 283 -72.29 -29.91 -37.84
C ALA C 283 -71.87 -30.97 -36.82
N THR C 284 -70.57 -31.00 -36.49
CA THR C 284 -70.08 -31.95 -35.50
C THR C 284 -70.79 -31.81 -34.17
N ILE C 285 -70.88 -30.56 -33.71
CA ILE C 285 -71.46 -30.26 -32.40
C ILE C 285 -72.95 -30.53 -32.37
N ALA C 286 -73.63 -30.14 -33.45
CA ALA C 286 -75.07 -30.30 -33.54
C ALA C 286 -75.44 -31.78 -33.43
N LYS C 287 -74.64 -32.63 -34.06
CA LYS C 287 -74.93 -34.05 -34.04
C LYS C 287 -74.69 -34.63 -32.65
N ARG C 288 -73.62 -34.19 -31.98
CA ARG C 288 -73.43 -34.63 -30.62
C ARG C 288 -74.48 -34.09 -29.66
N VAL C 289 -74.99 -32.92 -29.88
CA VAL C 289 -76.10 -32.49 -29.06
C VAL C 289 -77.30 -33.46 -29.24
N LYS C 290 -77.59 -33.80 -30.50
CA LYS C 290 -78.69 -34.71 -30.88
C LYS C 290 -78.55 -36.05 -30.16
N GLU C 291 -77.31 -36.55 -30.08
CA GLU C 291 -77.01 -37.84 -29.47
C GLU C 291 -76.88 -37.85 -27.95
N THR C 292 -76.92 -36.69 -27.31
CA THR C 292 -76.67 -36.62 -25.87
C THR C 292 -77.98 -36.30 -25.18
N PRO C 293 -78.46 -37.19 -24.29
CA PRO C 293 -79.72 -36.94 -23.56
C PRO C 293 -79.65 -35.66 -22.75
N ASN C 294 -80.72 -34.88 -22.85
CA ASN C 294 -80.85 -33.58 -22.20
C ASN C 294 -79.94 -32.47 -22.72
N ALA C 295 -79.08 -32.76 -23.71
CA ALA C 295 -78.22 -31.71 -24.28
C ALA C 295 -78.99 -30.71 -25.09
N THR C 296 -78.53 -29.45 -25.03
CA THR C 296 -79.03 -28.36 -25.86
C THR C 296 -77.79 -27.68 -26.45
N TRP C 297 -77.97 -26.65 -27.27
CA TRP C 297 -76.79 -26.04 -27.92
C TRP C 297 -75.85 -25.47 -26.81
N PRO C 298 -74.53 -25.81 -26.85
CA PRO C 298 -73.62 -25.41 -25.76
C PRO C 298 -73.56 -23.90 -25.60
N VAL C 299 -73.58 -23.45 -24.34
CA VAL C 299 -73.51 -22.01 -24.02
C VAL C 299 -72.08 -21.56 -23.65
N HIS C 300 -71.19 -22.53 -23.49
CA HIS C 300 -69.84 -22.30 -22.95
C HIS C 300 -68.97 -23.45 -23.44
N ALA C 301 -67.72 -23.13 -23.78
CA ALA C 301 -66.75 -24.11 -24.22
C ALA C 301 -65.47 -23.85 -23.45
N VAL C 302 -64.78 -24.93 -23.08
CA VAL C 302 -63.50 -24.86 -22.37
C VAL C 302 -62.45 -25.68 -23.14
N ILE C 303 -61.33 -25.04 -23.45
CA ILE C 303 -60.25 -25.65 -24.19
C ILE C 303 -58.93 -25.47 -23.40
N THR C 304 -58.15 -26.53 -23.24
CA THR C 304 -56.84 -26.39 -22.57
C THR C 304 -55.81 -25.96 -23.60
N ASN C 305 -55.31 -24.74 -23.47
CA ASN C 305 -54.33 -24.21 -24.41
C ASN C 305 -53.22 -23.53 -23.57
N SER C 306 -51.96 -23.98 -23.67
CA SER C 306 -51.51 -25.04 -24.53
C SER C 306 -51.74 -26.36 -23.79
N THR C 307 -51.45 -27.48 -24.44
CA THR C 307 -51.34 -28.75 -23.72
C THR C 307 -50.11 -28.66 -22.79
N TYR C 308 -49.99 -29.64 -21.90
CA TYR C 308 -48.90 -29.71 -20.94
C TYR C 308 -47.55 -29.76 -21.66
N ASP C 309 -47.50 -30.53 -22.75
CA ASP C 309 -46.24 -30.69 -23.52
C ASP C 309 -46.01 -29.59 -24.54
N GLY C 310 -46.79 -28.51 -24.45
CA GLY C 310 -46.45 -27.29 -25.20
C GLY C 310 -47.11 -27.10 -26.54
N LEU C 311 -48.19 -27.84 -26.82
CA LEU C 311 -48.87 -27.62 -28.12
C LEU C 311 -49.91 -26.52 -28.00
N LEU C 312 -49.74 -25.47 -28.80
CA LEU C 312 -50.64 -24.36 -28.80
C LEU C 312 -51.57 -24.48 -29.99
N TYR C 313 -52.81 -24.01 -29.82
CA TYR C 313 -53.80 -23.94 -30.91
C TYR C 313 -53.73 -22.67 -31.74
N ASN C 314 -54.19 -22.78 -32.99
CA ASN C 314 -54.52 -21.62 -33.78
C ASN C 314 -55.84 -21.10 -33.20
N THR C 315 -55.75 -20.11 -32.32
CA THR C 315 -56.93 -19.59 -31.63
C THR C 315 -57.74 -18.65 -32.53
N ASP C 316 -57.13 -18.11 -33.58
CA ASP C 316 -57.87 -17.34 -34.60
C ASP C 316 -58.90 -18.28 -35.25
N PHE C 317 -58.43 -19.47 -35.61
CA PHE C 317 -59.32 -20.51 -36.18
C PHE C 317 -60.46 -20.83 -35.20
N ILE C 318 -60.11 -21.18 -33.96
CA ILE C 318 -61.14 -21.51 -32.98
C ILE C 318 -62.16 -20.39 -32.76
N LYS C 319 -61.67 -19.16 -32.59
CA LYS C 319 -62.61 -18.06 -32.34
C LYS C 319 -63.53 -17.77 -33.52
N LYS C 320 -63.05 -17.94 -34.73
CA LYS C 320 -63.85 -17.72 -35.94
C LYS C 320 -64.87 -18.85 -36.14
N THR C 321 -64.46 -20.05 -35.77
CA THR C 321 -65.17 -21.28 -36.16
C THR C 321 -66.18 -21.77 -35.13
N LEU C 322 -65.81 -21.73 -33.85
CA LEU C 322 -66.63 -22.26 -32.77
C LEU C 322 -67.85 -21.37 -32.45
N ASP C 323 -69.03 -21.86 -32.80
CA ASP C 323 -70.26 -21.07 -32.68
C ASP C 323 -70.82 -21.13 -31.28
N VAL C 324 -70.04 -20.72 -30.29
CA VAL C 324 -70.48 -20.78 -28.91
C VAL C 324 -70.21 -19.38 -28.37
N LYS C 325 -71.15 -18.84 -27.57
CA LYS C 325 -71.06 -17.44 -27.16
C LYS C 325 -69.97 -17.08 -26.10
N SER C 326 -69.34 -18.10 -25.53
CA SER C 326 -68.44 -17.95 -24.39
C SER C 326 -67.36 -19.02 -24.56
N ILE C 327 -66.13 -18.60 -24.77
CA ILE C 327 -65.07 -19.56 -25.03
C ILE C 327 -63.96 -19.28 -24.03
N HIS C 328 -63.65 -20.28 -23.21
CA HIS C 328 -62.68 -20.15 -22.15
C HIS C 328 -61.47 -21.01 -22.47
N PHE C 329 -60.31 -20.36 -22.64
CA PHE C 329 -59.04 -21.07 -22.75
C PHE C 329 -58.43 -21.23 -21.36
N ASP C 330 -58.36 -22.46 -20.84
CA ASP C 330 -57.61 -22.72 -19.62
C ASP C 330 -56.15 -22.67 -20.03
N SER C 331 -55.54 -21.53 -19.74
CA SER C 331 -54.20 -21.18 -20.20
C SER C 331 -53.17 -21.22 -19.06
N ALA C 332 -53.42 -22.09 -18.08
CA ALA C 332 -52.55 -22.19 -16.89
C ALA C 332 -51.06 -22.34 -17.20
N TRP C 333 -50.74 -23.04 -18.29
CA TRP C 333 -49.36 -23.34 -18.66
C TRP C 333 -48.67 -22.25 -19.46
N VAL C 334 -49.44 -21.26 -19.90
CA VAL C 334 -48.90 -20.29 -20.85
C VAL C 334 -49.26 -18.84 -20.47
N PRO C 335 -48.89 -18.41 -19.25
CA PRO C 335 -49.23 -17.03 -18.81
C PRO C 335 -48.43 -15.96 -19.54
N TYR C 336 -47.45 -16.35 -20.35
CA TYR C 336 -46.47 -15.41 -20.87
C TYR C 336 -46.70 -15.10 -22.34
N THR C 337 -47.82 -15.55 -22.88
CA THR C 337 -48.02 -15.44 -24.33
C THR C 337 -48.10 -14.03 -24.86
N ASN C 338 -48.58 -13.08 -24.06
CA ASN C 338 -48.64 -11.69 -24.55
C ASN C 338 -47.27 -11.00 -24.74
N PHE C 339 -46.19 -11.65 -24.32
CA PHE C 339 -44.89 -10.98 -24.17
C PHE C 339 -43.86 -11.30 -25.28
N SER C 340 -44.26 -12.16 -26.22
CA SER C 340 -43.48 -12.41 -27.44
C SER C 340 -44.42 -12.54 -28.62
N PRO C 341 -44.05 -11.94 -29.78
CA PRO C 341 -44.89 -12.07 -30.99
C PRO C 341 -45.00 -13.48 -31.55
N ILE C 342 -44.11 -14.39 -31.12
CA ILE C 342 -44.22 -15.78 -31.53
C ILE C 342 -45.55 -16.41 -31.09
N TYR C 343 -46.22 -15.86 -30.09
CA TYR C 343 -47.48 -16.46 -29.61
C TYR C 343 -48.72 -15.79 -30.19
N GLU C 344 -48.57 -14.78 -31.05
CA GLU C 344 -49.71 -14.12 -31.68
C GLU C 344 -50.54 -15.16 -32.45
N GLY C 345 -51.86 -15.09 -32.30
CA GLY C 345 -52.76 -16.04 -32.97
C GLY C 345 -52.81 -17.41 -32.32
N LYS C 346 -52.16 -17.54 -31.14
CA LYS C 346 -52.03 -18.82 -30.47
C LYS C 346 -52.43 -18.76 -28.99
N CYS C 347 -53.17 -17.73 -28.59
CA CYS C 347 -53.61 -17.56 -27.19
C CYS C 347 -54.94 -16.85 -27.18
N GLY C 348 -55.69 -16.99 -26.08
CA GLY C 348 -57.08 -16.52 -26.03
C GLY C 348 -57.19 -15.03 -26.24
N MET C 349 -56.25 -14.28 -25.64
CA MET C 349 -56.33 -12.80 -25.71
C MET C 349 -55.85 -12.20 -27.03
N SER C 350 -55.20 -13.02 -27.85
CA SER C 350 -54.59 -12.49 -29.07
C SER C 350 -55.65 -11.86 -29.94
N GLY C 351 -55.32 -10.73 -30.56
CA GLY C 351 -56.24 -10.09 -31.48
C GLY C 351 -57.22 -9.21 -30.72
N GLY C 352 -58.41 -9.04 -31.30
CA GLY C 352 -59.40 -8.17 -30.72
C GLY C 352 -60.60 -8.96 -30.26
N ARG C 353 -61.66 -8.23 -29.95
CA ARG C 353 -62.94 -8.83 -29.63
C ARG C 353 -63.49 -9.61 -30.78
N VAL C 354 -64.28 -10.63 -30.43
CA VAL C 354 -65.04 -11.41 -31.39
C VAL C 354 -66.49 -11.08 -31.26
N GLU C 355 -67.11 -10.56 -32.32
CA GLU C 355 -68.54 -10.18 -32.29
C GLU C 355 -69.43 -11.29 -31.72
N GLY C 356 -70.26 -10.96 -30.73
CA GLY C 356 -71.19 -11.91 -30.11
C GLY C 356 -70.58 -12.97 -29.20
N LYS C 357 -69.29 -12.84 -28.86
CA LYS C 357 -68.63 -13.83 -28.03
C LYS C 357 -67.85 -13.11 -26.94
N VAL C 358 -67.74 -13.75 -25.78
CA VAL C 358 -66.74 -13.37 -24.79
C VAL C 358 -65.67 -14.49 -24.73
N ILE C 359 -64.41 -14.07 -24.67
CA ILE C 359 -63.27 -15.00 -24.63
C ILE C 359 -62.56 -14.81 -23.29
N TYR C 360 -62.13 -15.91 -22.67
CA TYR C 360 -61.40 -15.84 -21.41
C TYR C 360 -60.07 -16.57 -21.53
N GLU C 361 -59.07 -16.10 -20.78
CA GLU C 361 -57.94 -16.97 -20.41
C GLU C 361 -57.96 -17.02 -18.89
N THR C 362 -57.67 -18.21 -18.35
CA THR C 362 -57.28 -18.30 -16.95
C THR C 362 -55.83 -18.69 -16.96
N GLN C 363 -55.05 -18.10 -16.05
CA GLN C 363 -53.61 -18.31 -16.05
C GLN C 363 -53.12 -18.52 -14.62
N SER C 364 -52.22 -19.46 -14.42
CA SER C 364 -51.60 -19.64 -13.10
C SER C 364 -50.31 -18.83 -13.15
N THR C 365 -50.39 -17.62 -12.65
CA THR C 365 -49.23 -16.71 -12.63
C THR C 365 -48.05 -17.34 -11.90
N HIS C 366 -48.31 -18.17 -10.88
CA HIS C 366 -47.26 -18.78 -10.09
C HIS C 366 -46.51 -19.92 -10.80
N1 LLP C 367 -55.53 -25.95 -15.38
C2 LLP C 367 -54.33 -26.46 -15.80
C2' LLP C 367 -54.16 -26.87 -17.25
C3 LLP C 367 -53.27 -26.57 -14.88
O3 LLP C 367 -52.18 -27.03 -15.25
C4 LLP C 367 -53.43 -26.16 -13.54
C4' LLP C 367 -52.25 -26.29 -12.57
C5 LLP C 367 -54.66 -25.66 -13.13
C6 LLP C 367 -55.71 -25.55 -14.06
C5' LLP C 367 -54.92 -25.23 -11.71
OP4 LLP C 367 -54.15 -24.13 -11.14
P LLP C 367 -53.76 -23.92 -9.56
OP1 LLP C 367 -53.22 -22.57 -9.74
OP2 LLP C 367 -52.80 -25.03 -9.31
OP3 LLP C 367 -55.08 -24.04 -8.91
N LLP C 367 -47.13 -20.54 -11.83
CA LLP C 367 -46.49 -21.67 -12.53
CB LLP C 367 -47.50 -22.49 -13.35
CG LLP C 367 -48.36 -23.38 -12.46
CD LLP C 367 -49.36 -24.21 -13.30
CE LLP C 367 -50.26 -25.04 -12.38
NZ LLP C 367 -51.09 -25.96 -13.20
C LLP C 367 -45.33 -21.24 -13.43
O LLP C 367 -44.20 -21.73 -13.28
N LEU C 368 -45.62 -20.36 -14.39
CA LEU C 368 -44.62 -20.02 -15.38
C LEU C 368 -44.30 -18.52 -15.46
N LEU C 369 -44.84 -17.73 -14.55
CA LEU C 369 -44.27 -16.39 -14.31
C LEU C 369 -43.67 -16.41 -12.90
N ALA C 370 -43.54 -15.24 -12.29
CA ALA C 370 -42.95 -15.14 -10.96
C ALA C 370 -44.05 -14.56 -10.09
N ALA C 371 -44.67 -15.40 -9.26
CA ALA C 371 -45.70 -14.94 -8.33
C ALA C 371 -45.83 -16.01 -7.27
N PHE C 372 -46.46 -15.67 -6.16
CA PHE C 372 -46.64 -16.62 -5.06
C PHE C 372 -47.71 -17.69 -5.43
N SER C 373 -47.54 -18.90 -4.89
CA SER C 373 -48.55 -19.96 -5.04
C SER C 373 -49.95 -19.44 -4.68
N GLN C 374 -50.91 -19.86 -5.50
CA GLN C 374 -52.32 -19.49 -5.41
C GLN C 374 -52.65 -18.24 -6.24
N ALA C 375 -51.62 -17.50 -6.69
CA ALA C 375 -51.82 -16.34 -7.60
C ALA C 375 -52.36 -16.79 -8.98
N SER C 376 -53.49 -16.21 -9.41
CA SER C 376 -54.07 -16.57 -10.70
C SER C 376 -54.75 -15.35 -11.29
N MET C 377 -54.95 -15.33 -12.61
CA MET C 377 -55.61 -14.20 -13.27
C MET C 377 -56.75 -14.72 -14.15
N ILE C 378 -57.86 -14.01 -14.17
CA ILE C 378 -58.86 -14.20 -15.24
C ILE C 378 -58.72 -13.02 -16.18
N HIS C 379 -58.56 -13.29 -17.47
CA HIS C 379 -58.53 -12.22 -18.45
C HIS C 379 -59.77 -12.34 -19.30
N VAL C 380 -60.46 -11.22 -19.53
CA VAL C 380 -61.73 -11.21 -20.29
C VAL C 380 -61.54 -10.37 -21.55
N LYS C 381 -61.99 -10.88 -22.69
CA LYS C 381 -62.04 -10.09 -23.91
C LYS C 381 -63.46 -10.20 -24.45
N GLY C 382 -64.23 -9.09 -24.34
CA GLY C 382 -65.65 -9.09 -24.65
C GLY C 382 -66.47 -8.67 -23.45
N ASP C 383 -67.79 -8.64 -23.60
CA ASP C 383 -68.65 -8.11 -22.55
C ASP C 383 -69.10 -9.17 -21.56
N VAL C 384 -69.07 -8.82 -20.28
CA VAL C 384 -69.76 -9.62 -19.26
C VAL C 384 -70.71 -8.69 -18.54
N ASN C 385 -71.68 -9.26 -17.84
CA ASN C 385 -72.50 -8.51 -16.91
C ASN C 385 -71.62 -8.41 -15.68
N GLU C 386 -71.16 -7.22 -15.46
CA GLU C 386 -70.15 -7.00 -14.46
C GLU C 386 -70.63 -7.37 -13.06
N GLU C 387 -71.86 -7.04 -12.70
CA GLU C 387 -72.35 -7.39 -11.35
C GLU C 387 -72.53 -8.87 -11.16
N THR C 388 -73.05 -9.53 -12.20
CA THR C 388 -73.27 -10.96 -12.09
C THR C 388 -71.92 -11.71 -12.10
N PHE C 389 -70.98 -11.24 -12.92
CA PHE C 389 -69.64 -11.82 -12.90
C PHE C 389 -68.99 -11.64 -11.52
N ASN C 390 -69.17 -10.45 -10.94
CA ASN C 390 -68.58 -10.24 -9.61
C ASN C 390 -69.21 -11.13 -8.54
N GLU C 391 -70.51 -11.45 -8.69
CA GLU C 391 -71.11 -12.40 -7.73
C GLU C 391 -70.40 -13.74 -7.83
N ALA C 392 -70.19 -14.23 -9.06
CA ALA C 392 -69.49 -15.51 -9.26
C ALA C 392 -68.07 -15.42 -8.69
N TYR C 393 -67.38 -14.30 -8.93
CA TYR C 393 -66.03 -14.10 -8.38
C TYR C 393 -66.06 -14.16 -6.84
N MET C 394 -67.00 -13.43 -6.26
CA MET C 394 -67.11 -13.39 -4.80
C MET C 394 -67.51 -14.73 -4.18
N MET C 395 -68.27 -15.53 -4.92
CA MET C 395 -68.65 -16.87 -4.44
C MET C 395 -67.47 -17.78 -4.20
N HIS C 396 -66.36 -17.49 -4.87
CA HIS C 396 -65.19 -18.35 -4.77
C HIS C 396 -63.97 -17.63 -4.15
N THR C 397 -64.14 -16.37 -3.81
CA THR C 397 -63.04 -15.56 -3.26
C THR C 397 -63.29 -15.30 -1.80
N THR C 398 -62.26 -15.55 -0.99
CA THR C 398 -62.34 -15.25 0.42
C THR C 398 -62.59 -13.76 0.75
N THR C 399 -63.22 -13.52 1.89
CA THR C 399 -63.38 -12.17 2.39
C THR C 399 -62.10 -11.63 3.05
N SER C 400 -61.10 -12.51 3.23
CA SER C 400 -59.84 -12.12 3.86
C SER C 400 -58.65 -12.49 2.99
N PRO C 401 -58.53 -11.85 1.83
CA PRO C 401 -57.49 -12.26 0.88
C PRO C 401 -56.09 -11.97 1.41
N HIS C 402 -55.13 -12.75 0.96
CA HIS C 402 -53.74 -12.59 1.36
C HIS C 402 -53.11 -11.53 0.42
N TYR C 403 -52.70 -10.40 1.00
CA TYR C 403 -52.22 -9.28 0.18
C TYR C 403 -50.86 -9.54 -0.48
N GLY C 404 -50.06 -10.43 0.10
CA GLY C 404 -48.78 -10.86 -0.54
C GLY C 404 -49.06 -11.52 -1.88
N ILE C 405 -49.99 -12.48 -1.86
CA ILE C 405 -50.40 -13.15 -3.11
C ILE C 405 -50.94 -12.14 -4.14
N VAL C 406 -51.83 -11.27 -3.69
CA VAL C 406 -52.39 -10.22 -4.58
C VAL C 406 -51.25 -9.32 -5.13
N ALA C 407 -50.36 -8.82 -4.25
CA ALA C 407 -49.27 -7.95 -4.73
C ALA C 407 -48.39 -8.69 -5.72
N SER C 408 -48.16 -9.97 -5.46
CA SER C 408 -47.31 -10.75 -6.35
C SER C 408 -47.93 -10.91 -7.76
N THR C 409 -49.26 -10.89 -7.83
CA THR C 409 -50.01 -11.04 -9.10
C THR C 409 -49.81 -9.74 -9.89
N GLU C 410 -49.88 -8.61 -9.20
CA GLU C 410 -49.66 -7.32 -9.83
C GLU C 410 -48.18 -7.13 -10.23
N THR C 411 -47.26 -7.52 -9.35
CA THR C 411 -45.84 -7.42 -9.63
C THR C 411 -45.38 -8.33 -10.78
N ALA C 412 -46.00 -9.50 -10.92
CA ALA C 412 -45.73 -10.33 -12.11
C ALA C 412 -45.99 -9.52 -13.38
N ALA C 413 -47.04 -8.70 -13.39
CA ALA C 413 -47.35 -7.82 -14.55
C ALA C 413 -46.30 -6.77 -14.74
N ALA C 414 -45.90 -6.15 -13.62
CA ALA C 414 -44.85 -5.13 -13.65
C ALA C 414 -43.55 -5.69 -14.24
N MET C 415 -43.19 -6.92 -13.85
CA MET C 415 -41.99 -7.57 -14.39
C MET C 415 -42.02 -7.79 -15.89
N MET C 416 -43.21 -8.02 -16.43
CA MET C 416 -43.41 -8.35 -17.84
C MET C 416 -43.64 -7.14 -18.73
N LYS C 417 -43.69 -5.96 -18.11
CA LYS C 417 -43.94 -4.73 -18.84
C LYS C 417 -42.72 -4.29 -19.66
N GLY C 418 -42.96 -3.73 -20.84
CA GLY C 418 -41.89 -3.05 -21.60
C GLY C 418 -40.84 -3.99 -22.17
N ASN C 419 -39.60 -3.46 -22.26
CA ASN C 419 -38.40 -4.09 -22.79
C ASN C 419 -37.78 -5.06 -21.82
N ALA C 420 -37.87 -4.75 -20.54
CA ALA C 420 -37.32 -5.65 -19.54
C ALA C 420 -38.17 -6.92 -19.54
N GLY C 421 -39.46 -6.75 -19.75
CA GLY C 421 -40.42 -7.85 -19.91
C GLY C 421 -40.20 -8.68 -21.15
N LYS C 422 -40.08 -8.02 -22.31
CA LYS C 422 -39.75 -8.68 -23.58
C LYS C 422 -38.42 -9.43 -23.47
N ARG C 423 -37.42 -8.82 -22.85
CA ARG C 423 -36.12 -9.46 -22.67
C ARG C 423 -36.16 -10.69 -21.78
N LEU C 424 -36.96 -10.66 -20.71
CA LEU C 424 -37.12 -11.83 -19.83
C LEU C 424 -37.66 -13.01 -20.61
N ILE C 425 -38.74 -12.77 -21.36
CA ILE C 425 -39.38 -13.84 -22.14
C ILE C 425 -38.48 -14.30 -23.27
N ASN C 426 -37.91 -13.37 -24.04
CA ASN C 426 -36.96 -13.68 -25.13
C ASN C 426 -35.84 -14.56 -24.66
N GLY C 427 -35.28 -14.21 -23.51
CA GLY C 427 -34.20 -14.98 -22.92
C GLY C 427 -34.62 -16.41 -22.63
N SER C 428 -35.84 -16.64 -22.12
CA SER C 428 -36.25 -18.02 -21.84
C SER C 428 -36.40 -18.82 -23.13
N ILE C 429 -36.96 -18.16 -24.16
CA ILE C 429 -37.08 -18.76 -25.49
C ILE C 429 -35.70 -19.10 -26.10
N GLU C 430 -34.78 -18.14 -26.06
CA GLU C 430 -33.41 -18.37 -26.53
C GLU C 430 -32.70 -19.49 -25.82
N ARG C 431 -32.83 -19.54 -24.49
CA ARG C 431 -32.18 -20.61 -23.74
C ARG C 431 -32.80 -21.99 -24.05
N ALA C 432 -34.14 -22.03 -24.20
CA ALA C 432 -34.80 -23.29 -24.56
C ALA C 432 -34.27 -23.76 -25.91
N ILE C 433 -34.20 -22.84 -26.88
CA ILE C 433 -33.72 -23.19 -28.22
C ILE C 433 -32.26 -23.63 -28.21
N LYS C 434 -31.41 -22.91 -27.46
CA LYS C 434 -30.01 -23.31 -27.27
C LYS C 434 -29.88 -24.74 -26.76
N PHE C 435 -30.67 -25.10 -25.73
CA PHE C 435 -30.61 -26.42 -25.12
C PHE C 435 -31.15 -27.48 -26.14
N ARG C 436 -32.22 -27.13 -26.83
CA ARG C 436 -32.79 -28.04 -27.87
C ARG C 436 -31.70 -28.38 -28.90
N LYS C 437 -30.96 -27.36 -29.37
CA LYS C 437 -29.87 -27.58 -30.33
C LYS C 437 -28.72 -28.35 -29.74
N GLU C 438 -28.43 -28.17 -28.46
CA GLU C 438 -27.39 -28.96 -27.82
C GLU C 438 -27.74 -30.45 -27.77
N ILE C 439 -28.99 -30.78 -27.48
CA ILE C 439 -29.38 -32.21 -27.48
C ILE C 439 -29.13 -32.81 -28.89
N LYS C 440 -29.60 -32.12 -29.94
CA LYS C 440 -29.40 -32.58 -31.31
C LYS C 440 -27.91 -32.74 -31.63
N ARG C 441 -27.10 -31.73 -31.23
CA ARG C 441 -25.65 -31.81 -31.44
C ARG C 441 -25.01 -33.01 -30.74
N LEU C 442 -25.34 -33.21 -29.47
CA LEU C 442 -24.72 -34.31 -28.74
C LEU C 442 -25.20 -35.67 -29.26
N ARG C 443 -26.42 -35.68 -29.79
CA ARG C 443 -26.97 -36.89 -30.40
C ARG C 443 -26.13 -37.32 -31.59
N THR C 444 -25.73 -36.37 -32.41
CA THR C 444 -24.79 -36.60 -33.50
C THR C 444 -23.38 -36.99 -33.04
N GLU C 445 -22.90 -36.33 -31.98
CA GLU C 445 -21.47 -36.39 -31.64
C GLU C 445 -21.12 -37.54 -30.72
N SER C 446 -22.10 -38.04 -29.99
CA SER C 446 -21.84 -39.05 -28.99
C SER C 446 -21.76 -40.45 -29.63
N ASP C 447 -21.11 -41.36 -28.90
CA ASP C 447 -20.91 -42.74 -29.35
C ASP C 447 -22.15 -43.60 -29.04
N GLY C 448 -22.89 -43.99 -30.07
CA GLY C 448 -24.07 -44.82 -29.89
C GLY C 448 -25.30 -44.00 -29.57
N TRP C 449 -26.22 -44.58 -28.78
CA TRP C 449 -27.54 -44.00 -28.51
C TRP C 449 -27.42 -42.65 -27.79
N PHE C 450 -28.43 -41.82 -27.93
CA PHE C 450 -28.52 -40.62 -27.11
C PHE C 450 -29.99 -40.28 -26.97
N PHE C 451 -30.28 -39.35 -26.06
CA PHE C 451 -31.57 -38.69 -26.01
C PHE C 451 -31.91 -38.04 -27.33
N ASP C 452 -33.21 -37.87 -27.59
CA ASP C 452 -33.60 -37.05 -28.73
C ASP C 452 -34.49 -35.95 -28.17
N VAL C 453 -34.77 -34.92 -28.96
CA VAL C 453 -35.71 -33.89 -28.61
C VAL C 453 -36.91 -34.02 -29.54
N TRP C 454 -38.11 -33.93 -28.96
CA TRP C 454 -39.37 -33.98 -29.71
C TRP C 454 -39.66 -32.60 -30.36
N GLN C 455 -39.29 -32.45 -31.63
CA GLN C 455 -39.38 -31.14 -32.30
C GLN C 455 -39.09 -31.34 -33.80
N PRO C 456 -39.32 -30.33 -34.63
CA PRO C 456 -38.98 -30.47 -36.06
C PRO C 456 -37.54 -30.83 -36.32
N ASP C 457 -37.27 -31.43 -37.48
CA ASP C 457 -35.89 -31.84 -37.77
C ASP C 457 -34.92 -30.65 -37.87
N HIS C 458 -35.43 -29.49 -38.28
CA HIS C 458 -34.64 -28.25 -38.20
C HIS C 458 -35.40 -27.17 -37.46
N ILE C 459 -34.71 -26.51 -36.53
CA ILE C 459 -35.33 -25.46 -35.79
C ILE C 459 -34.51 -24.17 -35.91
N ASP C 460 -34.20 -23.83 -37.16
CA ASP C 460 -33.37 -22.67 -37.48
C ASP C 460 -34.13 -21.34 -37.43
N THR C 461 -35.27 -21.36 -36.76
CA THR C 461 -36.14 -20.22 -36.69
C THR C 461 -36.67 -20.09 -35.25
N THR C 462 -36.90 -18.86 -34.79
CA THR C 462 -37.48 -18.59 -33.48
C THR C 462 -38.96 -18.34 -33.66
N GLU C 463 -39.76 -19.35 -33.38
CA GLU C 463 -41.19 -19.28 -33.59
C GLU C 463 -41.78 -20.48 -32.83
N CYS C 464 -43.10 -20.56 -32.68
CA CYS C 464 -43.72 -21.79 -32.25
C CYS C 464 -43.86 -22.58 -33.55
N TRP C 465 -43.00 -23.57 -33.71
CA TRP C 465 -42.90 -24.31 -34.97
C TRP C 465 -44.21 -25.04 -35.26
N PRO C 466 -44.74 -24.84 -36.47
CA PRO C 466 -46.00 -25.48 -36.87
C PRO C 466 -45.84 -27.00 -36.98
N LEU C 467 -46.87 -27.73 -36.54
CA LEU C 467 -46.92 -29.17 -36.78
C LEU C 467 -47.53 -29.36 -38.17
N ARG C 468 -46.78 -30.01 -39.07
CA ARG C 468 -47.22 -30.18 -40.46
C ARG C 468 -47.52 -31.65 -40.76
N SER C 469 -48.54 -31.90 -41.58
CA SER C 469 -48.91 -33.28 -41.95
C SER C 469 -47.80 -33.99 -42.71
N ASP C 470 -46.93 -33.25 -43.38
CA ASP C 470 -45.83 -33.83 -44.15
C ASP C 470 -44.59 -34.11 -43.33
N SER C 471 -44.66 -33.96 -42.00
CA SER C 471 -43.52 -34.28 -41.13
C SER C 471 -43.84 -35.34 -40.07
N THR C 472 -42.90 -36.22 -39.81
CA THR C 472 -43.21 -37.33 -38.94
C THR C 472 -42.87 -37.08 -37.47
N TRP C 473 -42.21 -35.94 -37.15
CA TRP C 473 -41.58 -35.83 -35.83
C TRP C 473 -42.60 -35.89 -34.70
N HIS C 474 -43.76 -35.27 -34.89
CA HIS C 474 -44.73 -35.09 -33.81
C HIS C 474 -45.56 -36.33 -33.53
N GLY C 475 -45.63 -37.24 -34.50
CA GLY C 475 -46.31 -38.53 -34.31
C GLY C 475 -47.82 -38.53 -34.46
N PHE C 476 -48.42 -37.40 -34.83
CA PHE C 476 -49.86 -37.31 -34.93
C PHE C 476 -50.26 -37.64 -36.36
N LYS C 477 -51.12 -38.64 -36.52
CA LYS C 477 -51.43 -39.08 -37.90
C LYS C 477 -52.51 -38.17 -38.49
N ASN C 478 -52.30 -37.78 -39.76
CA ASN C 478 -53.23 -36.94 -40.50
C ASN C 478 -53.63 -35.71 -39.70
N ILE C 479 -52.65 -35.01 -39.15
CA ILE C 479 -52.96 -33.77 -38.41
C ILE C 479 -53.49 -32.69 -39.35
N ASP C 480 -54.42 -31.86 -38.86
CA ASP C 480 -54.79 -30.61 -39.53
C ASP C 480 -53.58 -29.69 -39.60
N ASN C 481 -53.39 -29.05 -40.75
CA ASN C 481 -52.30 -28.08 -40.92
C ASN C 481 -52.73 -26.70 -40.43
N GLU C 482 -51.76 -25.83 -40.14
CA GLU C 482 -52.06 -24.48 -39.62
C GLU C 482 -53.01 -24.55 -38.41
N HIS C 483 -52.73 -25.51 -37.55
CA HIS C 483 -53.60 -25.78 -36.41
C HIS C 483 -52.85 -25.83 -35.08
N MET C 484 -51.79 -26.63 -34.99
CA MET C 484 -51.02 -26.75 -33.75
C MET C 484 -49.58 -26.27 -33.97
N TYR C 485 -48.97 -25.78 -32.88
CA TYR C 485 -47.61 -25.21 -32.91
C TYR C 485 -46.91 -25.66 -31.63
N LEU C 486 -45.61 -25.89 -31.73
CA LEU C 486 -44.85 -26.26 -30.55
C LEU C 486 -44.25 -25.01 -29.87
N ASP C 487 -44.58 -24.84 -28.59
CA ASP C 487 -43.97 -23.80 -27.73
C ASP C 487 -42.49 -24.13 -27.47
N PRO C 488 -41.55 -23.28 -27.94
CA PRO C 488 -40.13 -23.58 -27.70
C PRO C 488 -39.77 -23.86 -26.24
N ILE C 489 -40.45 -23.24 -25.28
CA ILE C 489 -39.98 -23.39 -23.89
C ILE C 489 -40.36 -24.71 -23.23
N LYS C 490 -41.25 -25.48 -23.89
CA LYS C 490 -41.66 -26.75 -23.34
C LYS C 490 -40.87 -27.85 -24.00
N VAL C 491 -39.79 -28.27 -23.36
CA VAL C 491 -38.80 -29.15 -23.99
C VAL C 491 -39.06 -30.60 -23.61
N THR C 492 -39.44 -31.39 -24.63
CA THR C 492 -39.68 -32.82 -24.40
C THR C 492 -38.49 -33.60 -24.91
N LEU C 493 -37.86 -34.36 -24.01
CA LEU C 493 -36.80 -35.27 -24.42
C LEU C 493 -37.36 -36.68 -24.58
N LEU C 494 -36.81 -37.40 -25.55
CA LEU C 494 -37.19 -38.78 -25.88
C LEU C 494 -36.07 -39.76 -25.54
N THR C 495 -36.44 -40.86 -24.88
CA THR C 495 -35.49 -41.91 -24.56
C THR C 495 -35.63 -43.06 -25.60
N PRO C 496 -34.56 -43.84 -25.82
CA PRO C 496 -34.70 -44.93 -26.80
C PRO C 496 -35.80 -45.90 -26.39
N GLY C 497 -36.51 -46.45 -27.38
CA GLY C 497 -37.46 -47.52 -27.10
C GLY C 497 -38.61 -47.67 -28.07
N MET C 498 -38.91 -46.59 -28.78
CA MET C 498 -39.98 -46.59 -29.76
C MET C 498 -39.47 -46.09 -31.09
N GLU C 499 -40.02 -46.65 -32.16
CA GLU C 499 -39.57 -46.32 -33.51
C GLU C 499 -40.38 -45.17 -34.08
N LYS C 500 -39.96 -44.72 -35.25
CA LYS C 500 -40.68 -43.67 -35.99
C LYS C 500 -42.12 -44.09 -36.30
N ASP C 501 -42.32 -45.38 -36.53
CA ASP C 501 -43.65 -46.00 -36.74
C ASP C 501 -44.64 -45.82 -35.60
N GLY C 502 -44.15 -45.59 -34.39
CA GLY C 502 -44.93 -45.84 -33.19
C GLY C 502 -44.82 -47.29 -32.75
N THR C 503 -43.95 -48.05 -33.42
CA THR C 503 -43.62 -49.44 -33.04
C THR C 503 -42.49 -49.50 -32.00
N MET C 504 -42.28 -50.64 -31.36
CA MET C 504 -41.26 -50.78 -30.29
C MET C 504 -39.89 -51.20 -30.82
N SER C 505 -38.83 -50.58 -30.30
CA SER C 505 -37.46 -50.98 -30.61
C SER C 505 -37.02 -52.10 -29.72
N ASP C 506 -35.95 -52.79 -30.12
CA ASP C 506 -35.40 -53.88 -29.34
C ASP C 506 -34.70 -53.34 -28.08
N PHE C 507 -33.94 -52.26 -28.24
CA PHE C 507 -33.26 -51.56 -27.15
C PHE C 507 -34.16 -50.43 -26.65
N GLY C 508 -34.38 -50.37 -25.35
CA GLY C 508 -35.13 -49.25 -24.79
C GLY C 508 -34.65 -48.83 -23.41
N ILE C 509 -34.83 -47.55 -23.12
CA ILE C 509 -34.58 -47.07 -21.76
C ILE C 509 -35.82 -46.31 -21.32
N PRO C 510 -36.69 -46.99 -20.55
CA PRO C 510 -37.89 -46.32 -20.07
C PRO C 510 -37.51 -45.03 -19.35
N ALA C 511 -38.27 -43.96 -19.63
CA ALA C 511 -37.96 -42.61 -19.12
C ALA C 511 -38.01 -42.54 -17.58
N SER C 512 -38.82 -43.40 -16.97
CA SER C 512 -38.90 -43.48 -15.52
C SER C 512 -37.49 -43.64 -14.87
N ILE C 513 -36.63 -44.42 -15.52
CA ILE C 513 -35.28 -44.64 -15.05
C ILE C 513 -34.40 -43.39 -15.12
N VAL C 514 -34.49 -42.64 -16.21
CA VAL C 514 -33.81 -41.37 -16.34
C VAL C 514 -34.31 -40.38 -15.30
N ALA C 515 -35.64 -40.34 -15.10
CA ALA C 515 -36.22 -39.47 -14.06
C ALA C 515 -35.68 -39.80 -12.67
N LYS C 516 -35.57 -41.10 -12.36
CA LYS C 516 -34.96 -41.51 -11.09
C LYS C 516 -33.52 -41.02 -10.93
N TYR C 517 -32.73 -41.15 -11.99
CA TYR C 517 -31.37 -40.62 -12.00
C TYR C 517 -31.33 -39.11 -11.78
N LEU C 518 -32.18 -38.38 -12.51
CA LEU C 518 -32.24 -36.92 -12.38
C LEU C 518 -32.60 -36.50 -10.95
N ASP C 519 -33.54 -37.19 -10.33
CA ASP C 519 -33.89 -36.88 -8.94
C ASP C 519 -32.73 -37.09 -7.96
N GLU C 520 -31.87 -38.09 -8.18
CA GLU C 520 -30.60 -38.20 -7.42
C GLU C 520 -29.78 -36.92 -7.47
N HIS C 521 -29.88 -36.22 -8.58
CA HIS C 521 -29.07 -35.04 -8.78
C HIS C 521 -29.88 -33.76 -8.61
N GLY C 522 -31.00 -33.90 -7.92
CA GLY C 522 -31.88 -32.78 -7.57
C GLY C 522 -32.65 -32.12 -8.72
N ILE C 523 -32.77 -32.79 -9.85
CA ILE C 523 -33.45 -32.23 -11.00
C ILE C 523 -34.81 -32.94 -11.05
N VAL C 524 -35.88 -32.15 -10.94
CA VAL C 524 -37.25 -32.64 -10.97
C VAL C 524 -37.74 -32.74 -12.41
N VAL C 525 -38.44 -33.81 -12.72
CA VAL C 525 -38.97 -33.93 -14.06
C VAL C 525 -40.43 -33.56 -13.94
N GLU C 526 -40.83 -32.54 -14.69
CA GLU C 526 -42.21 -32.03 -14.60
C GLU C 526 -43.24 -33.14 -14.91
N LYS C 527 -42.98 -33.83 -16.01
CA LYS C 527 -43.90 -34.83 -16.55
C LYS C 527 -43.09 -35.90 -17.25
N THR C 528 -43.50 -37.15 -17.07
CA THR C 528 -42.84 -38.30 -17.67
C THR C 528 -43.89 -39.23 -18.27
N GLY C 529 -43.57 -39.80 -19.42
CA GLY C 529 -44.37 -40.82 -20.09
C GLY C 529 -43.43 -42.01 -20.26
N PRO C 530 -43.90 -43.10 -20.90
CA PRO C 530 -43.05 -44.29 -21.02
C PRO C 530 -41.64 -44.02 -21.57
N TYR C 531 -41.54 -43.18 -22.60
CA TYR C 531 -40.24 -42.81 -23.24
C TYR C 531 -40.03 -41.30 -23.43
N ASN C 532 -40.68 -40.47 -22.60
CA ASN C 532 -40.59 -39.01 -22.74
C ASN C 532 -40.46 -38.31 -21.38
N LEU C 533 -39.82 -37.14 -21.40
CA LEU C 533 -39.52 -36.36 -20.20
C LEU C 533 -39.74 -34.91 -20.58
N LEU C 534 -40.49 -34.18 -19.74
CA LEU C 534 -40.78 -32.77 -20.05
C LEU C 534 -39.98 -31.85 -19.11
N PHE C 535 -39.38 -30.81 -19.71
CA PHE C 535 -38.65 -29.76 -18.97
C PHE C 535 -39.19 -28.39 -19.36
N LEU C 536 -39.54 -27.57 -18.36
CA LEU C 536 -40.09 -26.22 -18.61
C LEU C 536 -38.93 -25.23 -18.51
N PHE C 537 -38.59 -24.59 -19.63
CA PHE C 537 -37.50 -23.62 -19.69
C PHE C 537 -38.04 -22.24 -19.40
N SER C 538 -38.51 -22.06 -18.17
CA SER C 538 -39.20 -20.85 -17.79
C SER C 538 -38.20 -19.74 -17.46
N ILE C 539 -38.72 -18.57 -17.08
CA ILE C 539 -37.84 -17.46 -16.78
C ILE C 539 -36.99 -17.62 -15.51
N GLY C 540 -37.51 -18.33 -14.50
CA GLY C 540 -36.61 -19.23 -13.64
C GLY C 540 -35.42 -20.02 -13.98
N ILE C 541 -35.40 -20.59 -15.17
CA ILE C 541 -34.32 -21.46 -15.55
C ILE C 541 -33.19 -20.68 -16.21
N ASP C 542 -32.09 -20.47 -15.50
CA ASP C 542 -31.00 -19.68 -16.07
C ASP C 542 -30.01 -20.61 -16.78
N LYS C 543 -28.98 -20.04 -17.38
CA LYS C 543 -27.97 -20.83 -18.11
C LYS C 543 -27.28 -21.91 -17.28
N THR C 544 -27.16 -21.65 -16.01
CA THR C 544 -26.46 -22.51 -15.05
C THR C 544 -27.30 -23.82 -14.83
N LYS C 545 -28.61 -23.65 -14.74
CA LYS C 545 -29.54 -24.79 -14.59
C LYS C 545 -29.63 -25.59 -15.87
N ALA C 546 -29.63 -24.90 -17.01
CA ALA C 546 -29.61 -25.57 -18.30
C ALA C 546 -28.34 -26.42 -18.48
N LEU C 547 -27.20 -25.85 -18.12
CA LEU C 547 -25.94 -26.62 -18.18
C LEU C 547 -25.90 -27.78 -17.22
N SER C 548 -26.46 -27.62 -16.03
CA SER C 548 -26.49 -28.69 -15.06
C SER C 548 -27.36 -29.85 -15.61
N LEU C 549 -28.49 -29.51 -16.20
CA LEU C 549 -29.35 -30.55 -16.83
C LEU C 549 -28.60 -31.24 -17.99
N LEU C 550 -28.00 -30.46 -18.88
CA LEU C 550 -27.27 -31.09 -19.99
C LEU C 550 -26.19 -32.03 -19.51
N ARG C 551 -25.43 -31.61 -18.48
CA ARG C 551 -24.37 -32.43 -17.94
C ARG C 551 -24.93 -33.71 -17.26
N ALA C 552 -26.06 -33.58 -16.56
CA ALA C 552 -26.68 -34.75 -15.94
C ALA C 552 -27.11 -35.80 -16.99
N LEU C 553 -27.57 -35.34 -18.15
CA LEU C 553 -27.97 -36.21 -19.28
C LEU C 553 -26.76 -36.92 -19.89
N THR C 554 -25.66 -36.20 -20.16
CA THR C 554 -24.44 -36.87 -20.64
C THR C 554 -23.91 -37.83 -19.59
N ASP C 555 -24.03 -37.48 -18.32
CA ASP C 555 -23.63 -38.38 -17.22
C ASP C 555 -24.52 -39.62 -17.12
N PHE C 556 -25.83 -39.44 -17.27
CA PHE C 556 -26.71 -40.62 -17.37
C PHE C 556 -26.22 -41.61 -18.43
N LYS C 557 -26.01 -41.11 -19.66
CA LYS C 557 -25.50 -41.92 -20.75
C LYS C 557 -24.15 -42.60 -20.42
N ARG C 558 -23.21 -41.83 -19.89
CA ARG C 558 -21.87 -42.32 -19.50
C ARG C 558 -22.00 -43.47 -18.48
N ALA C 559 -22.81 -43.27 -17.44
CA ALA C 559 -22.98 -44.26 -16.39
C ALA C 559 -23.79 -45.48 -16.89
N PHE C 560 -24.84 -45.23 -17.64
CA PHE C 560 -25.62 -46.30 -18.27
C PHE C 560 -24.73 -47.24 -19.11
N ASP C 561 -23.89 -46.64 -19.94
CA ASP C 561 -23.05 -47.40 -20.84
C ASP C 561 -21.98 -48.21 -20.11
N LEU C 562 -21.50 -47.70 -18.98
CA LEU C 562 -20.64 -48.49 -18.07
C LEU C 562 -21.39 -49.62 -17.35
N ASN C 563 -22.71 -49.63 -17.44
CA ASN C 563 -23.54 -50.62 -16.75
C ASN C 563 -23.28 -50.70 -15.24
N LEU C 564 -23.29 -49.54 -14.58
CA LEU C 564 -23.13 -49.48 -13.13
C LEU C 564 -24.25 -50.25 -12.39
N ARG C 565 -23.93 -50.69 -11.19
CA ARG C 565 -24.90 -51.28 -10.30
C ARG C 565 -25.97 -50.25 -9.98
N VAL C 566 -27.22 -50.67 -9.92
CA VAL C 566 -28.32 -49.84 -9.41
C VAL C 566 -27.95 -49.25 -8.03
N LYS C 567 -27.36 -50.08 -7.17
CA LYS C 567 -26.91 -49.67 -5.85
C LYS C 567 -26.06 -48.39 -5.89
N ASN C 568 -25.22 -48.27 -6.91
CA ASN C 568 -24.30 -47.13 -7.03
C ASN C 568 -24.87 -45.97 -7.85
N MET C 569 -25.58 -46.28 -8.91
CA MET C 569 -26.10 -45.25 -9.81
C MET C 569 -27.42 -44.65 -9.35
N LEU C 570 -28.26 -45.44 -8.67
CA LEU C 570 -29.56 -45.00 -8.20
C LEU C 570 -29.73 -45.34 -6.71
N PRO C 571 -28.89 -44.75 -5.84
CA PRO C 571 -28.94 -45.16 -4.43
C PRO C 571 -30.30 -45.04 -3.77
N SER C 572 -31.09 -44.03 -4.13
CA SER C 572 -32.41 -43.86 -3.54
C SER C 572 -33.37 -44.99 -3.90
N LEU C 573 -33.30 -45.46 -5.15
CA LEU C 573 -34.08 -46.59 -5.60
C LEU C 573 -33.65 -47.87 -4.87
N TYR C 574 -32.34 -48.07 -4.78
CA TYR C 574 -31.76 -49.19 -4.05
C TYR C 574 -32.29 -49.23 -2.61
N ARG C 575 -32.26 -48.11 -1.92
CA ARG C 575 -32.74 -48.02 -0.54
C ARG C 575 -34.21 -48.37 -0.35
N GLU C 576 -35.01 -48.30 -1.41
CA GLU C 576 -36.39 -48.76 -1.29
C GLU C 576 -36.49 -50.26 -1.10
N ASP C 577 -35.54 -51.02 -1.64
CA ASP C 577 -35.59 -52.46 -1.49
C ASP C 577 -34.22 -53.02 -1.84
N PRO C 578 -33.27 -52.92 -0.88
CA PRO C 578 -31.88 -53.27 -1.12
C PRO C 578 -31.73 -54.69 -1.53
N GLU C 579 -32.47 -55.55 -0.84
CA GLU C 579 -32.40 -56.93 -1.19
C GLU C 579 -32.80 -57.16 -2.64
N PHE C 580 -33.86 -56.52 -3.12
CA PHE C 580 -34.25 -56.67 -4.50
C PHE C 580 -33.22 -56.09 -5.48
N TYR C 581 -32.58 -54.99 -5.10
CA TYR C 581 -31.69 -54.29 -6.03
C TYR C 581 -30.20 -54.56 -5.79
N GLU C 582 -29.92 -55.44 -4.83
CA GLU C 582 -28.53 -55.72 -4.40
C GLU C 582 -27.54 -55.92 -5.56
N ASN C 583 -27.88 -56.77 -6.52
CA ASN C 583 -26.93 -57.12 -7.56
C ASN C 583 -27.33 -56.68 -8.96
N MET C 584 -28.47 -56.01 -9.08
CA MET C 584 -28.95 -55.58 -10.38
C MET C 584 -28.10 -54.45 -10.97
N ARG C 585 -27.85 -54.49 -12.28
CA ARG C 585 -27.16 -53.41 -12.97
C ARG C 585 -28.12 -52.55 -13.78
N ILE C 586 -27.73 -51.33 -14.09
CA ILE C 586 -28.64 -50.38 -14.73
C ILE C 586 -29.19 -50.87 -16.10
N GLN C 587 -28.35 -51.56 -16.89
CA GLN C 587 -28.78 -51.99 -18.23
C GLN C 587 -29.82 -53.11 -18.13
N GLU C 588 -29.73 -53.86 -17.04
CA GLU C 588 -30.63 -54.96 -16.72
C GLU C 588 -32.00 -54.41 -16.30
N LEU C 589 -31.99 -53.45 -15.38
CA LEU C 589 -33.21 -52.73 -15.02
C LEU C 589 -33.94 -52.16 -16.24
N ALA C 590 -33.21 -51.46 -17.10
CA ALA C 590 -33.78 -50.85 -18.32
C ALA C 590 -34.39 -51.90 -19.22
N GLN C 591 -33.61 -52.95 -19.50
CA GLN C 591 -34.04 -54.08 -20.34
C GLN C 591 -35.29 -54.73 -19.79
N ASN C 592 -35.29 -55.01 -18.50
CA ASN C 592 -36.43 -55.70 -17.91
C ASN C 592 -37.71 -54.85 -17.97
N ILE C 593 -37.62 -53.57 -17.62
CA ILE C 593 -38.81 -52.70 -17.68
C ILE C 593 -39.27 -52.51 -19.11
N HIS C 594 -38.33 -52.29 -20.03
CA HIS C 594 -38.64 -52.17 -21.43
C HIS C 594 -39.36 -53.44 -21.96
N LYS C 595 -38.83 -54.60 -21.62
CA LYS C 595 -39.43 -55.85 -22.05
C LYS C 595 -40.83 -56.01 -21.47
N LEU C 596 -41.04 -55.58 -20.22
CA LEU C 596 -42.39 -55.52 -19.67
C LEU C 596 -43.32 -54.65 -20.48
N ILE C 597 -42.85 -53.46 -20.84
CA ILE C 597 -43.66 -52.52 -21.61
C ILE C 597 -44.05 -53.15 -22.94
N VAL C 598 -43.05 -53.73 -23.61
CA VAL C 598 -43.23 -54.42 -24.90
C VAL C 598 -44.20 -55.60 -24.76
N HIS C 599 -43.88 -56.52 -23.86
CA HIS C 599 -44.73 -57.70 -23.59
C HIS C 599 -46.18 -57.33 -23.29
N HIS C 600 -46.39 -56.30 -22.47
CA HIS C 600 -47.73 -55.87 -22.16
C HIS C 600 -48.35 -54.99 -23.24
N ASN C 601 -47.61 -54.67 -24.29
CA ASN C 601 -48.18 -53.89 -25.39
C ASN C 601 -48.69 -52.51 -24.91
N LEU C 602 -47.98 -51.92 -23.94
CA LEU C 602 -48.51 -50.77 -23.21
C LEU C 602 -48.86 -49.59 -24.13
N PRO C 603 -47.97 -49.20 -25.05
CA PRO C 603 -48.31 -48.08 -25.91
C PRO C 603 -49.54 -48.29 -26.75
N ASP C 604 -49.73 -49.50 -27.26
CA ASP C 604 -50.93 -49.73 -28.06
C ASP C 604 -52.18 -49.70 -27.20
N LEU C 605 -52.15 -50.37 -26.06
CA LEU C 605 -53.26 -50.34 -25.11
C LEU C 605 -53.61 -48.93 -24.63
N MET C 606 -52.57 -48.13 -24.38
CA MET C 606 -52.77 -46.77 -23.94
C MET C 606 -53.43 -45.95 -25.04
N TYR C 607 -52.97 -46.11 -26.27
CA TYR C 607 -53.60 -45.43 -27.39
C TYR C 607 -55.09 -45.79 -27.49
N ARG C 608 -55.39 -47.08 -27.49
CA ARG C 608 -56.77 -47.53 -27.70
C ARG C 608 -57.70 -47.17 -26.54
N ALA C 609 -57.15 -47.14 -25.31
CA ALA C 609 -57.95 -46.77 -24.12
C ALA C 609 -58.47 -45.35 -24.15
N PHE C 610 -57.71 -44.46 -24.77
CA PHE C 610 -58.07 -43.04 -24.86
C PHE C 610 -58.76 -42.64 -26.17
N GLU C 611 -58.72 -43.55 -27.13
CA GLU C 611 -59.34 -43.22 -28.41
CA GLU C 611 -59.33 -43.34 -28.46
C GLU C 611 -60.85 -43.44 -28.41
N VAL C 612 -61.37 -44.28 -27.50
CA VAL C 612 -62.82 -44.41 -27.30
C VAL C 612 -63.26 -43.85 -25.94
N LEU C 613 -64.41 -43.19 -25.90
CA LEU C 613 -64.87 -42.69 -24.61
C LEU C 613 -65.79 -43.69 -23.94
N PRO C 614 -65.68 -43.81 -22.60
CA PRO C 614 -66.68 -44.47 -21.79
C PRO C 614 -68.02 -43.78 -21.99
N THR C 615 -69.11 -44.48 -21.75
CA THR C 615 -70.42 -43.95 -22.02
C THR C 615 -70.91 -43.10 -20.85
N MET C 616 -71.39 -41.90 -21.14
CA MET C 616 -72.02 -41.08 -20.11
C MET C 616 -73.43 -41.56 -19.76
N VAL C 617 -73.58 -42.21 -18.61
CA VAL C 617 -74.87 -42.70 -18.13
C VAL C 617 -75.58 -41.58 -17.38
N MET C 618 -74.83 -40.87 -16.54
CA MET C 618 -75.35 -39.66 -15.92
C MET C 618 -74.22 -38.61 -15.86
N THR C 619 -74.60 -37.35 -15.63
CA THR C 619 -73.63 -36.26 -15.62
C THR C 619 -72.74 -36.37 -14.39
N PRO C 620 -71.55 -35.72 -14.42
CA PRO C 620 -70.77 -35.70 -13.16
C PRO C 620 -71.54 -35.15 -11.94
N TYR C 621 -72.35 -34.11 -12.14
CA TYR C 621 -73.18 -33.53 -11.09
C TYR C 621 -74.12 -34.58 -10.51
N ALA C 622 -74.80 -35.29 -11.41
CA ALA C 622 -75.77 -36.32 -10.98
C ALA C 622 -75.07 -37.46 -10.23
N ALA C 623 -73.90 -37.88 -10.71
CA ALA C 623 -73.14 -38.92 -10.01
C ALA C 623 -72.73 -38.47 -8.61
N PHE C 624 -72.28 -37.22 -8.49
CA PHE C 624 -71.85 -36.78 -7.16
C PHE C 624 -73.03 -36.69 -6.19
N GLN C 625 -74.20 -36.32 -6.71
CA GLN C 625 -75.40 -36.29 -5.88
C GLN C 625 -75.69 -37.68 -5.30
N LYS C 626 -75.55 -38.71 -6.13
CA LYS C 626 -75.65 -40.12 -5.67
C LYS C 626 -74.64 -40.44 -4.57
N GLU C 627 -73.39 -40.03 -4.79
CA GLU C 627 -72.36 -40.22 -3.78
C GLU C 627 -72.73 -39.51 -2.48
N LEU C 628 -73.25 -38.29 -2.58
CA LEU C 628 -73.69 -37.53 -1.39
C LEU C 628 -74.78 -38.25 -0.58
N HIS C 629 -75.60 -39.05 -1.29
CA HIS C 629 -76.62 -39.89 -0.64
C HIS C 629 -76.10 -41.27 -0.22
N GLY C 630 -74.80 -41.48 -0.24
CA GLY C 630 -74.24 -42.73 0.26
C GLY C 630 -74.43 -43.91 -0.66
N MET C 631 -74.68 -43.63 -1.94
CA MET C 631 -75.00 -44.69 -2.86
C MET C 631 -73.81 -45.18 -3.69
N THR C 632 -72.66 -45.34 -3.05
CA THR C 632 -71.49 -45.89 -3.73
C THR C 632 -71.07 -47.16 -3.00
N GLU C 633 -70.28 -47.99 -3.69
CA GLU C 633 -69.66 -49.18 -3.14
C GLU C 633 -68.42 -49.49 -3.96
N GLU C 634 -67.55 -50.34 -3.42
CA GLU C 634 -66.32 -50.74 -4.12
C GLU C 634 -66.45 -52.09 -4.75
N VAL C 635 -66.01 -52.17 -5.99
CA VAL C 635 -65.94 -53.46 -6.66
C VAL C 635 -64.50 -53.62 -7.14
N TYR C 636 -64.13 -54.86 -7.45
CA TYR C 636 -62.84 -55.09 -8.09
C TYR C 636 -62.85 -54.44 -9.47
N LEU C 637 -61.71 -53.85 -9.80
CA LEU C 637 -61.48 -53.30 -11.12
C LEU C 637 -61.95 -54.23 -12.25
N ASP C 638 -61.63 -55.52 -12.12
CA ASP C 638 -62.05 -56.55 -13.09
C ASP C 638 -63.56 -56.62 -13.35
N GLU C 639 -64.35 -56.13 -12.41
CA GLU C 639 -65.79 -56.25 -12.45
C GLU C 639 -66.49 -54.94 -12.84
N MET C 640 -65.75 -53.96 -13.34
CA MET C 640 -66.34 -52.64 -13.55
C MET C 640 -67.11 -52.44 -14.83
N VAL C 641 -67.00 -53.35 -15.80
CA VAL C 641 -67.80 -53.22 -17.04
C VAL C 641 -69.27 -53.22 -16.67
N GLY C 642 -70.00 -52.24 -17.22
CA GLY C 642 -71.43 -52.08 -16.96
C GLY C 642 -71.80 -51.41 -15.64
N ARG C 643 -70.80 -50.90 -14.90
CA ARG C 643 -71.03 -50.17 -13.63
C ARG C 643 -70.80 -48.67 -13.83
N ILE C 644 -71.55 -47.85 -13.09
CA ILE C 644 -71.39 -46.40 -13.18
C ILE C 644 -70.28 -45.94 -12.23
N ASN C 645 -69.21 -45.41 -12.80
CA ASN C 645 -68.10 -44.87 -12.00
C ASN C 645 -68.45 -43.69 -11.14
N ALA C 646 -68.01 -43.76 -9.90
CA ALA C 646 -68.27 -42.69 -8.94
C ALA C 646 -67.16 -41.61 -8.97
N ASN C 647 -65.89 -42.03 -9.15
CA ASN C 647 -64.74 -41.11 -9.03
C ASN C 647 -64.10 -40.96 -10.38
N MET C 648 -63.43 -39.84 -10.65
CA MET C 648 -62.60 -39.76 -11.85
C MET C 648 -61.51 -40.81 -11.76
N ILE C 649 -61.22 -41.44 -12.89
CA ILE C 649 -60.08 -42.36 -12.97
C ILE C 649 -59.04 -41.71 -13.85
N LEU C 650 -57.86 -41.49 -13.28
CA LEU C 650 -56.82 -40.71 -13.92
C LEU C 650 -55.51 -41.48 -13.81
N PRO C 651 -55.14 -42.24 -14.88
CA PRO C 651 -53.93 -43.07 -14.79
C PRO C 651 -52.65 -42.35 -15.21
N TYR C 652 -51.53 -42.73 -14.60
CA TYR C 652 -50.18 -42.29 -15.02
C TYR C 652 -49.40 -43.54 -15.42
N PRO C 653 -49.01 -43.68 -16.71
CA PRO C 653 -49.26 -42.73 -17.78
C PRO C 653 -50.71 -42.87 -18.27
N PRO C 654 -51.18 -41.94 -19.12
CA PRO C 654 -50.51 -40.72 -19.60
C PRO C 654 -50.91 -39.46 -18.86
N GLY C 655 -51.58 -39.61 -17.72
CA GLY C 655 -51.81 -38.48 -16.83
C GLY C 655 -52.93 -37.54 -17.25
N VAL C 656 -53.90 -38.08 -17.99
CA VAL C 656 -55.12 -37.33 -18.32
C VAL C 656 -56.36 -38.17 -17.97
N PRO C 657 -57.52 -37.53 -17.72
CA PRO C 657 -58.72 -38.26 -17.30
C PRO C 657 -59.10 -39.37 -18.27
N LEU C 658 -59.38 -40.55 -17.72
CA LEU C 658 -59.81 -41.69 -18.52
C LEU C 658 -61.31 -41.97 -18.34
N VAL C 659 -61.77 -42.01 -17.09
CA VAL C 659 -63.20 -42.19 -16.78
C VAL C 659 -63.66 -41.05 -15.88
N MET C 660 -64.78 -40.43 -16.23
CA MET C 660 -65.39 -39.38 -15.40
C MET C 660 -66.43 -39.98 -14.46
N PRO C 661 -66.75 -39.28 -13.36
CA PRO C 661 -67.87 -39.71 -12.53
C PRO C 661 -69.11 -39.72 -13.42
N GLY C 662 -69.90 -40.80 -13.34
CA GLY C 662 -71.14 -40.90 -14.11
C GLY C 662 -71.00 -41.64 -15.44
N GLU C 663 -69.77 -42.03 -15.78
CA GLU C 663 -69.49 -42.77 -16.99
C GLU C 663 -69.35 -44.26 -16.72
N MET C 664 -69.60 -45.04 -17.77
CA MET C 664 -69.59 -46.50 -17.67
C MET C 664 -68.73 -47.09 -18.78
N ILE C 665 -67.86 -48.01 -18.40
CA ILE C 665 -67.16 -48.79 -19.40
C ILE C 665 -68.13 -49.87 -19.93
N THR C 666 -68.24 -49.95 -21.25
CA THR C 666 -69.12 -50.89 -21.96
C THR C 666 -68.29 -51.70 -22.95
N GLU C 667 -68.92 -52.50 -23.82
CA GLU C 667 -68.11 -53.25 -24.82
C GLU C 667 -67.44 -52.29 -25.79
N GLU C 668 -68.14 -51.25 -26.19
CA GLU C 668 -67.57 -50.18 -27.01
C GLU C 668 -66.24 -49.66 -26.41
N SER C 669 -66.16 -49.57 -25.08
CA SER C 669 -65.00 -48.93 -24.42
C SER C 669 -64.18 -49.92 -23.60
N ARG C 670 -64.31 -51.20 -23.93
CA ARG C 670 -63.52 -52.24 -23.26
C ARG C 670 -62.00 -52.00 -23.15
N PRO C 671 -61.36 -51.42 -24.18
CA PRO C 671 -59.91 -51.13 -24.04
C PRO C 671 -59.53 -50.23 -22.84
N VAL C 672 -60.48 -49.45 -22.31
CA VAL C 672 -60.26 -48.66 -21.09
C VAL C 672 -59.94 -49.63 -19.93
N LEU C 673 -60.78 -50.66 -19.79
CA LEU C 673 -60.57 -51.64 -18.73
C LEU C 673 -59.25 -52.40 -18.91
N GLU C 674 -58.97 -52.80 -20.13
CA GLU C 674 -57.79 -53.63 -20.42
C GLU C 674 -56.49 -52.83 -20.14
N PHE C 675 -56.50 -51.55 -20.50
CA PHE C 675 -55.39 -50.65 -20.17
C PHE C 675 -55.18 -50.56 -18.66
N LEU C 676 -56.25 -50.26 -17.92
CA LEU C 676 -56.20 -50.22 -16.45
C LEU C 676 -55.69 -51.54 -15.85
N GLN C 677 -56.22 -52.67 -16.31
CA GLN C 677 -55.75 -53.98 -15.81
C GLN C 677 -54.28 -54.18 -16.12
N MET C 678 -53.84 -53.81 -17.32
CA MET C 678 -52.44 -53.92 -17.67
C MET C 678 -51.51 -53.07 -16.76
N LEU C 679 -51.94 -51.84 -16.47
CA LEU C 679 -51.18 -50.95 -15.58
C LEU C 679 -51.01 -51.58 -14.19
N CYS C 680 -52.06 -52.22 -13.71
CA CYS C 680 -51.99 -52.91 -12.42
C CYS C 680 -51.01 -54.08 -12.50
N GLU C 681 -51.05 -54.86 -13.57
CA GLU C 681 -50.14 -56.01 -13.68
C GLU C 681 -48.68 -55.59 -13.83
N ILE C 682 -48.42 -54.67 -14.75
CA ILE C 682 -47.05 -54.19 -15.02
C ILE C 682 -46.41 -53.51 -13.79
N GLY C 683 -47.21 -52.86 -12.95
CA GLY C 683 -46.71 -52.18 -11.76
C GLY C 683 -46.31 -53.06 -10.58
N ALA C 684 -46.60 -54.36 -10.66
CA ALA C 684 -46.39 -55.26 -9.53
C ALA C 684 -44.96 -55.81 -9.45
N HIS C 685 -44.13 -55.50 -10.45
CA HIS C 685 -42.85 -56.17 -10.70
C HIS C 685 -41.62 -55.50 -10.05
N TYR C 686 -41.53 -54.18 -10.14
CA TYR C 686 -40.33 -53.44 -9.71
C TYR C 686 -40.60 -52.42 -8.64
N PRO C 687 -40.01 -52.61 -7.43
CA PRO C 687 -40.17 -51.60 -6.40
C PRO C 687 -39.67 -50.26 -6.92
N GLY C 688 -40.42 -49.19 -6.66
CA GLY C 688 -40.10 -47.90 -7.23
C GLY C 688 -40.81 -47.57 -8.53
N PHE C 689 -41.39 -48.60 -9.15
CA PHE C 689 -42.09 -48.48 -10.42
C PHE C 689 -43.53 -48.98 -10.25
N GLU C 690 -44.23 -48.45 -9.25
CA GLU C 690 -45.56 -48.95 -8.87
C GLU C 690 -46.66 -48.40 -9.77
N THR C 691 -47.76 -49.14 -9.86
CA THR C 691 -48.97 -48.64 -10.48
C THR C 691 -49.38 -47.33 -9.83
N ASP C 692 -49.79 -46.38 -10.67
CA ASP C 692 -50.26 -45.09 -10.19
C ASP C 692 -51.53 -44.70 -10.96
N ILE C 693 -52.68 -45.11 -10.42
CA ILE C 693 -53.98 -44.77 -10.98
C ILE C 693 -54.81 -44.08 -9.92
N HIS C 694 -55.03 -42.78 -10.10
CA HIS C 694 -55.91 -42.06 -9.18
C HIS C 694 -57.33 -42.59 -9.40
N GLY C 695 -58.00 -42.99 -8.31
CA GLY C 695 -59.31 -43.59 -8.40
C GLY C 695 -59.30 -45.12 -8.36
N ALA C 696 -58.11 -45.73 -8.36
CA ALA C 696 -58.02 -47.18 -8.15
C ALA C 696 -57.25 -47.45 -6.86
N TYR C 697 -57.67 -48.48 -6.13
CA TYR C 697 -57.15 -48.72 -4.78
C TYR C 697 -56.53 -50.08 -4.66
N ARG C 698 -55.24 -50.13 -4.35
CA ARG C 698 -54.56 -51.40 -4.16
C ARG C 698 -55.01 -52.06 -2.85
N GLN C 699 -55.51 -53.28 -2.96
CA GLN C 699 -55.85 -54.06 -1.77
C GLN C 699 -54.62 -54.87 -1.28
N ALA C 700 -54.70 -55.34 -0.04
CA ALA C 700 -53.57 -56.02 0.63
C ALA C 700 -53.07 -57.23 -0.15
N ASP C 701 -53.96 -57.85 -0.93
CA ASP C 701 -53.62 -58.97 -1.76
C ASP C 701 -53.16 -58.56 -3.18
N GLY C 702 -53.00 -57.26 -3.40
CA GLY C 702 -52.49 -56.77 -4.69
C GLY C 702 -53.50 -56.62 -5.82
N ARG C 703 -54.77 -56.95 -5.56
CA ARG C 703 -55.85 -56.61 -6.50
C ARG C 703 -56.28 -55.15 -6.28
N TYR C 704 -56.84 -54.51 -7.32
CA TYR C 704 -57.33 -53.13 -7.22
C TYR C 704 -58.86 -53.08 -7.20
N THR C 705 -59.41 -52.11 -6.50
CA THR C 705 -60.84 -51.87 -6.52
C THR C 705 -61.08 -50.46 -6.99
N VAL C 706 -62.33 -50.20 -7.36
CA VAL C 706 -62.80 -48.87 -7.75
C VAL C 706 -64.17 -48.66 -7.15
N LYS C 707 -64.59 -47.42 -7.16
CA LYS C 707 -65.79 -47.04 -6.50
C LYS C 707 -66.84 -46.79 -7.59
N VAL C 708 -67.99 -47.41 -7.42
CA VAL C 708 -69.07 -47.37 -8.41
C VAL C 708 -70.39 -47.07 -7.73
N LEU C 709 -71.37 -46.64 -8.52
CA LEU C 709 -72.68 -46.43 -7.92
C LEU C 709 -73.38 -47.79 -7.70
N LYS C 710 -74.08 -47.88 -6.58
CA LYS C 710 -74.90 -49.04 -6.26
C LYS C 710 -75.98 -49.22 -7.33
N GLU C 711 -76.26 -50.49 -7.64
CA GLU C 711 -77.42 -50.86 -8.46
C GLU C 711 -78.66 -50.94 -7.57
N MET D 1 20.20 20.84 13.49
CA MET D 1 21.33 20.04 12.98
C MET D 1 20.87 18.56 13.13
N ASN D 2 19.99 18.11 12.27
CA ASN D 2 19.57 16.70 12.37
C ASN D 2 19.22 16.00 11.06
N VAL D 3 19.62 16.56 9.93
CA VAL D 3 19.27 15.96 8.65
C VAL D 3 20.47 15.13 8.12
N ILE D 4 20.23 13.84 7.87
CA ILE D 4 21.26 12.98 7.27
C ILE D 4 20.81 12.54 5.89
N ALA D 5 21.68 12.72 4.88
CA ALA D 5 21.42 12.27 3.52
C ALA D 5 21.97 10.85 3.32
N ILE D 6 21.14 9.99 2.74
CA ILE D 6 21.62 8.71 2.22
C ILE D 6 21.55 8.77 0.72
N LEU D 7 22.71 8.62 0.06
CA LEU D 7 22.70 8.54 -1.38
C LEU D 7 22.76 7.05 -1.86
N ASN D 8 21.58 6.40 -2.19
CA ASN D 8 21.41 5.11 -3.11
C ASN D 8 20.53 3.71 -3.51
N HIS D 9 20.12 3.53 -4.78
CA HIS D 9 19.91 2.15 -5.36
C HIS D 9 21.21 1.40 -5.77
N MET D 10 21.53 0.32 -5.06
CA MET D 10 22.78 -0.42 -5.30
C MET D 10 22.61 -1.74 -6.05
N GLY D 11 21.41 -2.29 -6.02
CA GLY D 11 21.15 -3.51 -6.76
C GLY D 11 21.55 -4.79 -6.02
N VAL D 12 21.99 -4.67 -4.78
CA VAL D 12 22.33 -5.84 -3.96
C VAL D 12 21.73 -5.68 -2.58
N TYR D 13 21.01 -6.71 -2.11
CA TYR D 13 20.44 -6.71 -0.77
C TYR D 13 21.52 -6.64 0.33
N PHE D 14 22.68 -7.26 0.11
CA PHE D 14 23.69 -7.24 1.18
C PHE D 14 24.14 -5.81 1.55
N LYS D 15 23.94 -4.86 0.64
CA LYS D 15 24.22 -3.42 0.88
C LYS D 15 22.97 -2.67 1.28
N GLU D 16 21.86 -2.92 0.55
CA GLU D 16 20.63 -2.18 0.79
C GLU D 16 19.93 -2.47 2.09
N GLU D 17 19.95 -3.72 2.55
CA GLU D 17 19.27 -4.03 3.82
C GLU D 17 19.98 -3.37 5.05
N PRO D 18 21.32 -3.47 5.14
CA PRO D 18 21.98 -2.75 6.23
C PRO D 18 21.68 -1.24 6.24
N ILE D 19 21.45 -0.66 5.08
CA ILE D 19 21.16 0.79 4.99
C ILE D 19 19.73 1.08 5.42
N ARG D 20 18.81 0.17 5.12
CA ARG D 20 17.46 0.24 5.66
C ARG D 20 17.50 0.15 7.16
N GLU D 21 18.25 -0.81 7.70
CA GLU D 21 18.41 -0.89 9.14
C GLU D 21 19.01 0.39 9.71
N LEU D 22 20.00 0.97 9.03
CA LEU D 22 20.59 2.23 9.53
C LEU D 22 19.58 3.42 9.51
N HIS D 23 18.80 3.55 8.43
CA HIS D 23 17.65 4.47 8.37
C HIS D 23 16.86 4.40 9.66
N ARG D 24 16.40 3.19 10.02
CA ARG D 24 15.53 3.06 11.18
C ARG D 24 16.26 3.39 12.48
N ALA D 25 17.51 2.98 12.63
CA ALA D 25 18.33 3.28 13.82
C ALA D 25 18.52 4.80 14.01
N LEU D 26 18.81 5.49 12.92
CA LEU D 26 18.95 6.96 12.96
C LEU D 26 17.64 7.66 13.30
N GLU D 27 16.52 7.22 12.70
CA GLU D 27 15.24 7.83 13.07
C GLU D 27 14.95 7.66 14.55
N ARG D 28 15.36 6.54 15.12
CA ARG D 28 15.25 6.36 16.58
C ARG D 28 16.06 7.37 17.39
N LEU D 29 17.16 7.87 16.83
CA LEU D 29 17.96 8.90 17.48
C LEU D 29 17.51 10.31 17.07
N ASN D 30 16.33 10.37 16.46
CA ASN D 30 15.68 11.60 16.04
C ASN D 30 16.37 12.39 14.91
N PHE D 31 17.03 11.68 13.99
CA PHE D 31 17.45 12.27 12.74
C PHE D 31 16.35 12.18 11.69
N GLN D 32 16.26 13.19 10.81
CA GLN D 32 15.47 13.16 9.56
C GLN D 32 16.43 12.53 8.58
N ILE D 33 15.98 11.47 7.88
CA ILE D 33 16.59 11.06 6.61
C ILE D 33 16.07 11.49 5.28
N VAL D 34 16.99 11.88 4.40
CA VAL D 34 16.67 12.38 3.10
C VAL D 34 17.41 11.57 2.04
N TYR D 35 16.82 11.44 0.84
CA TYR D 35 17.31 10.51 -0.18
C TYR D 35 17.48 11.21 -1.53
N PRO D 36 18.61 11.91 -1.73
CA PRO D 36 18.80 12.52 -3.01
C PRO D 36 18.84 11.46 -4.12
N ASN D 37 18.39 11.85 -5.32
CA ASN D 37 18.39 10.96 -6.49
C ASN D 37 19.77 10.66 -7.06
N ASP D 38 20.68 11.60 -6.90
CA ASP D 38 21.98 11.49 -7.53
C ASP D 38 22.90 12.53 -6.93
N ARG D 39 24.12 12.59 -7.46
CA ARG D 39 25.14 13.46 -6.94
C ARG D 39 24.68 14.93 -6.95
N ASP D 40 24.17 15.41 -8.08
CA ASP D 40 23.75 16.81 -8.18
C ASP D 40 22.60 17.17 -7.21
N ASP D 41 21.67 16.24 -7.02
CA ASP D 41 20.55 16.41 -6.06
C ASP D 41 21.13 16.56 -4.64
N LEU D 42 22.11 15.71 -4.31
CA LEU D 42 22.74 15.79 -3.00
C LEU D 42 23.42 17.13 -2.78
N LEU D 43 24.16 17.61 -3.77
CA LEU D 43 24.86 18.89 -3.65
C LEU D 43 23.89 20.06 -3.47
N LYS D 44 22.77 20.00 -4.20
CA LYS D 44 21.71 21.02 -3.99
C LYS D 44 21.08 20.95 -2.61
N LEU D 45 20.88 19.73 -2.08
CA LEU D 45 20.41 19.58 -0.71
C LEU D 45 21.38 20.23 0.27
N ILE D 46 22.68 19.96 0.10
CA ILE D 46 23.70 20.58 0.98
C ILE D 46 23.65 22.11 0.88
N GLU D 47 23.67 22.60 -0.35
CA GLU D 47 23.63 24.03 -0.61
C GLU D 47 22.42 24.73 0.03
N ASN D 48 21.26 24.09 -0.03
CA ASN D 48 20.03 24.71 0.43
C ASN D 48 19.66 24.44 1.88
N ASN D 49 20.36 23.51 2.53
CA ASN D 49 19.99 23.10 3.89
C ASN D 49 21.22 22.99 4.80
N ALA D 50 21.45 24.05 5.59
CA ALA D 50 22.60 24.14 6.51
C ALA D 50 22.52 23.12 7.64
N ARG D 51 21.30 22.62 7.90
CA ARG D 51 21.10 21.60 8.96
C ARG D 51 21.35 20.15 8.51
N LEU D 52 21.64 19.96 7.23
CA LEU D 52 22.12 18.66 6.71
C LEU D 52 23.53 18.47 7.24
N CYS D 53 23.69 17.48 8.11
CA CYS D 53 24.88 17.37 8.95
C CYS D 53 25.64 16.06 8.78
N GLY D 54 25.25 15.26 7.80
CA GLY D 54 25.93 13.99 7.49
C GLY D 54 25.52 13.41 6.16
N VAL D 55 26.45 12.71 5.49
CA VAL D 55 26.17 12.05 4.22
C VAL D 55 26.64 10.59 4.27
N ILE D 56 25.69 9.68 4.02
CA ILE D 56 25.97 8.24 3.92
C ILE D 56 26.01 7.84 2.43
N PHE D 57 27.09 7.17 2.01
CA PHE D 57 27.20 6.73 0.61
C PHE D 57 28.16 5.54 0.46
N ASP D 58 28.03 4.83 -0.66
CA ASP D 58 28.94 3.77 -1.01
C ASP D 58 30.24 4.40 -1.50
N TRP D 59 31.34 4.15 -0.80
CA TRP D 59 32.63 4.77 -1.13
C TRP D 59 33.07 4.65 -2.62
N ASP D 60 33.07 3.43 -3.14
CA ASP D 60 33.54 3.19 -4.51
C ASP D 60 32.64 3.89 -5.55
N LYS D 61 31.34 3.80 -5.33
CA LYS D 61 30.35 4.40 -6.25
C LYS D 61 30.52 5.92 -6.42
N TYR D 62 30.86 6.60 -5.33
CA TYR D 62 30.70 8.05 -5.24
C TYR D 62 31.90 8.91 -4.82
N ASN D 63 32.94 8.34 -4.22
CA ASN D 63 33.97 9.20 -3.61
C ASN D 63 34.64 10.16 -4.60
N LEU D 64 34.90 9.68 -5.82
CA LEU D 64 35.50 10.56 -6.85
C LEU D 64 34.50 11.58 -7.43
N GLU D 65 33.21 11.35 -7.23
CA GLU D 65 32.16 12.31 -7.67
C GLU D 65 31.72 13.29 -6.59
N LEU D 66 32.05 13.00 -5.34
CA LEU D 66 31.52 13.77 -4.21
C LEU D 66 32.53 14.54 -3.38
N CYS D 67 33.67 13.93 -3.08
CA CYS D 67 34.53 14.45 -1.99
C CYS D 67 35.09 15.85 -2.26
N GLU D 68 35.64 16.08 -3.42
CA GLU D 68 36.07 17.44 -3.72
C GLU D 68 34.92 18.46 -3.75
N GLU D 69 33.79 18.09 -4.35
CA GLU D 69 32.65 19.02 -4.38
C GLU D 69 32.22 19.38 -2.98
N ILE D 70 32.18 18.38 -2.10
CA ILE D 70 31.75 18.63 -0.73
C ILE D 70 32.77 19.50 0.03
N SER D 71 34.06 19.19 -0.13
CA SER D 71 35.11 19.98 0.54
C SER D 71 35.03 21.48 0.18
N LYS D 72 34.63 21.80 -1.05
CA LYS D 72 34.45 23.21 -1.47
C LYS D 72 33.29 23.89 -0.78
N MET D 73 32.29 23.12 -0.35
CA MET D 73 31.12 23.68 0.32
C MET D 73 31.25 23.71 1.85
N ASN D 74 31.90 22.69 2.40
CA ASN D 74 31.91 22.52 3.85
C ASN D 74 33.03 21.58 4.26
N GLU D 75 34.11 22.14 4.81
CA GLU D 75 35.32 21.38 5.14
C GLU D 75 35.06 20.22 6.12
N ASN D 76 33.98 20.26 6.90
CA ASN D 76 33.95 19.81 8.30
C ASN D 76 32.79 18.78 8.22
N LEU D 77 32.06 18.75 7.10
CA LEU D 77 30.78 18.00 7.02
C LEU D 77 31.01 16.50 7.12
N PRO D 78 30.45 15.81 8.15
CA PRO D 78 30.71 14.38 8.26
C PRO D 78 30.30 13.51 7.05
N LEU D 79 31.24 12.67 6.62
CA LEU D 79 30.99 11.71 5.54
C LEU D 79 31.08 10.30 6.13
N TYR D 80 30.08 9.50 5.84
CA TYR D 80 29.98 8.13 6.36
C TYR D 80 30.04 7.23 5.14
N ALA D 81 31.25 6.74 4.88
CA ALA D 81 31.56 6.06 3.63
C ALA D 81 31.56 4.56 3.88
N PHE D 82 30.76 3.86 3.09
CA PHE D 82 30.67 2.40 3.19
C PHE D 82 31.61 1.72 2.20
N ALA D 83 32.55 0.93 2.74
CA ALA D 83 33.63 0.38 1.96
C ALA D 83 33.35 -1.03 1.43
N ASN D 84 33.92 -1.31 0.25
CA ASN D 84 34.01 -2.66 -0.31
C ASN D 84 35.38 -3.27 0.06
N THR D 85 35.52 -4.57 -0.16
CA THR D 85 36.77 -5.26 0.17
C THR D 85 37.99 -4.54 -0.43
N TYR D 86 37.89 -4.17 -1.70
CA TYR D 86 39.01 -3.53 -2.41
C TYR D 86 39.03 -2.00 -2.46
N SER D 87 38.17 -1.35 -1.67
CA SER D 87 38.12 0.12 -1.60
C SER D 87 39.50 0.67 -1.21
N THR D 88 39.89 1.75 -1.88
CA THR D 88 41.17 2.38 -1.64
C THR D 88 41.03 3.91 -1.76
N LEU D 89 42.11 4.63 -1.45
CA LEU D 89 42.11 6.08 -1.47
C LEU D 89 42.88 6.59 -2.66
N ASP D 90 42.19 7.32 -3.52
CA ASP D 90 42.78 7.90 -4.73
C ASP D 90 43.69 9.07 -4.33
N VAL D 91 44.81 9.21 -5.05
CA VAL D 91 45.74 10.30 -4.77
C VAL D 91 45.05 11.67 -4.88
N SER D 92 44.01 11.80 -5.71
CA SER D 92 43.31 13.10 -5.81
C SER D 92 42.69 13.59 -4.49
N LEU D 93 42.56 12.72 -3.49
CA LEU D 93 41.92 13.09 -2.21
C LEU D 93 42.93 13.66 -1.21
N ASN D 94 44.22 13.49 -1.51
CA ASN D 94 45.31 13.80 -0.58
C ASN D 94 45.23 15.17 0.10
N ASP D 95 44.96 16.20 -0.70
CA ASP D 95 44.96 17.56 -0.15
C ASP D 95 43.60 18.09 0.24
N LEU D 96 42.56 17.27 0.09
CA LEU D 96 41.20 17.71 0.42
C LEU D 96 40.97 17.68 1.91
N ARG D 97 40.25 18.68 2.42
CA ARG D 97 39.82 18.69 3.81
C ARG D 97 38.51 17.93 3.92
N LEU D 98 38.56 16.75 4.53
CA LEU D 98 37.41 15.86 4.59
C LEU D 98 37.30 15.25 5.97
N GLN D 99 36.08 15.04 6.43
CA GLN D 99 35.82 14.35 7.69
C GLN D 99 35.14 13.01 7.33
N ILE D 100 35.91 11.93 7.27
CA ILE D 100 35.40 10.64 6.80
C ILE D 100 35.44 9.56 7.86
N SER D 101 34.34 8.83 8.00
CA SER D 101 34.32 7.60 8.81
C SER D 101 34.00 6.48 7.88
N PHE D 102 34.73 5.38 8.01
CA PHE D 102 34.53 4.24 7.13
C PHE D 102 33.74 3.17 7.85
N PHE D 103 32.76 2.57 7.16
CA PHE D 103 31.89 1.57 7.78
C PHE D 103 31.80 0.36 6.84
N GLU D 104 31.38 -0.79 7.38
CA GLU D 104 31.13 -1.98 6.55
C GLU D 104 29.63 -2.18 6.38
N TYR D 105 29.22 -2.93 5.35
CA TYR D 105 27.82 -3.37 5.18
C TYR D 105 27.60 -4.67 5.97
N ALA D 106 26.83 -4.60 7.05
CA ALA D 106 26.61 -5.77 7.91
C ALA D 106 25.24 -5.69 8.58
N LEU D 107 24.55 -6.82 8.62
CA LEU D 107 23.28 -6.90 9.32
C LEU D 107 23.54 -6.78 10.80
N GLY D 108 22.66 -6.05 11.48
CA GLY D 108 22.71 -5.85 12.91
C GLY D 108 23.71 -4.80 13.40
N ALA D 109 24.47 -4.20 12.51
CA ALA D 109 25.49 -3.18 12.88
C ALA D 109 24.85 -1.77 13.06
N ALA D 110 23.60 -1.62 12.60
CA ALA D 110 22.98 -0.28 12.49
C ALA D 110 22.93 0.50 13.78
N GLU D 111 22.62 -0.17 14.90
CA GLU D 111 22.52 0.54 16.15
C GLU D 111 23.88 1.15 16.54
N ASP D 112 24.94 0.37 16.38
CA ASP D 112 26.30 0.85 16.66
C ASP D 112 26.72 1.92 15.67
N ILE D 113 26.41 1.75 14.39
CA ILE D 113 26.76 2.78 13.39
C ILE D 113 26.01 4.07 13.69
N ALA D 114 24.71 3.97 13.99
CA ALA D 114 23.90 5.16 14.34
C ALA D 114 24.46 5.93 15.58
N ASN D 115 24.89 5.18 16.60
CA ASN D 115 25.53 5.81 17.78
C ASN D 115 26.85 6.53 17.40
N LYS D 116 27.63 5.96 16.48
CA LYS D 116 28.85 6.62 16.01
C LYS D 116 28.57 7.89 15.22
N ILE D 117 27.54 7.83 14.40
CA ILE D 117 27.06 9.01 13.68
C ILE D 117 26.58 10.13 14.61
N LYS D 118 25.86 9.77 15.66
CA LYS D 118 25.45 10.72 16.69
C LYS D 118 26.68 11.39 17.35
N GLN D 119 27.63 10.56 17.78
CA GLN D 119 28.90 11.03 18.31
C GLN D 119 29.63 11.97 17.35
N THR D 120 29.71 11.61 16.08
CA THR D 120 30.44 12.41 15.09
C THR D 120 29.68 13.74 14.78
N THR D 121 28.36 13.68 14.82
CA THR D 121 27.53 14.90 14.70
C THR D 121 27.81 15.87 15.86
N ASP D 122 27.87 15.35 17.09
CA ASP D 122 28.22 16.19 18.24
C ASP D 122 29.63 16.77 18.09
N GLU D 123 30.57 15.99 17.55
CA GLU D 123 31.94 16.49 17.31
C GLU D 123 31.94 17.59 16.25
N TYR D 124 31.11 17.43 15.21
CA TYR D 124 30.98 18.42 14.17
C TYR D 124 30.45 19.73 14.76
N ILE D 125 29.36 19.61 15.52
CA ILE D 125 28.78 20.76 16.25
C ILE D 125 29.83 21.46 17.14
N ASN D 126 30.57 20.67 17.91
CA ASN D 126 31.63 21.23 18.78
C ASN D 126 32.79 21.90 18.03
N THR D 127 33.04 21.44 16.81
CA THR D 127 34.05 22.02 15.94
C THR D 127 33.66 23.40 15.39
N ILE D 128 32.43 23.54 14.94
CA ILE D 128 32.02 24.77 14.25
C ILE D 128 31.55 25.86 15.22
N LEU D 129 31.13 25.49 16.42
CA LEU D 129 30.75 26.48 17.42
C LEU D 129 32.01 27.16 17.93
N PRO D 130 31.97 28.50 18.10
CA PRO D 130 33.11 29.17 18.74
C PRO D 130 33.08 28.99 20.27
N PRO D 131 34.21 29.29 20.95
CA PRO D 131 34.39 28.90 22.36
C PRO D 131 33.43 29.47 23.36
N LEU D 132 33.11 30.78 23.28
CA LEU D 132 32.26 31.36 24.30
C LEU D 132 30.81 30.90 24.13
N THR D 133 30.35 30.90 22.88
CA THR D 133 28.99 30.47 22.55
C THR D 133 28.77 29.00 22.97
N LYS D 134 29.74 28.17 22.65
CA LYS D 134 29.74 26.77 23.09
C LYS D 134 29.60 26.63 24.61
N ALA D 135 30.40 27.39 25.37
CA ALA D 135 30.33 27.37 26.83
C ALA D 135 29.01 27.88 27.37
N LEU D 136 28.45 28.91 26.72
CA LEU D 136 27.15 29.43 27.14
C LEU D 136 26.03 28.40 26.94
N PHE D 137 26.01 27.74 25.79
CA PHE D 137 24.96 26.73 25.47
C PHE D 137 25.12 25.57 26.46
N LYS D 138 26.36 25.20 26.73
CA LYS D 138 26.65 24.10 27.66
C LYS D 138 26.20 24.44 29.09
N TYR D 139 26.45 25.68 29.52
CA TYR D 139 25.94 26.17 30.78
C TYR D 139 24.42 26.09 30.88
N VAL D 140 23.74 26.54 29.82
CA VAL D 140 22.27 26.51 29.82
C VAL D 140 21.74 25.06 29.96
N ARG D 141 22.37 24.12 29.27
CA ARG D 141 22.03 22.69 29.42
C ARG D 141 22.32 22.11 30.82
N GLU D 142 23.45 22.47 31.40
CA GLU D 142 23.97 21.78 32.58
C GLU D 142 24.03 22.54 33.90
N GLY D 143 24.27 23.86 33.82
CA GLY D 143 24.56 24.66 35.03
C GLY D 143 23.44 24.73 36.05
N LYS D 144 23.76 25.17 37.27
CA LYS D 144 22.75 25.22 38.34
C LYS D 144 22.94 26.25 39.44
N TYR D 145 23.48 27.42 39.11
CA TYR D 145 23.71 28.42 40.15
C TYR D 145 22.41 29.02 40.63
N THR D 146 22.33 29.26 41.94
CA THR D 146 21.19 29.96 42.55
C THR D 146 21.73 31.12 43.40
N PHE D 147 20.85 32.06 43.77
CA PHE D 147 21.24 33.27 44.53
C PHE D 147 22.19 34.20 43.74
N CYS D 148 21.93 34.29 42.44
CA CYS D 148 22.68 35.24 41.66
C CYS D 148 21.77 36.12 40.79
N THR D 149 22.38 37.15 40.21
CA THR D 149 21.72 38.04 39.29
C THR D 149 22.04 37.49 37.86
N PRO D 150 21.21 37.85 36.87
CA PRO D 150 19.98 38.65 36.90
C PRO D 150 18.97 38.09 37.90
N GLY D 151 18.25 38.96 38.58
CA GLY D 151 17.29 38.48 39.58
C GLY D 151 16.18 37.61 39.02
N HIS D 152 16.03 37.56 37.70
CA HIS D 152 15.01 36.68 37.15
C HIS D 152 15.38 35.20 37.26
N MET D 153 16.68 34.90 37.37
CA MET D 153 17.14 33.54 37.65
C MET D 153 16.70 32.52 36.63
N GLY D 154 17.25 32.67 35.44
CA GLY D 154 16.94 31.86 34.28
C GLY D 154 15.47 31.90 33.90
N GLY D 155 14.80 33.04 34.13
CA GLY D 155 13.39 33.22 33.77
C GLY D 155 12.40 32.83 34.88
N THR D 156 12.94 32.28 35.96
CA THR D 156 12.15 31.88 37.14
C THR D 156 11.18 32.94 37.65
N ALA D 157 11.68 34.16 37.86
CA ALA D 157 10.82 35.23 38.37
C ALA D 157 9.62 35.52 37.43
N PHE D 158 9.85 35.39 36.13
CA PHE D 158 8.81 35.66 35.14
C PHE D 158 7.61 34.69 35.29
N GLN D 159 7.90 33.44 35.68
CA GLN D 159 6.87 32.38 35.67
C GLN D 159 5.87 32.52 36.79
N LYS D 160 6.20 33.36 37.76
CA LYS D 160 5.33 33.54 38.91
C LYS D 160 4.35 34.68 38.68
N SER D 161 4.37 35.26 37.50
CA SER D 161 3.55 36.42 37.19
C SER D 161 2.72 36.12 35.93
N PRO D 162 1.42 36.45 35.92
CA PRO D 162 0.65 36.25 34.67
C PRO D 162 1.28 36.91 33.42
N VAL D 163 1.59 38.20 33.50
CA VAL D 163 2.20 38.87 32.36
C VAL D 163 3.63 38.38 32.16
N GLY D 164 4.36 38.15 33.26
CA GLY D 164 5.70 37.59 33.18
C GLY D 164 5.68 36.24 32.46
N SER D 165 4.66 35.41 32.70
CA SER D 165 4.61 34.10 32.02
C SER D 165 4.48 34.25 30.50
N LEU D 166 3.80 35.29 30.05
CA LEU D 166 3.64 35.51 28.62
C LEU D 166 4.98 35.88 28.02
N PHE D 167 5.72 36.71 28.75
CA PHE D 167 7.03 37.15 28.29
C PHE D 167 7.97 35.96 28.19
N TYR D 168 8.02 35.17 29.27
CA TYR D 168 8.84 33.94 29.29
C TYR D 168 8.47 33.01 28.15
N ASP D 169 7.17 32.80 27.95
CA ASP D 169 6.72 31.83 26.95
C ASP D 169 7.02 32.32 25.53
N PHE D 170 6.96 33.63 25.31
CA PHE D 170 7.32 34.21 24.00
C PHE D 170 8.80 33.98 23.69
N PHE D 171 9.71 34.39 24.57
CA PHE D 171 11.15 34.25 24.27
C PHE D 171 11.66 32.82 24.41
N GLY D 172 11.07 32.07 25.35
CA GLY D 172 11.41 30.64 25.55
C GLY D 172 12.52 30.41 26.54
N PRO D 173 12.63 29.16 27.06
CA PRO D 173 13.57 28.81 28.11
C PRO D 173 15.03 29.13 27.75
N ASN D 174 15.50 28.75 26.57
CA ASN D 174 16.95 28.96 26.27
C ASN D 174 17.33 30.45 26.33
N THR D 175 16.49 31.31 25.76
CA THR D 175 16.78 32.77 25.78
C THR D 175 16.81 33.29 27.22
N MET D 176 15.85 32.86 28.03
CA MET D 176 15.78 33.24 29.45
C MET D 176 16.98 32.73 30.28
N LYS D 177 17.31 31.45 30.16
CA LYS D 177 18.43 30.87 30.91
C LYS D 177 19.79 31.40 30.46
N SER D 178 19.92 31.81 29.18
CA SER D 178 21.23 32.25 28.71
C SER D 178 21.52 33.72 29.11
N ASP D 179 20.58 34.33 29.83
CA ASP D 179 20.77 35.69 30.38
C ASP D 179 21.35 35.58 31.78
N ILE D 180 22.68 35.63 31.84
CA ILE D 180 23.44 35.30 33.03
C ILE D 180 24.38 36.46 33.37
N SER D 181 25.21 36.27 34.39
CA SER D 181 26.17 37.28 34.84
C SER D 181 27.52 36.61 35.15
N ILE D 182 28.48 37.41 35.59
CA ILE D 182 29.80 36.90 35.95
C ILE D 182 29.75 35.88 37.10
N SER D 183 28.60 35.73 37.75
CA SER D 183 28.42 34.68 38.75
C SER D 183 28.69 33.30 38.15
N VAL D 184 28.45 33.15 36.85
CA VAL D 184 28.80 31.92 36.17
C VAL D 184 30.28 31.98 35.83
N SER D 185 31.09 31.47 36.75
CA SER D 185 32.53 31.70 36.71
C SER D 185 33.19 31.02 35.53
N GLU D 186 32.66 29.88 35.08
CA GLU D 186 33.24 29.19 33.92
C GLU D 186 33.17 29.94 32.57
N LEU D 187 32.36 30.99 32.47
CA LEU D 187 32.34 31.78 31.24
C LEU D 187 33.32 32.96 31.27
N GLY D 188 34.00 33.15 32.41
CA GLY D 188 34.96 34.23 32.56
C GLY D 188 34.23 35.57 32.60
N SER D 189 34.87 36.62 32.08
CA SER D 189 34.29 37.94 32.21
C SER D 189 34.66 38.79 31.00
N LEU D 190 33.70 39.54 30.49
CA LEU D 190 33.91 40.45 29.39
C LEU D 190 34.86 41.58 29.82
N LEU D 191 34.55 42.19 30.95
CA LEU D 191 35.30 43.36 31.42
C LEU D 191 36.74 43.00 31.81
N ASP D 192 36.94 41.80 32.32
CA ASP D 192 38.29 41.31 32.63
C ASP D 192 38.98 40.68 31.43
N HIS D 193 38.26 40.46 30.33
CA HIS D 193 38.78 39.77 29.13
C HIS D 193 39.40 38.42 29.52
N SER D 194 38.64 37.61 30.23
CA SER D 194 39.17 36.38 30.82
C SER D 194 38.37 35.16 30.40
N GLY D 195 39.00 34.01 30.55
CA GLY D 195 38.38 32.73 30.22
C GLY D 195 37.89 32.69 28.80
N PRO D 196 36.70 32.10 28.60
CA PRO D 196 36.08 32.05 27.29
C PRO D 196 35.94 33.42 26.62
N HIS D 197 35.82 34.49 27.38
CA HIS D 197 35.76 35.83 26.74
C HIS D 197 37.08 36.17 26.07
N LYS D 198 38.20 35.83 26.71
CA LYS D 198 39.47 36.04 26.07
C LYS D 198 39.56 35.19 24.81
N GLU D 199 39.10 33.93 24.89
CA GLU D 199 39.17 33.06 23.72
C GLU D 199 38.29 33.63 22.58
N ALA D 200 37.14 34.17 22.94
CA ALA D 200 36.23 34.79 21.93
C ALA D 200 36.91 35.96 21.19
N GLU D 201 37.50 36.87 21.97
CA GLU D 201 38.24 38.01 21.41
C GLU D 201 39.39 37.58 20.51
N GLN D 202 40.13 36.54 20.90
CA GLN D 202 41.22 36.09 20.05
C GLN D 202 40.68 35.42 18.77
N TYR D 203 39.61 34.65 18.93
CA TYR D 203 38.93 34.01 17.82
C TYR D 203 38.45 35.09 16.84
N ILE D 204 37.84 36.15 17.37
CA ILE D 204 37.32 37.24 16.52
C ILE D 204 38.44 37.96 15.77
N ALA D 205 39.52 38.28 16.49
CA ALA D 205 40.62 38.99 15.87
C ALA D 205 41.23 38.19 14.74
N ARG D 206 41.33 36.87 14.91
CA ARG D 206 41.86 36.03 13.82
C ARG D 206 40.91 36.08 12.61
N VAL D 207 39.61 35.98 12.87
CA VAL D 207 38.68 35.94 11.75
C VAL D 207 38.65 37.29 11.03
N PHE D 208 38.79 38.39 11.78
CA PHE D 208 38.56 39.72 11.20
C PHE D 208 39.85 40.43 10.80
N ASN D 209 40.97 39.73 10.89
CA ASN D 209 42.28 40.27 10.50
C ASN D 209 42.75 41.44 11.40
N ALA D 210 42.51 41.34 12.70
CA ALA D 210 42.96 42.39 13.65
C ALA D 210 44.10 41.85 14.53
N ASP D 211 44.92 42.75 15.08
CA ASP D 211 45.83 42.35 16.16
C ASP D 211 45.07 42.03 17.44
N ARG D 212 44.03 42.82 17.73
CA ARG D 212 43.21 42.68 18.95
CA ARG D 212 43.17 42.56 18.87
C ARG D 212 41.78 43.09 18.57
N SER D 213 40.76 42.44 19.13
CA SER D 213 39.36 42.84 18.95
C SER D 213 38.67 42.95 20.30
N TYR D 214 37.71 43.88 20.38
CA TYR D 214 36.93 44.13 21.57
C TYR D 214 35.48 43.92 21.18
N MET D 215 34.72 43.27 22.06
CA MET D 215 33.30 43.11 21.85
C MET D 215 32.57 44.19 22.62
N VAL D 216 31.71 44.93 21.91
CA VAL D 216 31.02 46.06 22.52
C VAL D 216 29.55 45.72 22.51
N THR D 217 28.85 46.00 23.59
CA THR D 217 27.40 45.62 23.63
C THR D 217 26.48 46.82 23.66
N ASN D 218 27.00 48.00 23.29
CA ASN D 218 26.11 49.17 23.10
C ASN D 218 26.34 49.84 21.74
N GLY D 219 26.57 49.01 20.73
CA GLY D 219 26.59 49.43 19.32
C GLY D 219 27.87 50.17 18.92
N THR D 220 28.01 50.43 17.63
CA THR D 220 29.16 51.19 17.17
C THR D 220 29.10 52.66 17.66
N SER D 221 27.91 53.15 18.03
CA SER D 221 27.76 54.44 18.74
C SER D 221 28.72 54.52 19.92
N THR D 222 28.78 53.44 20.69
CA THR D 222 29.66 53.33 21.84
C THR D 222 31.08 52.97 21.43
N ALA D 223 31.25 52.02 20.52
CA ALA D 223 32.61 51.66 20.04
C ALA D 223 33.38 52.91 19.57
N ASN D 224 32.67 53.82 18.88
CA ASN D 224 33.30 55.06 18.36
C ASN D 224 33.85 55.93 19.48
N LYS D 225 33.10 56.01 20.57
CA LYS D 225 33.49 56.81 21.75
C LYS D 225 34.57 56.18 22.59
N ILE D 226 34.60 54.85 22.68
CA ILE D 226 35.71 54.19 23.32
C ILE D 226 37.04 54.49 22.58
N VAL D 227 37.04 54.27 21.28
CA VAL D 227 38.23 54.56 20.46
C VAL D 227 38.57 56.06 20.57
N GLY D 228 37.56 56.91 20.37
CA GLY D 228 37.79 58.36 20.46
C GLY D 228 38.35 58.84 21.79
N MET D 229 37.79 58.37 22.92
CA MET D 229 38.23 58.87 24.22
C MET D 229 39.62 58.43 24.58
N TYR D 230 39.99 57.21 24.21
CA TYR D 230 41.35 56.76 24.41
C TYR D 230 42.34 57.64 23.60
N SER D 231 41.91 58.06 22.41
CA SER D 231 42.81 58.63 21.40
C SER D 231 42.94 60.17 21.44
N ALA D 232 41.99 60.86 22.06
CA ALA D 232 41.95 62.32 21.97
C ALA D 232 41.77 62.98 23.34
N PRO D 233 42.88 63.21 24.06
CA PRO D 233 42.82 63.87 25.38
C PRO D 233 42.31 65.32 25.29
N ALA D 234 41.85 65.87 26.42
CA ALA D 234 41.38 67.25 26.48
C ALA D 234 42.47 68.15 25.91
N GLY D 235 42.06 69.16 25.13
CA GLY D 235 42.99 70.13 24.52
C GLY D 235 43.63 69.67 23.23
N SER D 236 43.37 68.45 22.80
CA SER D 236 43.92 68.01 21.53
C SER D 236 43.02 68.39 20.34
N THR D 237 43.57 68.23 19.15
CA THR D 237 42.89 68.45 17.92
C THR D 237 42.69 67.09 17.25
N ILE D 238 41.52 66.92 16.65
CA ILE D 238 41.23 65.70 15.91
C ILE D 238 40.76 66.08 14.52
N LEU D 239 41.08 65.23 13.57
CA LEU D 239 40.54 65.35 12.23
C LEU D 239 39.32 64.46 12.14
N ILE D 240 38.22 65.03 11.69
CA ILE D 240 36.95 64.29 11.65
C ILE D 240 36.24 64.45 10.30
N ASP D 241 35.79 63.32 9.75
CA ASP D 241 35.03 63.29 8.51
C ASP D 241 33.77 64.18 8.72
N ARG D 242 33.58 65.20 7.86
CA ARG D 242 32.34 65.97 7.93
C ARG D 242 31.11 65.06 7.75
N ASN D 243 31.29 64.00 6.99
CA ASN D 243 30.25 62.99 6.85
C ASN D 243 30.43 62.02 8.06
N CYS D 244 30.01 62.44 9.23
CA CYS D 244 30.23 61.62 10.42
C CYS D 244 28.88 61.26 11.03
N HIS D 245 28.81 60.04 11.55
CA HIS D 245 27.65 59.57 12.32
C HIS D 245 27.44 60.45 13.56
N LYS D 246 26.17 60.61 13.98
CA LYS D 246 25.84 61.40 15.15
C LYS D 246 26.65 61.01 16.40
N SER D 247 27.05 59.73 16.55
CA SER D 247 27.82 59.32 17.71
C SER D 247 29.18 60.05 17.77
N LEU D 248 29.67 60.46 16.61
CA LEU D 248 30.95 61.19 16.56
C LEU D 248 30.78 62.68 16.96
N THR D 249 29.65 63.26 16.59
CA THR D 249 29.22 64.58 17.10
C THR D 249 29.10 64.50 18.64
N HIS D 250 28.51 63.40 19.14
CA HIS D 250 28.40 63.20 20.60
C HIS D 250 29.74 63.12 21.27
N LEU D 251 30.66 62.38 20.65
CA LEU D 251 32.03 62.33 21.13
C LEU D 251 32.60 63.75 21.26
N MET D 252 32.45 64.57 20.22
CA MET D 252 32.93 65.99 20.27
C MET D 252 32.25 66.82 21.36
N MET D 253 30.98 66.52 21.64
CA MET D 253 30.23 67.23 22.67
C MET D 253 30.61 66.88 24.11
N MET D 254 31.09 65.64 24.36
CA MET D 254 31.56 65.27 25.70
C MET D 254 33.09 65.29 25.86
N SER D 255 33.87 65.47 24.79
CA SER D 255 35.32 65.56 24.93
C SER D 255 35.80 66.93 24.54
N ASP D 256 36.70 67.49 25.33
CA ASP D 256 37.15 68.86 25.15
C ASP D 256 38.23 68.88 24.05
N VAL D 257 37.79 68.66 22.82
CA VAL D 257 38.70 68.58 21.68
C VAL D 257 38.31 69.63 20.65
N THR D 258 39.27 69.95 19.77
CA THR D 258 39.06 70.87 18.65
C THR D 258 39.02 70.12 17.34
N PRO D 259 37.86 70.13 16.66
CA PRO D 259 37.78 69.41 15.40
C PRO D 259 38.29 70.24 14.22
N ILE D 260 38.98 69.58 13.30
CA ILE D 260 39.23 70.10 11.97
C ILE D 260 38.56 69.08 11.05
N TYR D 261 37.68 69.56 10.14
CA TYR D 261 36.86 68.63 9.33
C TYR D 261 37.53 68.27 8.00
N PHE D 262 37.61 66.96 7.75
CA PHE D 262 37.88 66.45 6.40
C PHE D 262 36.63 66.78 5.59
N ARG D 263 36.79 67.22 4.36
CA ARG D 263 35.68 67.70 3.55
C ARG D 263 35.33 66.69 2.45
N PRO D 264 34.21 65.95 2.57
CA PRO D 264 33.85 65.05 1.46
C PRO D 264 33.35 65.79 0.22
N THR D 265 33.32 65.12 -0.92
CA THR D 265 32.68 65.66 -2.10
C THR D 265 31.22 65.18 -2.15
N ARG D 266 30.50 65.58 -3.19
CA ARG D 266 29.12 65.14 -3.35
C ARG D 266 28.74 65.31 -4.80
N ASN D 267 27.73 64.58 -5.26
CA ASN D 267 27.23 64.76 -6.62
C ASN D 267 25.87 65.45 -6.66
N ALA D 268 25.34 65.69 -7.85
CA ALA D 268 24.07 66.44 -8.00
C ALA D 268 22.85 65.72 -7.42
N TYR D 269 22.95 64.39 -7.30
CA TYR D 269 21.90 63.60 -6.65
C TYR D 269 21.85 63.86 -5.15
N GLY D 270 22.94 64.40 -4.59
CA GLY D 270 23.06 64.59 -3.15
C GLY D 270 23.76 63.40 -2.49
N ILE D 271 24.27 62.47 -3.29
CA ILE D 271 25.09 61.36 -2.80
C ILE D 271 26.50 61.83 -2.38
N LEU D 272 26.91 61.48 -1.17
CA LEU D 272 28.23 61.83 -0.66
C LEU D 272 29.33 61.07 -1.42
N GLY D 273 30.39 61.78 -1.75
CA GLY D 273 31.57 61.14 -2.30
C GLY D 273 32.69 61.12 -1.28
N GLY D 274 33.84 60.65 -1.68
CA GLY D 274 34.99 60.62 -0.81
C GLY D 274 35.61 61.96 -0.49
N ILE D 275 36.16 62.06 0.71
CA ILE D 275 37.18 63.06 1.04
C ILE D 275 38.29 63.02 -0.05
N PRO D 276 38.54 64.13 -0.76
CA PRO D 276 39.65 64.08 -1.71
C PRO D 276 41.04 63.85 -1.11
N GLN D 277 41.94 63.34 -1.95
CA GLN D 277 43.29 62.98 -1.52
C GLN D 277 44.08 64.14 -0.89
N SER D 278 43.86 65.35 -1.39
CA SER D 278 44.62 66.52 -0.87
C SER D 278 44.30 66.77 0.61
N GLU D 279 43.12 66.33 1.04
CA GLU D 279 42.69 66.49 2.44
C GLU D 279 43.59 65.77 3.44
N PHE D 280 44.30 64.75 2.97
CA PHE D 280 45.10 63.88 3.85
C PHE D 280 46.56 64.32 3.88
N GLN D 281 46.90 65.27 3.02
CA GLN D 281 48.29 65.72 2.88
C GLN D 281 48.70 66.63 4.04
N HIS D 282 49.96 66.50 4.45
CA HIS D 282 50.56 67.27 5.53
C HIS D 282 50.36 68.79 5.36
N ALA D 283 50.64 69.32 4.16
CA ALA D 283 50.47 70.75 3.93
C ALA D 283 49.04 71.24 4.19
N THR D 284 48.04 70.47 3.74
CA THR D 284 46.67 70.88 3.92
C THR D 284 46.30 70.95 5.40
N ILE D 285 46.70 69.92 6.14
CA ILE D 285 46.37 69.84 7.56
C ILE D 285 47.11 70.92 8.37
N ALA D 286 48.40 71.11 8.09
CA ALA D 286 49.18 72.12 8.81
C ALA D 286 48.58 73.53 8.63
N LYS D 287 48.10 73.83 7.43
CA LYS D 287 47.46 75.13 7.18
C LYS D 287 46.14 75.30 7.92
N ARG D 288 45.32 74.24 7.96
CA ARG D 288 44.13 74.25 8.80
C ARG D 288 44.40 74.39 10.30
N VAL D 289 45.44 73.74 10.79
CA VAL D 289 45.83 73.89 12.18
C VAL D 289 46.16 75.37 12.46
N LYS D 290 46.95 75.96 11.55
CA LYS D 290 47.35 77.37 11.65
C LYS D 290 46.12 78.29 11.71
N GLU D 291 45.09 77.97 10.93
CA GLU D 291 43.91 78.82 10.81
C GLU D 291 42.82 78.53 11.87
N THR D 292 43.03 77.52 12.70
CA THR D 292 42.01 77.12 13.68
C THR D 292 42.47 77.46 15.09
N PRO D 293 41.70 78.32 15.79
CA PRO D 293 42.10 78.74 17.15
C PRO D 293 42.25 77.55 18.07
N ASN D 294 43.36 77.53 18.81
CA ASN D 294 43.68 76.50 19.76
C ASN D 294 44.07 75.16 19.16
N ALA D 295 44.04 75.05 17.83
CA ALA D 295 44.42 73.78 17.20
C ALA D 295 45.93 73.52 17.31
N THR D 296 46.28 72.24 17.43
CA THR D 296 47.63 71.74 17.37
C THR D 296 47.64 70.57 16.37
N TRP D 297 48.80 69.97 16.09
CA TRP D 297 48.87 68.88 15.10
C TRP D 297 47.90 67.74 15.54
N PRO D 298 46.97 67.31 14.65
CA PRO D 298 45.97 66.33 15.11
C PRO D 298 46.57 65.04 15.64
N VAL D 299 46.01 64.55 16.75
CA VAL D 299 46.49 63.29 17.35
C VAL D 299 45.67 62.07 16.87
N HIS D 300 44.53 62.34 16.28
CA HIS D 300 43.60 61.26 15.93
C HIS D 300 42.81 61.71 14.70
N ALA D 301 42.41 60.75 13.86
CA ALA D 301 41.64 61.06 12.68
C ALA D 301 40.56 60.02 12.51
N VAL D 302 39.36 60.45 12.14
CA VAL D 302 38.23 59.56 11.92
C VAL D 302 37.68 59.75 10.51
N ILE D 303 37.59 58.63 9.79
CA ILE D 303 37.05 58.55 8.42
C ILE D 303 35.90 57.54 8.34
N THR D 304 34.79 57.94 7.75
CA THR D 304 33.69 57.02 7.48
C THR D 304 33.96 56.22 6.18
N ASN D 305 34.19 54.92 6.36
CA ASN D 305 34.49 54.03 5.26
C ASN D 305 33.67 52.76 5.41
N SER D 306 32.82 52.39 4.44
CA SER D 306 32.49 53.15 3.24
C SER D 306 31.48 54.25 3.62
N THR D 307 31.13 55.09 2.67
CA THR D 307 29.97 55.96 2.78
C THR D 307 28.72 55.05 2.80
N TYR D 308 27.59 55.62 3.20
CA TYR D 308 26.33 54.89 3.27
C TYR D 308 25.98 54.25 1.92
N ASP D 309 26.19 55.01 0.82
CA ASP D 309 25.86 54.54 -0.54
C ASP D 309 26.96 53.66 -1.17
N GLY D 310 27.91 53.21 -0.37
CA GLY D 310 28.85 52.15 -0.83
C GLY D 310 30.16 52.56 -1.46
N LEU D 311 30.56 53.83 -1.24
CA LEU D 311 31.91 54.25 -1.68
C LEU D 311 33.00 53.97 -0.66
N LEU D 312 33.96 53.15 -1.06
CA LEU D 312 35.07 52.75 -0.28
C LEU D 312 36.28 53.57 -0.69
N TYR D 313 37.12 53.87 0.29
CA TYR D 313 38.41 54.50 0.04
C TYR D 313 39.53 53.55 -0.27
N ASN D 314 40.52 54.05 -1.01
CA ASN D 314 41.85 53.45 -1.08
C ASN D 314 42.52 53.67 0.30
N THR D 315 42.40 52.68 1.19
CA THR D 315 42.92 52.84 2.55
C THR D 315 44.44 52.66 2.60
N ASP D 316 45.03 52.01 1.59
CA ASP D 316 46.49 51.96 1.47
C ASP D 316 47.01 53.39 1.32
N PHE D 317 46.36 54.15 0.43
CA PHE D 317 46.74 55.56 0.26
C PHE D 317 46.60 56.36 1.58
N ILE D 318 45.45 56.23 2.22
CA ILE D 318 45.22 56.95 3.48
C ILE D 318 46.27 56.59 4.52
N LYS D 319 46.50 55.29 4.72
CA LYS D 319 47.43 54.84 5.76
C LYS D 319 48.83 55.35 5.51
N LYS D 320 49.23 55.39 4.24
CA LYS D 320 50.59 55.83 3.84
C LYS D 320 50.75 57.36 3.98
N THR D 321 49.70 58.09 3.67
CA THR D 321 49.77 59.53 3.47
C THR D 321 49.46 60.37 4.70
N LEU D 322 48.52 59.90 5.51
CA LEU D 322 47.95 60.73 6.57
C LEU D 322 48.90 60.67 7.78
N ASP D 323 49.52 61.81 8.09
CA ASP D 323 50.60 61.82 9.08
C ASP D 323 50.04 61.98 10.48
N VAL D 324 49.17 61.05 10.88
CA VAL D 324 48.52 61.14 12.18
C VAL D 324 48.76 59.76 12.83
N LYS D 325 49.02 59.74 14.14
CA LYS D 325 49.47 58.51 14.77
C LYS D 325 48.34 57.51 15.05
N SER D 326 47.11 57.96 14.92
CA SER D 326 45.95 57.13 15.25
C SER D 326 44.91 57.39 14.17
N ILE D 327 44.55 56.37 13.42
CA ILE D 327 43.57 56.57 12.34
C ILE D 327 42.41 55.59 12.52
N HIS D 328 41.19 56.11 12.67
CA HIS D 328 40.03 55.33 12.95
C HIS D 328 39.06 55.36 11.77
N PHE D 329 38.85 54.18 11.18
CA PHE D 329 37.82 54.01 10.13
C PHE D 329 36.50 53.57 10.80
N ASP D 330 35.51 54.45 10.78
CA ASP D 330 34.19 54.08 11.26
C ASP D 330 33.61 53.23 10.14
N SER D 331 33.66 51.91 10.33
CA SER D 331 33.31 50.98 9.26
C SER D 331 32.01 50.26 9.56
N ALA D 332 31.07 50.95 10.17
CA ALA D 332 29.79 50.37 10.59
C ALA D 332 29.05 49.69 9.43
N TRP D 333 29.20 50.25 8.23
CA TRP D 333 28.48 49.72 7.07
C TRP D 333 29.15 48.57 6.36
N VAL D 334 30.41 48.29 6.69
CA VAL D 334 31.19 47.32 5.94
C VAL D 334 31.89 46.34 6.87
N PRO D 335 31.12 45.61 7.71
CA PRO D 335 31.76 44.64 8.62
C PRO D 335 32.36 43.40 7.93
N TYR D 336 32.08 43.23 6.63
CA TYR D 336 32.34 41.96 5.89
C TYR D 336 33.56 42.04 4.98
N THR D 337 34.31 43.13 5.08
CA THR D 337 35.39 43.40 4.10
C THR D 337 36.50 42.39 4.17
N ASN D 338 36.74 41.76 5.31
CA ASN D 338 37.82 40.77 5.36
C ASN D 338 37.53 39.44 4.65
N PHE D 339 36.30 39.26 4.17
CA PHE D 339 35.83 37.94 3.73
C PHE D 339 35.75 37.78 2.21
N SER D 340 36.15 38.82 1.48
CA SER D 340 36.31 38.72 0.04
C SER D 340 37.54 39.54 -0.38
N PRO D 341 38.36 38.99 -1.30
CA PRO D 341 39.51 39.75 -1.81
C PRO D 341 39.15 41.03 -2.56
N ILE D 342 37.88 41.20 -2.96
CA ILE D 342 37.51 42.44 -3.63
C ILE D 342 37.68 43.66 -2.74
N TYR D 343 37.70 43.46 -1.41
CA TYR D 343 37.85 44.58 -0.48
C TYR D 343 39.28 44.87 -0.02
N GLU D 344 40.25 44.10 -0.52
CA GLU D 344 41.66 44.32 -0.18
C GLU D 344 42.09 45.73 -0.59
N GLY D 345 42.83 46.41 0.30
CA GLY D 345 43.24 47.80 0.06
C GLY D 345 42.12 48.84 0.19
N LYS D 346 40.97 48.43 0.72
CA LYS D 346 39.77 49.26 0.80
C LYS D 346 39.12 49.21 2.19
N CYS D 347 39.85 48.73 3.19
CA CYS D 347 39.29 48.65 4.54
C CYS D 347 40.41 48.89 5.54
N GLY D 348 40.04 49.28 6.76
CA GLY D 348 41.04 49.65 7.77
C GLY D 348 42.04 48.57 8.10
N MET D 349 41.53 47.34 8.27
CA MET D 349 42.38 46.20 8.65
C MET D 349 43.24 45.62 7.56
N SER D 350 43.03 46.04 6.33
CA SER D 350 43.69 45.45 5.18
C SER D 350 45.20 45.68 5.28
N GLY D 351 45.99 44.66 4.94
CA GLY D 351 47.43 44.83 4.95
C GLY D 351 47.94 44.59 6.37
N GLY D 352 49.09 45.19 6.66
CA GLY D 352 49.72 44.94 7.95
C GLY D 352 49.74 46.21 8.76
N ARG D 353 50.54 46.20 9.80
CA ARG D 353 50.76 47.39 10.63
C ARG D 353 51.35 48.52 9.84
N VAL D 354 51.09 49.73 10.30
CA VAL D 354 51.79 50.90 9.79
C VAL D 354 52.71 51.40 10.90
N GLU D 355 54.00 51.52 10.59
CA GLU D 355 55.00 51.96 11.57
C GLU D 355 54.56 53.29 12.11
N GLY D 356 54.49 53.41 13.42
CA GLY D 356 54.22 54.70 13.99
C GLY D 356 52.75 55.04 14.13
N LYS D 357 51.87 54.13 13.73
CA LYS D 357 50.44 54.42 13.76
C LYS D 357 49.67 53.25 14.37
N VAL D 358 48.53 53.56 14.96
CA VAL D 358 47.55 52.51 15.26
C VAL D 358 46.32 52.78 14.37
N ILE D 359 45.79 51.71 13.79
CA ILE D 359 44.63 51.83 12.91
C ILE D 359 43.47 51.08 13.59
N TYR D 360 42.27 51.65 13.49
CA TYR D 360 41.05 51.01 14.01
C TYR D 360 39.99 50.83 12.95
N GLU D 361 39.19 49.78 13.10
CA GLU D 361 37.89 49.73 12.49
C GLU D 361 36.89 49.60 13.63
N THR D 362 35.78 50.31 13.53
CA THR D 362 34.63 49.96 14.35
C THR D 362 33.57 49.43 13.39
N GLN D 363 32.84 48.40 13.81
CA GLN D 363 31.90 47.70 12.95
C GLN D 363 30.60 47.40 13.72
N SER D 364 29.46 47.63 13.08
CA SER D 364 28.19 47.24 13.62
C SER D 364 27.91 45.84 13.07
N THR D 365 28.31 44.85 13.83
CA THR D 365 28.08 43.46 13.44
C THR D 365 26.61 43.21 13.07
N HIS D 366 25.69 43.84 13.80
CA HIS D 366 24.27 43.61 13.63
C HIS D 366 23.73 44.21 12.32
N1 LLP D 367 28.65 54.87 12.43
C2 LLP D 367 27.98 54.65 11.24
C2' LLP D 367 28.65 55.08 9.95
C3 LLP D 367 26.70 54.03 11.27
O3 LLP D 367 26.09 53.81 10.23
C4 LLP D 367 26.15 53.62 12.50
C4' LLP D 367 24.78 52.96 12.51
C5 LLP D 367 26.83 53.89 13.69
C6 LLP D 367 28.09 54.50 13.65
C5' LLP D 367 26.24 53.50 15.01
OP4 LLP D 367 25.99 52.08 15.23
P LLP D 367 24.98 51.43 16.33
OP1 LLP D 367 25.49 50.08 16.25
OP2 LLP D 367 23.66 51.72 15.72
OP3 LLP D 367 25.29 52.23 17.54
N LLP D 367 24.43 45.20 11.75
CA LLP D 367 23.86 45.87 10.58
CB LLP D 367 24.50 47.24 10.31
CG LLP D 367 23.92 48.35 11.17
CD LLP D 367 24.49 49.72 10.74
CE LLP D 367 24.30 50.78 11.88
NZ LLP D 367 24.55 52.17 11.42
C LLP D 367 23.98 45.00 9.36
O LLP D 367 22.97 44.73 8.69
N LEU D 368 25.21 44.57 9.05
CA LEU D 368 25.37 43.85 7.80
C LEU D 368 26.05 42.48 7.97
N LEU D 369 26.17 42.00 9.20
CA LEU D 369 26.45 40.57 9.40
C LEU D 369 25.23 40.06 10.15
N ALA D 370 25.35 38.92 10.83
CA ALA D 370 24.21 38.35 11.55
C ALA D 370 24.58 38.38 12.99
N ALA D 371 23.98 39.31 13.73
CA ALA D 371 24.23 39.45 15.19
C ALA D 371 23.07 40.23 15.78
N PHE D 372 22.89 40.15 17.11
CA PHE D 372 21.78 40.89 17.70
C PHE D 372 22.08 42.39 17.72
N SER D 373 21.02 43.21 17.69
CA SER D 373 21.16 44.65 17.88
C SER D 373 22.04 44.96 19.10
N GLN D 374 22.90 45.94 18.92
CA GLN D 374 23.86 46.45 19.90
C GLN D 374 25.21 45.75 19.81
N ALA D 375 25.29 44.64 19.10
CA ALA D 375 26.60 43.96 18.87
C ALA D 375 27.53 44.81 18.00
N SER D 376 28.75 45.06 18.48
CA SER D 376 29.69 45.88 17.74
C SER D 376 31.09 45.37 18.03
N MET D 377 32.05 45.64 17.12
CA MET D 377 33.42 45.24 17.35
C MET D 377 34.34 46.42 17.20
N ILE D 378 35.41 46.44 18.00
CA ILE D 378 36.54 47.31 17.73
C ILE D 378 37.68 46.44 17.28
N HIS D 379 38.26 46.75 16.11
CA HIS D 379 39.43 46.02 15.66
C HIS D 379 40.63 46.95 15.66
N VAL D 380 41.73 46.45 16.21
CA VAL D 380 42.93 47.26 16.35
C VAL D 380 44.07 46.63 15.54
N LYS D 381 44.77 47.48 14.78
CA LYS D 381 45.98 47.02 14.14
C LYS D 381 47.12 47.99 14.50
N GLY D 382 48.11 47.52 15.24
CA GLY D 382 49.12 48.42 15.83
C GLY D 382 49.00 48.36 17.35
N ASP D 383 49.85 49.11 18.06
CA ASP D 383 49.96 49.00 19.52
C ASP D 383 49.06 49.97 20.26
N VAL D 384 48.42 49.49 21.32
CA VAL D 384 47.77 50.36 22.29
C VAL D 384 48.33 50.10 23.69
N ASN D 385 48.17 51.08 24.56
CA ASN D 385 48.43 50.84 25.97
C ASN D 385 47.20 50.08 26.43
N GLU D 386 47.40 48.81 26.66
CA GLU D 386 46.30 47.92 26.94
C GLU D 386 45.48 48.29 28.19
N GLU D 387 46.14 48.76 29.26
CA GLU D 387 45.41 49.13 30.47
C GLU D 387 44.62 50.40 30.27
N THR D 388 45.24 51.37 29.61
CA THR D 388 44.54 52.66 29.38
C THR D 388 43.38 52.44 28.39
N PHE D 389 43.62 51.64 27.37
CA PHE D 389 42.52 51.33 26.45
C PHE D 389 41.38 50.63 27.18
N ASN D 390 41.72 49.66 28.03
CA ASN D 390 40.69 49.00 28.82
C ASN D 390 39.93 49.94 29.75
N GLU D 391 40.58 50.97 30.30
CA GLU D 391 39.83 51.98 31.08
C GLU D 391 38.77 52.69 30.23
N ALA D 392 39.17 53.15 29.05
CA ALA D 392 38.24 53.78 28.09
C ALA D 392 37.11 52.80 27.71
N TYR D 393 37.48 51.54 27.48
CA TYR D 393 36.49 50.47 27.19
C TYR D 393 35.48 50.31 28.37
N MET D 394 36.02 50.19 29.57
CA MET D 394 35.16 50.04 30.77
C MET D 394 34.33 51.25 31.08
N MET D 395 34.77 52.44 30.67
CA MET D 395 33.99 53.67 30.91
C MET D 395 32.69 53.69 30.17
N HIS D 396 32.61 52.94 29.08
CA HIS D 396 31.43 52.95 28.24
C HIS D 396 30.68 51.59 28.22
N THR D 397 31.24 50.61 28.93
CA THR D 397 30.69 49.24 28.91
C THR D 397 30.01 48.95 30.27
N THR D 398 28.80 48.40 30.23
CA THR D 398 28.08 48.09 31.46
C THR D 398 28.79 47.00 32.30
N THR D 399 28.60 47.03 33.61
CA THR D 399 29.12 45.96 34.46
C THR D 399 28.25 44.70 34.35
N SER D 400 27.12 44.79 33.65
CA SER D 400 26.23 43.62 33.53
C SER D 400 25.88 43.36 32.07
N PRO D 401 26.87 42.91 31.28
CA PRO D 401 26.63 42.79 29.85
C PRO D 401 25.64 41.67 29.48
N HIS D 402 24.99 41.84 28.35
CA HIS D 402 23.98 40.87 27.90
C HIS D 402 24.74 39.79 27.14
N TYR D 403 24.74 38.57 27.69
CA TYR D 403 25.58 37.48 27.14
C TYR D 403 25.07 37.01 25.77
N GLY D 404 23.77 37.16 25.51
CA GLY D 404 23.25 36.85 24.16
C GLY D 404 23.89 37.75 23.08
N ILE D 405 23.92 39.06 23.36
CA ILE D 405 24.59 40.01 22.46
C ILE D 405 26.05 39.62 22.26
N VAL D 406 26.73 39.36 23.37
CA VAL D 406 28.13 38.96 23.31
C VAL D 406 28.34 37.68 22.49
N ALA D 407 27.57 36.63 22.82
CA ALA D 407 27.66 35.37 22.05
C ALA D 407 27.35 35.60 20.54
N SER D 408 26.40 36.47 20.20
CA SER D 408 26.09 36.73 18.77
C SER D 408 27.27 37.38 18.04
N THR D 409 28.08 38.11 18.80
CA THR D 409 29.22 38.84 18.24
C THR D 409 30.29 37.80 17.86
N GLU D 410 30.52 36.85 18.76
CA GLU D 410 31.47 35.77 18.50
C GLU D 410 30.94 34.81 17.43
N THR D 411 29.65 34.53 17.48
CA THR D 411 29.04 33.65 16.47
C THR D 411 29.05 34.27 15.09
N ALA D 412 28.93 35.60 15.01
CA ALA D 412 29.09 36.26 13.73
C ALA D 412 30.43 35.94 13.09
N ALA D 413 31.50 35.92 13.89
CA ALA D 413 32.84 35.52 13.43
C ALA D 413 32.86 34.08 12.97
N ALA D 414 32.27 33.18 13.78
CA ALA D 414 32.22 31.76 13.45
C ALA D 414 31.52 31.54 12.11
N MET D 415 30.44 32.26 11.85
CA MET D 415 29.75 32.16 10.56
C MET D 415 30.61 32.59 9.35
N MET D 416 31.51 33.55 9.56
CA MET D 416 32.32 34.12 8.45
C MET D 416 33.64 33.43 8.23
N LYS D 417 33.91 32.49 9.11
CA LYS D 417 35.19 31.83 9.09
C LYS D 417 35.28 30.80 7.93
N GLY D 418 36.45 30.61 7.32
CA GLY D 418 36.63 29.53 6.32
C GLY D 418 35.91 29.75 4.99
N ASN D 419 35.50 28.63 4.36
CA ASN D 419 34.82 28.51 3.06
C ASN D 419 33.36 28.83 3.13
N ALA D 420 32.73 28.36 4.21
CA ALA D 420 31.34 28.61 4.48
C ALA D 420 31.09 30.13 4.51
N GLY D 421 32.03 30.86 5.11
CA GLY D 421 31.97 32.31 5.25
C GLY D 421 32.31 33.07 3.98
N LYS D 422 33.35 32.65 3.27
CA LYS D 422 33.60 33.19 1.93
C LYS D 422 32.40 32.91 1.01
N ARG D 423 31.76 31.75 1.15
CA ARG D 423 30.58 31.46 0.34
C ARG D 423 29.38 32.34 0.68
N LEU D 424 29.21 32.66 1.97
CA LEU D 424 28.13 33.58 2.37
C LEU D 424 28.32 34.96 1.75
N ILE D 425 29.54 35.49 1.84
CA ILE D 425 29.77 36.82 1.32
C ILE D 425 29.76 36.83 -0.19
N ASN D 426 30.40 35.82 -0.80
CA ASN D 426 30.41 35.66 -2.27
C ASN D 426 28.99 35.66 -2.80
N GLY D 427 28.10 34.96 -2.09
CA GLY D 427 26.69 34.86 -2.49
C GLY D 427 25.98 36.21 -2.48
N SER D 428 26.22 37.02 -1.44
CA SER D 428 25.57 38.37 -1.39
C SER D 428 26.10 39.28 -2.52
N ILE D 429 27.39 39.16 -2.86
CA ILE D 429 27.99 39.92 -3.98
C ILE D 429 27.40 39.49 -5.34
N GLU D 430 27.27 38.17 -5.55
CA GLU D 430 26.70 37.59 -6.77
C GLU D 430 25.25 38.00 -6.92
N ARG D 431 24.47 37.95 -5.83
CA ARG D 431 23.08 38.38 -5.91
C ARG D 431 22.91 39.87 -6.21
N ALA D 432 23.77 40.69 -5.59
CA ALA D 432 23.75 42.15 -5.84
C ALA D 432 24.03 42.41 -7.31
N ILE D 433 25.07 41.78 -7.85
CA ILE D 433 25.42 41.93 -9.25
C ILE D 433 24.37 41.38 -10.24
N LYS D 434 23.80 40.21 -9.93
CA LYS D 434 22.65 39.71 -10.70
C LYS D 434 21.51 40.76 -10.79
N PHE D 435 21.18 41.35 -9.66
CA PHE D 435 20.08 42.30 -9.58
C PHE D 435 20.42 43.58 -10.36
N ARG D 436 21.63 44.09 -10.16
CA ARG D 436 22.12 45.27 -10.93
C ARG D 436 21.95 45.03 -12.45
N LYS D 437 22.40 43.86 -12.92
CA LYS D 437 22.27 43.48 -14.32
C LYS D 437 20.83 43.40 -14.80
N GLU D 438 19.94 42.85 -13.95
CA GLU D 438 18.51 42.81 -14.26
C GLU D 438 17.92 44.20 -14.42
N ILE D 439 18.35 45.16 -13.60
CA ILE D 439 17.81 46.53 -13.77
C ILE D 439 18.22 47.10 -15.14
N LYS D 440 19.49 46.93 -15.49
CA LYS D 440 19.99 47.40 -16.80
C LYS D 440 19.30 46.69 -17.96
N ARG D 441 19.03 45.39 -17.79
CA ARG D 441 18.31 44.63 -18.81
C ARG D 441 16.89 45.12 -19.00
N LEU D 442 16.15 45.27 -17.90
CA LEU D 442 14.76 45.74 -17.98
C LEU D 442 14.67 47.16 -18.49
N ARG D 443 15.69 47.97 -18.22
CA ARG D 443 15.75 49.33 -18.73
C ARG D 443 15.81 49.32 -20.27
N THR D 444 16.63 48.43 -20.81
CA THR D 444 16.71 48.19 -22.25
C THR D 444 15.39 47.65 -22.86
N GLU D 445 14.77 46.70 -22.17
CA GLU D 445 13.68 45.91 -22.72
C GLU D 445 12.32 46.53 -22.53
N SER D 446 12.22 47.47 -21.61
CA SER D 446 10.91 47.96 -21.22
C SER D 446 10.43 49.10 -22.14
N ASP D 447 9.13 49.35 -22.10
CA ASP D 447 8.52 50.35 -22.96
C ASP D 447 8.56 51.73 -22.29
N GLY D 448 9.42 52.60 -22.80
CA GLY D 448 9.58 53.93 -22.21
C GLY D 448 10.54 53.93 -21.01
N TRP D 449 10.29 54.85 -20.08
CA TRP D 449 11.14 55.13 -18.93
C TRP D 449 11.34 53.86 -18.09
N PHE D 450 12.47 53.79 -17.40
CA PHE D 450 12.62 52.77 -16.35
C PHE D 450 13.61 53.32 -15.31
N PHE D 451 13.72 52.61 -14.19
CA PHE D 451 14.78 52.87 -13.20
C PHE D 451 16.13 52.72 -13.86
N ASP D 452 17.15 53.32 -13.24
CA ASP D 452 18.52 53.06 -13.65
C ASP D 452 19.26 52.60 -12.42
N VAL D 453 20.48 52.08 -12.60
CA VAL D 453 21.33 51.76 -11.47
C VAL D 453 22.54 52.70 -11.52
N TRP D 454 22.95 53.19 -10.36
CA TRP D 454 24.06 54.11 -10.23
C TRP D 454 25.34 53.26 -10.14
N GLN D 455 26.02 53.09 -11.27
CA GLN D 455 27.20 52.20 -11.37
C GLN D 455 27.87 52.42 -12.73
N PRO D 456 29.08 51.85 -12.94
CA PRO D 456 29.71 51.95 -14.26
C PRO D 456 28.84 51.43 -15.41
N ASP D 457 29.09 51.95 -16.61
CA ASP D 457 28.37 51.50 -17.78
C ASP D 457 28.53 49.97 -18.04
N HIS D 458 29.67 49.36 -17.72
CA HIS D 458 29.84 47.86 -17.76
C HIS D 458 30.20 47.44 -16.34
N ILE D 459 29.43 46.51 -15.79
CA ILE D 459 30.02 45.67 -14.76
C ILE D 459 30.29 44.22 -14.99
N ASP D 460 31.01 43.93 -16.07
CA ASP D 460 31.31 42.56 -16.45
C ASP D 460 32.37 41.94 -15.55
N THR D 461 32.68 42.61 -14.45
CA THR D 461 33.72 42.16 -13.55
C THR D 461 33.21 42.12 -12.10
N THR D 462 33.69 41.18 -11.31
CA THR D 462 33.35 41.15 -9.87
C THR D 462 34.45 41.82 -9.08
N GLU D 463 34.22 43.08 -8.69
CA GLU D 463 35.20 43.87 -7.95
C GLU D 463 34.43 45.06 -7.37
N CYS D 464 35.09 45.84 -6.54
CA CYS D 464 34.55 47.13 -6.16
C CYS D 464 35.04 48.04 -7.27
N TRP D 465 34.13 48.37 -8.17
CA TRP D 465 34.48 49.07 -9.42
C TRP D 465 35.05 50.46 -9.12
N PRO D 466 36.22 50.76 -9.72
CA PRO D 466 36.84 52.07 -9.49
C PRO D 466 36.04 53.22 -10.07
N LEU D 467 36.02 54.32 -9.34
CA LEU D 467 35.42 55.54 -9.88
C LEU D 467 36.55 56.25 -10.64
N ARG D 468 36.34 56.47 -11.92
CA ARG D 468 37.38 57.06 -12.78
C ARG D 468 37.00 58.47 -13.24
N SER D 469 37.99 59.37 -13.32
CA SER D 469 37.73 60.73 -13.80
C SER D 469 37.24 60.76 -15.27
N ASP D 470 37.51 59.74 -16.06
CA ASP D 470 37.06 59.72 -17.45
C ASP D 470 35.65 59.12 -17.65
N SER D 471 34.93 58.87 -16.54
CA SER D 471 33.55 58.33 -16.59
C SER D 471 32.51 59.25 -15.93
N THR D 472 31.33 59.35 -16.50
CA THR D 472 30.36 60.32 -16.00
C THR D 472 29.44 59.74 -14.91
N TRP D 473 29.46 58.41 -14.75
CA TRP D 473 28.31 57.75 -14.12
C TRP D 473 28.14 58.21 -12.71
N HIS D 474 29.25 58.42 -12.01
CA HIS D 474 29.24 58.69 -10.56
C HIS D 474 28.90 60.15 -10.22
N GLY D 475 29.01 61.03 -11.22
CA GLY D 475 28.69 62.46 -11.07
C GLY D 475 29.66 63.29 -10.24
N PHE D 476 30.82 62.75 -9.88
CA PHE D 476 31.76 63.54 -9.09
C PHE D 476 32.74 64.15 -10.09
N LYS D 477 32.89 65.46 -10.08
CA LYS D 477 33.77 66.11 -11.06
C LYS D 477 35.21 66.15 -10.60
N ASN D 478 36.10 65.94 -11.55
CA ASN D 478 37.53 65.96 -11.28
C ASN D 478 37.86 65.10 -10.07
N ILE D 479 37.27 63.91 -10.01
CA ILE D 479 37.61 62.97 -8.94
C ILE D 479 39.09 62.52 -8.99
N ASP D 480 39.70 62.32 -7.84
CA ASP D 480 41.01 61.66 -7.82
C ASP D 480 40.84 60.24 -8.33
N ASN D 481 41.78 59.77 -9.15
CA ASN D 481 41.76 58.37 -9.59
C ASN D 481 42.43 57.44 -8.59
N GLU D 482 42.14 56.15 -8.69
CA GLU D 482 42.65 55.13 -7.74
C GLU D 482 42.40 55.54 -6.29
N HIS D 483 41.19 56.05 -6.07
CA HIS D 483 40.83 56.61 -4.79
C HIS D 483 39.54 56.03 -4.26
N MET D 484 38.47 56.10 -5.03
CA MET D 484 37.18 55.60 -4.56
C MET D 484 36.72 54.40 -5.39
N TYR D 485 35.92 53.52 -4.78
CA TYR D 485 35.45 52.29 -5.42
C TYR D 485 34.02 52.03 -4.95
N LEU D 486 33.19 51.47 -5.83
CA LEU D 486 31.80 51.17 -5.49
C LEU D 486 31.65 49.71 -4.99
N ASP D 487 31.09 49.56 -3.79
CA ASP D 487 30.81 48.27 -3.19
C ASP D 487 29.60 47.66 -3.91
N PRO D 488 29.78 46.51 -4.58
CA PRO D 488 28.67 45.87 -5.30
C PRO D 488 27.41 45.68 -4.47
N ILE D 489 27.55 45.46 -3.18
CA ILE D 489 26.33 45.09 -2.44
C ILE D 489 25.42 46.30 -2.06
N LYS D 490 25.94 47.52 -2.22
CA LYS D 490 25.14 48.72 -1.91
C LYS D 490 24.53 49.22 -3.19
N VAL D 491 23.27 48.85 -3.45
CA VAL D 491 22.67 49.08 -4.76
C VAL D 491 21.80 50.35 -4.78
N THR D 492 22.24 51.36 -5.55
CA THR D 492 21.49 52.61 -5.64
C THR D 492 20.73 52.63 -6.95
N LEU D 493 19.42 52.77 -6.85
CA LEU D 493 18.59 52.93 -8.05
C LEU D 493 18.28 54.41 -8.23
N LEU D 494 18.12 54.78 -9.49
CA LEU D 494 17.88 56.16 -9.83
C LEU D 494 16.54 56.25 -10.51
N THR D 495 15.74 57.24 -10.11
CA THR D 495 14.43 57.46 -10.74
C THR D 495 14.57 58.62 -11.75
N PRO D 496 13.70 58.68 -12.77
CA PRO D 496 13.79 59.77 -13.74
C PRO D 496 13.62 61.14 -13.08
N GLY D 497 14.37 62.14 -13.58
CA GLY D 497 14.18 63.54 -13.14
C GLY D 497 15.42 64.41 -13.25
N MET D 498 16.58 63.76 -13.26
CA MET D 498 17.87 64.43 -13.41
C MET D 498 18.71 63.88 -14.54
N GLU D 499 19.52 64.74 -15.15
CA GLU D 499 20.31 64.34 -16.29
C GLU D 499 21.69 63.92 -15.88
N LYS D 500 22.43 63.60 -16.94
CA LYS D 500 23.84 63.27 -16.85
C LYS D 500 24.62 64.50 -16.39
N ASP D 501 24.24 65.66 -16.95
CA ASP D 501 24.70 67.00 -16.56
C ASP D 501 24.72 67.27 -15.07
N GLY D 502 23.81 66.62 -14.33
CA GLY D 502 23.38 67.14 -13.03
C GLY D 502 22.22 68.13 -13.18
N THR D 503 21.73 68.31 -14.41
CA THR D 503 20.61 69.23 -14.67
C THR D 503 19.26 68.51 -14.57
N MET D 504 18.15 69.27 -14.62
CA MET D 504 16.81 68.71 -14.41
C MET D 504 16.08 68.33 -15.68
N SER D 505 15.42 67.18 -15.65
CA SER D 505 14.62 66.68 -16.76
C SER D 505 13.22 67.26 -16.71
N ASP D 506 12.53 67.27 -17.85
CA ASP D 506 11.14 67.69 -17.88
C ASP D 506 10.23 66.68 -17.18
N PHE D 507 10.50 65.39 -17.43
CA PHE D 507 9.74 64.30 -16.80
C PHE D 507 10.51 63.85 -15.57
N GLY D 508 9.83 63.74 -14.43
CA GLY D 508 10.49 63.19 -13.24
C GLY D 508 9.55 62.42 -12.32
N ILE D 509 10.12 61.44 -11.63
CA ILE D 509 9.37 60.71 -10.59
C ILE D 509 10.25 60.74 -9.36
N PRO D 510 9.98 61.69 -8.46
CA PRO D 510 10.77 61.79 -7.24
C PRO D 510 10.77 60.45 -6.50
N ALA D 511 11.93 60.06 -5.99
CA ALA D 511 12.10 58.75 -5.38
C ALA D 511 11.19 58.53 -4.13
N SER D 512 10.78 59.60 -3.46
CA SER D 512 9.87 59.49 -2.32
C SER D 512 8.58 58.73 -2.71
N ILE D 513 8.10 58.93 -3.94
CA ILE D 513 6.89 58.28 -4.41
C ILE D 513 7.09 56.78 -4.60
N VAL D 514 8.22 56.40 -5.17
CA VAL D 514 8.56 54.99 -5.30
C VAL D 514 8.71 54.34 -3.89
N ALA D 515 9.38 55.02 -2.98
CA ALA D 515 9.55 54.51 -1.61
C ALA D 515 8.20 54.25 -0.89
N LYS D 516 7.26 55.16 -1.07
CA LYS D 516 5.91 54.99 -0.56
C LYS D 516 5.23 53.78 -1.18
N TYR D 517 5.37 53.62 -2.49
CA TYR D 517 4.86 52.42 -3.15
C TYR D 517 5.51 51.17 -2.55
N LEU D 518 6.83 51.17 -2.43
CA LEU D 518 7.53 50.00 -1.95
C LEU D 518 7.10 49.64 -0.52
N ASP D 519 6.87 50.64 0.31
CA ASP D 519 6.42 50.39 1.67
C ASP D 519 5.00 49.80 1.75
N GLU D 520 4.13 50.11 0.79
CA GLU D 520 2.85 49.41 0.64
C GLU D 520 3.05 47.90 0.51
N HIS D 521 4.16 47.49 -0.08
CA HIS D 521 4.43 46.09 -0.33
C HIS D 521 5.45 45.52 0.63
N GLY D 522 5.61 46.19 1.76
CA GLY D 522 6.50 45.75 2.84
C GLY D 522 7.99 45.83 2.58
N ILE D 523 8.40 46.57 1.55
CA ILE D 523 9.81 46.68 1.20
C ILE D 523 10.29 48.03 1.74
N VAL D 524 11.28 47.95 2.63
CA VAL D 524 11.85 49.12 3.28
C VAL D 524 12.94 49.70 2.37
N VAL D 525 12.88 51.00 2.16
CA VAL D 525 13.98 51.67 1.48
C VAL D 525 14.94 52.21 2.56
N GLU D 526 16.15 51.68 2.55
CA GLU D 526 17.17 52.05 3.54
C GLU D 526 17.40 53.58 3.55
N LYS D 527 17.67 54.16 2.38
CA LYS D 527 17.97 55.58 2.28
C LYS D 527 17.35 56.07 0.98
N THR D 528 16.78 57.26 1.01
CA THR D 528 16.26 57.88 -0.20
C THR D 528 16.76 59.32 -0.34
N GLY D 529 17.02 59.73 -1.57
CA GLY D 529 17.32 61.14 -1.87
C GLY D 529 16.26 61.57 -2.85
N PRO D 530 16.34 62.81 -3.39
CA PRO D 530 15.37 63.30 -4.38
C PRO D 530 15.06 62.31 -5.52
N TYR D 531 16.10 61.73 -6.13
CA TYR D 531 15.91 60.79 -7.24
C TYR D 531 16.68 59.49 -7.10
N ASN D 532 17.02 59.11 -5.86
CA ASN D 532 17.80 57.88 -5.64
C ASN D 532 17.20 57.03 -4.50
N LEU D 533 17.40 55.71 -4.58
CA LEU D 533 16.96 54.77 -3.54
C LEU D 533 18.08 53.77 -3.32
N LEU D 534 18.37 53.47 -2.05
CA LEU D 534 19.45 52.58 -1.66
C LEU D 534 18.89 51.25 -1.12
N PHE D 535 19.44 50.16 -1.63
CA PHE D 535 19.08 48.79 -1.20
C PHE D 535 20.34 48.07 -0.79
N LEU D 536 20.30 47.46 0.39
CA LEU D 536 21.44 46.75 0.92
C LEU D 536 21.29 45.27 0.61
N PHE D 537 22.16 44.74 -0.25
CA PHE D 537 22.09 43.32 -0.66
C PHE D 537 22.95 42.45 0.25
N SER D 538 22.54 42.41 1.52
CA SER D 538 23.33 41.78 2.55
C SER D 538 23.15 40.27 2.54
N ILE D 539 23.79 39.59 3.48
CA ILE D 539 23.70 38.16 3.54
C ILE D 539 22.34 37.67 4.08
N GLY D 540 21.60 38.50 4.83
CA GLY D 540 20.09 38.42 4.76
C GLY D 540 19.18 38.41 3.62
N ILE D 541 19.59 39.00 2.53
CA ILE D 541 18.75 39.14 1.36
C ILE D 541 19.00 37.94 0.46
N ASP D 542 17.97 37.11 0.26
CA ASP D 542 18.12 35.94 -0.55
C ASP D 542 17.43 36.15 -1.88
N LYS D 543 17.46 35.13 -2.73
CA LYS D 543 16.92 35.29 -4.08
C LYS D 543 15.43 35.63 -4.10
N THR D 544 14.68 35.19 -3.08
CA THR D 544 13.23 35.44 -3.12
C THR D 544 12.93 36.92 -2.79
N LYS D 545 13.74 37.50 -1.90
CA LYS D 545 13.62 38.93 -1.60
C LYS D 545 14.07 39.78 -2.80
N ALA D 546 15.13 39.36 -3.49
CA ALA D 546 15.58 40.08 -4.70
C ALA D 546 14.53 40.08 -5.83
N LEU D 547 13.93 38.90 -6.07
CA LEU D 547 12.85 38.78 -7.06
C LEU D 547 11.64 39.61 -6.68
N SER D 548 11.29 39.61 -5.40
CA SER D 548 10.15 40.38 -4.91
C SER D 548 10.37 41.87 -5.15
N LEU D 549 11.57 42.35 -4.84
CA LEU D 549 11.91 43.77 -5.13
C LEU D 549 11.85 44.06 -6.64
N LEU D 550 12.45 43.20 -7.46
CA LEU D 550 12.44 43.40 -8.91
C LEU D 550 11.01 43.46 -9.44
N ARG D 551 10.16 42.55 -8.93
CA ARG D 551 8.74 42.55 -9.33
C ARG D 551 8.00 43.81 -8.87
N ALA D 552 8.29 44.28 -7.66
CA ALA D 552 7.67 45.49 -7.16
C ALA D 552 8.04 46.72 -8.03
N LEU D 553 9.27 46.74 -8.52
CA LEU D 553 9.72 47.83 -9.41
C LEU D 553 9.04 47.77 -10.76
N THR D 554 8.97 46.58 -11.37
CA THR D 554 8.23 46.49 -12.65
C THR D 554 6.74 46.83 -12.43
N ASP D 555 6.17 46.42 -11.29
CA ASP D 555 4.80 46.81 -10.91
C ASP D 555 4.61 48.30 -10.71
N PHE D 556 5.59 48.94 -10.06
CA PHE D 556 5.50 50.40 -9.91
C PHE D 556 5.36 51.04 -11.29
N LYS D 557 6.23 50.64 -12.24
CA LYS D 557 6.19 51.19 -13.59
C LYS D 557 4.85 50.90 -14.28
N ARG D 558 4.39 49.65 -14.16
CA ARG D 558 3.09 49.23 -14.72
C ARG D 558 1.96 50.13 -14.22
N ALA D 559 1.88 50.29 -12.89
CA ALA D 559 0.80 51.04 -12.25
C ALA D 559 0.94 52.56 -12.53
N PHE D 560 2.17 53.05 -12.45
CA PHE D 560 2.43 54.46 -12.81
C PHE D 560 1.95 54.81 -14.21
N ASP D 561 2.31 53.99 -15.18
CA ASP D 561 1.97 54.24 -16.57
C ASP D 561 0.47 54.10 -16.82
N LEU D 562 -0.22 53.33 -15.98
CA LEU D 562 -1.70 53.28 -16.06
C LEU D 562 -2.34 54.52 -15.48
N ASN D 563 -1.53 55.33 -14.78
CA ASN D 563 -2.03 56.48 -14.08
C ASN D 563 -3.15 56.16 -13.07
N LEU D 564 -2.92 55.15 -12.23
CA LEU D 564 -3.86 54.84 -11.17
C LEU D 564 -4.10 56.03 -10.24
N ARG D 565 -5.29 56.04 -9.61
CA ARG D 565 -5.61 56.95 -8.51
C ARG D 565 -4.66 56.70 -7.35
N VAL D 566 -4.24 57.78 -6.69
CA VAL D 566 -3.45 57.68 -5.47
C VAL D 566 -4.17 56.80 -4.44
N LYS D 567 -5.49 56.99 -4.31
CA LYS D 567 -6.35 56.20 -3.43
C LYS D 567 -6.12 54.68 -3.57
N ASN D 568 -5.94 54.22 -4.80
CA ASN D 568 -5.77 52.81 -5.12
C ASN D 568 -4.31 52.32 -5.12
N MET D 569 -3.43 53.12 -5.72
CA MET D 569 -2.01 52.76 -5.77
C MET D 569 -1.24 52.97 -4.46
N LEU D 570 -1.57 54.03 -3.72
CA LEU D 570 -0.88 54.35 -2.47
C LEU D 570 -1.90 54.56 -1.35
N PRO D 571 -2.64 53.50 -0.98
CA PRO D 571 -3.69 53.64 0.05
C PRO D 571 -3.23 54.21 1.39
N SER D 572 -2.02 53.88 1.82
CA SER D 572 -1.47 54.44 3.05
C SER D 572 -1.30 55.95 2.97
N LEU D 573 -0.85 56.46 1.84
CA LEU D 573 -0.75 57.89 1.63
C LEU D 573 -2.13 58.57 1.60
N TYR D 574 -3.03 57.95 0.86
CA TYR D 574 -4.42 58.41 0.79
C TYR D 574 -5.01 58.60 2.21
N ARG D 575 -4.83 57.61 3.08
CA ARG D 575 -5.34 57.67 4.46
C ARG D 575 -4.79 58.81 5.32
N GLU D 576 -3.59 59.28 5.00
CA GLU D 576 -3.06 60.46 5.69
C GLU D 576 -3.91 61.71 5.47
N ASP D 577 -4.56 61.82 4.31
CA ASP D 577 -5.44 62.93 4.02
C ASP D 577 -6.36 62.58 2.85
N PRO D 578 -7.46 61.84 3.14
CA PRO D 578 -8.36 61.35 2.08
C PRO D 578 -8.88 62.46 1.21
N GLU D 579 -9.26 63.51 1.89
CA GLU D 579 -9.81 64.64 1.20
C GLU D 579 -8.81 65.31 0.23
N PHE D 580 -7.54 65.45 0.61
CA PHE D 580 -6.53 66.01 -0.29
C PHE D 580 -6.28 65.08 -1.52
N TYR D 581 -6.25 63.77 -1.27
CA TYR D 581 -5.86 62.82 -2.31
C TYR D 581 -7.00 62.15 -3.06
N GLU D 582 -8.25 62.48 -2.70
CA GLU D 582 -9.46 61.82 -3.23
C GLU D 582 -9.44 61.59 -4.75
N ASN D 583 -9.11 62.63 -5.51
CA ASN D 583 -9.18 62.55 -6.97
C ASN D 583 -7.84 62.53 -7.68
N MET D 584 -6.76 62.63 -6.91
CA MET D 584 -5.45 62.74 -7.50
C MET D 584 -4.98 61.40 -8.07
N ARG D 585 -4.35 61.48 -9.22
CA ARG D 585 -3.74 60.32 -9.85
C ARG D 585 -2.20 60.34 -9.71
N ILE D 586 -1.60 59.17 -9.75
CA ILE D 586 -0.16 59.04 -9.49
C ILE D 586 0.76 59.91 -10.42
N GLN D 587 0.38 60.06 -11.69
CA GLN D 587 1.23 60.85 -12.61
C GLN D 587 1.24 62.32 -12.26
N GLU D 588 0.10 62.79 -11.79
CA GLU D 588 -0.09 64.15 -11.33
C GLU D 588 0.71 64.42 -10.04
N LEU D 589 0.61 63.53 -9.06
CA LEU D 589 1.41 63.63 -7.82
C LEU D 589 2.90 63.74 -8.15
N ALA D 590 3.40 62.83 -8.97
CA ALA D 590 4.81 62.81 -9.42
C ALA D 590 5.20 64.10 -10.14
N GLN D 591 4.35 64.57 -11.04
CA GLN D 591 4.65 65.80 -11.78
C GLN D 591 4.65 66.99 -10.87
N ASN D 592 3.69 67.05 -9.98
CA ASN D 592 3.60 68.18 -9.08
C ASN D 592 4.79 68.26 -8.13
N ILE D 593 5.17 67.13 -7.52
CA ILE D 593 6.33 67.12 -6.64
C ILE D 593 7.63 67.39 -7.44
N HIS D 594 7.80 66.76 -8.60
CA HIS D 594 8.92 67.05 -9.46
C HIS D 594 8.97 68.57 -9.80
N LYS D 595 7.83 69.14 -10.15
CA LYS D 595 7.80 70.57 -10.50
C LYS D 595 8.22 71.47 -9.33
N LEU D 596 7.84 71.10 -8.11
CA LEU D 596 8.30 71.82 -6.92
C LEU D 596 9.83 71.76 -6.73
N ILE D 597 10.38 70.56 -6.90
CA ILE D 597 11.81 70.36 -6.77
C ILE D 597 12.54 71.21 -7.81
N VAL D 598 12.08 71.18 -9.06
CA VAL D 598 12.64 72.04 -10.12
C VAL D 598 12.49 73.54 -9.82
N HIS D 599 11.27 73.96 -9.51
CA HIS D 599 10.95 75.35 -9.16
C HIS D 599 11.82 75.88 -8.00
N HIS D 600 11.99 75.05 -6.99
CA HIS D 600 12.77 75.46 -5.83
C HIS D 600 14.25 75.27 -6.03
N ASN D 601 14.67 74.78 -7.19
CA ASN D 601 16.09 74.58 -7.46
C ASN D 601 16.79 73.74 -6.37
N LEU D 602 16.08 72.71 -5.88
CA LEU D 602 16.56 71.95 -4.74
C LEU D 602 17.95 71.36 -4.93
N PRO D 603 18.21 70.66 -6.06
CA PRO D 603 19.55 70.07 -6.21
C PRO D 603 20.70 71.07 -6.20
N ASP D 604 20.51 72.22 -6.84
CA ASP D 604 21.57 73.21 -6.80
C ASP D 604 21.74 73.78 -5.40
N LEU D 605 20.64 74.10 -4.73
CA LEU D 605 20.71 74.62 -3.35
C LEU D 605 21.30 73.63 -2.37
N MET D 606 21.00 72.34 -2.57
CA MET D 606 21.52 71.29 -1.70
C MET D 606 23.03 71.17 -1.89
N TYR D 607 23.47 71.23 -3.14
CA TYR D 607 24.90 71.21 -3.43
C TYR D 607 25.64 72.36 -2.75
N ARG D 608 25.18 73.59 -2.97
CA ARG D 608 25.83 74.77 -2.45
C ARG D 608 25.78 74.85 -0.93
N ALA D 609 24.70 74.38 -0.32
CA ALA D 609 24.60 74.35 1.15
C ALA D 609 25.75 73.62 1.81
N PHE D 610 26.19 72.52 1.22
CA PHE D 610 27.22 71.64 1.81
C PHE D 610 28.62 71.93 1.32
N GLU D 611 28.74 72.89 0.41
CA GLU D 611 30.06 73.16 -0.15
CA GLU D 611 30.02 73.26 -0.20
C GLU D 611 30.89 74.15 0.68
N VAL D 612 30.28 75.10 1.39
CA VAL D 612 31.03 75.98 2.30
C VAL D 612 30.58 75.72 3.74
N LEU D 613 31.51 75.44 4.65
CA LEU D 613 31.18 75.14 6.04
C LEU D 613 30.77 76.38 6.84
N PRO D 614 29.76 76.22 7.70
CA PRO D 614 29.46 77.23 8.71
C PRO D 614 30.73 77.49 9.54
N THR D 615 30.83 78.68 10.13
CA THR D 615 32.05 79.05 10.87
C THR D 615 32.03 78.46 12.27
N MET D 616 33.12 77.82 12.68
CA MET D 616 33.23 77.28 14.03
C MET D 616 33.61 78.39 15.01
N VAL D 617 32.60 78.91 15.70
CA VAL D 617 32.80 79.99 16.65
C VAL D 617 33.29 79.40 17.99
N MET D 618 32.74 78.25 18.37
CA MET D 618 33.28 77.49 19.49
C MET D 618 33.17 76.00 19.16
N THR D 619 33.92 75.18 19.85
CA THR D 619 33.86 73.72 19.64
C THR D 619 32.49 73.16 20.02
N PRO D 620 32.15 71.98 19.49
CA PRO D 620 30.88 71.40 19.94
C PRO D 620 30.84 71.21 21.47
N TYR D 621 31.98 70.89 22.07
CA TYR D 621 32.07 70.70 23.52
C TYR D 621 31.74 72.00 24.25
N ALA D 622 32.34 73.10 23.79
CA ALA D 622 32.10 74.40 24.42
C ALA D 622 30.63 74.79 24.28
N ALA D 623 30.03 74.52 23.12
CA ALA D 623 28.63 74.83 22.89
C ALA D 623 27.72 74.03 23.81
N PHE D 624 28.03 72.75 23.96
CA PHE D 624 27.19 71.91 24.84
C PHE D 624 27.30 72.38 26.31
N GLN D 625 28.49 72.80 26.73
CA GLN D 625 28.63 73.37 28.09
C GLN D 625 27.72 74.57 28.30
N LYS D 626 27.64 75.45 27.29
CA LYS D 626 26.70 76.55 27.34
C LYS D 626 25.26 76.06 27.44
N GLU D 627 24.89 75.07 26.62
CA GLU D 627 23.56 74.51 26.71
C GLU D 627 23.29 73.93 28.11
N LEU D 628 24.26 73.21 28.66
CA LEU D 628 24.12 72.66 30.02
C LEU D 628 23.93 73.73 31.11
N HIS D 629 24.35 74.97 30.83
CA HIS D 629 24.09 76.10 31.74
C HIS D 629 22.79 76.84 31.47
N GLY D 630 21.92 76.28 30.62
CA GLY D 630 20.66 76.94 30.29
C GLY D 630 20.77 78.15 29.38
N MET D 631 21.86 78.26 28.62
CA MET D 631 22.06 79.47 27.86
C MET D 631 21.67 79.34 26.39
N THR D 632 20.54 78.72 26.14
CA THR D 632 20.04 78.62 24.78
C THR D 632 18.67 79.28 24.73
N GLU D 633 18.23 79.58 23.51
CA GLU D 633 16.90 80.11 23.27
C GLU D 633 16.51 79.72 21.86
N GLU D 634 15.23 79.86 21.53
CA GLU D 634 14.73 79.58 20.20
C GLU D 634 14.51 80.83 19.38
N VAL D 635 14.95 80.80 18.14
CA VAL D 635 14.68 81.89 17.21
C VAL D 635 14.09 81.29 15.95
N TYR D 636 13.43 82.11 15.15
CA TYR D 636 13.01 81.68 13.82
C TYR D 636 14.22 81.33 12.97
N LEU D 637 14.10 80.22 12.23
CA LEU D 637 15.10 79.82 11.26
C LEU D 637 15.60 81.00 10.42
N ASP D 638 14.67 81.84 9.95
CA ASP D 638 14.99 83.03 9.15
C ASP D 638 15.95 84.01 9.82
N GLU D 639 16.04 83.91 11.13
CA GLU D 639 16.85 84.85 11.89
C GLU D 639 18.16 84.25 12.39
N MET D 640 18.58 83.10 11.88
CA MET D 640 19.75 82.44 12.49
C MET D 640 21.14 82.90 12.00
N VAL D 641 21.19 83.70 10.94
CA VAL D 641 22.51 84.18 10.48
C VAL D 641 23.10 85.00 11.60
N GLY D 642 24.37 84.73 11.90
CA GLY D 642 25.07 85.43 12.98
C GLY D 642 24.81 84.89 14.40
N ARG D 643 24.07 83.79 14.51
CA ARG D 643 23.81 83.15 15.81
C ARG D 643 24.59 81.85 15.94
N ILE D 644 25.00 81.52 17.17
CA ILE D 644 25.72 80.27 17.43
C ILE D 644 24.70 79.15 17.62
N ASN D 645 24.75 78.19 16.71
CA ASN D 645 23.91 77.00 16.82
C ASN D 645 24.16 76.12 18.01
N ALA D 646 23.07 75.75 18.69
CA ALA D 646 23.16 74.88 19.85
C ALA D 646 23.11 73.40 19.50
N ASN D 647 22.29 73.01 18.52
CA ASN D 647 22.05 71.59 18.20
C ASN D 647 22.62 71.31 16.83
N MET D 648 22.95 70.05 16.56
CA MET D 648 23.26 69.65 15.21
C MET D 648 22.03 69.85 14.31
N ILE D 649 22.24 70.40 13.13
CA ILE D 649 21.15 70.48 12.16
C ILE D 649 21.44 69.44 11.04
N LEU D 650 20.49 68.53 10.85
CA LEU D 650 20.66 67.35 10.00
C LEU D 650 19.43 67.22 9.10
N PRO D 651 19.51 67.77 7.88
CA PRO D 651 18.36 67.76 6.98
C PRO D 651 18.31 66.50 6.12
N TYR D 652 17.08 66.07 5.84
CA TYR D 652 16.80 64.97 4.90
C TYR D 652 15.96 65.57 3.79
N PRO D 653 16.51 65.63 2.55
CA PRO D 653 17.85 65.21 2.13
C PRO D 653 18.91 66.28 2.51
N PRO D 654 20.20 65.93 2.44
CA PRO D 654 20.72 64.61 2.03
C PRO D 654 21.09 63.67 3.18
N GLY D 655 20.76 64.02 4.41
CA GLY D 655 20.90 63.08 5.52
C GLY D 655 22.29 63.06 6.15
N VAL D 656 23.02 64.16 6.02
CA VAL D 656 24.33 64.29 6.68
C VAL D 656 24.40 65.65 7.40
N PRO D 657 25.27 65.77 8.43
CA PRO D 657 25.29 67.00 9.23
C PRO D 657 25.52 68.24 8.37
N LEU D 658 24.68 69.24 8.59
CA LEU D 658 24.83 70.54 7.92
C LEU D 658 25.45 71.61 8.85
N VAL D 659 24.97 71.69 10.09
CA VAL D 659 25.51 72.61 11.09
C VAL D 659 25.76 71.86 12.39
N MET D 660 26.95 72.03 12.95
CA MET D 660 27.31 71.45 14.25
C MET D 660 26.99 72.39 15.42
N PRO D 661 26.83 71.84 16.65
CA PRO D 661 26.78 72.74 17.80
C PRO D 661 28.04 73.62 17.79
N GLY D 662 27.88 74.92 17.99
CA GLY D 662 29.06 75.80 18.10
C GLY D 662 29.35 76.54 16.80
N GLU D 663 28.66 76.17 15.73
CA GLU D 663 28.85 76.80 14.41
C GLU D 663 27.86 77.93 14.13
N MET D 664 28.28 78.86 13.27
CA MET D 664 27.45 80.00 12.95
C MET D 664 27.32 80.14 11.44
N ILE D 665 26.11 80.33 10.96
CA ILE D 665 25.95 80.65 9.56
C ILE D 665 26.32 82.14 9.39
N THR D 666 27.16 82.44 8.40
CA THR D 666 27.61 83.81 8.10
C THR D 666 27.31 84.10 6.64
N GLU D 667 27.72 85.26 6.13
CA GLU D 667 27.51 85.55 4.69
C GLU D 667 28.25 84.52 3.82
N GLU D 668 29.45 84.16 4.24
CA GLU D 668 30.24 83.10 3.59
C GLU D 668 29.40 81.82 3.40
N SER D 669 28.53 81.51 4.38
CA SER D 669 27.81 80.22 4.39
C SER D 669 26.30 80.38 4.31
N ARG D 670 25.86 81.52 3.80
CA ARG D 670 24.44 81.78 3.65
C ARG D 670 23.66 80.71 2.84
N PRO D 671 24.27 80.06 1.82
CA PRO D 671 23.51 78.95 1.17
C PRO D 671 22.99 77.84 2.13
N VAL D 672 23.68 77.67 3.27
CA VAL D 672 23.20 76.79 4.36
C VAL D 672 21.78 77.19 4.73
N LEU D 673 21.58 78.48 5.04
CA LEU D 673 20.25 78.94 5.40
C LEU D 673 19.22 78.86 4.27
N GLU D 674 19.64 79.23 3.07
CA GLU D 674 18.75 79.22 1.89
C GLU D 674 18.19 77.83 1.60
N PHE D 675 19.05 76.81 1.71
CA PHE D 675 18.65 75.41 1.53
C PHE D 675 17.62 75.01 2.59
N LEU D 676 17.91 75.26 3.87
CA LEU D 676 16.98 74.94 4.96
C LEU D 676 15.61 75.64 4.80
N GLN D 677 15.62 76.92 4.46
CA GLN D 677 14.41 77.66 4.17
C GLN D 677 13.64 77.02 3.02
N MET D 678 14.37 76.58 2.00
CA MET D 678 13.71 75.96 0.86
C MET D 678 13.03 74.64 1.26
N LEU D 679 13.71 73.81 2.05
CA LEU D 679 13.13 72.56 2.55
C LEU D 679 11.84 72.78 3.32
N CYS D 680 11.80 73.86 4.10
CA CYS D 680 10.60 74.19 4.88
C CYS D 680 9.44 74.56 3.98
N GLU D 681 9.72 75.34 2.93
CA GLU D 681 8.71 75.71 1.93
C GLU D 681 8.19 74.51 1.13
N ILE D 682 9.11 73.75 0.58
CA ILE D 682 8.73 72.65 -0.29
C ILE D 682 7.92 71.60 0.49
N GLY D 683 8.21 71.42 1.77
CA GLY D 683 7.51 70.44 2.61
C GLY D 683 6.09 70.80 3.06
N ALA D 684 5.66 72.01 2.80
CA ALA D 684 4.35 72.45 3.26
C ALA D 684 3.21 72.01 2.33
N HIS D 685 3.53 71.53 1.13
CA HIS D 685 2.55 71.35 0.05
C HIS D 685 1.77 70.02 0.04
N TYR D 686 2.47 68.90 0.25
CA TYR D 686 1.86 67.56 0.11
C TYR D 686 1.90 66.78 1.40
N PRO D 687 0.72 66.41 1.94
CA PRO D 687 0.69 65.57 3.13
C PRO D 687 1.43 64.27 2.88
N GLY D 688 2.23 63.80 3.83
CA GLY D 688 3.07 62.63 3.55
C GLY D 688 4.45 62.95 3.01
N PHE D 689 4.65 64.18 2.54
CA PHE D 689 5.96 64.64 2.05
C PHE D 689 6.42 65.87 2.84
N GLU D 690 6.39 65.74 4.16
CA GLU D 690 6.67 66.87 5.04
C GLU D 690 8.17 67.14 5.14
N THR D 691 8.50 68.37 5.49
CA THR D 691 9.86 68.77 5.91
C THR D 691 10.41 67.85 6.98
N ASP D 692 11.67 67.48 6.83
CA ASP D 692 12.34 66.63 7.79
C ASP D 692 13.77 67.14 8.06
N ILE D 693 13.88 68.05 9.02
CA ILE D 693 15.15 68.64 9.41
C ILE D 693 15.29 68.43 10.89
N HIS D 694 16.19 67.53 11.28
CA HIS D 694 16.53 67.34 12.68
C HIS D 694 17.21 68.61 13.20
N GLY D 695 16.69 69.17 14.28
CA GLY D 695 17.20 70.42 14.84
C GLY D 695 16.34 71.62 14.46
N ALA D 696 15.36 71.44 13.59
CA ALA D 696 14.40 72.51 13.28
C ALA D 696 13.01 72.09 13.72
N TYR D 697 12.25 73.02 14.32
CA TYR D 697 10.94 72.72 14.91
C TYR D 697 9.83 73.49 14.24
N ARG D 698 8.85 72.76 13.69
CA ARG D 698 7.71 73.38 13.02
C ARG D 698 6.76 73.96 14.06
N GLN D 699 6.45 75.24 13.94
CA GLN D 699 5.49 75.88 14.87
C GLN D 699 4.05 75.72 14.39
N ALA D 700 3.09 76.09 15.23
CA ALA D 700 1.67 75.97 14.87
C ALA D 700 1.30 76.80 13.65
N ASP D 701 1.91 77.98 13.50
CA ASP D 701 1.72 78.78 12.29
C ASP D 701 2.52 78.27 11.08
N GLY D 702 3.23 77.14 11.24
CA GLY D 702 4.00 76.54 10.15
C GLY D 702 5.40 77.10 9.88
N ARG D 703 5.82 78.09 10.68
CA ARG D 703 7.20 78.60 10.64
C ARG D 703 8.09 77.68 11.48
N TYR D 704 9.40 77.70 11.21
CA TYR D 704 10.33 76.82 11.92
C TYR D 704 11.24 77.64 12.80
N THR D 705 11.59 77.07 13.95
CA THR D 705 12.56 77.68 14.84
C THR D 705 13.74 76.75 15.00
N VAL D 706 14.83 77.30 15.53
CA VAL D 706 16.05 76.54 15.83
C VAL D 706 16.55 77.00 17.19
N LYS D 707 17.38 76.20 17.82
CA LYS D 707 17.94 76.54 19.11
C LYS D 707 19.34 77.14 18.93
N VAL D 708 19.55 78.32 19.52
CA VAL D 708 20.81 79.04 19.42
C VAL D 708 21.28 79.45 20.81
N LEU D 709 22.56 79.78 20.94
CA LEU D 709 23.06 80.24 22.23
C LEU D 709 22.63 81.68 22.45
N LYS D 710 22.24 82.00 23.69
CA LYS D 710 21.90 83.38 24.02
C LYS D 710 23.08 84.32 23.77
N GLU D 711 22.76 85.55 23.38
CA GLU D 711 23.76 86.60 23.24
C GLU D 711 24.01 87.27 24.59
N MET E 1 -9.11 -30.02 4.87
CA MET E 1 -9.79 -29.89 3.58
C MET E 1 -10.37 -28.47 3.65
N ASN E 2 -9.58 -27.43 3.37
CA ASN E 2 -10.14 -26.08 3.32
C ASN E 2 -9.47 -25.14 2.31
N VAL E 3 -8.75 -25.68 1.34
CA VAL E 3 -8.07 -24.84 0.35
C VAL E 3 -8.87 -24.78 -0.94
N ILE E 4 -9.25 -23.57 -1.37
CA ILE E 4 -9.92 -23.38 -2.64
C ILE E 4 -9.03 -22.60 -3.60
N ALA E 5 -8.84 -23.11 -4.81
CA ALA E 5 -8.05 -22.40 -5.82
C ALA E 5 -8.98 -21.55 -6.70
N ILE E 6 -8.57 -20.30 -6.97
CA ILE E 6 -9.24 -19.52 -7.99
C ILE E 6 -8.22 -19.33 -9.09
N LEU E 7 -8.58 -19.72 -10.31
CA LEU E 7 -7.71 -19.48 -11.43
C LEU E 7 -8.24 -18.27 -12.22
N ASN E 8 -7.71 -17.01 -11.96
CA ASN E 8 -7.66 -15.76 -12.94
C ASN E 8 -7.75 -14.09 -13.21
N HIS E 9 -6.82 -13.52 -14.02
CA HIS E 9 -7.06 -12.20 -14.75
C HIS E 9 -7.96 -12.31 -16.01
N MET E 10 -9.16 -11.71 -15.96
CA MET E 10 -10.14 -11.83 -17.05
C MET E 10 -10.28 -10.54 -17.85
N GLY E 11 -9.89 -9.41 -17.28
CA GLY E 11 -9.95 -8.16 -18.03
C GLY E 11 -11.31 -7.46 -18.03
N VAL E 12 -12.28 -7.99 -17.27
CA VAL E 12 -13.61 -7.40 -17.20
C VAL E 12 -14.03 -7.32 -15.76
N TYR E 13 -14.49 -6.15 -15.32
CA TYR E 13 -14.93 -5.99 -13.93
C TYR E 13 -16.14 -6.86 -13.65
N PHE E 14 -17.01 -7.05 -14.65
CA PHE E 14 -18.24 -7.80 -14.38
C PHE E 14 -17.99 -9.25 -13.94
N LYS E 15 -16.83 -9.79 -14.32
CA LYS E 15 -16.39 -11.10 -13.82
C LYS E 15 -15.47 -11.02 -12.60
N GLU E 16 -14.53 -10.06 -12.60
CA GLU E 16 -13.54 -9.98 -11.53
C GLU E 16 -14.09 -9.52 -10.20
N GLU E 17 -15.03 -8.57 -10.21
CA GLU E 17 -15.61 -8.12 -8.94
C GLU E 17 -16.41 -9.21 -8.21
N PRO E 18 -17.32 -9.92 -8.92
CA PRO E 18 -18.00 -11.05 -8.25
C PRO E 18 -17.00 -12.09 -7.69
N ILE E 19 -15.87 -12.30 -8.36
CA ILE E 19 -14.88 -13.25 -7.83
C ILE E 19 -14.18 -12.70 -6.57
N ARG E 20 -13.95 -11.39 -6.53
CA ARG E 20 -13.42 -10.75 -5.32
C ARG E 20 -14.40 -10.93 -4.18
N GLU E 21 -15.68 -10.68 -4.44
CA GLU E 21 -16.71 -10.84 -3.44
C GLU E 21 -16.73 -12.29 -2.91
N LEU E 22 -16.54 -13.24 -3.82
CA LEU E 22 -16.55 -14.69 -3.49
C LEU E 22 -15.33 -15.05 -2.66
N HIS E 23 -14.18 -14.51 -3.01
CA HIS E 23 -12.98 -14.62 -2.15
C HIS E 23 -13.32 -14.30 -0.68
N ARG E 24 -13.92 -13.12 -0.47
CA ARG E 24 -14.20 -12.68 0.88
C ARG E 24 -15.23 -13.54 1.58
N ALA E 25 -16.27 -13.95 0.86
CA ALA E 25 -17.34 -14.77 1.43
C ALA E 25 -16.78 -16.14 1.84
N LEU E 26 -15.93 -16.69 1.00
CA LEU E 26 -15.25 -17.96 1.34
C LEU E 26 -14.30 -17.84 2.53
N GLU E 27 -13.51 -16.75 2.61
CA GLU E 27 -12.65 -16.58 3.80
C GLU E 27 -13.49 -16.47 5.08
N ARG E 28 -14.68 -15.87 4.97
CA ARG E 28 -15.60 -15.84 6.10
C ARG E 28 -16.05 -17.23 6.57
N LEU E 29 -16.09 -18.20 5.66
CA LEU E 29 -16.44 -19.58 6.00
C LEU E 29 -15.17 -20.40 6.31
N ASN E 30 -14.05 -19.71 6.50
CA ASN E 30 -12.78 -20.30 6.95
C ASN E 30 -12.08 -21.17 5.91
N PHE E 31 -12.30 -20.87 4.63
CA PHE E 31 -11.52 -21.43 3.56
C PHE E 31 -10.29 -20.56 3.32
N GLN E 32 -9.24 -21.23 2.89
CA GLN E 32 -8.09 -20.53 2.38
C GLN E 32 -7.98 -20.52 0.87
N ILE E 33 -7.60 -19.38 0.26
CA ILE E 33 -7.99 -19.12 -1.16
C ILE E 33 -6.55 -19.04 -1.74
N VAL E 34 -6.29 -19.74 -2.82
CA VAL E 34 -4.98 -19.73 -3.43
C VAL E 34 -5.18 -19.33 -4.89
N TYR E 35 -4.15 -18.75 -5.49
CA TYR E 35 -4.29 -18.18 -6.83
C TYR E 35 -3.19 -18.67 -7.77
N PRO E 36 -3.40 -19.84 -8.42
CA PRO E 36 -2.38 -20.28 -9.37
C PRO E 36 -2.26 -19.29 -10.54
N ASN E 37 -1.04 -19.14 -11.06
CA ASN E 37 -0.78 -18.25 -12.21
C ASN E 37 -1.42 -18.70 -13.54
N ASP E 38 -1.53 -20.00 -13.72
CA ASP E 38 -1.95 -20.55 -15.01
C ASP E 38 -2.33 -22.01 -14.81
N ARG E 39 -2.67 -22.67 -15.90
CA ARG E 39 -3.15 -24.03 -15.84
C ARG E 39 -2.14 -24.99 -15.17
N ASP E 40 -0.87 -24.94 -15.60
CA ASP E 40 0.15 -25.83 -15.05
C ASP E 40 0.39 -25.58 -13.56
N ASP E 41 0.33 -24.30 -13.15
CA ASP E 41 0.50 -23.93 -11.73
C ASP E 41 -0.61 -24.61 -10.91
N LEU E 42 -1.85 -24.51 -11.41
CA LEU E 42 -2.99 -25.14 -10.74
C LEU E 42 -2.80 -26.65 -10.61
N LEU E 43 -2.42 -27.32 -11.70
CA LEU E 43 -2.20 -28.78 -11.65
C LEU E 43 -1.14 -29.19 -10.64
N LYS E 44 -0.07 -28.40 -10.53
CA LYS E 44 0.96 -28.65 -9.47
C LYS E 44 0.43 -28.43 -8.08
N LEU E 45 -0.36 -27.37 -7.90
CA LEU E 45 -1.03 -27.16 -6.61
C LEU E 45 -1.87 -28.38 -6.23
N ILE E 46 -2.68 -28.86 -7.17
CA ILE E 46 -3.54 -30.05 -6.89
C ILE E 46 -2.64 -31.26 -6.55
N GLU E 47 -1.67 -31.52 -7.40
CA GLU E 47 -0.75 -32.64 -7.18
C GLU E 47 -0.04 -32.57 -5.83
N ASN E 48 0.34 -31.37 -5.38
CA ASN E 48 1.10 -31.23 -4.14
C ASN E 48 0.30 -31.03 -2.87
N ASN E 49 -1.01 -30.79 -2.99
CA ASN E 49 -1.81 -30.46 -1.82
C ASN E 49 -3.17 -31.20 -1.83
N ALA E 50 -3.24 -32.30 -1.10
CA ALA E 50 -4.48 -33.12 -0.98
C ALA E 50 -5.63 -32.36 -0.36
N ARG E 51 -5.32 -31.27 0.35
CA ARG E 51 -6.38 -30.50 1.06
C ARG E 51 -6.97 -29.39 0.19
N LEU E 52 -6.41 -29.21 -1.01
CA LEU E 52 -7.06 -28.42 -2.05
C LEU E 52 -8.33 -29.16 -2.48
N CYS E 53 -9.49 -28.58 -2.15
CA CYS E 53 -10.77 -29.28 -2.21
C CYS E 53 -11.77 -28.62 -3.15
N GLY E 54 -11.34 -27.62 -3.93
CA GLY E 54 -12.24 -27.01 -4.91
C GLY E 54 -11.48 -26.10 -5.86
N VAL E 55 -11.99 -25.95 -7.07
CA VAL E 55 -11.33 -25.04 -8.04
C VAL E 55 -12.43 -24.15 -8.65
N ILE E 56 -12.22 -22.83 -8.62
CA ILE E 56 -13.10 -21.86 -9.27
C ILE E 56 -12.41 -21.37 -10.54
N PHE E 57 -13.13 -21.34 -11.66
CA PHE E 57 -12.55 -20.87 -12.93
C PHE E 57 -13.65 -20.47 -13.92
N ASP E 58 -13.27 -19.62 -14.88
CA ASP E 58 -14.13 -19.30 -15.98
C ASP E 58 -14.24 -20.52 -16.90
N TRP E 59 -15.46 -21.02 -17.07
CA TRP E 59 -15.70 -22.23 -17.90
C TRP E 59 -15.08 -22.15 -19.30
N ASP E 60 -15.47 -21.15 -20.09
CA ASP E 60 -15.00 -21.02 -21.47
C ASP E 60 -13.47 -20.96 -21.57
N LYS E 61 -12.85 -20.15 -20.70
CA LYS E 61 -11.43 -19.95 -20.77
C LYS E 61 -10.65 -21.24 -20.51
N TYR E 62 -11.14 -22.09 -19.60
CA TYR E 62 -10.33 -23.17 -19.11
C TYR E 62 -10.84 -24.60 -19.20
N ASN E 63 -12.14 -24.81 -19.44
CA ASN E 63 -12.64 -26.22 -19.35
C ASN E 63 -11.87 -27.26 -20.23
N LEU E 64 -11.55 -26.90 -21.46
CA LEU E 64 -10.84 -27.82 -22.37
C LEU E 64 -9.39 -28.01 -21.95
N GLU E 65 -8.86 -27.13 -21.12
CA GLU E 65 -7.46 -27.22 -20.64
C GLU E 65 -7.33 -27.91 -19.27
N LEU E 66 -8.44 -27.99 -18.53
CA LEU E 66 -8.43 -28.47 -17.15
C LEU E 66 -9.15 -29.76 -16.89
N CYS E 67 -10.32 -29.95 -17.49
CA CYS E 67 -11.23 -31.00 -17.03
C CYS E 67 -10.63 -32.40 -17.16
N GLU E 68 -10.07 -32.72 -18.33
CA GLU E 68 -9.42 -34.03 -18.48
C GLU E 68 -8.23 -34.22 -17.54
N GLU E 69 -7.35 -33.22 -17.44
CA GLU E 69 -6.22 -33.30 -16.52
C GLU E 69 -6.63 -33.48 -15.07
N ILE E 70 -7.67 -32.76 -14.64
CA ILE E 70 -8.14 -32.95 -13.27
C ILE E 70 -8.73 -34.32 -13.04
N SER E 71 -9.57 -34.79 -13.97
CA SER E 71 -10.22 -36.10 -13.82
C SER E 71 -9.18 -37.24 -13.69
N LYS E 72 -8.00 -37.06 -14.28
CA LYS E 72 -6.91 -38.03 -14.15
C LYS E 72 -6.33 -38.09 -12.75
N MET E 73 -6.37 -36.98 -12.02
CA MET E 73 -5.84 -36.92 -10.66
C MET E 73 -6.85 -37.21 -9.57
N ASN E 74 -8.09 -36.75 -9.77
CA ASN E 74 -9.11 -36.84 -8.73
C ASN E 74 -10.50 -36.77 -9.34
N GLU E 75 -11.17 -37.93 -9.36
CA GLU E 75 -12.50 -38.09 -9.96
C GLU E 75 -13.57 -37.13 -9.40
N ASN E 76 -13.38 -36.56 -8.22
CA ASN E 76 -14.46 -36.33 -7.25
C ASN E 76 -14.24 -34.81 -6.93
N LEU E 77 -13.12 -34.24 -7.40
CA LEU E 77 -12.69 -32.89 -6.96
C LEU E 77 -13.71 -31.84 -7.45
N PRO E 78 -14.38 -31.11 -6.53
CA PRO E 78 -15.36 -30.10 -6.93
C PRO E 78 -14.80 -28.99 -7.83
N LEU E 79 -15.45 -28.82 -8.98
CA LEU E 79 -15.16 -27.73 -9.89
C LEU E 79 -16.31 -26.76 -9.84
N TYR E 80 -15.99 -25.47 -9.71
CA TYR E 80 -16.99 -24.41 -9.67
C TYR E 80 -16.77 -23.54 -10.92
N ALA E 81 -17.57 -23.82 -11.94
CA ALA E 81 -17.38 -23.32 -13.28
C ALA E 81 -18.29 -22.14 -13.50
N PHE E 82 -17.70 -21.00 -13.86
CA PHE E 82 -18.47 -19.79 -14.09
C PHE E 82 -18.76 -19.67 -15.58
N ALA E 83 -20.05 -19.62 -15.90
CA ALA E 83 -20.51 -19.73 -17.30
C ALA E 83 -20.79 -18.36 -17.94
N ASN E 84 -20.54 -18.28 -19.26
CA ASN E 84 -20.93 -17.16 -20.10
C ASN E 84 -22.26 -17.53 -20.75
N THR E 85 -22.93 -16.53 -21.32
CA THR E 85 -24.21 -16.73 -22.00
C THR E 85 -24.17 -17.95 -22.91
N TYR E 86 -23.12 -18.05 -23.73
CA TYR E 86 -23.02 -19.08 -24.74
C TYR E 86 -22.21 -20.30 -24.38
N SER E 87 -21.80 -20.44 -23.12
CA SER E 87 -21.07 -21.61 -22.65
C SER E 87 -21.80 -22.92 -22.98
N THR E 88 -21.04 -23.93 -23.40
CA THR E 88 -21.66 -25.22 -23.75
C THR E 88 -20.72 -26.35 -23.37
N LEU E 89 -21.15 -27.59 -23.58
CA LEU E 89 -20.36 -28.74 -23.18
C LEU E 89 -19.79 -29.44 -24.40
N ASP E 90 -18.47 -29.45 -24.49
CA ASP E 90 -17.78 -30.14 -25.58
C ASP E 90 -17.98 -31.65 -25.49
N VAL E 91 -18.15 -32.31 -26.65
CA VAL E 91 -18.19 -33.79 -26.66
C VAL E 91 -17.01 -34.48 -25.95
N SER E 92 -15.82 -33.85 -25.91
CA SER E 92 -14.68 -34.45 -25.24
C SER E 92 -14.89 -34.68 -23.73
N LEU E 93 -15.83 -33.97 -23.11
CA LEU E 93 -16.13 -34.13 -21.69
C LEU E 93 -17.01 -35.33 -21.35
N ASN E 94 -17.70 -35.89 -22.36
CA ASN E 94 -18.73 -36.93 -22.14
C ASN E 94 -18.35 -38.03 -21.15
N ASP E 95 -17.17 -38.60 -21.31
CA ASP E 95 -16.81 -39.78 -20.53
C ASP E 95 -15.92 -39.49 -19.34
N LEU E 96 -15.62 -38.21 -19.12
CA LEU E 96 -14.80 -37.86 -17.95
C LEU E 96 -15.61 -37.93 -16.67
N ARG E 97 -14.99 -38.34 -15.58
CA ARG E 97 -15.66 -38.22 -14.29
C ARG E 97 -15.33 -36.86 -13.71
N LEU E 98 -16.35 -36.00 -13.65
CA LEU E 98 -16.17 -34.62 -13.15
C LEU E 98 -17.29 -34.33 -12.17
N GLN E 99 -17.01 -33.49 -11.18
CA GLN E 99 -18.01 -32.96 -10.27
C GLN E 99 -18.07 -31.44 -10.52
N ILE E 100 -19.08 -30.97 -11.25
CA ILE E 100 -19.11 -29.58 -11.67
C ILE E 100 -20.38 -28.92 -11.16
N SER E 101 -20.19 -27.74 -10.55
CA SER E 101 -21.32 -26.85 -10.30
C SER E 101 -21.14 -25.63 -11.18
N PHE E 102 -22.23 -25.16 -11.81
CA PHE E 102 -22.18 -24.00 -12.72
C PHE E 102 -22.74 -22.80 -11.99
N PHE E 103 -22.06 -21.66 -12.13
CA PHE E 103 -22.45 -20.42 -11.50
C PHE E 103 -22.44 -19.31 -12.52
N GLU E 104 -23.14 -18.23 -12.21
CA GLU E 104 -23.19 -16.99 -13.03
C GLU E 104 -22.33 -15.91 -12.35
N TYR E 105 -21.79 -14.96 -13.12
CA TYR E 105 -21.11 -13.81 -12.54
C TYR E 105 -22.13 -12.72 -12.17
N ALA E 106 -22.33 -12.49 -10.89
CA ALA E 106 -23.31 -11.50 -10.42
C ALA E 106 -22.87 -10.89 -9.11
N LEU E 107 -23.04 -9.58 -9.02
CA LEU E 107 -22.77 -8.86 -7.77
C LEU E 107 -23.78 -9.30 -6.72
N GLY E 108 -23.29 -9.48 -5.51
CA GLY E 108 -24.15 -9.82 -4.39
C GLY E 108 -24.53 -11.29 -4.29
N ALA E 109 -24.07 -12.09 -5.22
CA ALA E 109 -24.33 -13.56 -5.19
C ALA E 109 -23.30 -14.35 -4.35
N ALA E 110 -22.24 -13.70 -3.89
CA ALA E 110 -21.13 -14.42 -3.26
C ALA E 110 -21.52 -15.21 -2.01
N GLU E 111 -22.37 -14.64 -1.16
CA GLU E 111 -22.75 -15.30 0.08
C GLU E 111 -23.45 -16.63 -0.24
N ASP E 112 -24.37 -16.60 -1.18
CA ASP E 112 -25.07 -17.82 -1.63
C ASP E 112 -24.14 -18.83 -2.28
N ILE E 113 -23.30 -18.38 -3.23
CA ILE E 113 -22.30 -19.26 -3.83
C ILE E 113 -21.35 -19.87 -2.81
N ALA E 114 -20.85 -19.06 -1.87
CA ALA E 114 -19.94 -19.58 -0.82
C ALA E 114 -20.63 -20.69 0.03
N ASN E 115 -21.90 -20.49 0.37
CA ASN E 115 -22.68 -21.53 1.10
C ASN E 115 -22.85 -22.82 0.27
N LYS E 116 -23.06 -22.68 -1.04
CA LYS E 116 -23.15 -23.84 -1.96
C LYS E 116 -21.81 -24.59 -2.08
N ILE E 117 -20.71 -23.83 -2.14
CA ILE E 117 -19.37 -24.40 -2.08
C ILE E 117 -19.09 -25.16 -0.78
N LYS E 118 -19.46 -24.57 0.36
CA LYS E 118 -19.38 -25.23 1.65
C LYS E 118 -20.15 -26.58 1.62
N GLN E 119 -21.37 -26.55 1.10
CA GLN E 119 -22.22 -27.74 0.99
C GLN E 119 -21.59 -28.81 0.10
N THR E 120 -21.04 -28.37 -1.03
CA THR E 120 -20.37 -29.28 -1.97
C THR E 120 -19.08 -29.87 -1.43
N THR E 121 -18.32 -29.07 -0.67
CA THR E 121 -17.17 -29.54 0.08
C THR E 121 -17.58 -30.65 1.08
N ASP E 122 -18.64 -30.43 1.85
CA ASP E 122 -19.13 -31.49 2.76
C ASP E 122 -19.58 -32.74 1.97
N GLU E 123 -20.21 -32.56 0.82
CA GLU E 123 -20.62 -33.71 -0.02
C GLU E 123 -19.42 -34.48 -0.57
N TYR E 124 -18.37 -33.75 -0.95
CA TYR E 124 -17.10 -34.31 -1.42
C TYR E 124 -16.42 -35.15 -0.31
N ILE E 125 -16.28 -34.54 0.87
CA ILE E 125 -15.77 -35.25 2.07
C ILE E 125 -16.57 -36.56 2.32
N ASN E 126 -17.89 -36.47 2.28
CA ASN E 126 -18.75 -37.63 2.55
C ASN E 126 -18.71 -38.68 1.43
N THR E 127 -18.36 -38.27 0.22
CA THR E 127 -18.13 -39.20 -0.88
C THR E 127 -16.84 -40.00 -0.71
N ILE E 128 -15.77 -39.33 -0.31
CA ILE E 128 -14.45 -39.98 -0.29
C ILE E 128 -14.19 -40.76 1.01
N LEU E 129 -14.83 -40.37 2.10
CA LEU E 129 -14.69 -41.13 3.36
C LEU E 129 -15.43 -42.46 3.22
N PRO E 130 -14.83 -43.57 3.72
CA PRO E 130 -15.57 -44.84 3.68
C PRO E 130 -16.63 -44.90 4.83
N PRO E 131 -17.58 -45.84 4.76
CA PRO E 131 -18.77 -45.82 5.64
C PRO E 131 -18.54 -45.91 7.15
N LEU E 132 -17.64 -46.77 7.64
CA LEU E 132 -17.46 -46.90 9.08
C LEU E 132 -16.74 -45.67 9.66
N THR E 133 -15.67 -45.27 8.98
CA THR E 133 -14.86 -44.12 9.40
C THR E 133 -15.77 -42.86 9.44
N LYS E 134 -16.57 -42.67 8.39
CA LYS E 134 -17.52 -41.56 8.34
C LYS E 134 -18.46 -41.58 9.54
N ALA E 135 -19.01 -42.76 9.85
CA ALA E 135 -19.88 -42.93 11.01
C ALA E 135 -19.18 -42.62 12.34
N LEU E 136 -17.92 -43.05 12.45
CA LEU E 136 -17.12 -42.83 13.65
C LEU E 136 -16.92 -41.33 13.87
N PHE E 137 -16.53 -40.63 12.81
CA PHE E 137 -16.26 -39.19 12.89
C PHE E 137 -17.55 -38.45 13.24
N LYS E 138 -18.65 -38.84 12.63
CA LYS E 138 -19.97 -38.25 12.94
C LYS E 138 -20.39 -38.45 14.41
N TYR E 139 -20.20 -39.68 14.92
CA TYR E 139 -20.45 -39.97 16.33
C TYR E 139 -19.63 -39.07 17.24
N VAL E 140 -18.34 -38.92 16.95
CA VAL E 140 -17.48 -38.03 17.76
C VAL E 140 -17.98 -36.58 17.80
N ARG E 141 -18.39 -36.05 16.65
CA ARG E 141 -18.96 -34.71 16.59
C ARG E 141 -20.33 -34.58 17.29
N GLU E 142 -21.16 -35.61 17.20
CA GLU E 142 -22.59 -35.50 17.54
C GLU E 142 -23.10 -36.35 18.72
N GLY E 143 -22.42 -37.45 19.05
CA GLY E 143 -22.97 -38.45 19.98
C GLY E 143 -22.91 -38.04 21.45
N LYS E 144 -23.69 -38.71 22.30
CA LYS E 144 -23.79 -38.34 23.72
C LYS E 144 -24.03 -39.47 24.73
N TYR E 145 -23.62 -40.68 24.39
CA TYR E 145 -23.84 -41.82 25.28
C TYR E 145 -23.07 -41.67 26.59
N THR E 146 -23.70 -42.04 27.70
CA THR E 146 -23.05 -42.07 29.00
C THR E 146 -23.32 -43.44 29.67
N PHE E 147 -22.53 -43.75 30.69
CA PHE E 147 -22.59 -45.07 31.39
C PHE E 147 -22.10 -46.18 30.47
N CYS E 148 -20.94 -45.85 29.91
CA CYS E 148 -20.33 -46.47 28.77
C CYS E 148 -18.96 -46.98 29.09
N THR E 149 -18.58 -48.11 28.49
CA THR E 149 -17.16 -48.47 28.40
C THR E 149 -16.71 -48.06 26.97
N PRO E 150 -15.41 -47.75 26.78
CA PRO E 150 -14.28 -47.72 27.74
C PRO E 150 -14.54 -46.86 28.96
N GLY E 151 -14.07 -47.29 30.12
CA GLY E 151 -14.29 -46.54 31.37
C GLY E 151 -13.82 -45.09 31.40
N HIS E 152 -12.99 -44.71 30.42
CA HIS E 152 -12.51 -43.35 30.35
C HIS E 152 -13.55 -42.36 29.81
N MET E 153 -14.53 -42.88 29.09
CA MET E 153 -15.66 -42.11 28.61
C MET E 153 -15.28 -40.87 27.82
N GLY E 154 -14.84 -41.09 26.59
CA GLY E 154 -14.38 -40.00 25.73
C GLY E 154 -13.19 -39.24 26.29
N GLY E 155 -12.41 -39.88 27.16
CA GLY E 155 -11.25 -39.23 27.78
C GLY E 155 -11.56 -38.46 29.06
N THR E 156 -12.83 -38.41 29.44
CA THR E 156 -13.31 -37.80 30.70
C THR E 156 -12.52 -38.21 31.93
N ALA E 157 -12.27 -39.52 32.09
CA ALA E 157 -11.57 -39.99 33.29
C ALA E 157 -10.13 -39.50 33.33
N PHE E 158 -9.54 -39.30 32.17
CA PHE E 158 -8.17 -38.80 32.13
C PHE E 158 -8.08 -37.36 32.66
N GLN E 159 -9.10 -36.56 32.40
CA GLN E 159 -9.03 -35.13 32.75
C GLN E 159 -9.08 -34.84 34.23
N LYS E 160 -9.46 -35.84 35.01
CA LYS E 160 -9.54 -35.70 36.47
C LYS E 160 -8.23 -36.00 37.18
N SER E 161 -7.18 -36.31 36.43
CA SER E 161 -5.92 -36.75 36.99
C SER E 161 -4.82 -35.85 36.43
N PRO E 162 -3.87 -35.38 37.27
CA PRO E 162 -2.76 -34.57 36.70
C PRO E 162 -2.00 -35.29 35.55
N VAL E 163 -1.51 -36.51 35.79
CA VAL E 163 -0.84 -37.26 34.73
C VAL E 163 -1.82 -37.65 33.59
N GLY E 164 -3.06 -38.00 33.95
CA GLY E 164 -4.08 -38.28 32.95
C GLY E 164 -4.31 -37.11 32.01
N SER E 165 -4.31 -35.89 32.56
CA SER E 165 -4.55 -34.69 31.72
C SER E 165 -3.43 -34.53 30.69
N LEU E 166 -2.19 -34.87 31.04
CA LEU E 166 -1.08 -34.80 30.11
C LEU E 166 -1.29 -35.77 28.95
N PHE E 167 -1.77 -36.98 29.29
CA PHE E 167 -2.02 -38.03 28.30
C PHE E 167 -3.15 -37.59 27.36
N TYR E 168 -4.25 -37.11 27.94
CA TYR E 168 -5.36 -36.59 27.17
C TYR E 168 -4.90 -35.43 26.25
N ASP E 169 -4.18 -34.47 26.83
CA ASP E 169 -3.72 -33.32 26.04
C ASP E 169 -2.78 -33.70 24.90
N PHE E 170 -1.95 -34.71 25.13
CA PHE E 170 -1.06 -35.20 24.06
C PHE E 170 -1.85 -35.77 22.89
N PHE E 171 -2.75 -36.71 23.17
CA PHE E 171 -3.51 -37.39 22.08
C PHE E 171 -4.64 -36.53 21.52
N GLY E 172 -5.26 -35.74 22.39
CA GLY E 172 -6.28 -34.77 21.97
C GLY E 172 -7.68 -35.35 21.99
N PRO E 173 -8.71 -34.48 21.97
CA PRO E 173 -10.10 -34.89 22.12
C PRO E 173 -10.60 -35.92 21.11
N ASN E 174 -10.34 -35.73 19.82
CA ASN E 174 -10.89 -36.65 18.78
C ASN E 174 -10.38 -38.09 19.00
N THR E 175 -9.07 -38.21 19.27
CA THR E 175 -8.48 -39.55 19.56
C THR E 175 -9.14 -40.20 20.77
N MET E 176 -9.33 -39.42 21.82
CA MET E 176 -9.95 -39.91 23.05
C MET E 176 -11.44 -40.26 22.85
N LYS E 177 -12.22 -39.39 22.20
CA LYS E 177 -13.64 -39.64 21.97
C LYS E 177 -13.93 -40.76 20.95
N SER E 178 -13.00 -41.03 20.04
CA SER E 178 -13.22 -42.06 19.05
C SER E 178 -12.91 -43.46 19.59
N ASP E 179 -12.42 -43.54 20.83
CA ASP E 179 -12.18 -44.83 21.48
C ASP E 179 -13.50 -45.26 22.14
N ILE E 180 -14.30 -45.99 21.37
CA ILE E 180 -15.65 -46.33 21.80
C ILE E 180 -15.83 -47.87 21.88
N SER E 181 -17.06 -48.32 22.11
CA SER E 181 -17.40 -49.74 22.16
C SER E 181 -18.77 -49.99 21.48
N ILE E 182 -19.18 -51.26 21.44
CA ILE E 182 -20.46 -51.64 20.80
C ILE E 182 -21.70 -50.98 21.45
N SER E 183 -21.52 -50.33 22.60
CA SER E 183 -22.54 -49.48 23.20
C SER E 183 -23.02 -48.39 22.23
N VAL E 184 -22.13 -47.95 21.35
CA VAL E 184 -22.49 -47.03 20.28
C VAL E 184 -23.10 -47.88 19.18
N SER E 185 -24.41 -48.06 19.26
CA SER E 185 -25.05 -49.13 18.49
C SER E 185 -25.11 -48.78 17.02
N GLU E 186 -25.16 -47.48 16.70
CA GLU E 186 -25.18 -47.04 15.29
C GLU E 186 -23.90 -47.40 14.50
N LEU E 187 -22.84 -47.79 15.18
CA LEU E 187 -21.66 -48.24 14.44
C LEU E 187 -21.66 -49.75 14.24
N GLY E 188 -22.66 -50.43 14.79
CA GLY E 188 -22.76 -51.88 14.59
C GLY E 188 -21.64 -52.55 15.39
N SER E 189 -21.16 -53.70 14.89
CA SER E 189 -20.23 -54.50 15.65
C SER E 189 -19.27 -55.24 14.74
N LEU E 190 -18.00 -55.21 15.10
CA LEU E 190 -16.95 -55.92 14.36
C LEU E 190 -17.18 -57.43 14.44
N LEU E 191 -17.39 -57.95 15.65
CA LEU E 191 -17.56 -59.39 15.87
C LEU E 191 -18.82 -59.96 15.23
N ASP E 192 -19.88 -59.16 15.17
CA ASP E 192 -21.15 -59.55 14.53
C ASP E 192 -21.13 -59.25 13.04
N HIS E 193 -20.11 -58.53 12.57
CA HIS E 193 -20.04 -58.06 11.18
C HIS E 193 -21.35 -57.35 10.81
N SER E 194 -21.74 -56.38 11.64
CA SER E 194 -23.06 -55.76 11.46
C SER E 194 -22.97 -54.26 11.20
N GLY E 195 -24.02 -53.67 10.61
CA GLY E 195 -24.09 -52.21 10.46
C GLY E 195 -22.93 -51.69 9.60
N PRO E 196 -22.40 -50.51 9.94
CA PRO E 196 -21.24 -49.95 9.27
C PRO E 196 -20.02 -50.90 9.21
N HIS E 197 -19.86 -51.83 10.15
CA HIS E 197 -18.76 -52.83 10.04
C HIS E 197 -18.92 -53.76 8.85
N LYS E 198 -20.15 -54.20 8.58
CA LYS E 198 -20.42 -54.97 7.39
C LYS E 198 -20.17 -54.11 6.16
N GLU E 199 -20.58 -52.83 6.20
CA GLU E 199 -20.34 -51.98 5.05
C GLU E 199 -18.82 -51.83 4.84
N ALA E 200 -18.05 -51.68 5.93
CA ALA E 200 -16.58 -51.55 5.83
C ALA E 200 -15.95 -52.80 5.20
N GLU E 201 -16.36 -53.98 5.66
CA GLU E 201 -15.83 -55.23 5.10
C GLU E 201 -16.13 -55.36 3.61
N GLN E 202 -17.36 -55.02 3.19
CA GLN E 202 -17.69 -55.13 1.78
C GLN E 202 -16.92 -54.08 0.94
N TYR E 203 -16.76 -52.89 1.52
CA TYR E 203 -16.02 -51.81 0.88
C TYR E 203 -14.56 -52.28 0.66
N ILE E 204 -13.98 -52.79 1.73
CA ILE E 204 -12.61 -53.32 1.69
C ILE E 204 -12.46 -54.43 0.65
N ALA E 205 -13.35 -55.43 0.70
CA ALA E 205 -13.29 -56.54 -0.26
C ALA E 205 -13.29 -56.08 -1.71
N ARG E 206 -14.13 -55.10 -2.03
CA ARG E 206 -14.14 -54.59 -3.38
C ARG E 206 -12.82 -53.88 -3.75
N VAL E 207 -12.30 -53.05 -2.85
CA VAL E 207 -11.05 -52.32 -3.15
C VAL E 207 -9.90 -53.32 -3.37
N PHE E 208 -9.88 -54.39 -2.56
CA PHE E 208 -8.75 -55.34 -2.54
C PHE E 208 -8.87 -56.59 -3.43
N ASN E 209 -9.94 -56.62 -4.22
CA ASN E 209 -10.21 -57.75 -5.13
C ASN E 209 -10.50 -59.06 -4.38
N ALA E 210 -11.20 -58.98 -3.26
CA ALA E 210 -11.56 -60.21 -2.50
C ALA E 210 -13.04 -60.55 -2.63
N ASP E 211 -13.40 -61.83 -2.45
CA ASP E 211 -14.82 -62.18 -2.25
C ASP E 211 -15.32 -61.66 -0.91
N ARG E 212 -14.47 -61.82 0.11
CA ARG E 212 -14.80 -61.47 1.49
CA ARG E 212 -14.78 -61.22 1.39
C ARG E 212 -13.51 -60.94 2.13
N SER E 213 -13.60 -59.94 2.99
CA SER E 213 -12.47 -59.43 3.77
C SER E 213 -12.86 -59.33 5.24
N TYR E 214 -11.86 -59.55 6.11
CA TYR E 214 -12.04 -59.44 7.54
C TYR E 214 -11.01 -58.43 8.03
N MET E 215 -11.42 -57.60 8.97
CA MET E 215 -10.51 -56.65 9.59
C MET E 215 -9.98 -57.27 10.88
N VAL E 216 -8.65 -57.30 11.00
CA VAL E 216 -8.04 -57.92 12.16
C VAL E 216 -7.33 -56.81 12.93
N THR E 217 -7.40 -56.83 14.26
CA THR E 217 -6.80 -55.73 15.06
C THR E 217 -5.68 -56.19 15.97
N ASN E 218 -5.11 -57.35 15.65
CA ASN E 218 -3.93 -57.80 16.32
C ASN E 218 -2.86 -58.28 15.33
N GLY E 219 -2.79 -57.60 14.18
CA GLY E 219 -1.69 -57.80 13.23
C GLY E 219 -1.85 -59.03 12.36
N THR E 220 -0.99 -59.16 11.36
CA THR E 220 -0.99 -60.33 10.51
C THR E 220 -0.53 -61.54 11.32
N SER E 221 0.24 -61.34 12.39
CA SER E 221 0.56 -62.39 13.35
C SER E 221 -0.69 -63.16 13.75
N THR E 222 -1.78 -62.42 13.95
CA THR E 222 -3.06 -63.02 14.34
C THR E 222 -3.87 -63.45 13.10
N ALA E 223 -3.84 -62.65 12.04
CA ALA E 223 -4.56 -63.02 10.80
C ALA E 223 -4.06 -64.40 10.32
N ASN E 224 -2.75 -64.64 10.38
CA ASN E 224 -2.17 -65.93 9.97
C ASN E 224 -2.78 -67.10 10.78
N LYS E 225 -2.99 -66.91 12.07
CA LYS E 225 -3.55 -67.95 12.95
C LYS E 225 -5.03 -68.21 12.75
N ILE E 226 -5.77 -67.16 12.43
CA ILE E 226 -7.19 -67.29 12.10
C ILE E 226 -7.37 -68.18 10.87
N VAL E 227 -6.69 -67.85 9.79
CA VAL E 227 -6.75 -68.63 8.60
C VAL E 227 -6.25 -70.06 8.89
N GLY E 228 -5.15 -70.17 9.60
CA GLY E 228 -4.52 -71.46 9.85
C GLY E 228 -5.41 -72.38 10.65
N MET E 229 -6.03 -71.86 11.69
CA MET E 229 -6.85 -72.69 12.58
C MET E 229 -8.15 -73.13 11.96
N TYR E 230 -8.79 -72.26 11.17
CA TYR E 230 -9.94 -72.67 10.37
C TYR E 230 -9.55 -73.82 9.39
N SER E 231 -8.33 -73.76 8.86
CA SER E 231 -7.93 -74.57 7.70
C SER E 231 -7.28 -75.93 8.02
N ALA E 232 -6.76 -76.06 9.24
CA ALA E 232 -5.93 -77.21 9.60
C ALA E 232 -6.33 -77.84 10.95
N PRO E 233 -7.30 -78.75 10.92
CA PRO E 233 -7.75 -79.48 12.13
C PRO E 233 -6.64 -80.34 12.71
N ALA E 234 -6.78 -80.72 13.99
CA ALA E 234 -5.81 -81.58 14.65
C ALA E 234 -5.64 -82.87 13.86
N GLY E 235 -4.41 -83.36 13.77
CA GLY E 235 -4.08 -84.59 13.03
C GLY E 235 -3.91 -84.37 11.53
N SER E 236 -4.12 -83.15 11.06
CA SER E 236 -3.92 -82.91 9.63
C SER E 236 -2.47 -82.57 9.30
N THR E 237 -2.17 -82.53 8.00
CA THR E 237 -0.87 -82.19 7.51
C THR E 237 -1.00 -80.87 6.78
N ILE E 238 -0.03 -79.98 6.96
CA ILE E 238 -0.02 -78.73 6.22
C ILE E 238 1.32 -78.56 5.47
N LEU E 239 1.27 -77.90 4.32
CA LEU E 239 2.48 -77.53 3.58
C LEU E 239 2.83 -76.12 4.03
N ILE E 240 4.05 -75.92 4.49
CA ILE E 240 4.44 -74.59 4.97
C ILE E 240 5.77 -74.10 4.42
N ASP E 241 5.78 -72.86 3.95
CA ASP E 241 7.01 -72.25 3.46
C ASP E 241 8.07 -72.30 4.57
N ARG E 242 9.23 -72.90 4.31
CA ARG E 242 10.32 -72.86 5.29
C ARG E 242 10.70 -71.41 5.62
N ASN E 243 10.53 -70.53 4.66
CA ASN E 243 10.74 -69.10 4.87
C ASN E 243 9.41 -68.57 5.43
N CYS E 244 9.15 -68.83 6.71
CA CYS E 244 7.84 -68.42 7.27
C CYS E 244 8.09 -67.50 8.42
N HIS E 245 7.19 -66.53 8.61
CA HIS E 245 7.25 -65.63 9.74
C HIS E 245 7.02 -66.42 11.03
N LYS E 246 7.61 -65.96 12.14
CA LYS E 246 7.46 -66.62 13.45
C LYS E 246 6.00 -66.91 13.83
N SER E 247 5.06 -66.08 13.35
CA SER E 247 3.65 -66.31 13.69
C SER E 247 3.16 -67.68 13.17
N LEU E 248 3.75 -68.16 12.08
CA LEU E 248 3.37 -69.45 11.51
C LEU E 248 4.04 -70.60 12.29
N THR E 249 5.21 -70.34 12.84
CA THR E 249 5.84 -71.26 13.80
C THR E 249 4.94 -71.33 15.03
N HIS E 250 4.45 -70.19 15.51
CA HIS E 250 3.50 -70.21 16.65
C HIS E 250 2.26 -70.97 16.36
N LEU E 251 1.70 -70.76 15.18
CA LEU E 251 0.55 -71.56 14.75
C LEU E 251 0.82 -73.09 14.88
N MET E 252 1.98 -73.54 14.40
CA MET E 252 2.34 -74.97 14.49
C MET E 252 2.52 -75.41 15.93
N MET E 253 3.01 -74.51 16.77
CA MET E 253 3.22 -74.82 18.17
C MET E 253 1.90 -74.97 18.92
N MET E 254 0.90 -74.30 18.43
CA MET E 254 -0.42 -74.22 19.02
C MET E 254 -1.43 -75.24 18.49
N SER E 255 -1.19 -75.76 17.28
CA SER E 255 -2.16 -76.60 16.59
C SER E 255 -1.51 -77.95 16.34
N ASP E 256 -2.25 -79.03 16.60
CA ASP E 256 -1.69 -80.38 16.53
C ASP E 256 -1.65 -80.82 15.07
N VAL E 257 -0.77 -80.19 14.29
CA VAL E 257 -0.62 -80.47 12.86
C VAL E 257 0.79 -81.00 12.58
N THR E 258 0.95 -81.65 11.44
CA THR E 258 2.26 -82.15 10.97
C THR E 258 2.72 -81.32 9.80
N PRO E 259 3.84 -80.58 9.95
CA PRO E 259 4.28 -79.80 8.81
C PRO E 259 5.09 -80.60 7.79
N ILE E 260 4.90 -80.26 6.52
CA ILE E 260 5.86 -80.62 5.46
C ILE E 260 6.32 -79.29 4.84
N TYR E 261 7.63 -79.09 4.72
CA TYR E 261 8.11 -77.76 4.33
C TYR E 261 8.35 -77.66 2.83
N PHE E 262 7.77 -76.62 2.23
CA PHE E 262 8.20 -76.10 0.95
C PHE E 262 9.63 -75.62 1.15
N ARG E 263 10.51 -75.87 0.21
CA ARG E 263 11.93 -75.59 0.39
C ARG E 263 12.31 -74.42 -0.56
N PRO E 264 12.55 -73.18 -0.02
CA PRO E 264 12.91 -72.04 -0.88
C PRO E 264 14.33 -72.22 -1.42
N THR E 265 14.74 -71.35 -2.33
CA THR E 265 16.11 -71.31 -2.81
C THR E 265 16.78 -70.12 -2.11
N ARG E 266 18.06 -69.91 -2.38
CA ARG E 266 18.78 -68.76 -1.89
C ARG E 266 19.98 -68.47 -2.81
N ASN E 267 20.54 -67.26 -2.72
CA ASN E 267 21.77 -66.96 -3.46
C ASN E 267 22.95 -66.75 -2.50
N ALA E 268 24.12 -66.43 -3.03
CA ALA E 268 25.36 -66.30 -2.22
C ALA E 268 25.33 -65.15 -1.24
N TYR E 269 24.57 -64.11 -1.59
CA TYR E 269 24.32 -62.98 -0.68
C TYR E 269 23.53 -63.39 0.57
N GLY E 270 22.82 -64.51 0.49
CA GLY E 270 21.97 -64.96 1.60
C GLY E 270 20.54 -64.49 1.40
N ILE E 271 20.24 -63.98 0.21
CA ILE E 271 18.90 -63.51 -0.13
C ILE E 271 18.03 -64.70 -0.53
N LEU E 272 16.83 -64.78 0.06
CA LEU E 272 15.92 -65.88 -0.22
C LEU E 272 15.36 -65.77 -1.59
N GLY E 273 15.19 -66.92 -2.27
CA GLY E 273 14.55 -66.97 -3.55
C GLY E 273 13.29 -67.80 -3.45
N GLY E 274 12.60 -67.99 -4.56
CA GLY E 274 11.35 -68.71 -4.55
C GLY E 274 11.47 -70.20 -4.33
N ILE E 275 10.46 -70.76 -3.67
CA ILE E 275 10.21 -72.20 -3.74
C ILE E 275 10.11 -72.62 -5.23
N PRO E 276 10.95 -73.58 -5.67
CA PRO E 276 10.87 -74.02 -7.08
C PRO E 276 9.54 -74.66 -7.50
N GLN E 277 9.24 -74.59 -8.79
CA GLN E 277 7.99 -75.12 -9.31
C GLN E 277 7.72 -76.59 -8.98
N SER E 278 8.77 -77.40 -8.94
CA SER E 278 8.59 -78.85 -8.70
C SER E 278 7.98 -79.10 -7.31
N GLU E 279 8.21 -78.16 -6.38
CA GLU E 279 7.69 -78.26 -4.98
C GLU E 279 6.18 -78.30 -4.88
N PHE E 280 5.52 -77.79 -5.92
CA PHE E 280 4.06 -77.63 -5.96
C PHE E 280 3.38 -78.80 -6.63
N GLN E 281 4.20 -79.66 -7.26
CA GLN E 281 3.70 -80.77 -8.07
C GLN E 281 3.24 -81.92 -7.18
N HIS E 282 2.16 -82.56 -7.61
CA HIS E 282 1.53 -83.64 -6.89
C HIS E 282 2.52 -84.75 -6.56
N ALA E 283 3.37 -85.16 -7.52
CA ALA E 283 4.34 -86.24 -7.22
C ALA E 283 5.29 -85.89 -6.09
N THR E 284 5.78 -84.65 -6.07
CA THR E 284 6.70 -84.26 -5.01
C THR E 284 6.02 -84.31 -3.64
N ILE E 285 4.81 -83.76 -3.56
CA ILE E 285 4.10 -83.72 -2.28
C ILE E 285 3.71 -85.13 -1.82
N ALA E 286 3.22 -85.97 -2.74
CA ALA E 286 2.81 -87.33 -2.36
C ALA E 286 4.00 -88.10 -1.78
N LYS E 287 5.17 -87.89 -2.36
CA LYS E 287 6.34 -88.60 -1.87
C LYS E 287 6.77 -88.12 -0.50
N ARG E 288 6.70 -86.79 -0.27
CA ARG E 288 6.97 -86.26 1.08
C ARG E 288 5.99 -86.75 2.12
N VAL E 289 4.72 -86.86 1.74
CA VAL E 289 3.70 -87.39 2.64
C VAL E 289 4.10 -88.83 3.06
N LYS E 290 4.41 -89.64 2.05
CA LYS E 290 4.90 -91.03 2.30
C LYS E 290 6.07 -91.09 3.31
N GLU E 291 6.98 -90.15 3.21
CA GLU E 291 8.18 -90.17 4.03
C GLU E 291 8.04 -89.51 5.42
N THR E 292 6.92 -88.85 5.67
CA THR E 292 6.72 -88.12 6.90
C THR E 292 5.78 -88.88 7.84
N PRO E 293 6.29 -89.26 9.02
CA PRO E 293 5.45 -90.04 9.97
C PRO E 293 4.19 -89.28 10.26
N ASN E 294 3.06 -89.98 10.17
CA ASN E 294 1.75 -89.45 10.49
C ASN E 294 1.16 -88.54 9.44
N ALA E 295 1.91 -88.19 8.40
CA ALA E 295 1.37 -87.29 7.37
C ALA E 295 0.26 -87.94 6.53
N THR E 296 -0.67 -87.09 6.06
CA THR E 296 -1.69 -87.46 5.09
C THR E 296 -1.70 -86.36 4.02
N TRP E 297 -2.56 -86.43 3.01
CA TRP E 297 -2.51 -85.41 1.96
C TRP E 297 -2.77 -84.02 2.58
N PRO E 298 -1.88 -83.02 2.32
CA PRO E 298 -2.09 -81.71 3.00
C PRO E 298 -3.45 -81.03 2.74
N VAL E 299 -4.05 -80.50 3.80
CA VAL E 299 -5.36 -79.84 3.66
C VAL E 299 -5.22 -78.30 3.47
N HIS E 300 -4.01 -77.80 3.65
CA HIS E 300 -3.76 -76.36 3.71
C HIS E 300 -2.28 -76.13 3.35
N ALA E 301 -2.01 -75.05 2.62
CA ALA E 301 -0.64 -74.68 2.23
C ALA E 301 -0.42 -73.18 2.49
N VAL E 302 0.76 -72.85 2.96
CA VAL E 302 1.12 -71.44 3.28
C VAL E 302 2.43 -71.09 2.57
N ILE E 303 2.36 -70.01 1.83
CA ILE E 303 3.48 -69.49 1.00
C ILE E 303 3.69 -68.01 1.33
N THR E 304 4.94 -67.64 1.63
CA THR E 304 5.29 -66.23 1.82
C THR E 304 5.49 -65.57 0.48
N ASN E 305 4.57 -64.67 0.14
CA ASN E 305 4.61 -63.92 -1.11
C ASN E 305 4.37 -62.42 -0.83
N SER E 306 5.28 -61.50 -1.18
CA SER E 306 6.60 -61.78 -1.74
C SER E 306 7.56 -62.20 -0.65
N THR E 307 8.79 -62.53 -1.03
CA THR E 307 9.86 -62.65 -0.03
C THR E 307 10.14 -61.24 0.50
N TYR E 308 10.82 -61.15 1.64
CA TYR E 308 11.19 -59.87 2.24
C TYR E 308 11.90 -58.95 1.22
N ASP E 309 12.85 -59.52 0.46
CA ASP E 309 13.62 -58.75 -0.56
C ASP E 309 12.91 -58.53 -1.88
N GLY E 310 11.61 -58.80 -1.90
CA GLY E 310 10.80 -58.39 -3.05
C GLY E 310 10.58 -59.38 -4.16
N LEU E 311 10.86 -60.66 -3.95
CA LEU E 311 10.57 -61.64 -5.00
C LEU E 311 9.14 -62.16 -4.94
N LEU E 312 8.40 -61.93 -6.00
CA LEU E 312 7.01 -62.34 -6.14
C LEU E 312 6.94 -63.60 -6.98
N TYR E 313 5.95 -64.43 -6.67
CA TYR E 313 5.73 -65.72 -7.38
C TYR E 313 4.77 -65.50 -8.49
N ASN E 314 4.86 -66.37 -9.49
CA ASN E 314 3.76 -66.58 -10.42
C ASN E 314 2.64 -67.33 -9.69
N THR E 315 1.64 -66.59 -9.20
CA THR E 315 0.60 -67.18 -8.38
C THR E 315 -0.46 -67.89 -9.27
N ASP E 316 -0.53 -67.52 -10.56
CA ASP E 316 -1.36 -68.25 -11.54
C ASP E 316 -0.87 -69.70 -11.59
N PHE E 317 0.44 -69.85 -11.72
CA PHE E 317 1.07 -71.17 -11.68
C PHE E 317 0.72 -71.95 -10.39
N ILE E 318 1.03 -71.36 -9.25
CA ILE E 318 0.72 -72.01 -7.97
C ILE E 318 -0.75 -72.42 -7.86
N LYS E 319 -1.68 -71.50 -8.16
CA LYS E 319 -3.11 -71.79 -8.03
C LYS E 319 -3.57 -72.92 -8.95
N LYS E 320 -2.98 -72.97 -10.16
CA LYS E 320 -3.30 -74.02 -11.13
C LYS E 320 -2.67 -75.38 -10.73
N THR E 321 -1.48 -75.35 -10.15
CA THR E 321 -0.66 -76.56 -9.99
C THR E 321 -0.83 -77.25 -8.65
N LEU E 322 -0.92 -76.48 -7.58
CA LEU E 322 -0.91 -77.02 -6.23
C LEU E 322 -2.26 -77.65 -5.90
N ASP E 323 -2.27 -78.97 -5.72
CA ASP E 323 -3.52 -79.75 -5.51
C ASP E 323 -3.91 -79.78 -4.05
N VAL E 324 -4.11 -78.60 -3.49
CA VAL E 324 -4.43 -78.46 -2.05
C VAL E 324 -5.66 -77.55 -2.03
N LYS E 325 -6.65 -77.90 -1.19
CA LYS E 325 -7.95 -77.20 -1.25
C LYS E 325 -7.96 -75.78 -0.63
N SER E 326 -6.89 -75.42 0.07
CA SER E 326 -6.79 -74.17 0.81
C SER E 326 -5.35 -73.66 0.68
N ILE E 327 -5.19 -72.52 0.05
CA ILE E 327 -3.84 -72.00 -0.23
C ILE E 327 -3.80 -70.54 0.28
N HIS E 328 -2.91 -70.28 1.23
CA HIS E 328 -2.79 -69.03 1.94
C HIS E 328 -1.45 -68.41 1.58
N PHE E 329 -1.53 -67.24 0.95
CA PHE E 329 -0.35 -66.40 0.74
C PHE E 329 -0.19 -65.42 1.91
N ASP E 330 0.83 -65.60 2.74
CA ASP E 330 1.18 -64.61 3.75
C ASP E 330 1.78 -63.44 2.96
N SER E 331 0.95 -62.41 2.77
CA SER E 331 1.28 -61.25 1.94
C SER E 331 1.53 -59.97 2.74
N ALA E 332 2.04 -60.13 3.96
CA ALA E 332 2.31 -59.02 4.86
C ALA E 332 3.09 -57.89 4.20
N TRP E 333 4.04 -58.24 3.34
CA TRP E 333 4.91 -57.26 2.68
C TRP E 333 4.37 -56.62 1.41
N VAL E 334 3.24 -57.14 0.92
CA VAL E 334 2.73 -56.69 -0.36
C VAL E 334 1.21 -56.38 -0.33
N PRO E 335 0.79 -55.48 0.57
CA PRO E 335 -0.64 -55.14 0.64
C PRO E 335 -1.15 -54.32 -0.54
N TYR E 336 -0.26 -53.88 -1.43
CA TYR E 336 -0.62 -52.88 -2.45
C TYR E 336 -0.77 -53.48 -3.87
N THR E 337 -0.73 -54.80 -3.97
CA THR E 337 -0.64 -55.45 -5.26
C THR E 337 -1.85 -55.26 -6.14
N ASN E 338 -3.02 -55.05 -5.54
CA ASN E 338 -4.20 -54.88 -6.35
C ASN E 338 -4.23 -53.54 -7.04
N PHE E 339 -3.29 -52.65 -6.74
CA PHE E 339 -3.42 -51.23 -7.17
C PHE E 339 -2.54 -50.80 -8.32
N SER E 340 -1.73 -51.73 -8.83
CA SER E 340 -0.99 -51.54 -10.07
C SER E 340 -1.07 -52.82 -10.90
N PRO E 341 -1.32 -52.70 -12.22
CA PRO E 341 -1.33 -53.88 -13.08
C PRO E 341 0.02 -54.61 -13.17
N ILE E 342 1.09 -54.00 -12.68
CA ILE E 342 2.37 -54.72 -12.71
C ILE E 342 2.35 -55.96 -11.80
N TYR E 343 1.42 -56.00 -10.83
CA TYR E 343 1.34 -57.13 -9.92
C TYR E 343 0.34 -58.22 -10.33
N GLU E 344 -0.32 -58.04 -11.47
CA GLU E 344 -1.27 -59.04 -11.96
C GLU E 344 -0.57 -60.42 -12.16
N GLY E 345 -1.20 -61.50 -11.71
CA GLY E 345 -0.61 -62.84 -11.79
C GLY E 345 0.49 -63.12 -10.81
N LYS E 346 0.68 -62.20 -9.85
CA LYS E 346 1.77 -62.24 -8.89
C LYS E 346 1.29 -62.05 -7.45
N CYS E 347 -0.01 -62.17 -7.20
CA CYS E 347 -0.56 -62.00 -5.84
C CYS E 347 -1.74 -62.95 -5.66
N GLY E 348 -2.04 -63.32 -4.41
CA GLY E 348 -3.06 -64.35 -4.17
C GLY E 348 -4.42 -64.02 -4.73
N MET E 349 -4.84 -62.76 -4.61
CA MET E 349 -6.17 -62.31 -5.05
C MET E 349 -6.28 -62.10 -6.54
N SER E 350 -5.16 -62.15 -7.26
CA SER E 350 -5.19 -61.89 -8.70
C SER E 350 -6.04 -62.94 -9.43
N GLY E 351 -6.84 -62.50 -10.39
CA GLY E 351 -7.64 -63.42 -11.17
C GLY E 351 -8.92 -63.78 -10.46
N GLY E 352 -9.46 -64.95 -10.80
CA GLY E 352 -10.76 -65.32 -10.27
C GLY E 352 -10.63 -66.50 -9.33
N ARG E 353 -11.77 -67.00 -8.90
CA ARG E 353 -11.85 -68.23 -8.13
C ARG E 353 -11.17 -69.40 -8.83
N VAL E 354 -10.73 -70.35 -8.03
CA VAL E 354 -10.17 -71.57 -8.55
C VAL E 354 -11.15 -72.59 -8.07
N GLU E 355 -11.77 -73.34 -8.99
CA GLU E 355 -12.75 -74.34 -8.57
C GLU E 355 -12.18 -75.37 -7.60
N GLY E 356 -12.92 -75.60 -6.52
CA GLY E 356 -12.50 -76.52 -5.49
C GLY E 356 -11.41 -76.06 -4.55
N LYS E 357 -11.02 -74.79 -4.64
CA LYS E 357 -9.99 -74.24 -3.75
C LYS E 357 -10.48 -72.92 -3.11
N VAL E 358 -10.00 -72.65 -1.90
CA VAL E 358 -10.11 -71.31 -1.31
C VAL E 358 -8.68 -70.74 -1.22
N ILE E 359 -8.54 -69.48 -1.64
CA ILE E 359 -7.25 -68.79 -1.63
C ILE E 359 -7.36 -67.63 -0.64
N TYR E 360 -6.33 -67.40 0.14
CA TYR E 360 -6.26 -66.26 1.07
C TYR E 360 -5.03 -65.40 0.81
N GLU E 361 -5.18 -64.10 1.10
CA GLU E 361 -4.03 -63.27 1.45
C GLU E 361 -4.23 -62.77 2.86
N THR E 362 -3.15 -62.72 3.61
CA THR E 362 -3.14 -61.90 4.84
C THR E 362 -2.16 -60.76 4.63
N GLN E 363 -2.53 -59.56 5.08
CA GLN E 363 -1.74 -58.37 4.75
C GLN E 363 -1.63 -57.51 6.00
N SER E 364 -0.43 -57.03 6.24
CA SER E 364 -0.19 -56.05 7.27
C SER E 364 -0.43 -54.67 6.71
N THR E 365 -1.65 -54.18 6.82
CA THR E 365 -2.01 -52.84 6.29
C THR E 365 -1.05 -51.75 6.81
N HIS E 366 -0.64 -51.87 8.07
CA HIS E 366 0.21 -50.89 8.71
C HIS E 366 1.65 -50.87 8.17
N1 LLP E 367 4.16 -62.34 8.09
C2 LLP E 367 5.18 -61.65 7.48
C2' LLP E 367 5.78 -62.21 6.21
C3 LLP E 367 5.59 -60.44 8.06
O3 LLP E 367 6.49 -59.76 7.54
C4 LLP E 367 4.98 -59.94 9.25
C4' LLP E 367 5.42 -58.64 9.87
C5 LLP E 367 3.98 -60.70 9.85
C6 LLP E 367 3.57 -61.89 9.25
C5' LLP E 367 3.35 -60.22 11.11
OP4 LLP E 367 2.52 -59.01 11.06
P LLP E 367 2.14 -58.06 12.32
OP1 LLP E 367 1.20 -57.21 11.59
OP2 LLP E 367 3.45 -57.47 12.70
OP3 LLP E 367 1.65 -59.05 13.34
N LLP E 367 2.14 -51.98 7.58
CA LLP E 367 3.53 -52.02 7.10
CB LLP E 367 4.05 -53.45 6.85
CG LLP E 367 4.31 -54.22 8.12
CD LLP E 367 4.87 -55.63 7.79
CE LLP E 367 4.93 -56.45 9.09
NZ LLP E 367 5.67 -57.74 8.90
C LLP E 367 3.74 -51.21 5.84
O LLP E 367 4.61 -50.32 5.82
N LEU E 368 2.98 -51.51 4.79
CA LEU E 368 3.27 -50.85 3.49
C LEU E 368 2.06 -50.16 2.86
N LEU E 369 1.01 -49.99 3.65
CA LEU E 369 -0.02 -49.02 3.28
C LEU E 369 -0.04 -48.02 4.45
N ALA E 370 -1.11 -47.25 4.61
CA ALA E 370 -1.15 -46.29 5.71
C ALA E 370 -2.26 -46.72 6.65
N ALA E 371 -1.88 -47.25 7.80
CA ALA E 371 -2.87 -47.69 8.80
C ALA E 371 -2.18 -47.77 10.14
N PHE E 372 -2.94 -47.77 11.23
CA PHE E 372 -2.31 -47.87 12.53
C PHE E 372 -1.70 -49.29 12.75
N SER E 373 -0.64 -49.36 13.56
CA SER E 373 -0.05 -50.62 13.99
C SER E 373 -1.14 -51.52 14.54
N GLN E 374 -1.02 -52.79 14.15
CA GLN E 374 -1.97 -53.88 14.47
C GLN E 374 -3.07 -54.04 13.45
N ALA E 375 -3.21 -53.09 12.52
CA ALA E 375 -4.24 -53.19 11.50
C ALA E 375 -3.83 -54.27 10.50
N SER E 376 -4.71 -55.26 10.26
CA SER E 376 -4.40 -56.33 9.33
C SER E 376 -5.67 -56.73 8.57
N MET E 377 -5.52 -57.29 7.38
CA MET E 377 -6.66 -57.79 6.63
C MET E 377 -6.50 -59.26 6.26
N ILE E 378 -7.61 -59.99 6.30
CA ILE E 378 -7.72 -61.31 5.64
C ILE E 378 -8.60 -61.15 4.42
N HIS E 379 -8.12 -61.59 3.24
CA HIS E 379 -8.86 -61.55 2.01
C HIS E 379 -9.09 -62.98 1.57
N VAL E 380 -10.33 -63.27 1.18
CA VAL E 380 -10.73 -64.62 0.83
C VAL E 380 -11.24 -64.62 -0.59
N LYS E 381 -10.81 -65.60 -1.37
CA LYS E 381 -11.34 -65.78 -2.71
C LYS E 381 -11.75 -67.24 -2.84
N GLY E 382 -13.04 -67.50 -2.94
CA GLY E 382 -13.52 -68.88 -2.85
C GLY E 382 -14.45 -69.03 -1.66
N ASP E 383 -14.92 -70.26 -1.44
CA ASP E 383 -15.97 -70.44 -0.46
C ASP E 383 -15.38 -70.83 0.88
N VAL E 384 -15.92 -70.24 1.95
CA VAL E 384 -15.65 -70.76 3.29
C VAL E 384 -16.99 -71.05 3.97
N ASN E 385 -16.95 -71.88 5.01
CA ASN E 385 -18.10 -72.01 5.91
C ASN E 385 -18.07 -70.81 6.81
N GLU E 386 -19.03 -69.95 6.55
CA GLU E 386 -19.02 -68.64 7.17
C GLU E 386 -19.12 -68.65 8.68
N GLU E 387 -19.98 -69.50 9.23
CA GLU E 387 -20.08 -69.64 10.66
C GLU E 387 -18.82 -70.19 11.28
N THR E 388 -18.25 -71.23 10.67
CA THR E 388 -17.02 -71.80 11.26
C THR E 388 -15.85 -70.82 11.14
N PHE E 389 -15.74 -70.14 9.99
CA PHE E 389 -14.67 -69.17 9.82
C PHE E 389 -14.83 -68.08 10.87
N ASN E 390 -16.05 -67.62 11.11
CA ASN E 390 -16.25 -66.64 12.21
C ASN E 390 -15.88 -67.12 13.61
N GLU E 391 -16.09 -68.40 13.91
CA GLU E 391 -15.57 -68.93 15.19
C GLU E 391 -14.05 -68.79 15.27
N ALA E 392 -13.33 -69.16 14.22
CA ALA E 392 -11.84 -69.04 14.22
C ALA E 392 -11.43 -67.56 14.36
N TYR E 393 -12.17 -66.69 13.70
CA TYR E 393 -11.90 -65.25 13.77
C TYR E 393 -12.13 -64.72 15.21
N MET E 394 -13.27 -65.06 15.78
CA MET E 394 -13.61 -64.65 17.14
C MET E 394 -12.66 -65.18 18.18
N MET E 395 -12.10 -66.38 17.95
CA MET E 395 -11.15 -66.98 18.88
C MET E 395 -9.89 -66.19 19.09
N HIS E 396 -9.52 -65.39 18.08
CA HIS E 396 -8.32 -64.59 18.18
C HIS E 396 -8.62 -63.09 18.22
N THR E 397 -9.89 -62.71 18.18
CA THR E 397 -10.26 -61.28 18.19
C THR E 397 -10.83 -60.87 19.54
N THR E 398 -10.41 -59.73 20.06
CA THR E 398 -10.86 -59.24 21.34
C THR E 398 -12.33 -58.87 21.25
N THR E 399 -13.03 -58.94 22.38
CA THR E 399 -14.40 -58.47 22.46
C THR E 399 -14.48 -56.93 22.58
N SER E 400 -13.34 -56.26 22.77
CA SER E 400 -13.32 -54.80 22.86
C SER E 400 -12.36 -54.20 21.83
N PRO E 401 -12.67 -54.30 20.53
CA PRO E 401 -11.73 -53.82 19.51
C PRO E 401 -11.52 -52.30 19.55
N HIS E 402 -10.32 -51.89 19.17
CA HIS E 402 -9.94 -50.47 19.10
C HIS E 402 -10.51 -49.91 17.80
N TYR E 403 -11.48 -49.00 17.89
CA TYR E 403 -12.14 -48.49 16.66
C TYR E 403 -11.22 -47.64 15.79
N GLY E 404 -10.19 -47.04 16.37
CA GLY E 404 -9.19 -46.29 15.54
C GLY E 404 -8.41 -47.20 14.58
N ILE E 405 -7.96 -48.32 15.13
CA ILE E 405 -7.27 -49.35 14.35
C ILE E 405 -8.22 -49.86 13.26
N VAL E 406 -9.45 -50.19 13.65
CA VAL E 406 -10.46 -50.65 12.67
C VAL E 406 -10.70 -49.58 11.60
N ALA E 407 -10.96 -48.34 12.02
CA ALA E 407 -11.22 -47.27 11.05
C ALA E 407 -10.04 -47.05 10.09
N SER E 408 -8.81 -47.16 10.60
CA SER E 408 -7.61 -47.00 9.77
C SER E 408 -7.48 -48.10 8.71
N THR E 409 -8.00 -49.29 9.00
CA THR E 409 -7.97 -50.43 8.09
C THR E 409 -8.93 -50.10 6.94
N GLU E 410 -10.12 -49.59 7.26
CA GLU E 410 -11.08 -49.26 6.21
C GLU E 410 -10.59 -48.00 5.44
N THR E 411 -10.04 -47.04 6.17
CA THR E 411 -9.54 -45.82 5.49
C THR E 411 -8.36 -46.12 4.55
N ALA E 412 -7.53 -47.11 4.90
CA ALA E 412 -6.47 -47.54 3.99
C ALA E 412 -7.04 -47.97 2.64
N ALA E 413 -8.19 -48.67 2.69
CA ALA E 413 -8.92 -49.01 1.48
C ALA E 413 -9.43 -47.77 0.72
N ALA E 414 -10.07 -46.84 1.44
CA ALA E 414 -10.53 -45.59 0.81
C ALA E 414 -9.39 -44.84 0.10
N MET E 415 -8.20 -44.82 0.72
CA MET E 415 -7.02 -44.16 0.15
C MET E 415 -6.55 -44.79 -1.16
N MET E 416 -6.73 -46.10 -1.29
CA MET E 416 -6.24 -46.84 -2.45
C MET E 416 -7.22 -46.93 -3.59
N LYS E 417 -8.44 -46.45 -3.35
CA LYS E 417 -9.52 -46.45 -4.34
C LYS E 417 -9.28 -45.51 -5.54
N GLY E 418 -9.80 -45.84 -6.72
CA GLY E 418 -9.83 -44.90 -7.86
C GLY E 418 -8.49 -44.36 -8.36
N ASN E 419 -8.52 -43.22 -9.07
CA ASN E 419 -7.33 -42.63 -9.68
C ASN E 419 -6.34 -42.08 -8.66
N ALA E 420 -6.86 -41.49 -7.57
CA ALA E 420 -5.97 -41.01 -6.54
C ALA E 420 -5.18 -42.18 -5.90
N GLY E 421 -5.85 -43.31 -5.69
CA GLY E 421 -5.19 -44.52 -5.22
C GLY E 421 -4.11 -45.11 -6.14
N LYS E 422 -4.43 -45.19 -7.42
CA LYS E 422 -3.47 -45.65 -8.43
C LYS E 422 -2.26 -44.74 -8.47
N ARG E 423 -2.46 -43.43 -8.35
CA ARG E 423 -1.36 -42.50 -8.42
C ARG E 423 -0.44 -42.62 -7.21
N LEU E 424 -0.99 -42.90 -6.01
CA LEU E 424 -0.15 -43.20 -4.83
C LEU E 424 0.81 -44.36 -5.08
N ILE E 425 0.26 -45.48 -5.55
CA ILE E 425 1.11 -46.64 -5.81
C ILE E 425 2.06 -46.41 -7.02
N ASN E 426 1.55 -45.84 -8.11
CA ASN E 426 2.40 -45.50 -9.27
C ASN E 426 3.55 -44.63 -8.85
N GLY E 427 3.24 -43.63 -8.02
CA GLY E 427 4.25 -42.73 -7.45
C GLY E 427 5.36 -43.48 -6.72
N SER E 428 5.00 -44.42 -5.85
CA SER E 428 6.03 -45.15 -5.10
C SER E 428 6.88 -46.02 -6.03
N ILE E 429 6.25 -46.60 -7.06
CA ILE E 429 6.96 -47.39 -8.07
C ILE E 429 7.94 -46.50 -8.92
N GLU E 430 7.45 -45.39 -9.42
CA GLU E 430 8.28 -44.41 -10.14
C GLU E 430 9.46 -43.93 -9.31
N ARG E 431 9.23 -43.61 -8.04
CA ARG E 431 10.31 -43.14 -7.18
C ARG E 431 11.35 -44.23 -6.91
N ALA E 432 10.89 -45.46 -6.71
CA ALA E 432 11.83 -46.60 -6.56
C ALA E 432 12.73 -46.75 -7.80
N ILE E 433 12.11 -46.72 -8.97
CA ILE E 433 12.81 -46.88 -10.22
C ILE E 433 13.79 -45.72 -10.47
N LYS E 434 13.34 -44.49 -10.22
CA LYS E 434 14.24 -43.31 -10.21
C LYS E 434 15.45 -43.51 -9.37
N PHE E 435 15.29 -43.99 -8.15
CA PHE E 435 16.41 -44.17 -7.22
C PHE E 435 17.34 -45.30 -7.70
N ARG E 436 16.73 -46.39 -8.20
CA ARG E 436 17.51 -47.50 -8.76
C ARG E 436 18.43 -47.01 -9.91
N LYS E 437 17.86 -46.22 -10.81
CA LYS E 437 18.64 -45.63 -11.92
C LYS E 437 19.72 -44.66 -11.43
N GLU E 438 19.44 -43.90 -10.38
CA GLU E 438 20.46 -43.00 -9.78
C GLU E 438 21.66 -43.77 -9.19
N ILE E 439 21.38 -44.89 -8.55
CA ILE E 439 22.51 -45.72 -8.07
C ILE E 439 23.40 -46.18 -9.23
N LYS E 440 22.78 -46.69 -10.29
CA LYS E 440 23.50 -47.20 -11.45
C LYS E 440 24.27 -46.05 -12.13
N ARG E 441 23.67 -44.88 -12.23
CA ARG E 441 24.37 -43.70 -12.77
C ARG E 441 25.55 -43.27 -11.90
N LEU E 442 25.36 -43.18 -10.59
CA LEU E 442 26.48 -42.75 -9.73
C LEU E 442 27.59 -43.79 -9.69
N ARG E 443 27.20 -45.04 -9.86
CA ARG E 443 28.16 -46.14 -9.96
C ARG E 443 29.10 -45.91 -11.17
N THR E 444 28.53 -45.53 -12.31
CA THR E 444 29.31 -45.16 -13.53
C THR E 444 30.14 -43.89 -13.34
N GLU E 445 29.57 -42.87 -12.68
CA GLU E 445 30.18 -41.53 -12.67
C GLU E 445 31.20 -41.33 -11.59
N SER E 446 31.10 -42.11 -10.55
CA SER E 446 31.88 -41.85 -9.36
C SER E 446 33.31 -42.42 -9.49
N ASP E 447 34.19 -41.97 -8.60
CA ASP E 447 35.61 -42.31 -8.64
C ASP E 447 35.88 -43.58 -7.84
N GLY E 448 36.16 -44.67 -8.54
CA GLY E 448 36.41 -45.92 -7.86
C GLY E 448 35.10 -46.60 -7.47
N TRP E 449 35.16 -47.37 -6.39
CA TRP E 449 34.06 -48.22 -5.95
C TRP E 449 32.76 -47.42 -5.72
N PHE E 450 31.62 -48.08 -5.94
CA PHE E 450 30.36 -47.55 -5.48
C PHE E 450 29.42 -48.71 -5.09
N PHE E 451 28.29 -48.36 -4.51
CA PHE E 451 27.18 -49.29 -4.25
C PHE E 451 26.70 -49.82 -5.59
N ASP E 452 26.08 -51.00 -5.58
CA ASP E 452 25.37 -51.46 -6.74
C ASP E 452 23.93 -51.69 -6.36
N VAL E 453 23.05 -51.87 -7.34
CA VAL E 453 21.67 -52.29 -7.06
C VAL E 453 21.46 -53.72 -7.57
N TRP E 454 20.75 -54.53 -6.81
CA TRP E 454 20.46 -55.92 -7.19
C TRP E 454 19.21 -55.94 -8.07
N GLN E 455 19.40 -56.06 -9.40
CA GLN E 455 18.32 -55.90 -10.38
C GLN E 455 18.85 -56.24 -11.77
N PRO E 456 17.96 -56.41 -12.78
CA PRO E 456 18.44 -56.67 -14.13
C PRO E 456 19.38 -55.60 -14.61
N ASP E 457 20.22 -55.97 -15.57
CA ASP E 457 21.15 -55.03 -16.16
C ASP E 457 20.43 -53.88 -16.84
N HIS E 458 19.26 -54.08 -17.42
CA HIS E 458 18.43 -52.94 -17.90
C HIS E 458 17.14 -52.99 -17.12
N ILE E 459 16.82 -51.90 -16.44
CA ILE E 459 15.40 -51.63 -16.24
C ILE E 459 14.68 -50.51 -16.96
N ASP E 460 14.71 -50.60 -18.29
CA ASP E 460 14.03 -49.62 -19.12
C ASP E 460 12.52 -49.84 -19.21
N THR E 461 11.99 -50.68 -18.33
CA THR E 461 10.58 -51.02 -18.37
C THR E 461 10.02 -50.90 -16.94
N THR E 462 8.74 -50.54 -16.82
CA THR E 462 8.08 -50.50 -15.52
C THR E 462 7.26 -51.77 -15.32
N GLU E 463 7.82 -52.72 -14.58
CA GLU E 463 7.16 -54.01 -14.38
C GLU E 463 7.83 -54.64 -13.20
N CYS E 464 7.29 -55.79 -12.73
CA CYS E 464 8.05 -56.60 -11.81
C CYS E 464 8.93 -57.45 -12.73
N TRP E 465 10.21 -57.09 -12.84
CA TRP E 465 11.13 -57.67 -13.84
C TRP E 465 11.30 -59.17 -13.58
N PRO E 466 11.04 -60.02 -14.59
CA PRO E 466 11.18 -61.48 -14.42
C PRO E 466 12.62 -61.88 -14.19
N LEU E 467 12.81 -62.86 -13.32
CA LEU E 467 14.11 -63.49 -13.12
C LEU E 467 14.22 -64.60 -14.16
N ARG E 468 15.23 -64.46 -15.02
CA ARG E 468 15.42 -65.38 -16.14
C ARG E 468 16.62 -66.28 -15.93
N SER E 469 16.53 -67.53 -16.39
CA SER E 469 17.65 -68.50 -16.26
C SER E 469 18.87 -68.07 -17.08
N ASP E 470 18.68 -67.26 -18.10
CA ASP E 470 19.80 -66.79 -18.93
C ASP E 470 20.47 -65.50 -18.39
N SER E 471 20.07 -65.08 -17.19
CA SER E 471 20.60 -63.88 -16.51
C SER E 471 21.30 -64.19 -15.21
N THR E 472 22.41 -63.53 -14.98
CA THR E 472 23.20 -63.84 -13.80
C THR E 472 22.93 -62.91 -12.61
N TRP E 473 22.21 -61.79 -12.82
CA TRP E 473 22.21 -60.72 -11.79
C TRP E 473 21.66 -61.21 -10.47
N HIS E 474 20.66 -62.09 -10.52
CA HIS E 474 19.92 -62.48 -9.32
C HIS E 474 20.64 -63.53 -8.49
N GLY E 475 21.61 -64.22 -9.10
CA GLY E 475 22.43 -65.19 -8.37
C GLY E 475 21.81 -66.57 -8.10
N PHE E 476 20.61 -66.83 -8.63
CA PHE E 476 19.94 -68.13 -8.41
C PHE E 476 20.32 -69.08 -9.55
N LYS E 477 20.73 -70.28 -9.17
CA LYS E 477 21.23 -71.27 -10.11
C LYS E 477 20.01 -72.09 -10.61
N ASN E 478 19.95 -72.28 -11.93
CA ASN E 478 18.91 -73.06 -12.65
C ASN E 478 17.48 -72.69 -12.23
N ILE E 479 17.20 -71.38 -12.26
CA ILE E 479 15.89 -70.93 -11.80
C ILE E 479 14.82 -71.36 -12.79
N ASP E 480 13.63 -71.70 -12.30
CA ASP E 480 12.49 -71.87 -13.22
C ASP E 480 12.18 -70.50 -13.82
N ASN E 481 11.89 -70.49 -15.12
CA ASN E 481 11.53 -69.28 -15.83
C ASN E 481 10.02 -69.07 -15.69
N GLU E 482 9.57 -67.83 -15.94
CA GLU E 482 8.20 -67.41 -15.69
C GLU E 482 7.70 -67.86 -14.31
N HIS E 483 8.53 -67.64 -13.31
CA HIS E 483 8.25 -68.08 -11.95
C HIS E 483 8.36 -66.95 -10.92
N MET E 484 9.50 -66.29 -10.89
CA MET E 484 9.81 -65.25 -9.89
C MET E 484 9.98 -63.90 -10.58
N TYR E 485 9.60 -62.83 -9.89
CA TYR E 485 9.68 -61.46 -10.47
C TYR E 485 10.16 -60.52 -9.35
N LEU E 486 10.92 -59.50 -9.72
CA LEU E 486 11.38 -58.52 -8.73
C LEU E 486 10.41 -57.31 -8.60
N ASP E 487 9.87 -57.09 -7.41
CA ASP E 487 9.03 -55.93 -7.11
C ASP E 487 9.91 -54.66 -7.09
N PRO E 488 9.67 -53.70 -8.01
CA PRO E 488 10.51 -52.49 -8.07
C PRO E 488 10.64 -51.76 -6.72
N ILE E 489 9.65 -51.84 -5.83
CA ILE E 489 9.74 -51.00 -4.63
C ILE E 489 10.62 -51.53 -3.52
N LYS E 490 11.05 -52.79 -3.63
CA LYS E 490 11.94 -53.37 -2.63
C LYS E 490 13.35 -53.28 -3.16
N VAL E 491 14.07 -52.26 -2.72
CA VAL E 491 15.34 -51.91 -3.35
C VAL E 491 16.52 -52.44 -2.54
N THR E 492 17.27 -53.35 -3.15
CA THR E 492 18.43 -53.96 -2.48
C THR E 492 19.69 -53.35 -3.05
N LEU E 493 20.48 -52.74 -2.17
CA LEU E 493 21.80 -52.23 -2.53
C LEU E 493 22.85 -53.24 -2.11
N LEU E 494 23.92 -53.31 -2.89
CA LEU E 494 25.01 -54.25 -2.63
C LEU E 494 26.26 -53.44 -2.37
N THR E 495 27.02 -53.89 -1.37
CA THR E 495 28.25 -53.23 -1.00
C THR E 495 29.42 -54.09 -1.53
N PRO E 496 30.61 -53.48 -1.73
CA PRO E 496 31.67 -54.29 -2.31
C PRO E 496 32.05 -55.44 -1.38
N GLY E 497 32.42 -56.59 -1.94
CA GLY E 497 32.96 -57.67 -1.15
C GLY E 497 32.80 -59.06 -1.75
N MET E 498 31.79 -59.24 -2.62
CA MET E 498 31.53 -60.53 -3.27
C MET E 498 31.54 -60.43 -4.79
N GLU E 499 32.19 -61.38 -5.47
CA GLU E 499 32.37 -61.29 -6.93
C GLU E 499 31.12 -61.78 -7.64
N LYS E 500 31.17 -61.78 -8.97
CA LYS E 500 30.07 -62.34 -9.78
C LYS E 500 29.96 -63.86 -9.66
N ASP E 501 31.06 -64.53 -9.31
CA ASP E 501 31.07 -65.96 -9.09
C ASP E 501 30.21 -66.35 -7.88
N GLY E 502 30.14 -65.46 -6.88
CA GLY E 502 29.64 -65.82 -5.54
C GLY E 502 30.86 -65.97 -4.65
N THR E 503 32.02 -65.57 -5.19
CA THR E 503 33.32 -65.65 -4.52
C THR E 503 33.66 -64.31 -3.87
N MET E 504 34.70 -64.28 -3.04
CA MET E 504 35.03 -63.10 -2.20
C MET E 504 36.10 -62.20 -2.80
N SER E 505 35.85 -60.89 -2.79
CA SER E 505 36.82 -59.93 -3.30
C SER E 505 37.86 -59.66 -2.23
N ASP E 506 39.00 -59.13 -2.65
CA ASP E 506 40.04 -58.68 -1.76
C ASP E 506 39.53 -57.49 -0.92
N PHE E 507 38.94 -56.50 -1.61
CA PHE E 507 38.39 -55.29 -0.97
C PHE E 507 36.89 -55.49 -0.71
N GLY E 508 36.46 -55.24 0.51
CA GLY E 508 35.05 -55.36 0.87
C GLY E 508 34.64 -54.33 1.89
N ILE E 509 33.37 -53.94 1.82
CA ILE E 509 32.75 -53.09 2.84
C ILE E 509 31.49 -53.81 3.29
N PRO E 510 31.57 -54.52 4.43
CA PRO E 510 30.39 -55.21 4.96
C PRO E 510 29.23 -54.23 5.14
N ALA E 511 28.04 -54.63 4.72
CA ALA E 511 26.84 -53.77 4.80
C ALA E 511 26.56 -53.27 6.23
N SER E 512 26.91 -54.05 7.25
CA SER E 512 26.70 -53.60 8.63
C SER E 512 27.35 -52.22 8.94
N ILE E 513 28.51 -51.95 8.33
CA ILE E 513 29.18 -50.67 8.52
C ILE E 513 28.39 -49.53 7.88
N VAL E 514 27.86 -49.74 6.69
CA VAL E 514 27.00 -48.76 6.04
C VAL E 514 25.72 -48.54 6.87
N ALA E 515 25.13 -49.63 7.38
CA ALA E 515 23.93 -49.50 8.19
C ALA E 515 24.21 -48.63 9.43
N LYS E 516 25.38 -48.78 10.01
CA LYS E 516 25.73 -47.98 11.18
C LYS E 516 25.86 -46.49 10.82
N TYR E 517 26.49 -46.21 9.68
CA TYR E 517 26.58 -44.86 9.17
C TYR E 517 25.19 -44.27 8.97
N LEU E 518 24.33 -45.04 8.30
CA LEU E 518 23.01 -44.57 7.97
C LEU E 518 22.21 -44.27 9.24
N ASP E 519 22.37 -45.10 10.25
CA ASP E 519 21.69 -44.85 11.52
C ASP E 519 22.16 -43.55 12.23
N GLU E 520 23.44 -43.19 12.08
CA GLU E 520 23.93 -41.87 12.50
C GLU E 520 23.12 -40.74 11.90
N HIS E 521 22.56 -40.98 10.70
CA HIS E 521 21.81 -39.94 10.00
C HIS E 521 20.32 -40.15 10.03
N GLY E 522 19.88 -40.97 10.98
CA GLY E 522 18.46 -41.21 11.19
C GLY E 522 17.79 -42.09 10.15
N ILE E 523 18.59 -42.80 9.34
CA ILE E 523 18.03 -43.62 8.27
C ILE E 523 18.08 -45.07 8.71
N VAL E 524 16.88 -45.67 8.84
CA VAL E 524 16.74 -47.06 9.26
C VAL E 524 16.93 -48.01 8.08
N VAL E 525 17.72 -49.05 8.30
CA VAL E 525 17.85 -50.06 7.28
C VAL E 525 16.94 -51.21 7.67
N GLU E 526 15.93 -51.45 6.84
CA GLU E 526 14.95 -52.50 7.08
C GLU E 526 15.59 -53.87 7.33
N LYS E 527 16.52 -54.26 6.44
CA LYS E 527 17.13 -55.56 6.52
C LYS E 527 18.54 -55.45 5.96
N THR E 528 19.46 -56.16 6.59
CA THR E 528 20.84 -56.17 6.15
C THR E 528 21.38 -57.60 6.18
N GLY E 529 22.20 -57.91 5.19
CA GLY E 529 22.89 -59.20 5.16
C GLY E 529 24.36 -58.83 5.05
N PRO E 530 25.25 -59.82 4.88
CA PRO E 530 26.69 -59.50 4.85
C PRO E 530 27.09 -58.33 3.92
N TYR E 531 26.55 -58.31 2.69
CA TYR E 531 26.89 -57.28 1.69
C TYR E 531 25.64 -56.67 1.01
N ASN E 532 24.49 -56.74 1.67
CA ASN E 532 23.28 -56.15 1.10
C ASN E 532 22.47 -55.36 2.13
N LEU E 533 21.73 -54.37 1.64
CA LEU E 533 20.88 -53.49 2.44
C LEU E 533 19.55 -53.35 1.73
N LEU E 534 18.44 -53.49 2.45
CA LEU E 534 17.14 -53.41 1.83
C LEU E 534 16.42 -52.10 2.25
N PHE E 535 15.88 -51.40 1.26
CA PHE E 535 15.11 -50.14 1.47
C PHE E 535 13.74 -50.30 0.85
N LEU E 536 12.69 -49.95 1.61
CA LEU E 536 11.33 -50.12 1.17
C LEU E 536 10.83 -48.75 0.68
N PHE E 537 10.54 -48.65 -0.61
CA PHE E 537 10.15 -47.39 -1.21
C PHE E 537 8.65 -47.31 -1.17
N SER E 538 8.11 -47.24 0.03
CA SER E 538 6.68 -47.25 0.24
C SER E 538 6.03 -45.91 -0.12
N ILE E 539 4.72 -45.87 0.04
CA ILE E 539 3.99 -44.63 -0.18
C ILE E 539 4.21 -43.55 0.90
N GLY E 540 4.60 -43.90 2.13
CA GLY E 540 5.54 -42.99 2.89
C GLY E 540 6.81 -42.32 2.54
N ILE E 541 7.54 -42.91 1.60
CA ILE E 541 8.82 -42.42 1.23
C ILE E 541 8.63 -41.44 0.10
N ASP E 542 8.82 -40.14 0.36
CA ASP E 542 8.61 -39.14 -0.68
C ASP E 542 9.98 -38.78 -1.34
N LYS E 543 9.98 -37.85 -2.29
CA LYS E 543 11.23 -37.51 -3.01
C LYS E 543 12.32 -36.97 -2.09
N THR E 544 11.88 -36.36 -1.01
CA THR E 544 12.77 -35.71 -0.04
C THR E 544 13.56 -36.78 0.76
N LYS E 545 12.89 -37.87 1.08
CA LYS E 545 13.52 -38.96 1.80
C LYS E 545 14.43 -39.74 0.86
N ALA E 546 13.99 -39.93 -0.37
CA ALA E 546 14.82 -40.57 -1.40
C ALA E 546 16.12 -39.81 -1.63
N LEU E 547 16.01 -38.49 -1.74
CA LEU E 547 17.20 -37.64 -1.95
C LEU E 547 18.14 -37.67 -0.77
N SER E 548 17.58 -37.65 0.44
CA SER E 548 18.37 -37.75 1.67
C SER E 548 19.13 -39.07 1.76
N LEU E 549 18.48 -40.16 1.39
CA LEU E 549 19.17 -41.47 1.32
C LEU E 549 20.28 -41.41 0.27
N LEU E 550 19.98 -40.93 -0.92
CA LEU E 550 20.99 -40.90 -1.99
C LEU E 550 22.22 -40.08 -1.53
N ARG E 551 21.96 -38.95 -0.88
CA ARG E 551 23.03 -38.11 -0.36
C ARG E 551 23.80 -38.76 0.76
N ALA E 552 23.12 -39.48 1.65
CA ALA E 552 23.81 -40.21 2.70
C ALA E 552 24.74 -41.26 2.10
N LEU E 553 24.30 -41.94 1.05
CA LEU E 553 25.14 -42.94 0.39
C LEU E 553 26.37 -42.32 -0.28
N THR E 554 26.20 -41.19 -0.99
CA THR E 554 27.40 -40.50 -1.52
C THR E 554 28.32 -39.99 -0.41
N ASP E 555 27.76 -39.50 0.72
CA ASP E 555 28.58 -39.09 1.88
C ASP E 555 29.33 -40.25 2.52
N PHE E 556 28.69 -41.41 2.58
CA PHE E 556 29.37 -42.59 3.11
C PHE E 556 30.64 -42.85 2.31
N LYS E 557 30.51 -42.89 0.99
CA LYS E 557 31.67 -43.11 0.12
C LYS E 557 32.72 -42.01 0.33
N ARG E 558 32.27 -40.75 0.32
CA ARG E 558 33.18 -39.61 0.52
C ARG E 558 33.99 -39.76 1.81
N ALA E 559 33.31 -40.00 2.93
CA ALA E 559 33.93 -40.15 4.24
C ALA E 559 34.77 -41.43 4.35
N PHE E 560 34.26 -42.50 3.74
CA PHE E 560 35.02 -43.75 3.69
C PHE E 560 36.38 -43.54 3.01
N ASP E 561 36.34 -42.97 1.81
CA ASP E 561 37.55 -42.72 1.02
C ASP E 561 38.53 -41.74 1.68
N LEU E 562 38.03 -40.86 2.55
CA LEU E 562 38.91 -39.98 3.34
C LEU E 562 39.57 -40.73 4.50
N ASN E 563 39.09 -41.94 4.79
CA ASN E 563 39.52 -42.71 5.95
C ASN E 563 39.41 -42.01 7.32
N LEU E 564 38.27 -41.39 7.57
CA LEU E 564 37.99 -40.74 8.85
C LEU E 564 38.05 -41.68 10.02
N ARG E 565 38.39 -41.15 11.18
CA ARG E 565 38.38 -41.89 12.39
C ARG E 565 36.96 -42.38 12.65
N VAL E 566 36.85 -43.60 13.15
CA VAL E 566 35.57 -44.15 13.58
C VAL E 566 34.91 -43.18 14.55
N LYS E 567 35.72 -42.65 15.47
CA LYS E 567 35.32 -41.65 16.45
C LYS E 567 34.50 -40.50 15.81
N ASN E 568 34.89 -40.07 14.61
CA ASN E 568 34.29 -38.91 13.94
C ASN E 568 33.18 -39.32 13.00
N MET E 569 33.42 -40.40 12.28
CA MET E 569 32.45 -40.91 11.32
C MET E 569 31.28 -41.70 11.95
N LEU E 570 31.57 -42.54 12.95
CA LEU E 570 30.55 -43.33 13.62
C LEU E 570 30.55 -43.06 15.12
N PRO E 571 30.20 -41.81 15.54
CA PRO E 571 30.25 -41.49 16.97
C PRO E 571 29.45 -42.42 17.87
N SER E 572 28.30 -42.92 17.42
CA SER E 572 27.50 -43.80 18.30
C SER E 572 28.16 -45.15 18.49
N LEU E 573 28.87 -45.61 17.46
CA LEU E 573 29.63 -46.86 17.56
C LEU E 573 30.79 -46.63 18.53
N TYR E 574 31.48 -45.51 18.36
CA TYR E 574 32.60 -45.14 19.23
C TYR E 574 32.19 -45.12 20.72
N ARG E 575 31.05 -44.52 21.03
CA ARG E 575 30.51 -44.50 22.39
C ARG E 575 30.25 -45.86 23.01
N GLU E 576 30.09 -46.89 22.19
CA GLU E 576 29.92 -48.26 22.71
C GLU E 576 31.18 -48.81 23.37
N ASP E 577 32.33 -48.33 22.94
CA ASP E 577 33.60 -48.74 23.52
C ASP E 577 34.66 -47.75 23.06
N PRO E 578 34.72 -46.57 23.71
CA PRO E 578 35.65 -45.50 23.32
C PRO E 578 37.08 -45.98 23.22
N GLU E 579 37.51 -46.80 24.18
CA GLU E 579 38.88 -47.29 24.23
C GLU E 579 39.22 -48.24 23.08
N PHE E 580 38.30 -49.14 22.73
CA PHE E 580 38.48 -50.02 21.55
C PHE E 580 38.59 -49.21 20.25
N TYR E 581 37.72 -48.21 20.12
CA TYR E 581 37.60 -47.46 18.87
C TYR E 581 38.39 -46.13 18.77
N GLU E 582 39.13 -45.78 19.84
CA GLU E 582 39.82 -44.48 19.94
C GLU E 582 40.67 -44.07 18.72
N ASN E 583 41.51 -44.97 18.23
CA ASN E 583 42.36 -44.62 17.11
C ASN E 583 42.02 -45.27 15.78
N MET E 584 41.01 -46.13 15.77
CA MET E 584 40.67 -46.84 14.55
C MET E 584 40.03 -45.95 13.50
N ARG E 585 40.42 -46.18 12.27
CA ARG E 585 39.82 -45.49 11.14
C ARG E 585 38.86 -46.41 10.40
N ILE E 586 37.92 -45.80 9.67
CA ILE E 586 36.87 -46.52 8.96
C ILE E 586 37.37 -47.64 7.99
N GLN E 587 38.44 -47.39 7.24
CA GLN E 587 38.92 -48.37 6.26
C GLN E 587 39.49 -49.63 6.91
N GLU E 588 40.10 -49.46 8.07
CA GLU E 588 40.64 -50.53 8.88
C GLU E 588 39.51 -51.34 9.49
N LEU E 589 38.46 -50.66 9.96
CA LEU E 589 37.26 -51.37 10.44
C LEU E 589 36.64 -52.24 9.36
N ALA E 590 36.39 -51.64 8.19
CA ALA E 590 35.82 -52.36 7.06
C ALA E 590 36.70 -53.55 6.63
N GLN E 591 38.02 -53.32 6.52
CA GLN E 591 38.98 -54.38 6.14
C GLN E 591 38.99 -55.53 7.12
N ASN E 592 39.02 -55.22 8.41
CA ASN E 592 39.06 -56.24 9.45
C ASN E 592 37.80 -57.09 9.52
N ILE E 593 36.63 -56.47 9.36
CA ILE E 593 35.38 -57.24 9.39
C ILE E 593 35.24 -58.05 8.10
N HIS E 594 35.59 -57.47 6.96
CA HIS E 594 35.63 -58.21 5.69
C HIS E 594 36.55 -59.43 5.75
N LYS E 595 37.75 -59.24 6.29
CA LYS E 595 38.70 -60.34 6.46
C LYS E 595 38.12 -61.42 7.37
N LEU E 596 37.39 -61.05 8.40
CA LEU E 596 36.77 -62.07 9.27
C LEU E 596 35.72 -62.91 8.54
N ILE E 597 34.90 -62.24 7.73
CA ILE E 597 33.89 -62.88 6.90
C ILE E 597 34.54 -63.84 5.91
N VAL E 598 35.57 -63.37 5.19
CA VAL E 598 36.36 -64.21 4.27
C VAL E 598 36.99 -65.41 5.01
N HIS E 599 37.72 -65.13 6.09
CA HIS E 599 38.44 -66.16 6.88
C HIS E 599 37.50 -67.23 7.41
N HIS E 600 36.36 -66.82 7.95
CA HIS E 600 35.39 -67.75 8.46
C HIS E 600 34.54 -68.38 7.38
N ASN E 601 34.78 -68.04 6.12
CA ASN E 601 33.99 -68.59 5.02
C ASN E 601 32.46 -68.45 5.25
N LEU E 602 32.07 -67.29 5.78
CA LEU E 602 30.67 -67.08 6.17
C LEU E 602 29.67 -67.35 5.03
N PRO E 603 29.88 -66.79 3.83
CA PRO E 603 28.89 -66.99 2.79
C PRO E 603 28.64 -68.45 2.41
N ASP E 604 29.70 -69.22 2.23
CA ASP E 604 29.55 -70.64 1.94
C ASP E 604 28.87 -71.39 3.08
N LEU E 605 29.29 -71.14 4.32
CA LEU E 605 28.66 -71.79 5.47
C LEU E 605 27.19 -71.43 5.58
N MET E 606 26.85 -70.18 5.26
CA MET E 606 25.47 -69.73 5.38
C MET E 606 24.58 -70.45 4.36
N TYR E 607 25.08 -70.58 3.12
CA TYR E 607 24.41 -71.28 2.08
C TYR E 607 24.16 -72.74 2.47
N ARG E 608 25.22 -73.43 2.89
CA ARG E 608 25.11 -74.85 3.23
C ARG E 608 24.22 -75.13 4.45
N ALA E 609 24.26 -74.25 5.45
CA ALA E 609 23.42 -74.38 6.63
C ALA E 609 21.91 -74.42 6.30
N PHE E 610 21.49 -73.69 5.28
CA PHE E 610 20.07 -73.59 4.91
C PHE E 610 19.65 -74.57 3.83
N GLU E 611 20.63 -75.26 3.26
CA GLU E 611 20.34 -76.14 2.15
C GLU E 611 19.82 -77.52 2.53
N VAL E 612 20.23 -78.06 3.66
CA VAL E 612 19.64 -79.32 4.14
C VAL E 612 18.90 -79.09 5.44
N LEU E 613 17.69 -79.63 5.61
CA LEU E 613 16.88 -79.39 6.80
C LEU E 613 17.26 -80.29 7.97
N PRO E 614 17.25 -79.73 9.20
CA PRO E 614 17.34 -80.56 10.39
C PRO E 614 16.22 -81.60 10.35
N THR E 615 16.39 -82.68 11.09
CA THR E 615 15.44 -83.76 11.10
C THR E 615 14.28 -83.48 12.06
N MET E 616 13.05 -83.63 11.57
CA MET E 616 11.88 -83.45 12.42
C MET E 616 11.63 -84.69 13.25
N VAL E 617 12.04 -84.66 14.50
CA VAL E 617 11.85 -85.78 15.42
C VAL E 617 10.40 -85.78 15.96
N MET E 618 9.93 -84.60 16.34
CA MET E 618 8.53 -84.43 16.68
C MET E 618 8.02 -83.11 16.08
N THR E 619 6.70 -82.95 16.02
CA THR E 619 6.14 -81.68 15.50
C THR E 619 6.45 -80.51 16.44
N PRO E 620 6.37 -79.28 15.92
CA PRO E 620 6.48 -78.15 16.82
C PRO E 620 5.46 -78.23 17.97
N TYR E 621 4.26 -78.70 17.69
CA TYR E 621 3.25 -78.78 18.71
C TYR E 621 3.68 -79.76 19.80
N ALA E 622 4.20 -80.92 19.35
CA ALA E 622 4.59 -81.94 20.33
C ALA E 622 5.76 -81.42 21.17
N ALA E 623 6.72 -80.73 20.54
CA ALA E 623 7.84 -80.15 21.28
C ALA E 623 7.38 -79.09 22.32
N PHE E 624 6.47 -78.21 21.92
CA PHE E 624 5.98 -77.22 22.85
C PHE E 624 5.25 -77.89 24.02
N GLN E 625 4.48 -78.97 23.76
CA GLN E 625 3.84 -79.70 24.88
C GLN E 625 4.86 -80.17 25.90
N LYS E 626 5.99 -80.67 25.42
CA LYS E 626 7.08 -81.08 26.31
C LYS E 626 7.63 -79.92 27.13
N GLU E 627 7.79 -78.76 26.50
CA GLU E 627 8.26 -77.59 27.21
C GLU E 627 7.25 -77.18 28.28
N LEU E 628 5.96 -77.22 27.96
CA LEU E 628 4.90 -76.90 28.94
C LEU E 628 4.92 -77.82 30.18
N HIS E 629 5.49 -79.01 30.01
CA HIS E 629 5.68 -79.98 31.10
C HIS E 629 7.02 -79.79 31.80
N GLY E 630 7.79 -78.78 31.42
CA GLY E 630 9.07 -78.52 32.10
C GLY E 630 10.18 -79.46 31.68
N MET E 631 10.06 -80.03 30.49
CA MET E 631 11.05 -81.02 30.07
C MET E 631 12.13 -80.49 29.15
N THR E 632 12.60 -79.31 29.46
CA THR E 632 13.69 -78.72 28.69
C THR E 632 14.89 -78.51 29.60
N GLU E 633 16.04 -78.32 28.97
CA GLU E 633 17.26 -77.98 29.66
C GLU E 633 18.15 -77.22 28.70
N GLU E 634 19.16 -76.57 29.25
CA GLU E 634 20.14 -75.86 28.44
C GLU E 634 21.41 -76.68 28.26
N VAL E 635 21.88 -76.76 27.02
CA VAL E 635 23.15 -77.37 26.72
C VAL E 635 23.99 -76.33 25.99
N TYR E 636 25.31 -76.53 25.98
CA TYR E 636 26.16 -75.74 25.11
C TYR E 636 25.85 -75.98 23.65
N LEU E 637 25.89 -74.90 22.89
CA LEU E 637 25.68 -74.97 21.46
C LEU E 637 26.52 -76.08 20.83
N ASP E 638 27.79 -76.19 21.23
CA ASP E 638 28.70 -77.23 20.72
C ASP E 638 28.21 -78.64 20.93
N GLU E 639 27.27 -78.80 21.84
CA GLU E 639 26.78 -80.12 22.17
C GLU E 639 25.35 -80.40 21.67
N MET E 640 24.87 -79.69 20.67
CA MET E 640 23.49 -79.85 20.27
C MET E 640 23.21 -80.94 19.21
N VAL E 641 24.25 -81.49 18.59
CA VAL E 641 23.98 -82.60 17.66
C VAL E 641 23.30 -83.74 18.45
N GLY E 642 22.29 -84.34 17.83
CA GLY E 642 21.56 -85.45 18.44
C GLY E 642 20.56 -85.04 19.50
N ARG E 643 20.37 -83.74 19.70
CA ARG E 643 19.38 -83.25 20.69
C ARG E 643 18.17 -82.63 20.01
N ILE E 644 17.03 -82.69 20.68
CA ILE E 644 15.81 -82.14 20.13
C ILE E 644 15.67 -80.68 20.58
N ASN E 645 15.68 -79.79 19.60
CA ASN E 645 15.55 -78.38 19.90
C ASN E 645 14.21 -77.96 20.45
N ALA E 646 14.24 -77.13 21.49
CA ALA E 646 13.01 -76.65 22.07
C ALA E 646 12.49 -75.34 21.45
N ASN E 647 13.40 -74.46 21.03
CA ASN E 647 13.05 -73.11 20.53
C ASN E 647 13.34 -73.02 19.06
N MET E 648 12.66 -72.12 18.38
CA MET E 648 13.09 -71.78 17.04
C MET E 648 14.47 -71.13 17.14
N ILE E 649 15.37 -71.53 16.25
CA ILE E 649 16.65 -70.85 16.12
C ILE E 649 16.60 -69.98 14.86
N LEU E 650 16.81 -68.68 15.05
CA LEU E 650 16.64 -67.71 13.99
C LEU E 650 17.88 -66.81 13.97
N PRO E 651 18.85 -67.13 13.11
CA PRO E 651 20.10 -66.35 13.08
C PRO E 651 20.03 -65.14 12.12
N TYR E 652 20.73 -64.07 12.49
CA TYR E 652 20.91 -62.86 11.65
C TYR E 652 22.41 -62.71 11.43
N PRO E 653 22.87 -62.87 10.17
CA PRO E 653 22.10 -63.18 8.97
C PRO E 653 21.78 -64.70 8.95
N PRO E 654 20.89 -65.14 8.04
CA PRO E 654 20.16 -64.34 7.07
C PRO E 654 18.75 -63.94 7.48
N GLY E 655 18.41 -64.09 8.75
CA GLY E 655 17.11 -63.64 9.23
C GLY E 655 15.90 -64.51 8.89
N VAL E 656 16.12 -65.79 8.58
CA VAL E 656 15.03 -66.75 8.37
C VAL E 656 15.21 -68.01 9.28
N PRO E 657 14.11 -68.72 9.61
CA PRO E 657 14.23 -69.85 10.55
C PRO E 657 15.27 -70.91 10.10
N LEU E 658 16.11 -71.32 11.03
CA LEU E 658 17.11 -72.35 10.77
C LEU E 658 16.70 -73.71 11.38
N VAL E 659 16.28 -73.70 12.63
CA VAL E 659 15.84 -74.91 13.35
C VAL E 659 14.48 -74.62 14.02
N MET E 660 13.51 -75.50 13.82
CA MET E 660 12.19 -75.37 14.46
C MET E 660 12.15 -76.15 15.77
N PRO E 661 11.25 -75.78 16.71
CA PRO E 661 11.03 -76.67 17.88
C PRO E 661 10.70 -78.10 17.40
N GLY E 662 11.36 -79.10 17.98
CA GLY E 662 11.07 -80.48 17.60
C GLY E 662 12.06 -81.08 16.62
N GLU E 663 12.91 -80.24 16.04
CA GLU E 663 13.91 -80.67 15.06
C GLU E 663 15.25 -80.96 15.72
N MET E 664 16.05 -81.81 15.08
CA MET E 664 17.33 -82.25 15.60
C MET E 664 18.40 -82.09 14.53
N ILE E 665 19.53 -81.51 14.90
CA ILE E 665 20.65 -81.46 13.99
C ILE E 665 21.32 -82.84 14.04
N THR E 666 21.56 -83.40 12.86
CA THR E 666 22.25 -84.70 12.73
C THR E 666 23.45 -84.55 11.80
N GLU E 667 24.14 -85.65 11.50
CA GLU E 667 25.24 -85.63 10.55
C GLU E 667 24.81 -85.11 9.19
N GLU E 668 23.62 -85.52 8.74
CA GLU E 668 23.02 -85.03 7.52
C GLU E 668 22.93 -83.47 7.53
N SER E 669 22.74 -82.89 8.71
CA SER E 669 22.49 -81.44 8.83
C SER E 669 23.54 -80.71 9.68
N ARG E 670 24.73 -81.31 9.81
CA ARG E 670 25.82 -80.70 10.58
C ARG E 670 26.24 -79.27 10.13
N PRO E 671 26.14 -78.93 8.83
CA PRO E 671 26.42 -77.49 8.48
C PRO E 671 25.58 -76.47 9.28
N VAL E 672 24.38 -76.87 9.70
CA VAL E 672 23.57 -76.05 10.59
C VAL E 672 24.38 -75.64 11.82
N LEU E 673 24.95 -76.61 12.56
CA LEU E 673 25.75 -76.30 13.76
C LEU E 673 27.00 -75.46 13.43
N GLU E 674 27.68 -75.84 12.36
CA GLU E 674 28.94 -75.16 12.01
C GLU E 674 28.70 -73.69 11.70
N PHE E 675 27.59 -73.39 11.03
CA PHE E 675 27.22 -71.99 10.75
C PHE E 675 26.95 -71.21 12.03
N LEU E 676 26.16 -71.79 12.96
CA LEU E 676 25.91 -71.14 14.25
C LEU E 676 27.18 -70.89 15.06
N GLN E 677 28.07 -71.87 15.09
CA GLN E 677 29.31 -71.77 15.84
C GLN E 677 30.15 -70.66 15.21
N MET E 678 30.18 -70.63 13.89
CA MET E 678 30.89 -69.57 13.18
C MET E 678 30.33 -68.18 13.54
N LEU E 679 29.00 -68.03 13.61
CA LEU E 679 28.41 -66.72 13.97
C LEU E 679 28.82 -66.27 15.38
N CYS E 680 28.93 -67.24 16.27
CA CYS E 680 29.33 -67.01 17.65
C CYS E 680 30.78 -66.55 17.71
N GLU E 681 31.64 -67.20 16.94
CA GLU E 681 33.06 -66.82 16.84
C GLU E 681 33.28 -65.43 16.21
N ILE E 682 32.73 -65.21 15.01
CA ILE E 682 32.90 -63.95 14.29
C ILE E 682 32.35 -62.74 15.08
N GLY E 683 31.31 -62.98 15.88
CA GLY E 683 30.64 -61.96 16.68
C GLY E 683 31.39 -61.49 17.91
N ALA E 684 32.48 -62.16 18.28
CA ALA E 684 33.16 -61.83 19.54
C ALA E 684 34.22 -60.72 19.39
N HIS E 685 34.53 -60.31 18.16
CA HIS E 685 35.67 -59.43 17.93
C HIS E 685 35.41 -57.94 18.06
N TYR E 686 34.30 -57.46 17.49
CA TYR E 686 34.07 -56.02 17.41
C TYR E 686 32.85 -55.56 18.18
N PRO E 687 33.05 -54.67 19.16
CA PRO E 687 31.90 -54.11 19.88
C PRO E 687 30.94 -53.43 18.87
N GLY E 688 29.64 -53.62 19.06
CA GLY E 688 28.67 -53.12 18.10
C GLY E 688 28.36 -54.07 16.95
N PHE E 689 29.15 -55.14 16.85
CA PHE E 689 29.00 -56.14 15.79
C PHE E 689 28.84 -57.53 16.40
N GLU E 690 27.97 -57.63 17.41
CA GLU E 690 27.77 -58.84 18.18
C GLU E 690 26.95 -59.91 17.44
N THR E 691 27.22 -61.17 17.80
CA THR E 691 26.36 -62.28 17.43
C THR E 691 24.90 -61.97 17.72
N ASP E 692 24.05 -62.31 16.77
CA ASP E 692 22.61 -62.12 16.89
C ASP E 692 21.89 -63.39 16.43
N ILE E 693 21.63 -64.29 17.38
CA ILE E 693 20.95 -65.55 17.05
C ILE E 693 19.82 -65.69 18.04
N HIS E 694 18.58 -65.55 17.57
CA HIS E 694 17.42 -65.80 18.44
C HIS E 694 17.38 -67.31 18.76
N GLY E 695 17.36 -67.66 20.04
CA GLY E 695 17.38 -69.05 20.50
C GLY E 695 18.74 -69.52 20.99
N ALA E 696 19.76 -68.66 20.90
CA ALA E 696 21.07 -68.92 21.49
C ALA E 696 21.35 -67.89 22.56
N TYR E 697 21.88 -68.32 23.70
CA TYR E 697 22.13 -67.43 24.84
C TYR E 697 23.61 -67.37 25.13
N ARG E 698 24.15 -66.15 25.14
CA ARG E 698 25.57 -65.94 25.37
C ARG E 698 25.78 -65.97 26.86
N GLN E 699 26.71 -66.79 27.30
CA GLN E 699 27.00 -66.91 28.72
C GLN E 699 28.08 -65.92 29.11
N ALA E 700 28.25 -65.71 30.43
CA ALA E 700 29.29 -64.81 30.95
C ALA E 700 30.69 -65.09 30.37
N ASP E 701 31.03 -66.36 30.18
CA ASP E 701 32.33 -66.70 29.59
C ASP E 701 32.37 -66.61 28.04
N GLY E 702 31.31 -66.06 27.45
CA GLY E 702 31.25 -65.88 26.00
C GLY E 702 30.85 -67.12 25.20
N ARG E 703 30.56 -68.22 25.89
CA ARG E 703 30.09 -69.45 25.22
C ARG E 703 28.58 -69.36 25.08
N TYR E 704 28.01 -70.01 24.06
CA TYR E 704 26.55 -69.94 23.88
C TYR E 704 25.84 -71.21 24.31
N THR E 705 24.61 -71.06 24.81
CA THR E 705 23.74 -72.21 25.10
C THR E 705 22.45 -72.17 24.29
N VAL E 706 21.83 -73.33 24.11
CA VAL E 706 20.53 -73.49 23.44
C VAL E 706 19.65 -74.34 24.35
N LYS E 707 18.33 -74.22 24.18
CA LYS E 707 17.38 -74.98 24.95
C LYS E 707 16.97 -76.25 24.16
N VAL E 708 17.07 -77.40 24.82
CA VAL E 708 16.75 -78.68 24.20
C VAL E 708 15.85 -79.50 25.11
N LEU E 709 15.23 -80.54 24.56
CA LEU E 709 14.38 -81.39 25.39
C LEU E 709 15.23 -82.37 26.17
N LYS E 710 14.84 -82.62 27.42
CA LYS E 710 15.52 -83.62 28.27
C LYS E 710 15.50 -84.98 27.62
N GLU E 711 16.58 -85.73 27.82
CA GLU E 711 16.64 -87.14 27.45
C GLU E 711 16.14 -87.98 28.61
PB G4P F . -10.78 54.80 -11.44
PB G4P F . -10.78 54.80 -11.44
O1B G4P F . -10.80 53.92 -12.65
O1B G4P F . -10.79 53.92 -12.64
O2B G4P F . -10.49 56.24 -11.73
O2B G4P F . -10.49 56.24 -11.73
O3B G4P F . -11.89 54.62 -10.41
O3B G4P F . -11.89 54.61 -10.43
O3A G4P F . -9.50 54.22 -10.62
O3A G4P F . -9.49 54.23 -10.62
PA G4P F . -8.03 53.92 -11.22
PA G4P F . -8.02 53.93 -11.23
O1A G4P F . -7.67 54.84 -12.36
O1A G4P F . -7.67 54.85 -12.36
O2A G4P F . -7.10 53.79 -10.04
O2A G4P F . -7.10 53.80 -10.04
O5' G4P F . -8.16 52.45 -11.83
O5' G4P F . -8.15 52.46 -11.83
C5' G4P F . -8.37 51.32 -10.99
C5' G4P F . -8.33 51.32 -10.98
C4' G4P F . -8.48 50.15 -11.94
C4' G4P F . -8.46 50.17 -11.94
O4' G4P F . -7.20 49.86 -12.49
O4' G4P F . -7.19 49.86 -12.49
C3' G4P F . -8.98 48.88 -11.29
C3' G4P F . -8.99 48.91 -11.29
O3' G4P F . -10.39 48.76 -11.55
O3' G4P F . -10.39 48.85 -11.56
C2' G4P F . -8.24 47.79 -12.03
C2' G4P F . -8.26 47.80 -12.02
O2' G4P F . -9.01 47.46 -13.20
O2' G4P F . -9.05 47.46 -13.18
C1' G4P F . -6.99 48.45 -12.57
C1' G4P F . -7.00 48.45 -12.57
N9 G4P F . -5.68 48.16 -11.92
N9 G4P F . -5.69 48.16 -11.92
C8 G4P F . -4.60 47.79 -12.63
C8 G4P F . -4.60 47.78 -12.62
N7 G4P F . -3.56 47.62 -11.79
N7 G4P F . -3.56 47.62 -11.80
C5 G4P F . -3.99 47.92 -10.56
C5 G4P F . -3.99 47.92 -10.56
C6 G4P F . -3.35 47.92 -9.33
C6 G4P F . -3.36 47.92 -9.34
O6 G4P F . -2.15 47.62 -9.24
O6 G4P F . -2.15 47.62 -9.24
N1 G4P F . -4.04 48.28 -8.23
N1 G4P F . -4.04 48.28 -8.23
C2 G4P F . -5.34 48.61 -8.33
C2 G4P F . -5.34 48.61 -8.33
N2 G4P F . -6.03 48.96 -7.20
N2 G4P F . -6.03 48.96 -7.20
N3 G4P F . -5.99 48.62 -9.51
N3 G4P F . -5.99 48.62 -9.51
C4 G4P F . -5.32 48.26 -10.64
C4 G4P F . -5.33 48.27 -10.64
PC G4P F . -11.38 48.12 -10.45
PC G4P F . -11.40 48.04 -10.58
O1C G4P F . -10.55 47.27 -9.50
O1C G4P F . -12.16 49.07 -9.77
O2C G4P F . -12.18 49.25 -9.86
O2C G4P F . -12.13 47.03 -11.43
O3C G4P F . -12.41 47.18 -11.27
O3C G4P F . -10.36 47.30 -9.58
PD G4P F . -12.42 46.84 -12.85
PD G4P F . -10.13 47.67 -8.03
O1D G4P F . -11.15 46.09 -13.10
O1D G4P F . -9.30 46.50 -7.56
O2D G4P F . -12.56 48.15 -13.59
O2D G4P F . -11.52 47.70 -7.46
O3D G4P F . -13.68 45.99 -12.97
O3D G4P F . -9.43 49.02 -7.97
O1 P6G G . 10.70 9.40 -1.75
C2 P6G G . 9.27 9.55 -1.71
C3 P6G G . 8.66 9.17 -3.07
O4 P6G G . 7.28 9.53 -3.19
C5 P6G G . 6.78 9.26 -4.52
C6 P6G G . 6.32 10.52 -5.26
O7 P6G G . 7.39 11.39 -5.66
C8 P6G G . 7.20 11.97 -6.94
C9 P6G G . 7.11 13.50 -6.92
O10 P6G G . 5.81 13.95 -6.52
C11 P6G G . 4.93 14.20 -7.62
C12 P6G G . 3.70 15.01 -7.21
O13 P6G G . 2.55 14.18 -7.06
C14 P6G G . 2.08 14.19 -5.71
C15 P6G G . 0.90 13.27 -5.47
O16 P6G G . 0.80 13.09 -4.05
C17 P6G G . -0.44 13.60 -3.53
C18 P6G G . -0.95 12.78 -2.33
O19 P6G G . -2.31 12.38 -2.57
C1 GOL H . -40.18 72.51 -24.44
O1 GOL H . -41.37 73.01 -25.03
C2 GOL H . -39.35 71.78 -25.49
O2 GOL H . -39.44 72.53 -26.68
C3 GOL H . -37.86 71.65 -25.17
O3 GOL H . -37.14 71.59 -26.40
PB G4P I . 42.10 -36.65 12.53
PB G4P I . 42.10 -36.65 12.53
O1B G4P I . 42.19 -35.55 11.49
O1B G4P I . 42.19 -35.55 11.49
O2B G4P I . 43.07 -37.76 12.25
O2B G4P I . 43.07 -37.76 12.25
O3B G4P I . 42.04 -36.21 13.97
O3B G4P I . 42.04 -36.21 13.97
O3A G4P I . 40.62 -37.27 12.34
O3A G4P I . 40.62 -37.27 12.35
PA G4P I . 39.89 -37.64 10.94
PA G4P I . 39.90 -37.65 10.95
O1A G4P I . 40.86 -38.33 10.03
O1A G4P I . 40.88 -38.35 10.05
O2A G4P I . 38.56 -38.25 11.31
O2A G4P I . 38.57 -38.26 11.31
O5' G4P I . 39.57 -36.21 10.29
O5' G4P I . 39.58 -36.24 10.29
C5' G4P I . 38.55 -35.36 10.78
C5' G4P I . 38.54 -35.40 10.77
C4' G4P I . 38.64 -34.19 9.83
C4' G4P I . 38.64 -34.24 9.82
O4' G4P I . 38.12 -34.59 8.56
O4' G4P I . 38.11 -34.59 8.54
C3' G4P I . 37.85 -33.00 10.29
C3' G4P I . 37.90 -33.02 10.30
O3' G4P I . 38.74 -32.06 10.90
O3' G4P I . 38.86 -32.16 10.90
C2' G4P I . 37.32 -32.40 9.01
C2' G4P I . 37.35 -32.41 9.04
O2' G4P I . 38.36 -31.51 8.54
O2' G4P I . 38.37 -31.49 8.57
C1' G4P I . 37.32 -33.53 8.00
C1' G4P I . 37.32 -33.54 8.01
N9 G4P I . 36.01 -34.11 7.61
N9 G4P I . 36.02 -34.11 7.62
C8 G4P I . 35.65 -34.26 6.33
C8 G4P I . 35.66 -34.27 6.34
N7 G4P I . 34.44 -34.85 6.27
N7 G4P I . 34.45 -34.84 6.28
C5 G4P I . 34.03 -35.08 7.53
C5 G4P I . 34.04 -35.07 7.53
C6 G4P I . 32.88 -35.65 8.05
C6 G4P I . 32.88 -35.64 8.05
O6 G4P I . 31.98 -36.07 7.29
O6 G4P I . 31.98 -36.06 7.29
N1 G4P I . 32.74 -35.75 9.39
N1 G4P I . 32.74 -35.75 9.39
C2 G4P I . 33.73 -35.30 10.21
C2 G4P I . 33.73 -35.30 10.21
N2 G4P I . 33.60 -35.40 11.55
N2 G4P I . 33.60 -35.40 11.55
N3 G4P I . 34.86 -34.74 9.71
N3 G4P I . 34.87 -34.74 9.72
C4 G4P I . 35.04 -34.62 8.37
C4 G4P I . 35.04 -34.62 8.39
PC G4P I . 38.24 -31.23 12.18
PC G4P I . 38.36 -31.04 11.94
O1C G4P I . 36.72 -31.11 12.11
O1C G4P I . 38.83 -31.53 13.31
O2C G4P I . 38.85 -31.92 13.39
O2C G4P I . 38.75 -29.65 11.42
O3C G4P I . 38.89 -29.75 12.05
O3C G4P I . 36.76 -31.23 11.82
PD G4P I . 39.74 -29.15 10.80
PD G4P I . 35.86 -31.52 13.13
O1D G4P I . 38.75 -29.14 9.63
O1D G4P I . 36.58 -30.71 14.20
O2D G4P I . 40.95 -30.08 10.65
O2D G4P I . 35.90 -33.03 13.36
O3D G4P I . 40.16 -27.77 11.31
O3D G4P I . 34.52 -30.98 12.72
O1 P6G J . 2.45 -11.30 -3.64
C2 P6G J . 3.72 -10.62 -3.71
C3 P6G J . 4.38 -10.84 -5.07
O4 P6G J . 4.66 -12.23 -5.31
C5 P6G J . 5.94 -12.51 -5.89
C6 P6G J . 6.63 -13.58 -5.05
O7 P6G J . 8.03 -13.58 -5.30
C8 P6G J . 8.81 -13.77 -4.13
C9 P6G J . 10.08 -12.95 -4.29
O10 P6G J . 10.71 -12.61 -3.04
C11 P6G J . 9.79 -12.08 -2.07
C12 P6G J . 10.39 -10.94 -1.27
O13 P6G J . 9.41 -10.50 -0.34
C14 P6G J . 9.82 -10.72 1.01
C15 P6G J . 8.84 -10.15 2.03
O16 P6G J . 9.52 -9.16 2.82
C1 GOL K . 75.30 -32.83 22.13
O1 GOL K . 75.98 -32.65 20.90
C2 GOL K . 75.85 -31.85 23.18
O2 GOL K . 77.25 -31.83 23.10
C3 GOL K . 75.47 -32.23 24.61
O3 GOL K . 76.47 -31.71 25.49
PB G4P L . -52.00 3.49 -24.10
PB G4P L . -52.00 3.49 -24.10
O1B G4P L . -51.16 2.71 -25.06
O1B G4P L . -51.16 2.71 -25.06
O2B G4P L . -53.17 4.21 -24.74
O2B G4P L . -53.17 4.21 -24.74
O3B G4P L . -52.41 2.79 -22.83
O3B G4P L . -52.41 2.79 -22.83
O3A G4P L . -51.00 4.66 -23.56
O3A G4P L . -51.01 4.66 -23.56
PA G4P L . -50.04 5.63 -24.45
PA G4P L . -50.06 5.64 -24.46
O1A G4P L . -50.50 5.72 -25.88
O1A G4P L . -50.51 5.72 -25.88
O2A G4P L . -49.73 6.88 -23.66
O2A G4P L . -49.75 6.90 -23.67
O5' G4P L . -48.69 4.80 -24.48
O5' G4P L . -48.70 4.82 -24.49
C5' G4P L . -47.91 4.66 -23.31
C5' G4P L . -47.90 4.71 -23.33
C4' G4P L . -46.80 3.76 -23.81
C4' G4P L . -46.81 3.80 -23.81
O4' G4P L . -45.96 4.52 -24.66
O4' G4P L . -45.94 4.54 -24.66
C3' G4P L . -45.95 3.22 -22.68
C3' G4P L . -45.99 3.24 -22.69
O3' G4P L . -46.34 1.88 -22.39
O3' G4P L . -46.44 1.91 -22.46
C2' G4P L . -44.56 3.23 -23.27
C2' G4P L . -44.58 3.24 -23.24
O2' G4P L . -44.33 1.95 -23.87
O2' G4P L . -44.34 1.93 -23.81
C1' G4P L . -44.58 4.21 -24.42
C1' G4P L . -44.57 4.21 -24.41
N9 G4P L . -43.82 5.47 -24.17
N9 G4P L . -43.82 5.47 -24.17
C8 G4P L . -42.88 5.98 -24.97
C8 G4P L . -42.88 5.98 -24.96
N7 G4P L . -42.43 7.14 -24.44
N7 G4P L . -42.42 7.14 -24.44
C5 G4P L . -43.10 7.37 -23.30
C5 G4P L . -43.10 7.37 -23.30
C6 G4P L . -43.07 8.37 -22.34
C6 G4P L . -43.07 8.37 -22.34
O6 G4P L . -42.31 9.36 -22.43
O6 G4P L . -42.31 9.36 -22.43
N1 G4P L . -43.90 8.29 -21.28
N1 G4P L . -43.90 8.30 -21.28
C2 G4P L . -44.76 7.24 -21.16
C2 G4P L . -44.75 7.25 -21.16
N2 G4P L . -45.60 7.16 -20.11
N2 G4P L . -45.60 7.16 -20.11
N3 G4P L . -44.81 6.27 -22.08
N3 G4P L . -44.80 6.27 -22.07
C4 G4P L . -43.99 6.30 -23.15
C4 G4P L . -43.98 6.31 -23.14
PC G4P L . -46.29 1.39 -20.86
PC G4P L . -46.19 1.19 -21.05
O1C G4P L . -45.23 2.20 -20.14
O1C G4P L . -47.53 1.15 -20.36
O2C G4P L . -47.71 1.44 -20.34
O2C G4P L . -45.41 -0.12 -21.32
O3C G4P L . -45.83 -0.17 -20.89
O3C G4P L . -45.25 2.26 -20.28
PD G4P L . -45.14 -0.94 -22.13
PD G4P L . -45.71 3.03 -18.93
O1D G4P L . -43.94 -0.09 -22.47
O1D G4P L . -44.38 3.43 -18.29
O2D G4P L . -46.22 -1.00 -23.18
O2D G4P L . -46.47 1.96 -18.19
O3D G4P L . -44.79 -2.31 -21.58
O3D G4P L . -46.58 4.22 -19.34
O1 P6G M . -6.58 7.50 -10.82
C2 P6G M . -7.20 7.92 -12.05
C3 P6G M . -8.71 7.68 -12.02
O4 P6G M . -8.96 6.39 -12.58
C5 P6G M . -10.36 6.14 -12.76
C6 P6G M . -10.65 4.69 -12.41
O7 P6G M . -10.87 4.59 -11.01
C8 P6G M . -10.23 3.45 -10.43
C9 P6G M . -11.21 2.77 -9.49
O10 P6G M . -11.15 3.32 -8.19
C11 P6G M . -12.15 2.73 -7.37
C12 P6G M . -11.68 2.56 -5.94
O13 P6G M . -12.14 1.31 -5.43
C14 P6G M . -11.36 0.19 -5.87
C15 P6G M . -10.81 -0.56 -4.66
O16 P6G M . -9.45 -0.88 -4.95
C1 GOL N . -76.43 -21.96 -32.84
O1 GOL N . -77.52 -22.87 -32.81
C2 GOL N . -75.98 -21.74 -34.29
O2 GOL N . -77.09 -21.78 -35.17
C3 GOL N . -75.18 -20.45 -34.49
O3 GOL N . -74.67 -20.40 -35.81
PB G4P O . 47.26 30.29 12.01
PB G4P O . 47.26 30.30 12.01
O1B G4P O . 47.15 30.51 10.52
O1B G4P O . 47.15 30.51 10.52
O2B G4P O . 48.63 30.55 12.58
O2B G4P O . 48.63 30.56 12.58
O3B G4P O . 46.16 30.89 12.87
O3B G4P O . 46.16 30.89 12.87
O3A G4P O . 46.96 28.71 12.23
O3A G4P O . 46.96 28.71 12.23
PA G4P O . 47.48 27.46 11.34
PA G4P O . 47.50 27.47 11.35
O1A G4P O . 48.73 27.82 10.57
O1A G4P O . 48.75 27.83 10.59
O2A G4P O . 47.42 26.24 12.22
O2A G4P O . 47.44 26.24 12.23
O5' G4P O . 46.30 27.30 10.26
O5' G4P O . 46.34 27.30 10.27
C5' G4P O . 45.00 26.93 10.70
C5' G4P O . 45.05 26.88 10.68
C4' G4P O . 44.20 26.99 9.42
C4' G4P O . 44.27 26.99 9.39
O4' G4P O . 44.64 25.95 8.54
O4' G4P O . 44.66 25.94 8.52
C3' G4P O . 42.71 26.85 9.60
C3' G4P O . 42.78 26.90 9.58
O3' G4P O . 42.07 28.13 9.64
O3' G4P O . 42.23 28.23 9.59
C2' G4P O . 42.28 26.10 8.36
C2' G4P O . 42.31 26.12 8.36
O2' G4P O . 41.94 27.06 7.36
O2' G4P O . 41.93 27.08 7.35
C1' G4P O . 43.53 25.39 7.84
C1' G4P O . 43.53 25.39 7.83
N9 G4P O . 43.58 23.92 8.04
N9 G4P O . 43.58 23.92 8.04
C8 G4P O . 43.83 23.04 7.05
C8 G4P O . 43.83 23.04 7.05
N7 G4P O . 43.85 21.79 7.56
N7 G4P O . 43.84 21.79 7.56
C5 G4P O . 43.62 21.88 8.88
C5 G4P O . 43.62 21.89 8.88
C6 G4P O . 43.52 20.95 9.90
C6 G4P O . 43.52 20.95 9.90
O6 G4P O . 43.66 19.73 9.66
O6 G4P O . 43.65 19.73 9.65
N1 G4P O . 43.28 21.36 11.16
N1 G4P O . 43.28 21.36 11.17
C2 G4P O . 43.14 22.68 11.43
C2 G4P O . 43.14 22.69 11.43
N2 G4P O . 42.90 23.11 12.70
N2 G4P O . 42.90 23.11 12.70
N3 G4P O . 43.22 23.60 10.45
N3 G4P O . 43.23 23.61 10.46
C4 G4P O . 43.47 23.23 9.18
C4 G4P O . 43.47 23.23 9.18
PC G4P O . 40.83 28.38 10.66
PC G4P O . 40.85 28.47 10.37
O1C G4P O . 40.17 27.05 10.92
O1C G4P O . 41.17 29.10 11.71
O2C G4P O . 41.38 29.16 11.84
O2C G4P O . 39.88 29.13 9.39
O3C G4P O . 39.82 29.38 9.87
O3C G4P O . 40.46 26.92 10.59
PD G4P O . 39.90 29.83 8.31
PD G4P O . 39.90 26.40 12.00
O1D G4P O . 39.88 28.52 7.56
O1D G4P O . 39.07 25.18 11.63
O2D G4P O . 41.16 30.68 8.21
O2D G4P O . 39.06 27.61 12.39
O3D G4P O . 38.66 30.68 8.12
O3D G4P O . 41.09 26.15 12.91
O1 P6G P . 14.94 -1.37 -2.55
C2 P6G P . 15.48 -0.16 -3.06
C3 P6G P . 16.85 0.10 -2.45
O4 P6G P . 16.86 1.36 -1.78
C5 P6G P . 16.87 2.46 -2.69
C6 P6G P . 16.75 3.82 -1.97
O7 P6G P . 15.69 3.81 -1.02
C8 P6G P . 14.91 5.01 -1.03
C9 P6G P . 13.57 4.71 -0.40
O10 P6G P . 13.39 5.51 0.76
C11 P6G P . 13.48 4.75 1.96
C12 P6G P . 12.22 4.90 2.81
O13 P6G P . 11.92 6.28 3.08
C14 P6G P . 10.91 6.81 2.22
C15 P6G P . 9.66 7.19 3.00
O16 P6G P . 8.53 6.88 2.19
C1 GOL Q . 54.23 65.02 11.89
O1 GOL Q . 54.63 64.51 10.63
C2 GOL Q . 54.34 66.54 11.85
O2 GOL Q . 53.17 67.06 11.30
C3 GOL Q . 54.49 67.19 13.21
O3 GOL Q . 54.37 68.59 13.00
PB G4P R . -19.20 -53.29 -9.00
O1B G4P R . -18.06 -53.19 -9.94
O2B G4P R . -20.30 -54.30 -9.38
O3B G4P R . -18.88 -53.37 -7.51
O3A G4P R . -19.85 -51.81 -9.17
PA G4P R . -20.23 -50.97 -10.52
O1A G4P R . -20.38 -51.93 -11.72
O2A G4P R . -21.32 -50.00 -10.11
O5' G4P R . -18.93 -50.09 -10.74
C5' G4P R . -18.63 -49.03 -9.83
C4' G4P R . -17.35 -48.43 -10.40
O4' G4P R . -17.62 -47.68 -11.59
C3' G4P R . -16.68 -47.48 -9.44
O3' G4P R . -15.70 -48.17 -8.65
C2' G4P R . -16.01 -46.47 -10.35
O2' G4P R . -14.71 -47.00 -10.66
C1' G4P R . -16.81 -46.51 -11.64
N9 G4P R . -17.73 -45.36 -11.87
C8 G4P R . -17.74 -44.66 -13.03
N7 G4P R . -18.70 -43.72 -12.98
C5 G4P R . -19.31 -43.82 -11.79
C6 G4P R . -20.35 -43.13 -11.18
O6 G4P R . -20.94 -42.20 -11.79
N1 G4P R . -20.78 -43.48 -9.93
C2 G4P R . -20.17 -44.51 -9.27
N2 G4P R . -20.57 -44.86 -8.00
N3 G4P R . -19.15 -45.20 -9.83
C4 G4P R . -18.70 -44.88 -11.08
PC G4P R . -15.36 -47.59 -7.18
O1C G4P R . -15.81 -46.15 -7.13
O2C G4P R . -16.02 -48.50 -6.16
O3C G4P R . -13.75 -47.77 -6.99
PD G4P R . -12.57 -47.68 -8.10
O1D G4P R . -12.94 -46.47 -8.93
O2D G4P R . -12.65 -49.02 -8.82
O3D G4P R . -11.26 -47.55 -7.34
O1 P6G S . -7.93 -6.99 -10.80
C2 P6G S . -7.11 -8.12 -11.07
C3 P6G S . -7.99 -9.30 -11.47
O4 P6G S . -7.88 -10.34 -10.51
C5 P6G S . -6.71 -11.14 -10.63
C6 P6G S . -6.61 -12.11 -9.45
O7 P6G S . -5.53 -11.73 -8.60
C8 P6G S . -5.63 -12.26 -7.28
C9 P6G S . -5.47 -11.20 -6.21
O10 P6G S . -5.31 -11.85 -4.95
C11 P6G S . -6.36 -11.59 -4.00
C12 P6G S . -5.78 -11.00 -2.71
O13 P6G S . -4.92 -11.91 -2.00
C14 P6G S . -3.52 -11.69 -2.25
C15 P6G S . -2.82 -11.02 -1.06
O16 P6G S . -1.72 -10.27 -1.56
C1 GOL T . -5.66 -84.25 -4.66
O1 GOL T . -5.57 -84.09 -6.07
C2 GOL T . -5.46 -85.72 -4.35
O2 GOL T . -4.30 -86.19 -4.99
C3 GOL T . -5.26 -86.05 -2.89
O3 GOL T . -4.53 -87.26 -2.86
#